data_7EEL
#
_entry.id   7EEL
#
_cell.length_a   1.00
_cell.length_b   1.00
_cell.length_c   1.00
_cell.angle_alpha   90.00
_cell.angle_beta   90.00
_cell.angle_gamma   90.00
#
_symmetry.space_group_name_H-M   'P 1'
#
loop_
_entity.id
_entity.type
_entity.pdbx_description
1 polymer 'Major capsid proteins'
2 polymer 'Cement (decoration) proteins'
#
loop_
_entity_poly.entity_id
_entity_poly.type
_entity_poly.pdbx_seq_one_letter_code
_entity_poly.pdbx_strand_id
1 'polypeptide(L)'
;MADFSLATASQRKEWSNKAHMEYVRRSRFAPYIRNTENSIFQGYSDLEKRAGDTLNIPLFYKLGGAPVTGDTPIVGNETP
LDNYNCGVPVALRGKGVAITKNQTFRTEIDVMNAAKQSLTRYFGELLRDDIIEALGSVVTTGDTTVNYGSASAANRNAFS
AANPDRLFFGSISGYSATWATGLGNVDAAETCTAARVGVMKRLAMSASPAITPMQVDDDEGREYFVAFHGSRTFRDLKGD
TAMLNANREARPRDVSSNPLLQDGDLIYEGVIHREVPEIDAWAAANGFNTAGAGSAPIRPVFLCGTQSVFLAYAQRPQAG
TEKSDIPALNRRMTVGMDEIIGVKKAAFNGKQHGVVMGFFGAAGD
;
A,B,C,D,E,F,G
2 'polypeptide(L)'
;MPATNSAQARLAAPGHGFGGNVKVSYGSVAFTGTITTADAATVCNLPVGAIVLGVTLESDDLDTNATPTITLNVGDAGSA
TRYFSASTVAQAGTSSSAPATTGLLWTVTEGNTAVRIAVANNAATSADGSVRVAVTYYLP
;
H,I,J,K,L,M,N
#
# COMPACT_ATOMS: atom_id res chain seq x y z
N MET A 1 -49.30 57.44 -23.54
CA MET A 1 -50.52 57.09 -24.25
C MET A 1 -51.68 57.99 -23.85
N ALA A 2 -52.77 57.90 -24.62
CA ALA A 2 -54.01 58.60 -24.29
C ALA A 2 -55.23 57.73 -24.47
N ASP A 3 -55.10 56.43 -24.23
CA ASP A 3 -56.23 55.55 -23.96
C ASP A 3 -56.58 55.67 -22.48
N PHE A 4 -57.31 54.67 -21.98
CA PHE A 4 -57.45 54.51 -20.54
C PHE A 4 -56.07 54.36 -19.90
N SER A 5 -55.65 55.39 -19.18
CA SER A 5 -54.31 55.47 -18.62
C SER A 5 -54.41 55.32 -17.11
N LEU A 6 -53.96 54.18 -16.59
CA LEU A 6 -54.11 53.89 -15.18
C LEU A 6 -52.91 54.46 -14.41
N ALA A 7 -53.11 54.72 -13.12
CA ALA A 7 -52.11 55.45 -12.35
C ALA A 7 -50.95 54.55 -11.96
N THR A 8 -49.83 55.17 -11.62
CA THR A 8 -48.64 54.41 -11.23
C THR A 8 -48.79 53.81 -9.85
N ALA A 9 -49.51 54.51 -8.97
CA ALA A 9 -49.74 54.05 -7.61
C ALA A 9 -51.01 53.23 -7.48
N SER A 10 -51.72 53.02 -8.59
CA SER A 10 -52.94 52.22 -8.59
C SER A 10 -52.75 50.85 -9.23
N GLN A 11 -51.52 50.48 -9.57
CA GLN A 11 -51.25 49.18 -10.17
C GLN A 11 -51.16 48.12 -9.09
N ARG A 12 -51.79 46.99 -9.33
CA ARG A 12 -51.89 45.88 -8.38
C ARG A 12 -50.51 45.27 -8.13
N LYS A 13 -50.36 44.52 -7.04
CA LYS A 13 -49.25 43.61 -6.84
C LYS A 13 -49.81 42.27 -6.39
N GLU A 14 -48.91 41.31 -6.15
CA GLU A 14 -49.32 40.00 -5.68
C GLU A 14 -48.18 39.38 -4.87
N TRP A 15 -48.56 38.74 -3.75
CA TRP A 15 -47.60 38.12 -2.84
C TRP A 15 -47.88 36.63 -2.78
N SER A 16 -46.82 35.82 -2.93
CA SER A 16 -46.96 34.37 -2.99
C SER A 16 -46.97 33.76 -1.60
N ASN A 17 -47.57 32.57 -1.50
CA ASN A 17 -47.73 31.86 -0.25
C ASN A 17 -46.63 30.84 -0.02
N LYS A 18 -45.92 30.44 -1.07
CA LYS A 18 -44.90 29.40 -0.97
C LYS A 18 -43.56 30.06 -0.70
N ALA A 19 -42.93 29.67 0.41
CA ALA A 19 -41.68 30.27 0.83
C ALA A 19 -40.52 29.31 0.67
N HIS A 20 -39.32 29.85 0.56
CA HIS A 20 -38.12 29.04 0.40
C HIS A 20 -37.32 29.05 1.69
N MET A 21 -36.52 28.01 1.88
CA MET A 21 -35.67 27.85 3.05
C MET A 21 -34.21 27.93 2.65
N GLU A 22 -33.33 27.79 3.62
CA GLU A 22 -31.89 27.68 3.38
C GLU A 22 -31.44 26.23 3.57
N TYR A 23 -30.58 25.77 2.65
CA TYR A 23 -30.03 24.42 2.68
C TYR A 23 -29.16 24.22 3.92
N VAL A 24 -29.11 22.99 4.41
CA VAL A 24 -28.56 22.69 5.73
C VAL A 24 -27.39 21.70 5.65
N ARG A 25 -27.41 20.77 4.69
CA ARG A 25 -26.39 19.71 4.54
C ARG A 25 -26.31 18.85 5.81
N ARG A 26 -27.26 17.93 5.93
CA ARG A 26 -27.76 17.25 7.13
C ARG A 26 -26.63 16.83 8.09
N SER A 27 -25.79 15.87 7.71
CA SER A 27 -24.71 15.38 8.57
C SER A 27 -23.81 14.44 7.78
N ARG A 28 -22.50 14.58 8.00
CA ARG A 28 -21.55 13.62 7.47
C ARG A 28 -21.16 12.56 8.50
N PHE A 29 -21.64 12.69 9.73
CA PHE A 29 -21.41 11.68 10.76
C PHE A 29 -22.59 10.75 10.93
N ALA A 30 -23.58 10.83 10.05
CA ALA A 30 -24.84 10.11 10.28
C ALA A 30 -24.80 8.59 10.08
N PRO A 31 -24.06 7.99 9.13
CA PRO A 31 -24.02 6.52 9.10
C PRO A 31 -23.16 5.88 10.18
N TYR A 32 -22.58 6.64 11.09
CA TYR A 32 -21.58 6.14 12.02
C TYR A 32 -22.04 6.21 13.46
N ILE A 33 -23.25 6.71 13.71
CA ILE A 33 -23.80 6.83 15.05
C ILE A 33 -24.82 5.70 15.23
N ARG A 34 -24.42 4.66 15.94
CA ARG A 34 -25.28 3.51 16.23
C ARG A 34 -25.28 3.27 17.73
N ASN A 35 -25.96 2.21 18.16
CA ASN A 35 -25.98 1.81 19.56
C ASN A 35 -25.30 0.47 19.80
N THR A 36 -24.71 -0.14 18.79
CA THR A 36 -24.06 -1.44 18.94
C THR A 36 -22.63 -1.23 19.44
N GLU A 37 -21.87 -2.33 19.50
CA GLU A 37 -20.52 -2.28 20.05
C GLU A 37 -19.46 -2.06 18.99
N ASN A 38 -19.77 -2.31 17.72
CA ASN A 38 -18.80 -2.15 16.64
C ASN A 38 -19.03 -0.86 15.86
N SER A 39 -19.46 0.19 16.54
CA SER A 39 -19.71 1.48 15.90
C SER A 39 -18.66 2.48 16.35
N ILE A 40 -18.44 3.50 15.52
CA ILE A 40 -17.42 4.49 15.83
C ILE A 40 -17.89 5.42 16.94
N PHE A 41 -19.07 6.01 16.77
CA PHE A 41 -19.67 6.89 17.76
C PHE A 41 -20.79 6.09 18.42
N GLN A 42 -20.58 5.68 19.66
CA GLN A 42 -21.48 4.74 20.32
C GLN A 42 -22.43 5.47 21.26
N GLY A 43 -23.70 5.10 21.23
CA GLY A 43 -24.71 5.71 22.07
C GLY A 43 -25.12 4.80 23.22
N TYR A 44 -25.56 5.42 24.31
CA TYR A 44 -26.01 4.70 25.50
C TYR A 44 -27.37 5.20 25.94
N SER A 45 -28.35 4.30 25.99
CA SER A 45 -29.70 4.62 26.43
C SER A 45 -29.94 4.20 27.88
N ASP A 46 -28.90 4.17 28.70
CA ASP A 46 -29.06 3.77 30.09
C ASP A 46 -29.66 4.86 30.95
N LEU A 47 -29.45 6.12 30.60
CA LEU A 47 -30.08 7.22 31.32
C LEU A 47 -31.42 7.61 30.72
N GLU A 48 -31.75 7.08 29.54
CA GLU A 48 -33.10 7.22 29.00
C GLU A 48 -34.08 6.40 29.80
N LYS A 49 -33.60 5.34 30.43
CA LYS A 49 -34.28 4.63 31.51
C LYS A 49 -34.12 5.38 32.83
N ARG A 50 -34.37 4.68 33.94
CA ARG A 50 -34.98 5.14 35.19
C ARG A 50 -34.54 6.55 35.62
N ALA A 51 -33.26 6.77 35.94
CA ALA A 51 -32.80 8.09 36.39
C ALA A 51 -31.29 8.15 36.32
N GLY A 52 -30.74 9.34 36.47
CA GLY A 52 -29.30 9.49 36.55
C GLY A 52 -28.83 10.87 36.12
N ASP A 53 -27.54 11.10 36.33
CA ASP A 53 -26.88 12.34 35.94
C ASP A 53 -25.62 12.10 35.11
N THR A 54 -24.83 11.08 35.42
CA THR A 54 -23.65 10.76 34.64
C THR A 54 -23.59 9.25 34.45
N LEU A 55 -22.65 8.78 33.63
CA LEU A 55 -22.57 7.38 33.30
C LEU A 55 -21.11 6.97 33.19
N ASN A 56 -20.70 5.98 33.99
CA ASN A 56 -19.32 5.53 34.05
C ASN A 56 -19.16 4.23 33.28
N ILE A 57 -18.09 4.13 32.49
CA ILE A 57 -17.85 2.99 31.63
C ILE A 57 -16.49 2.39 31.98
N PRO A 58 -16.37 1.08 32.19
CA PRO A 58 -15.08 0.49 32.54
C PRO A 58 -14.28 -0.04 31.34
N LEU A 59 -13.03 -0.38 31.60
CA LEU A 59 -12.10 -0.91 30.60
C LEU A 59 -11.13 -1.86 31.27
N PHE A 60 -10.85 -2.98 30.63
CA PHE A 60 -9.80 -3.90 31.07
C PHE A 60 -8.67 -3.94 30.04
N TYR A 61 -7.43 -3.85 30.52
CA TYR A 61 -6.28 -3.96 29.64
C TYR A 61 -5.94 -5.39 29.31
N LYS A 62 -4.75 -5.57 28.74
CA LYS A 62 -4.19 -6.84 28.34
C LYS A 62 -3.36 -7.36 29.52
N LEU A 63 -2.57 -8.41 29.32
CA LEU A 63 -1.82 -9.04 30.38
C LEU A 63 -0.33 -8.98 30.08
N GLY A 64 0.49 -8.84 31.12
CA GLY A 64 1.78 -8.17 30.98
C GLY A 64 3.14 -8.80 31.26
N GLY A 65 3.24 -9.89 32.00
CA GLY A 65 4.49 -10.19 32.71
C GLY A 65 5.54 -10.98 31.91
N ALA A 66 5.95 -12.23 32.43
CA ALA A 66 6.90 -13.22 31.88
C ALA A 66 6.49 -14.67 32.14
N PRO A 67 6.67 -15.58 31.17
CA PRO A 67 6.23 -16.95 31.39
C PRO A 67 7.14 -17.70 32.36
N VAL A 68 6.52 -18.28 33.39
CA VAL A 68 7.22 -18.62 34.61
C VAL A 68 8.08 -19.86 34.34
N THR A 69 9.33 -19.61 34.00
CA THR A 69 10.13 -20.58 33.26
C THR A 69 10.71 -21.64 34.19
N GLY A 70 10.49 -22.91 33.85
CA GLY A 70 11.24 -24.01 34.40
C GLY A 70 10.64 -24.71 35.61
N ASP A 71 10.43 -23.96 36.69
CA ASP A 71 10.21 -24.52 38.00
C ASP A 71 9.08 -23.87 38.77
N THR A 72 8.73 -22.66 38.39
CA THR A 72 7.96 -21.75 39.21
C THR A 72 6.49 -22.16 39.34
N PRO A 73 5.84 -21.82 40.46
CA PRO A 73 4.46 -22.27 40.69
C PRO A 73 3.45 -21.62 39.77
N ILE A 74 2.19 -21.98 40.01
CA ILE A 74 1.08 -21.09 39.65
C ILE A 74 0.38 -20.66 40.95
N VAL A 75 1.14 -20.54 42.03
CA VAL A 75 0.62 -20.05 43.29
C VAL A 75 1.61 -19.09 43.94
N GLY A 76 2.84 -19.06 43.45
CA GLY A 76 3.79 -18.20 44.11
C GLY A 76 3.70 -16.77 43.62
N ASN A 77 3.93 -16.54 42.32
CA ASN A 77 4.35 -15.30 41.67
C ASN A 77 3.43 -14.23 41.04
N GLU A 78 2.40 -13.65 41.75
CA GLU A 78 1.20 -12.88 41.27
C GLU A 78 1.35 -11.78 40.21
N THR A 79 0.25 -11.59 39.42
CA THR A 79 -0.24 -10.51 38.53
C THR A 79 -1.47 -9.79 39.06
N PRO A 80 -1.54 -8.49 38.83
CA PRO A 80 -2.83 -7.80 38.80
C PRO A 80 -3.38 -7.72 37.38
N LEU A 81 -4.68 -7.47 37.27
CA LEU A 81 -5.32 -7.14 36.00
C LEU A 81 -5.74 -5.68 36.01
N ASP A 82 -5.35 -4.94 34.98
CA ASP A 82 -5.55 -3.50 34.95
C ASP A 82 -7.00 -3.14 34.63
N ASN A 83 -7.44 -2.00 35.17
CA ASN A 83 -8.84 -1.63 35.18
C ASN A 83 -8.95 -0.12 35.28
N TYR A 84 -9.80 0.49 34.45
CA TYR A 84 -9.94 1.95 34.41
C TYR A 84 -11.39 2.33 34.18
N ASN A 85 -11.66 3.62 34.21
CA ASN A 85 -13.01 4.16 34.18
C ASN A 85 -13.07 5.36 33.23
N CYS A 86 -14.27 5.69 32.78
CA CYS A 86 -14.53 6.92 32.02
C CYS A 86 -15.98 7.33 32.25
N GLY A 87 -16.20 8.56 32.70
CA GLY A 87 -17.53 9.03 33.04
C GLY A 87 -17.94 10.20 32.15
N VAL A 88 -19.16 10.12 31.62
CA VAL A 88 -19.69 11.14 30.70
C VAL A 88 -20.77 11.93 31.44
N PRO A 89 -20.63 13.24 31.58
CA PRO A 89 -21.67 14.04 32.20
C PRO A 89 -22.72 14.52 31.20
N VAL A 90 -23.93 14.71 31.70
CA VAL A 90 -25.12 14.93 30.89
C VAL A 90 -25.80 16.22 31.35
N ALA A 91 -26.21 17.07 30.40
CA ALA A 91 -26.81 18.36 30.72
C ALA A 91 -28.04 18.63 29.86
N LEU A 92 -28.92 19.50 30.37
CA LEU A 92 -30.12 19.98 29.70
C LEU A 92 -29.72 21.06 28.70
N ARG A 93 -30.50 21.22 27.63
CA ARG A 93 -30.28 22.29 26.65
C ARG A 93 -31.51 22.44 25.75
N GLY A 94 -31.73 23.67 25.25
CA GLY A 94 -32.90 23.92 24.44
C GLY A 94 -32.84 25.24 23.67
N LYS A 95 -33.98 25.60 23.08
CA LYS A 95 -34.11 26.70 22.11
C LYS A 95 -35.59 26.94 21.83
N GLY A 96 -35.97 28.22 21.67
CA GLY A 96 -37.34 28.57 21.38
C GLY A 96 -37.48 29.78 20.48
N VAL A 97 -38.66 29.92 19.87
CA VAL A 97 -38.97 30.97 18.89
C VAL A 97 -40.37 31.52 19.18
N ALA A 98 -40.51 32.85 19.20
CA ALA A 98 -41.78 33.52 19.46
C ALA A 98 -42.41 34.07 18.19
N ILE A 99 -43.74 34.14 18.17
CA ILE A 99 -44.53 34.67 17.05
C ILE A 99 -45.64 35.55 17.61
N THR A 100 -45.66 36.82 17.22
CA THR A 100 -46.65 37.77 17.71
C THR A 100 -47.87 37.80 16.79
N LYS A 101 -48.70 38.84 16.97
CA LYS A 101 -49.80 39.12 16.05
C LYS A 101 -49.63 40.45 15.33
N ASN A 102 -48.83 41.37 15.88
CA ASN A 102 -48.49 42.62 15.22
C ASN A 102 -47.73 42.39 13.92
N GLN A 103 -46.93 41.33 13.84
CA GLN A 103 -46.18 40.98 12.65
C GLN A 103 -46.81 39.85 11.86
N THR A 104 -48.09 39.55 12.08
CA THR A 104 -48.70 38.35 11.51
C THR A 104 -49.92 38.66 10.63
N PHE A 105 -50.70 39.70 10.94
CA PHE A 105 -51.80 40.05 10.06
C PHE A 105 -51.33 40.68 8.76
N ARG A 106 -50.09 41.13 8.69
CA ARG A 106 -49.53 41.80 7.53
C ARG A 106 -49.10 40.82 6.44
N THR A 107 -49.05 39.53 6.74
CA THR A 107 -48.64 38.51 5.79
C THR A 107 -49.73 37.46 5.65
N GLU A 108 -49.48 36.50 4.77
CA GLU A 108 -50.37 35.36 4.56
C GLU A 108 -49.62 34.04 4.73
N ILE A 109 -48.29 34.08 4.67
CA ILE A 109 -47.47 32.89 4.86
C ILE A 109 -47.47 32.49 6.34
N ASP A 110 -47.50 31.17 6.60
CA ASP A 110 -47.55 30.66 7.96
C ASP A 110 -46.17 30.71 8.59
N VAL A 111 -46.01 31.61 9.56
CA VAL A 111 -44.73 31.74 10.25
C VAL A 111 -44.60 30.65 11.31
N MET A 112 -45.72 30.10 11.76
CA MET A 112 -45.70 29.06 12.79
C MET A 112 -45.07 27.77 12.28
N ASN A 113 -45.51 27.30 11.11
CA ASN A 113 -44.95 26.06 10.57
C ASN A 113 -43.54 26.24 10.06
N ALA A 114 -43.17 27.45 9.63
CA ALA A 114 -41.81 27.71 9.21
C ALA A 114 -40.85 27.81 10.40
N ALA A 115 -41.37 28.11 11.59
CA ALA A 115 -40.53 28.18 12.79
C ALA A 115 -40.44 26.84 13.50
N LYS A 116 -41.34 25.92 13.23
CA LYS A 116 -41.26 24.58 13.82
C LYS A 116 -40.40 23.64 12.99
N GLN A 117 -40.37 23.82 11.67
CA GLN A 117 -39.51 23.01 10.82
C GLN A 117 -38.05 23.41 10.96
N SER A 118 -37.78 24.70 11.10
CA SER A 118 -36.43 25.20 11.27
C SER A 118 -35.91 25.02 12.69
N LEU A 119 -36.72 24.45 13.58
CA LEU A 119 -36.31 24.20 14.94
C LEU A 119 -35.94 22.75 15.18
N THR A 120 -36.58 21.81 14.47
CA THR A 120 -36.10 20.43 14.45
C THR A 120 -34.80 20.30 13.70
N ARG A 121 -34.55 21.22 12.77
CA ARG A 121 -33.40 21.18 11.88
C ARG A 121 -32.20 21.89 12.49
N TYR A 122 -32.40 22.57 13.62
CA TYR A 122 -31.30 23.19 14.36
C TYR A 122 -30.67 22.25 15.36
N PHE A 123 -31.46 21.34 15.94
CA PHE A 123 -30.94 20.33 16.84
C PHE A 123 -30.29 19.16 16.11
N GLY A 124 -30.23 19.20 14.78
CA GLY A 124 -29.40 18.26 14.04
C GLY A 124 -28.03 18.83 13.76
N GLU A 125 -27.96 20.14 13.48
CA GLU A 125 -26.68 20.82 13.38
C GLU A 125 -26.00 20.96 14.73
N LEU A 126 -26.77 20.95 15.81
CA LEU A 126 -26.22 21.09 17.14
C LEU A 126 -25.55 19.80 17.61
N LEU A 127 -25.90 18.67 17.02
CA LEU A 127 -25.30 17.39 17.41
C LEU A 127 -23.93 17.20 16.78
N ARG A 128 -23.78 17.49 15.48
CA ARG A 128 -22.47 17.27 14.89
C ARG A 128 -21.52 18.42 15.16
N ASP A 129 -22.02 19.53 15.68
CA ASP A 129 -21.15 20.56 16.22
C ASP A 129 -20.54 20.15 17.56
N ASP A 130 -21.12 19.16 18.24
CA ASP A 130 -20.56 18.64 19.47
C ASP A 130 -19.61 17.48 19.23
N ILE A 131 -19.76 16.74 18.12
CA ILE A 131 -18.84 15.66 17.82
C ILE A 131 -17.52 16.21 17.29
N ILE A 132 -17.58 17.29 16.52
CA ILE A 132 -16.36 17.95 16.06
C ILE A 132 -15.62 18.59 17.23
N GLU A 133 -16.36 19.10 18.20
CA GLU A 133 -15.73 19.66 19.40
C GLU A 133 -15.17 18.57 20.31
N ALA A 134 -15.77 17.37 20.29
CA ALA A 134 -15.28 16.27 21.10
C ALA A 134 -14.04 15.64 20.51
N LEU A 135 -13.93 15.57 19.18
CA LEU A 135 -12.74 15.00 18.56
C LEU A 135 -11.52 15.87 18.75
N GLY A 136 -11.70 17.18 18.86
CA GLY A 136 -10.59 18.08 19.10
C GLY A 136 -10.39 18.41 20.55
N SER A 137 -10.75 17.50 21.45
CA SER A 137 -10.59 17.73 22.88
C SER A 137 -9.14 17.51 23.30
N VAL A 138 -8.87 17.79 24.56
CA VAL A 138 -7.55 17.64 25.16
C VAL A 138 -7.71 16.82 26.43
N VAL A 139 -7.13 15.62 26.43
CA VAL A 139 -7.23 14.70 27.56
C VAL A 139 -6.08 15.03 28.51
N THR A 140 -6.41 15.62 29.66
CA THR A 140 -5.36 16.07 30.57
C THR A 140 -4.79 14.90 31.36
N THR A 141 -5.60 14.34 32.28
CA THR A 141 -5.21 13.24 33.17
C THR A 141 -6.42 12.46 33.62
N GLY A 142 -6.67 11.29 33.01
CA GLY A 142 -7.68 10.38 33.51
C GLY A 142 -9.10 10.88 33.49
N ASP A 143 -9.71 10.93 32.28
CA ASP A 143 -11.09 11.32 31.99
C ASP A 143 -11.31 12.83 32.05
N THR A 144 -10.22 13.59 32.11
CA THR A 144 -10.32 15.05 32.17
C THR A 144 -10.12 15.56 30.75
N THR A 145 -11.23 15.67 30.01
CA THR A 145 -11.21 16.18 28.65
C THR A 145 -11.63 17.65 28.66
N VAL A 146 -10.72 18.51 28.27
CA VAL A 146 -10.94 19.94 28.17
C VAL A 146 -11.01 20.28 26.68
N ASN A 147 -11.94 21.16 26.30
CA ASN A 147 -12.02 21.61 24.92
C ASN A 147 -10.78 22.40 24.54
N TYR A 148 -10.50 22.46 23.24
CA TYR A 148 -9.24 23.03 22.77
C TYR A 148 -9.19 24.53 22.94
N GLY A 149 -10.34 25.21 22.87
CA GLY A 149 -10.35 26.65 23.04
C GLY A 149 -10.16 27.07 24.48
N SER A 150 -10.77 26.34 25.41
CA SER A 150 -10.71 26.67 26.83
C SER A 150 -9.62 25.89 27.56
N ALA A 151 -8.58 25.46 26.86
CA ALA A 151 -7.46 24.77 27.49
C ALA A 151 -6.28 25.73 27.63
N SER A 152 -5.50 25.52 28.69
CA SER A 152 -4.35 26.35 28.96
C SER A 152 -3.13 25.78 28.21
N ALA A 153 -2.01 26.46 28.36
CA ALA A 153 -0.77 25.97 27.77
C ALA A 153 -0.21 24.77 28.53
N ALA A 154 -0.54 24.65 29.81
CA ALA A 154 -0.07 23.51 30.60
C ALA A 154 -0.94 22.28 30.42
N ASN A 155 -2.21 22.47 30.04
CA ASN A 155 -3.07 21.34 29.74
C ASN A 155 -2.74 20.71 28.39
N ARG A 156 -2.19 21.50 27.47
CA ARG A 156 -1.79 20.98 26.17
C ARG A 156 -0.43 20.31 26.22
N ASN A 157 0.46 20.78 27.08
CA ASN A 157 1.78 20.15 27.23
C ASN A 157 1.70 18.83 27.98
N ALA A 158 0.62 18.60 28.72
CA ALA A 158 0.40 17.33 29.38
C ALA A 158 -0.36 16.34 28.50
N PHE A 159 -1.04 16.83 27.47
CA PHE A 159 -1.65 15.95 26.48
C PHE A 159 -0.62 15.35 25.55
N SER A 160 0.37 16.14 25.14
CA SER A 160 1.61 15.56 24.63
C SER A 160 2.43 15.01 25.78
N ALA A 161 3.39 14.15 25.46
CA ALA A 161 4.16 13.33 26.40
C ALA A 161 3.28 12.44 27.27
N ALA A 162 2.07 12.16 26.81
CA ALA A 162 1.19 11.13 27.32
C ALA A 162 0.65 10.31 26.17
N ASN A 163 0.55 10.93 24.99
CA ASN A 163 0.23 10.24 23.74
C ASN A 163 1.33 10.46 22.71
N PRO A 164 2.46 9.78 22.81
CA PRO A 164 3.49 9.92 21.77
C PRO A 164 3.29 9.00 20.59
N ASP A 165 2.45 7.97 20.73
CA ASP A 165 2.16 7.04 19.66
C ASP A 165 0.82 7.29 18.98
N ARG A 166 0.15 8.38 19.32
CA ARG A 166 -1.17 8.69 18.78
C ARG A 166 -1.25 10.10 18.23
N LEU A 167 -0.24 10.94 18.47
CA LEU A 167 -0.18 12.27 17.89
C LEU A 167 0.84 12.26 16.77
N PHE A 168 0.38 12.61 15.57
CA PHE A 168 1.25 12.66 14.40
C PHE A 168 1.31 14.11 13.93
N PHE A 169 2.46 14.75 14.15
CA PHE A 169 2.72 16.06 13.59
C PHE A 169 3.17 15.91 12.14
N GLY A 170 3.80 16.96 11.60
CA GLY A 170 4.26 16.96 10.22
C GLY A 170 5.09 15.77 9.77
N SER A 171 5.91 15.25 10.69
CA SER A 171 6.54 13.94 10.53
C SER A 171 6.80 13.39 11.93
N ILE A 172 7.32 12.16 11.99
CA ILE A 172 7.66 11.59 13.30
C ILE A 172 8.94 12.21 13.84
N SER A 173 9.79 12.73 12.94
CA SER A 173 10.96 13.49 13.36
C SER A 173 10.61 14.92 13.79
N GLY A 174 9.33 15.25 13.89
CA GLY A 174 8.89 16.55 14.36
C GLY A 174 8.03 16.47 15.61
N TYR A 175 8.02 15.33 16.29
CA TYR A 175 7.31 15.21 17.56
C TYR A 175 8.06 15.98 18.64
N SER A 176 7.30 16.59 19.54
CA SER A 176 7.86 17.29 20.68
C SER A 176 6.96 17.09 21.89
N ALA A 177 7.54 17.20 23.07
CA ALA A 177 6.78 17.03 24.30
C ALA A 177 5.93 18.26 24.61
N THR A 178 6.30 19.42 24.08
CA THR A 178 5.51 20.63 24.24
C THR A 178 4.64 20.85 23.00
N TRP A 179 3.43 21.33 23.22
CA TRP A 179 2.44 21.39 22.15
C TRP A 179 2.74 22.49 21.14
N ALA A 180 3.22 23.65 21.61
CA ALA A 180 3.44 24.78 20.71
C ALA A 180 4.65 24.57 19.82
N THR A 181 5.64 23.81 20.28
CA THR A 181 6.80 23.49 19.45
C THR A 181 6.45 22.41 18.43
N GLY A 182 5.59 21.46 18.81
CA GLY A 182 5.20 20.40 17.90
C GLY A 182 4.38 20.90 16.72
N LEU A 183 3.55 21.92 16.93
CA LEU A 183 2.85 22.55 15.81
C LEU A 183 3.74 23.49 15.02
N GLY A 184 4.94 23.80 15.51
CA GLY A 184 5.88 24.60 14.76
C GLY A 184 6.81 23.79 13.90
N ASN A 185 6.65 22.47 13.87
CA ASN A 185 7.49 21.60 13.08
C ASN A 185 6.82 21.11 11.81
N VAL A 186 5.55 21.47 11.59
CA VAL A 186 4.86 21.09 10.37
C VAL A 186 4.96 22.21 9.35
N ASP A 187 5.55 21.90 8.20
CA ASP A 187 5.85 22.88 7.17
C ASP A 187 4.60 23.15 6.34
N ALA A 188 4.70 24.14 5.45
CA ALA A 188 3.66 24.36 4.46
C ALA A 188 3.81 23.42 3.27
N ALA A 189 4.98 22.81 3.11
CA ALA A 189 5.24 21.86 2.04
C ALA A 189 4.99 20.42 2.46
N GLU A 190 4.63 20.19 3.71
CA GLU A 190 4.31 18.86 4.22
C GLU A 190 2.81 18.63 4.12
N THR A 191 2.29 18.60 2.90
CA THR A 191 0.86 18.50 2.65
C THR A 191 0.39 17.06 2.82
N CYS A 192 -0.91 16.86 2.62
CA CYS A 192 -1.54 15.56 2.86
C CYS A 192 -1.56 14.76 1.58
N THR A 193 -0.54 13.94 1.38
CA THR A 193 -0.52 12.99 0.27
C THR A 193 -0.98 11.63 0.78
N ALA A 194 -1.08 10.66 -0.13
CA ALA A 194 -1.53 9.33 0.25
C ALA A 194 -0.44 8.48 0.87
N ALA A 195 0.81 8.95 0.87
CA ALA A 195 1.90 8.22 1.50
C ALA A 195 2.09 8.60 2.96
N ARG A 196 1.50 9.71 3.39
CA ARG A 196 1.57 10.15 4.78
C ARG A 196 0.36 9.75 5.60
N VAL A 197 -0.77 9.49 4.97
CA VAL A 197 -1.91 8.96 5.70
C VAL A 197 -1.69 7.48 5.99
N GLY A 198 -0.88 6.81 5.17
CA GLY A 198 -0.48 5.45 5.50
C GLY A 198 0.44 5.35 6.69
N VAL A 199 1.11 6.45 7.04
CA VAL A 199 1.89 6.48 8.27
C VAL A 199 0.97 6.51 9.48
N MET A 200 -0.14 7.23 9.38
CA MET A 200 -1.10 7.29 10.49
C MET A 200 -1.82 5.97 10.70
N LYS A 201 -2.03 5.19 9.63
CA LYS A 201 -2.60 3.86 9.79
C LYS A 201 -1.61 2.92 10.46
N ARG A 202 -0.31 3.16 10.23
CA ARG A 202 0.72 2.36 10.88
C ARG A 202 0.83 2.67 12.37
N LEU A 203 0.66 3.92 12.77
CA LEU A 203 0.62 4.25 14.19
C LEU A 203 -0.60 3.66 14.88
N ALA A 204 -1.70 3.49 14.16
CA ALA A 204 -2.89 2.91 14.74
C ALA A 204 -2.82 1.40 14.87
N MET A 205 -1.88 0.75 14.19
CA MET A 205 -1.73 -0.69 14.30
C MET A 205 -0.61 -1.10 15.25
N SER A 206 0.14 -0.14 15.80
CA SER A 206 1.20 -0.44 16.75
C SER A 206 1.13 0.49 17.95
N ALA A 207 -0.09 0.73 18.44
CA ALA A 207 -0.28 1.54 19.63
C ALA A 207 -0.18 0.64 20.86
N SER A 208 0.29 1.19 21.98
CA SER A 208 0.64 0.36 23.11
C SER A 208 -0.59 -0.14 23.87
N PRO A 209 -1.66 0.68 24.08
CA PRO A 209 -2.99 0.08 24.09
C PRO A 209 -3.57 0.09 22.68
N ALA A 210 -4.02 -1.05 22.20
CA ALA A 210 -4.35 -1.20 20.79
C ALA A 210 -5.67 -0.54 20.46
N ILE A 211 -5.74 0.06 19.28
CA ILE A 211 -6.94 0.69 18.77
C ILE A 211 -7.72 -0.33 17.95
N THR A 212 -8.98 -0.53 18.31
CA THR A 212 -9.81 -1.52 17.63
C THR A 212 -10.20 -1.01 16.26
N PRO A 213 -9.89 -1.74 15.18
CA PRO A 213 -10.31 -1.30 13.85
C PRO A 213 -11.79 -1.53 13.63
N MET A 214 -12.31 -0.89 12.59
CA MET A 214 -13.73 -0.92 12.31
C MET A 214 -14.17 -2.28 11.77
N GLN A 215 -13.34 -2.90 10.94
CA GLN A 215 -13.65 -4.20 10.36
C GLN A 215 -12.37 -5.01 10.22
N VAL A 216 -12.43 -6.28 10.62
CA VAL A 216 -11.27 -7.16 10.65
C VAL A 216 -11.52 -8.32 9.70
N ASP A 217 -10.51 -8.66 8.91
CA ASP A 217 -10.46 -9.93 8.19
C ASP A 217 -9.21 -10.67 8.64
N ASP A 218 -9.40 -11.77 9.37
CA ASP A 218 -8.28 -12.46 10.02
C ASP A 218 -7.36 -13.11 8.99
N ASP A 219 -7.92 -13.91 8.09
CA ASP A 219 -7.17 -14.34 6.92
C ASP A 219 -6.99 -13.15 6.00
N GLU A 220 -5.95 -13.22 5.16
CA GLU A 220 -5.48 -12.19 4.20
C GLU A 220 -5.46 -10.78 4.82
N GLY A 221 -4.84 -10.68 6.00
CA GLY A 221 -5.11 -9.69 7.04
C GLY A 221 -5.47 -8.26 6.70
N ARG A 222 -6.69 -7.87 7.03
CA ARG A 222 -7.26 -6.59 6.66
C ARG A 222 -7.76 -5.88 7.90
N GLU A 223 -7.39 -4.61 8.06
CA GLU A 223 -7.88 -3.78 9.14
C GLU A 223 -8.29 -2.44 8.56
N TYR A 224 -9.52 -2.03 8.84
CA TYR A 224 -10.14 -0.87 8.21
C TYR A 224 -10.31 0.26 9.21
N PHE A 225 -10.12 1.49 8.73
CA PHE A 225 -10.26 2.68 9.55
C PHE A 225 -11.00 3.75 8.75
N VAL A 226 -11.41 4.81 9.44
CA VAL A 226 -12.13 5.92 8.81
C VAL A 226 -11.41 7.21 9.19
N ALA A 227 -11.07 8.01 8.17
CA ALA A 227 -10.44 9.30 8.39
C ALA A 227 -11.40 10.42 7.99
N PHE A 228 -11.52 11.43 8.85
CA PHE A 228 -12.43 12.55 8.61
C PHE A 228 -11.60 13.78 8.27
N HIS A 229 -11.69 14.22 7.02
CA HIS A 229 -10.96 15.37 6.52
C HIS A 229 -11.82 16.62 6.62
N GLY A 230 -11.16 17.77 6.46
CA GLY A 230 -11.86 19.04 6.53
C GLY A 230 -11.74 19.85 5.27
N SER A 231 -11.74 19.18 4.12
CA SER A 231 -11.90 19.72 2.76
C SER A 231 -10.70 20.51 2.25
N ARG A 232 -9.76 20.90 3.09
CA ARG A 232 -8.53 21.51 2.60
C ARG A 232 -7.36 20.54 2.63
N THR A 233 -7.46 19.47 3.41
CA THR A 233 -6.61 18.31 3.25
C THR A 233 -7.25 17.23 2.40
N PHE A 234 -8.52 17.39 2.05
CA PHE A 234 -9.20 16.41 1.22
C PHE A 234 -8.99 16.67 -0.26
N ARG A 235 -8.74 17.92 -0.65
CA ARG A 235 -8.46 18.21 -2.04
C ARG A 235 -7.00 17.95 -2.38
N ASP A 236 -6.11 17.98 -1.40
CA ASP A 236 -4.72 17.60 -1.61
C ASP A 236 -4.54 16.10 -1.65
N LEU A 237 -5.49 15.35 -1.10
CA LEU A 237 -5.41 13.91 -1.05
C LEU A 237 -5.93 13.26 -2.33
N LYS A 238 -6.96 13.85 -2.94
CA LYS A 238 -7.54 13.32 -4.17
C LYS A 238 -7.04 14.04 -5.40
N GLY A 239 -6.10 14.97 -5.25
CA GLY A 239 -5.66 15.75 -6.37
C GLY A 239 -4.16 15.76 -6.57
N ASP A 240 -3.46 14.87 -5.89
CA ASP A 240 -2.02 14.75 -6.06
C ASP A 240 -1.69 14.12 -7.41
N THR A 241 -0.46 14.35 -7.87
CA THR A 241 -0.05 13.91 -9.21
C THR A 241 0.05 12.38 -9.29
N ALA A 242 0.65 11.75 -8.30
CA ALA A 242 0.53 10.31 -8.17
C ALA A 242 -0.77 9.97 -7.43
N MET A 243 -1.02 8.68 -7.25
CA MET A 243 -2.13 8.12 -6.44
C MET A 243 -3.51 8.52 -6.96
N LEU A 244 -3.58 9.11 -8.15
CA LEU A 244 -4.80 9.56 -8.81
C LEU A 244 -5.17 8.65 -9.96
N ASN A 245 -4.20 7.96 -10.54
CA ASN A 245 -4.42 6.86 -11.47
C ASN A 245 -4.71 5.54 -10.75
N ALA A 246 -4.90 5.57 -9.44
CA ALA A 246 -5.37 4.41 -8.71
C ALA A 246 -6.86 4.21 -8.85
N ASN A 247 -7.63 5.29 -9.00
CA ASN A 247 -9.07 5.14 -9.17
C ASN A 247 -9.54 5.47 -10.59
N ARG A 248 -8.65 5.40 -11.58
CA ARG A 248 -9.07 5.32 -12.96
C ARG A 248 -8.45 4.15 -13.70
N GLU A 249 -7.48 3.46 -13.11
CA GLU A 249 -6.90 2.27 -13.73
C GLU A 249 -7.21 1.00 -12.95
N ALA A 250 -7.87 1.11 -11.80
CA ALA A 250 -8.24 -0.06 -11.02
C ALA A 250 -9.73 -0.12 -10.71
N ARG A 251 -10.49 0.88 -11.15
CA ARG A 251 -11.94 0.87 -11.02
C ARG A 251 -12.55 0.36 -12.31
N PRO A 252 -13.73 -0.27 -12.25
CA PRO A 252 -14.39 -0.70 -13.49
C PRO A 252 -14.84 0.49 -14.32
N ARG A 253 -14.96 0.27 -15.63
CA ARG A 253 -15.33 1.32 -16.57
C ARG A 253 -16.82 1.62 -16.43
N ASP A 254 -17.16 2.35 -15.37
CA ASP A 254 -18.54 2.71 -15.07
C ASP A 254 -18.58 4.17 -14.66
N VAL A 255 -19.57 4.90 -15.14
CA VAL A 255 -19.59 6.34 -14.98
C VAL A 255 -20.28 6.74 -13.68
N SER A 256 -21.36 6.04 -13.34
CA SER A 256 -22.19 6.43 -12.22
C SER A 256 -21.66 5.95 -10.87
N SER A 257 -20.52 5.29 -10.84
CA SER A 257 -19.96 4.79 -9.59
C SER A 257 -18.51 5.21 -9.37
N ASN A 258 -17.91 5.91 -10.31
CA ASN A 258 -16.51 6.30 -10.19
C ASN A 258 -16.41 7.62 -9.43
N PRO A 259 -15.69 7.68 -8.31
CA PRO A 259 -15.50 8.95 -7.60
C PRO A 259 -14.53 9.91 -8.27
N LEU A 260 -13.95 9.55 -9.43
CA LEU A 260 -13.15 10.51 -10.18
C LEU A 260 -14.04 11.46 -10.97
N LEU A 261 -15.13 10.96 -11.54
CA LEU A 261 -16.05 11.78 -12.31
C LEU A 261 -17.17 12.34 -11.45
N GLN A 262 -17.54 11.61 -10.40
CA GLN A 262 -18.64 11.98 -9.49
C GLN A 262 -18.13 11.81 -8.08
N ASP A 263 -17.59 12.89 -7.51
CA ASP A 263 -16.74 12.83 -6.31
C ASP A 263 -17.49 12.28 -5.10
N GLY A 264 -16.75 11.78 -4.12
CA GLY A 264 -17.36 11.26 -2.91
C GLY A 264 -16.29 10.88 -1.92
N ASP A 265 -16.56 9.86 -1.11
CA ASP A 265 -15.50 9.30 -0.28
C ASP A 265 -14.71 8.31 -1.12
N LEU A 266 -13.47 8.05 -0.71
CA LEU A 266 -12.60 7.21 -1.50
C LEU A 266 -11.74 6.35 -0.60
N ILE A 267 -11.61 5.08 -0.96
CA ILE A 267 -10.87 4.10 -0.18
C ILE A 267 -9.51 3.89 -0.85
N TYR A 268 -8.46 3.81 -0.04
CA TYR A 268 -7.12 3.59 -0.53
C TYR A 268 -6.28 3.02 0.59
N GLU A 269 -5.67 1.84 0.38
CA GLU A 269 -4.85 1.11 1.36
C GLU A 269 -5.62 0.79 2.62
N GLY A 270 -6.92 0.53 2.48
CA GLY A 270 -7.73 0.03 3.57
C GLY A 270 -8.36 1.07 4.47
N VAL A 271 -8.13 2.35 4.23
CA VAL A 271 -8.71 3.42 5.04
C VAL A 271 -9.68 4.22 4.18
N ILE A 272 -10.85 4.53 4.73
CA ILE A 272 -11.91 5.25 4.05
C ILE A 272 -11.80 6.73 4.39
N HIS A 273 -11.80 7.57 3.37
CA HIS A 273 -11.57 9.00 3.54
C HIS A 273 -12.88 9.76 3.35
N ARG A 274 -13.48 10.19 4.46
CA ARG A 274 -14.76 10.87 4.43
C ARG A 274 -14.53 12.37 4.62
N GLU A 275 -15.26 13.19 3.87
CA GLU A 275 -15.11 14.63 3.92
C GLU A 275 -16.17 15.23 4.84
N VAL A 276 -15.73 16.05 5.80
CA VAL A 276 -16.63 16.82 6.65
C VAL A 276 -16.27 18.29 6.44
N PRO A 277 -17.11 19.08 5.79
CA PRO A 277 -16.73 20.47 5.44
C PRO A 277 -16.71 21.42 6.63
N GLU A 278 -17.23 21.04 7.78
CA GLU A 278 -17.36 21.95 8.92
C GLU A 278 -16.16 21.90 9.85
N ILE A 279 -15.10 21.19 9.48
CA ILE A 279 -13.88 21.22 10.27
C ILE A 279 -13.07 22.48 9.95
N ASP A 280 -13.25 23.06 8.76
CA ASP A 280 -12.65 24.37 8.48
C ASP A 280 -13.28 25.47 9.33
N ALA A 281 -14.58 25.38 9.60
CA ALA A 281 -15.21 26.39 10.46
C ALA A 281 -14.75 26.26 11.91
N TRP A 282 -14.50 25.03 12.35
CA TRP A 282 -13.99 24.83 13.71
C TRP A 282 -12.55 25.28 13.83
N ALA A 283 -11.68 24.82 12.93
CA ALA A 283 -10.25 24.99 13.11
C ALA A 283 -9.77 26.39 12.76
N ALA A 284 -10.56 27.17 12.02
CA ALA A 284 -10.17 28.55 11.77
C ALA A 284 -10.39 29.43 12.99
N ALA A 285 -11.36 29.09 13.83
CA ALA A 285 -11.67 29.85 15.03
C ALA A 285 -10.71 29.56 16.18
N ASN A 286 -9.95 28.46 16.11
CA ASN A 286 -9.03 28.10 17.17
C ASN A 286 -7.59 28.44 16.84
N GLY A 287 -7.34 29.15 15.75
CA GLY A 287 -6.01 29.65 15.45
C GLY A 287 -5.13 28.73 14.64
N PHE A 288 -5.70 27.87 13.79
CA PHE A 288 -4.90 27.01 12.94
C PHE A 288 -4.55 27.67 11.60
N ASN A 289 -5.09 28.85 11.31
CA ASN A 289 -4.66 29.59 10.13
C ASN A 289 -3.27 30.19 10.29
N THR A 290 -2.77 30.25 11.52
CA THR A 290 -1.38 30.53 11.82
C THR A 290 -0.84 29.39 12.65
N ALA A 291 0.34 29.59 13.26
CA ALA A 291 1.02 28.63 14.15
C ALA A 291 1.36 27.36 13.40
N GLY A 292 2.09 27.51 12.30
CA GLY A 292 2.80 26.41 11.68
C GLY A 292 4.26 26.77 11.64
N ALA A 293 5.01 26.13 10.74
CA ALA A 293 6.40 26.52 10.54
C ALA A 293 6.43 27.78 9.70
N GLY A 294 6.77 28.90 10.32
CA GLY A 294 6.77 30.17 9.62
C GLY A 294 5.39 30.76 9.45
N SER A 295 4.48 30.47 10.39
CA SER A 295 3.10 30.97 10.42
C SER A 295 2.32 30.56 9.17
N ALA A 296 2.30 29.26 8.92
CA ALA A 296 1.57 28.68 7.79
C ALA A 296 0.28 28.03 8.28
N PRO A 297 -0.76 28.01 7.47
CA PRO A 297 -2.01 27.36 7.89
C PRO A 297 -1.88 25.85 7.91
N ILE A 298 -2.38 25.24 8.99
CA ILE A 298 -2.40 23.79 9.13
C ILE A 298 -3.83 23.37 9.45
N ARG A 299 -4.13 22.10 9.17
CA ARG A 299 -5.45 21.53 9.45
C ARG A 299 -5.29 20.17 10.12
N PRO A 300 -6.22 19.78 10.98
CA PRO A 300 -6.18 18.45 11.57
C PRO A 300 -6.92 17.40 10.77
N VAL A 301 -6.43 16.16 10.86
CA VAL A 301 -7.05 15.00 10.25
C VAL A 301 -7.24 13.96 11.35
N PHE A 302 -8.45 13.44 11.48
CA PHE A 302 -8.79 12.54 12.59
C PHE A 302 -8.98 11.13 12.06
N LEU A 303 -7.99 10.27 12.29
CA LEU A 303 -8.07 8.86 11.92
C LEU A 303 -8.59 8.10 13.13
N CYS A 304 -9.85 7.67 13.06
CA CYS A 304 -10.49 7.07 14.22
C CYS A 304 -10.90 5.63 13.94
N GLY A 305 -10.90 4.83 15.00
CA GLY A 305 -11.22 3.42 14.90
C GLY A 305 -12.62 3.08 15.37
N THR A 306 -12.75 2.42 16.51
CA THR A 306 -14.04 2.01 17.04
C THR A 306 -14.15 2.48 18.48
N GLN A 307 -15.33 3.02 18.83
CA GLN A 307 -15.66 3.49 20.17
C GLN A 307 -14.74 4.62 20.61
N SER A 308 -14.71 5.66 19.80
CA SER A 308 -13.83 6.80 20.03
C SER A 308 -14.53 7.97 20.71
N VAL A 309 -15.85 8.10 20.55
CA VAL A 309 -16.65 9.13 21.21
C VAL A 309 -17.88 8.46 21.79
N PHE A 310 -18.15 8.70 23.08
CA PHE A 310 -19.35 8.16 23.70
C PHE A 310 -20.47 9.18 23.65
N LEU A 311 -21.71 8.70 23.59
CA LEU A 311 -22.90 9.53 23.53
C LEU A 311 -23.90 9.04 24.57
N ALA A 312 -24.22 9.88 25.54
CA ALA A 312 -25.14 9.51 26.61
C ALA A 312 -26.45 10.26 26.42
N TYR A 313 -27.51 9.52 26.14
CA TYR A 313 -28.83 10.10 25.93
C TYR A 313 -29.63 10.02 27.22
N ALA A 314 -30.18 11.15 27.65
CA ALA A 314 -31.12 11.17 28.76
C ALA A 314 -32.52 11.55 28.34
N GLN A 315 -32.67 12.39 27.32
CA GLN A 315 -33.98 12.75 26.79
C GLN A 315 -33.82 13.07 25.31
N ARG A 316 -34.66 12.46 24.49
CA ARG A 316 -34.73 12.78 23.07
C ARG A 316 -35.31 14.18 22.89
N PRO A 317 -35.02 14.86 21.78
CA PRO A 317 -35.56 16.21 21.58
C PRO A 317 -37.07 16.21 21.40
N GLN A 318 -37.74 17.01 22.22
CA GLN A 318 -39.19 17.10 22.25
C GLN A 318 -39.62 18.54 22.01
N ALA A 319 -40.77 18.71 21.38
CA ALA A 319 -41.28 20.03 21.01
C ALA A 319 -42.52 20.38 21.81
N GLY A 320 -42.80 21.67 21.90
CA GLY A 320 -43.95 22.17 22.64
C GLY A 320 -44.25 23.60 22.28
N THR A 321 -45.51 24.00 22.49
CA THR A 321 -45.97 25.34 22.14
C THR A 321 -46.74 25.96 23.31
N GLU A 322 -46.91 27.27 23.25
CA GLU A 322 -47.53 28.01 24.34
C GLU A 322 -48.23 29.24 23.78
N LYS A 323 -49.41 29.54 24.32
CA LYS A 323 -50.10 30.79 24.04
C LYS A 323 -49.87 31.75 25.20
N SER A 324 -49.06 32.78 24.97
CA SER A 324 -48.44 33.52 26.05
C SER A 324 -49.35 34.59 26.64
N ASP A 325 -49.73 35.59 25.85
CA ASP A 325 -50.29 36.83 26.39
C ASP A 325 -51.71 36.59 26.88
N ILE A 326 -52.66 36.31 25.99
CA ILE A 326 -54.00 35.88 26.36
C ILE A 326 -54.38 34.75 25.42
N PRO A 327 -54.86 33.61 25.91
CA PRO A 327 -55.28 32.53 25.00
C PRO A 327 -56.51 32.86 24.18
N ALA A 328 -57.35 33.79 24.64
CA ALA A 328 -58.50 34.21 23.86
C ALA A 328 -58.13 35.21 22.78
N LEU A 329 -57.46 36.30 23.15
CA LEU A 329 -56.91 37.26 22.20
C LEU A 329 -55.54 36.79 21.74
N ASN A 330 -55.48 36.07 20.63
CA ASN A 330 -54.28 35.34 20.22
C ASN A 330 -53.21 36.32 19.75
N ARG A 331 -52.62 37.04 20.70
CA ARG A 331 -51.67 38.09 20.41
C ARG A 331 -50.23 37.64 20.47
N ARG A 332 -49.97 36.43 20.97
CA ARG A 332 -48.60 35.97 21.15
C ARG A 332 -48.59 34.45 21.23
N MET A 333 -47.51 33.85 20.74
CA MET A 333 -47.32 32.41 20.76
C MET A 333 -45.84 32.12 20.75
N THR A 334 -45.43 31.06 21.44
CA THR A 334 -44.03 30.67 21.54
C THR A 334 -43.91 29.18 21.31
N VAL A 335 -43.04 28.77 20.38
CA VAL A 335 -42.69 27.38 20.17
C VAL A 335 -41.28 27.15 20.70
N GLY A 336 -40.98 25.91 21.08
CA GLY A 336 -39.68 25.61 21.63
C GLY A 336 -39.37 24.13 21.56
N MET A 337 -38.11 23.81 21.86
CA MET A 337 -37.62 22.43 21.82
C MET A 337 -36.53 22.27 22.88
N ASP A 338 -36.44 21.07 23.45
CA ASP A 338 -35.66 20.82 24.65
C ASP A 338 -34.94 19.48 24.52
N GLU A 339 -33.77 19.35 25.15
CA GLU A 339 -32.95 18.15 25.01
C GLU A 339 -32.02 17.99 26.20
N ILE A 340 -31.79 16.74 26.62
CA ILE A 340 -30.78 16.41 27.63
C ILE A 340 -29.82 15.41 26.99
N ILE A 341 -28.54 15.79 26.88
CA ILE A 341 -27.56 14.96 26.18
C ILE A 341 -26.17 15.30 26.71
N GLY A 342 -25.24 14.36 26.54
CA GLY A 342 -23.84 14.59 26.88
C GLY A 342 -22.89 13.89 25.92
N VAL A 343 -21.91 14.63 25.40
CA VAL A 343 -20.98 14.12 24.39
C VAL A 343 -19.56 14.26 24.94
N LYS A 344 -18.77 13.20 24.85
CA LYS A 344 -17.42 13.21 25.39
C LYS A 344 -16.56 12.23 24.62
N LYS A 345 -15.32 12.62 24.34
CA LYS A 345 -14.36 11.73 23.71
C LYS A 345 -13.92 10.65 24.68
N ALA A 346 -13.83 9.42 24.19
CA ALA A 346 -13.41 8.28 24.99
C ALA A 346 -11.96 8.44 25.43
N ALA A 347 -11.75 8.52 26.74
CA ALA A 347 -10.43 8.68 27.32
C ALA A 347 -10.28 7.73 28.48
N PHE A 348 -9.18 6.99 28.51
CA PHE A 348 -8.86 6.08 29.61
C PHE A 348 -7.38 6.23 29.94
N ASN A 349 -7.08 6.44 31.23
CA ASN A 349 -5.72 6.56 31.76
C ASN A 349 -4.95 7.69 31.08
N GLY A 350 -5.66 8.79 30.78
CA GLY A 350 -5.01 9.92 30.14
C GLY A 350 -4.61 9.71 28.71
N LYS A 351 -5.26 8.79 28.01
CA LYS A 351 -4.94 8.49 26.62
C LYS A 351 -6.21 8.44 25.79
N GLN A 352 -6.09 8.85 24.52
CA GLN A 352 -7.18 8.68 23.57
C GLN A 352 -7.44 7.21 23.32
N HIS A 353 -8.71 6.81 23.36
CA HIS A 353 -9.04 5.40 23.25
C HIS A 353 -8.97 4.95 21.79
N GLY A 354 -9.53 5.74 20.88
CA GLY A 354 -9.61 5.30 19.50
C GLY A 354 -9.40 6.35 18.43
N VAL A 355 -8.65 7.41 18.71
CA VAL A 355 -8.40 8.48 17.75
C VAL A 355 -6.90 8.59 17.54
N VAL A 356 -6.49 8.83 16.30
CA VAL A 356 -5.11 9.25 15.98
C VAL A 356 -5.20 10.61 15.29
N MET A 357 -4.72 11.65 15.96
CA MET A 357 -4.76 13.00 15.40
C MET A 357 -3.55 13.24 14.51
N GLY A 358 -3.76 13.91 13.39
CA GLY A 358 -2.70 14.21 12.46
C GLY A 358 -2.81 15.62 11.94
N PHE A 359 -1.66 16.30 11.90
CA PHE A 359 -1.60 17.70 11.50
C PHE A 359 -0.78 17.85 10.23
N PHE A 360 -1.41 18.38 9.18
CA PHE A 360 -0.76 18.57 7.89
C PHE A 360 -0.84 20.04 7.50
N GLY A 361 0.06 20.45 6.63
CA GLY A 361 0.09 21.84 6.19
C GLY A 361 -0.78 22.09 4.99
N ALA A 362 -1.98 22.61 5.21
CA ALA A 362 -2.92 22.92 4.14
C ALA A 362 -2.78 24.40 3.80
N ALA A 363 -2.32 24.69 2.58
CA ALA A 363 -2.04 26.06 2.18
C ALA A 363 -3.32 26.84 1.94
N GLY A 364 -4.32 26.20 1.38
CA GLY A 364 -5.59 26.86 1.12
C GLY A 364 -5.53 27.83 -0.04
N ASP A 365 -5.00 27.39 -1.18
CA ASP A 365 -4.94 28.23 -2.37
C ASP A 365 -6.21 28.07 -3.20
N MET B 1 -17.95 31.84 -83.86
CA MET B 1 -18.75 30.98 -84.72
C MET B 1 -19.51 31.79 -85.77
N ALA B 2 -20.07 31.08 -86.76
CA ALA B 2 -20.93 31.69 -87.75
C ALA B 2 -22.17 30.86 -88.04
N ASP B 3 -22.69 30.17 -87.03
CA ASP B 3 -24.05 29.67 -87.01
C ASP B 3 -24.96 30.80 -86.54
N PHE B 4 -26.16 30.42 -86.10
CA PHE B 4 -26.99 31.34 -85.34
C PHE B 4 -26.23 31.82 -84.11
N SER B 5 -25.83 33.09 -84.12
CA SER B 5 -24.98 33.66 -83.08
C SER B 5 -25.81 34.65 -82.27
N LEU B 6 -26.12 34.28 -81.04
CA LEU B 6 -27.00 35.10 -80.22
C LEU B 6 -26.17 36.14 -79.48
N ALA B 7 -26.81 37.24 -79.08
CA ALA B 7 -26.08 38.38 -78.56
C ALA B 7 -25.68 38.14 -77.11
N THR B 8 -24.70 38.92 -76.65
CA THR B 8 -24.22 38.78 -75.27
C THR B 8 -25.19 39.37 -74.27
N ALA B 9 -25.90 40.42 -74.69
CA ALA B 9 -26.89 41.08 -73.84
C ALA B 9 -28.29 40.51 -74.03
N SER B 10 -28.44 39.51 -74.89
CA SER B 10 -29.72 38.85 -75.11
C SER B 10 -29.80 37.47 -74.47
N GLN B 11 -28.81 37.08 -73.69
CA GLN B 11 -28.82 35.78 -73.03
C GLN B 11 -29.66 35.85 -71.77
N ARG B 12 -30.49 34.85 -71.57
CA ARG B 12 -31.44 34.79 -70.45
C ARG B 12 -30.68 34.66 -69.12
N LYS B 13 -31.36 34.97 -68.02
CA LYS B 13 -30.92 34.58 -66.69
C LYS B 13 -32.08 33.94 -65.95
N GLU B 14 -31.85 33.53 -64.71
CA GLU B 14 -32.91 32.95 -63.88
C GLU B 14 -32.61 33.22 -62.41
N TRP B 15 -33.66 33.56 -61.67
CA TRP B 15 -33.56 33.88 -60.25
C TRP B 15 -34.38 32.89 -59.45
N SER B 16 -33.78 32.31 -58.41
CA SER B 16 -34.44 31.27 -57.63
C SER B 16 -35.32 31.87 -56.54
N ASN B 17 -36.30 31.07 -56.10
CA ASN B 17 -37.28 31.50 -55.12
C ASN B 17 -36.89 31.06 -53.71
N LYS B 18 -36.01 30.08 -53.58
CA LYS B 18 -35.65 29.53 -52.28
C LYS B 18 -34.43 30.28 -51.75
N ALA B 19 -34.59 30.88 -50.57
CA ALA B 19 -33.54 31.71 -49.99
C ALA B 19 -32.91 31.01 -48.79
N HIS B 20 -31.68 31.40 -48.47
CA HIS B 20 -30.98 30.84 -47.33
C HIS B 20 -30.92 31.85 -46.19
N MET B 21 -30.77 31.34 -44.98
CA MET B 21 -30.69 32.17 -43.78
C MET B 21 -29.30 32.04 -43.17
N GLU B 22 -29.10 32.73 -42.05
CA GLU B 22 -27.89 32.60 -41.26
C GLU B 22 -28.17 31.78 -40.01
N TYR B 23 -27.25 30.88 -39.67
CA TYR B 23 -27.33 30.02 -38.50
C TYR B 23 -27.28 30.86 -37.22
N VAL B 24 -27.96 30.38 -36.17
CA VAL B 24 -28.22 31.18 -34.99
C VAL B 24 -27.64 30.55 -33.71
N ARG B 25 -27.58 29.21 -33.64
CA ARG B 25 -27.11 28.48 -32.46
C ARG B 25 -27.96 28.82 -31.23
N ARG B 26 -29.13 28.19 -31.16
CA ARG B 26 -30.35 28.56 -30.42
C ARG B 26 -30.05 29.07 -29.00
N SER B 27 -29.57 28.21 -28.10
CA SER B 27 -29.29 28.59 -26.71
C SER B 27 -28.57 27.46 -26.00
N ARG B 28 -27.57 27.81 -25.19
CA ARG B 28 -26.94 26.86 -24.31
C ARG B 28 -27.51 26.91 -22.89
N PHE B 29 -28.41 27.86 -22.62
CA PHE B 29 -29.09 27.94 -21.33
C PHE B 29 -30.48 27.34 -21.37
N ALA B 30 -30.84 26.67 -22.46
CA ALA B 30 -32.22 26.23 -22.65
C ALA B 30 -32.69 25.06 -21.78
N PRO B 31 -31.90 24.02 -21.45
CA PRO B 31 -32.42 23.00 -20.53
C PRO B 31 -32.49 23.42 -19.08
N TYR B 32 -32.13 24.65 -18.73
CA TYR B 32 -31.95 25.08 -17.35
C TYR B 32 -32.96 26.14 -16.93
N ILE B 33 -33.84 26.55 -17.83
CA ILE B 33 -34.85 27.56 -17.54
C ILE B 33 -36.17 26.84 -17.35
N ARG B 34 -36.59 26.69 -16.10
CA ARG B 34 -37.85 26.05 -15.76
C ARG B 34 -38.63 26.97 -14.84
N ASN B 35 -39.78 26.50 -14.37
CA ASN B 35 -40.60 27.24 -13.41
C ASN B 35 -40.69 26.56 -12.06
N THR B 36 -39.98 25.46 -11.84
CA THR B 36 -40.04 24.75 -10.58
C THR B 36 -39.05 25.36 -9.59
N GLU B 37 -38.90 24.72 -8.44
CA GLU B 37 -38.05 25.26 -7.38
C GLU B 37 -36.63 24.74 -7.43
N ASN B 38 -36.39 23.62 -8.12
CA ASN B 38 -35.07 23.02 -8.19
C ASN B 38 -34.38 23.31 -9.52
N SER B 39 -34.64 24.48 -10.09
CA SER B 39 -34.04 24.87 -11.35
C SER B 39 -33.02 25.97 -11.13
N ILE B 40 -32.07 26.08 -12.06
CA ILE B 40 -31.01 27.06 -11.90
C ILE B 40 -31.53 28.46 -12.20
N PHE B 41 -32.16 28.64 -13.34
CA PHE B 41 -32.75 29.92 -13.73
C PHE B 41 -34.26 29.76 -13.57
N GLN B 42 -34.82 30.40 -12.55
CA GLN B 42 -36.20 30.16 -12.17
C GLN B 42 -37.11 31.28 -12.70
N GLY B 43 -38.25 30.89 -13.24
CA GLY B 43 -39.21 31.84 -13.79
C GLY B 43 -40.41 32.02 -12.88
N TYR B 44 -41.02 33.20 -12.97
CA TYR B 44 -42.20 33.54 -12.18
C TYR B 44 -43.31 34.08 -13.06
N SER B 45 -44.46 33.42 -13.06
CA SER B 45 -45.61 33.84 -13.84
C SER B 45 -46.62 34.59 -12.99
N ASP B 46 -46.18 35.27 -11.92
CA ASP B 46 -47.11 35.98 -11.05
C ASP B 46 -47.55 37.30 -11.65
N LEU B 47 -46.73 37.93 -12.48
CA LEU B 47 -47.13 39.15 -13.17
C LEU B 47 -47.77 38.87 -14.51
N GLU B 48 -47.71 37.62 -14.98
CA GLU B 48 -48.48 37.21 -16.15
C GLU B 48 -49.96 37.15 -15.82
N LYS B 49 -50.27 36.93 -14.55
CA LYS B 49 -51.58 37.17 -13.96
C LYS B 49 -51.76 38.66 -13.66
N ARG B 50 -52.74 38.97 -12.80
CA ARG B 50 -53.63 40.15 -12.81
C ARG B 50 -52.93 41.45 -13.19
N ALA B 51 -51.96 41.95 -12.41
CA ALA B 51 -51.28 43.20 -12.72
C ALA B 51 -50.02 43.32 -11.89
N GLY B 52 -49.18 44.30 -12.24
CA GLY B 52 -48.00 44.57 -11.43
C GLY B 52 -46.90 45.23 -12.23
N ASP B 53 -45.86 45.65 -11.50
CA ASP B 53 -44.68 46.26 -12.07
C ASP B 53 -43.39 45.60 -11.60
N THR B 54 -43.29 45.19 -10.34
CA THR B 54 -42.11 44.50 -9.84
C THR B 54 -42.57 43.35 -8.97
N LEU B 55 -41.62 42.52 -8.54
CA LEU B 55 -41.96 41.31 -7.80
C LEU B 55 -40.90 41.08 -6.73
N ASN B 56 -41.32 41.03 -5.47
CA ASN B 56 -40.42 40.87 -4.34
C ASN B 56 -40.45 39.44 -3.83
N ILE B 57 -39.27 38.89 -3.54
CA ILE B 57 -39.13 37.49 -3.13
C ILE B 57 -38.43 37.46 -1.78
N PRO B 58 -38.95 36.73 -0.78
CA PRO B 58 -38.31 36.68 0.54
C PRO B 58 -37.32 35.53 0.71
N LEU B 59 -36.57 35.59 1.82
CA LEU B 59 -35.58 34.58 2.18
C LEU B 59 -35.48 34.51 3.69
N PHE B 60 -35.40 33.29 4.23
CA PHE B 60 -35.11 33.07 5.64
C PHE B 60 -33.76 32.40 5.81
N TYR B 61 -32.95 32.90 6.73
CA TYR B 61 -31.66 32.28 7.03
C TYR B 61 -31.81 31.09 7.95
N LYS B 62 -30.66 30.66 8.48
CA LYS B 62 -30.53 29.54 9.40
C LYS B 62 -30.60 30.13 10.82
N LEU B 63 -30.29 29.32 11.82
CA LEU B 63 -30.42 29.73 13.20
C LEU B 63 -29.06 29.68 13.90
N GLY B 64 -28.83 30.60 14.83
CA GLY B 64 -27.46 31.06 15.11
C GLY B 64 -26.75 30.93 16.45
N GLY B 65 -27.43 30.75 17.57
CA GLY B 65 -26.87 31.16 18.86
C GLY B 65 -25.98 30.13 19.56
N ALA B 66 -26.37 29.70 20.85
CA ALA B 66 -25.75 28.69 21.75
C ALA B 66 -26.76 27.86 22.54
N PRO B 67 -26.53 26.55 22.71
CA PRO B 67 -27.52 25.73 23.41
C PRO B 67 -27.51 26.02 24.91
N VAL B 68 -28.71 26.31 25.43
CA VAL B 68 -28.84 27.04 26.69
C VAL B 68 -28.52 26.07 27.82
N THR B 69 -27.26 26.09 28.24
CA THR B 69 -26.66 24.95 28.94
C THR B 69 -27.03 24.96 30.42
N GLY B 70 -27.55 23.83 30.89
CA GLY B 70 -27.62 23.55 32.31
C GLY B 70 -28.93 23.90 33.00
N ASP B 71 -29.29 25.17 32.97
CA ASP B 71 -30.30 25.73 33.86
C ASP B 71 -31.30 26.64 33.17
N THR B 72 -30.92 27.15 32.03
CA THR B 72 -31.57 28.31 31.43
C THR B 72 -32.96 28.00 30.88
N PRO B 73 -33.85 28.99 30.85
CA PRO B 73 -35.24 28.75 30.44
C PRO B 73 -35.38 28.43 28.95
N ILE B 74 -36.64 28.26 28.55
CA ILE B 74 -37.01 28.51 27.16
C ILE B 74 -38.00 29.68 27.13
N VAL B 75 -37.83 30.62 28.07
CA VAL B 75 -38.64 31.84 28.10
C VAL B 75 -37.76 33.04 28.44
N GLY B 76 -36.55 32.80 28.89
CA GLY B 76 -35.75 33.94 29.25
C GLY B 76 -35.04 34.56 28.08
N ASN B 77 -34.18 33.77 27.40
CA ASN B 77 -33.06 34.20 26.55
C ASN B 77 -33.10 34.39 25.01
N GLU B 78 -34.02 35.21 24.41
CA GLU B 78 -34.45 35.29 22.97
C GLU B 78 -33.42 35.29 21.83
N THR B 79 -33.88 34.74 20.65
CA THR B 79 -33.44 34.79 19.25
C THR B 79 -34.38 35.56 18.33
N PRO B 80 -33.83 36.28 17.36
CA PRO B 80 -34.58 36.61 16.15
C PRO B 80 -34.33 35.59 15.05
N LEU B 81 -35.23 35.59 14.06
CA LEU B 81 -35.04 34.82 12.85
C LEU B 81 -34.81 35.78 11.68
N ASP B 82 -33.74 35.57 10.93
CA ASP B 82 -33.33 36.53 9.91
C ASP B 82 -34.20 36.42 8.66
N ASN B 83 -34.35 37.55 7.96
CA ASN B 83 -35.33 37.68 6.90
C ASN B 83 -34.88 38.78 5.96
N TYR B 84 -34.95 38.51 4.65
CA TYR B 84 -34.47 39.47 3.65
C TYR B 84 -35.37 39.43 2.42
N ASN B 85 -35.10 40.33 1.48
CA ASN B 85 -35.96 40.56 0.33
C ASN B 85 -35.11 40.68 -0.94
N CYS B 86 -35.74 40.47 -2.09
CA CYS B 86 -35.12 40.74 -3.40
C CYS B 86 -36.22 41.07 -4.38
N GLY B 87 -36.14 42.21 -5.05
CA GLY B 87 -37.16 42.67 -5.97
C GLY B 87 -36.63 42.79 -7.39
N VAL B 88 -37.39 42.24 -8.33
CA VAL B 88 -37.00 42.22 -9.74
C VAL B 88 -37.89 43.21 -10.50
N PRO B 89 -37.33 44.21 -11.16
CA PRO B 89 -38.15 45.13 -11.96
C PRO B 89 -38.33 44.64 -13.38
N VAL B 90 -39.46 45.04 -13.97
CA VAL B 90 -39.95 44.49 -15.23
C VAL B 90 -40.21 45.65 -16.19
N ALA B 91 -39.78 45.50 -17.45
CA ALA B 91 -39.90 46.56 -18.45
C ALA B 91 -40.38 46.03 -19.79
N LEU B 92 -40.99 46.92 -20.58
CA LEU B 92 -41.45 46.65 -21.95
C LEU B 92 -40.26 46.70 -22.88
N ARG B 93 -40.32 45.96 -23.99
CA ARG B 93 -39.29 45.99 -25.03
C ARG B 93 -39.80 45.35 -26.32
N GLY B 94 -39.28 45.80 -27.46
CA GLY B 94 -39.74 45.28 -28.74
C GLY B 94 -38.83 45.62 -29.90
N LYS B 95 -39.34 45.34 -31.11
CA LYS B 95 -38.58 45.37 -32.36
C LYS B 95 -39.52 45.22 -33.54
N GLY B 96 -39.26 45.93 -34.64
CA GLY B 96 -40.10 45.85 -35.82
C GLY B 96 -39.32 46.02 -37.11
N VAL B 97 -39.93 45.56 -38.22
CA VAL B 97 -39.33 45.54 -39.55
C VAL B 97 -40.37 46.01 -40.58
N ALA B 98 -39.97 46.92 -41.47
CA ALA B 98 -40.84 47.46 -42.51
C ALA B 98 -40.56 46.85 -43.88
N ILE B 99 -41.59 46.78 -44.72
CA ILE B 99 -41.50 46.26 -46.09
C ILE B 99 -42.30 47.18 -47.00
N THR B 100 -41.65 47.75 -48.00
CA THR B 100 -42.28 48.67 -48.94
C THR B 100 -42.83 47.93 -50.14
N LYS B 101 -43.17 48.68 -51.19
CA LYS B 101 -43.53 48.13 -52.49
C LYS B 101 -42.54 48.52 -53.58
N ASN B 102 -41.80 49.62 -53.39
CA ASN B 102 -40.74 50.02 -54.31
C ASN B 102 -39.63 48.97 -54.38
N GLN B 103 -39.37 48.26 -53.28
CA GLN B 103 -38.36 47.22 -53.24
C GLN B 103 -38.94 45.82 -53.31
N THR B 104 -40.18 45.67 -53.78
CA THR B 104 -40.88 44.39 -53.70
C THR B 104 -41.32 43.86 -55.05
N PHE B 105 -41.69 44.72 -56.00
CA PHE B 105 -42.04 44.24 -57.34
C PHE B 105 -40.82 43.76 -58.11
N ARG B 106 -39.62 44.13 -57.68
CA ARG B 106 -38.38 43.77 -58.36
C ARG B 106 -37.93 42.35 -58.06
N THR B 107 -38.54 41.69 -57.08
CA THR B 107 -38.16 40.33 -56.68
C THR B 107 -39.38 39.43 -56.75
N GLU B 108 -39.16 38.15 -56.45
CA GLU B 108 -40.21 37.15 -56.38
C GLU B 108 -40.20 36.45 -55.04
N ILE B 109 -39.10 36.54 -54.29
CA ILE B 109 -39.00 35.94 -52.97
C ILE B 109 -39.83 36.74 -51.97
N ASP B 110 -40.47 36.03 -51.05
CA ASP B 110 -41.34 36.66 -50.06
C ASP B 110 -40.51 37.27 -48.94
N VAL B 111 -40.46 38.61 -48.91
CA VAL B 111 -39.69 39.30 -47.88
C VAL B 111 -40.50 39.34 -46.58
N MET B 112 -41.83 39.20 -46.68
CA MET B 112 -42.68 39.24 -45.49
C MET B 112 -42.44 38.05 -44.58
N ASN B 113 -42.44 36.84 -45.14
CA ASN B 113 -42.24 35.65 -44.33
C ASN B 113 -40.81 35.52 -43.85
N ALA B 114 -39.85 36.06 -44.61
CA ALA B 114 -38.46 36.05 -44.18
C ALA B 114 -38.21 37.05 -43.06
N ALA B 115 -39.03 38.09 -42.95
CA ALA B 115 -38.89 39.06 -41.88
C ALA B 115 -39.65 38.69 -40.62
N LYS B 116 -40.62 37.78 -40.72
CA LYS B 116 -41.34 37.31 -39.55
C LYS B 116 -40.64 36.14 -38.88
N GLN B 117 -39.95 35.30 -39.65
CA GLN B 117 -39.19 34.20 -39.07
C GLN B 117 -37.93 34.70 -38.38
N SER B 118 -37.27 35.70 -38.96
CA SER B 118 -36.08 36.28 -38.37
C SER B 118 -36.38 37.22 -37.22
N LEU B 119 -37.65 37.42 -36.89
CA LEU B 119 -38.04 38.28 -35.79
C LEU B 119 -38.42 37.49 -34.55
N THR B 120 -38.97 36.29 -34.71
CA THR B 120 -39.12 35.37 -33.59
C THR B 120 -37.78 34.84 -33.12
N ARG B 121 -36.81 34.81 -34.02
CA ARG B 121 -35.50 34.23 -33.76
C ARG B 121 -34.53 35.25 -33.18
N TYR B 122 -34.94 36.53 -33.13
CA TYR B 122 -34.15 37.58 -32.50
C TYR B 122 -34.48 37.72 -31.02
N PHE B 123 -35.72 37.46 -30.64
CA PHE B 123 -36.11 37.47 -29.23
C PHE B 123 -35.72 36.19 -28.49
N GLY B 124 -35.04 35.26 -29.17
CA GLY B 124 -34.41 34.15 -28.48
C GLY B 124 -32.96 34.45 -28.16
N GLU B 125 -32.27 35.14 -29.07
CA GLU B 125 -30.93 35.64 -28.79
C GLU B 125 -30.95 36.78 -27.78
N LEU B 126 -32.06 37.48 -27.68
CA LEU B 126 -32.17 38.59 -26.74
C LEU B 126 -32.36 38.12 -25.32
N LEU B 127 -32.81 36.88 -25.13
CA LEU B 127 -33.00 36.35 -23.78
C LEU B 127 -31.70 35.87 -23.17
N ARG B 128 -30.87 35.14 -23.92
CA ARG B 128 -29.63 34.66 -23.31
C ARG B 128 -28.55 35.72 -23.32
N ASP B 129 -28.76 36.82 -24.03
CA ASP B 129 -27.90 37.99 -23.88
C ASP B 129 -28.18 38.74 -22.58
N ASP B 130 -29.35 38.50 -21.97
CA ASP B 130 -29.66 39.08 -20.67
C ASP B 130 -29.24 38.20 -19.51
N ILE B 131 -29.15 36.88 -19.72
CA ILE B 131 -28.70 35.99 -18.65
C ILE B 131 -27.18 36.10 -18.49
N ILE B 132 -26.45 36.27 -19.60
CA ILE B 132 -25.00 36.49 -19.51
C ILE B 132 -24.71 37.83 -18.86
N GLU B 133 -25.55 38.83 -19.11
CA GLU B 133 -25.36 40.13 -18.47
C GLU B 133 -25.75 40.09 -17.01
N ALA B 134 -26.70 39.21 -16.63
CA ALA B 134 -27.10 39.10 -15.24
C ALA B 134 -26.08 38.34 -14.40
N LEU B 135 -25.42 37.34 -14.99
CA LEU B 135 -24.41 36.59 -14.24
C LEU B 135 -23.18 37.44 -13.96
N GLY B 136 -22.86 38.39 -14.83
CA GLY B 136 -21.73 39.25 -14.60
C GLY B 136 -22.10 40.56 -13.94
N SER B 137 -23.15 40.56 -13.13
CA SER B 137 -23.59 41.76 -12.44
C SER B 137 -22.71 42.04 -11.23
N VAL B 138 -22.95 43.18 -10.60
CA VAL B 138 -22.23 43.62 -9.41
C VAL B 138 -23.25 43.96 -8.35
N VAL B 139 -23.26 43.20 -7.25
CA VAL B 139 -24.21 43.39 -6.17
C VAL B 139 -23.60 44.41 -5.20
N THR B 140 -24.15 45.62 -5.18
CA THR B 140 -23.55 46.66 -4.36
C THR B 140 -23.91 46.50 -2.89
N THR B 141 -25.19 46.72 -2.56
CA THR B 141 -25.72 46.65 -1.19
C THR B 141 -27.20 46.33 -1.19
N GLY B 142 -27.57 45.08 -0.93
CA GLY B 142 -28.97 44.75 -0.71
C GLY B 142 -29.90 44.95 -1.88
N ASP B 143 -29.82 44.05 -2.88
CA ASP B 143 -30.64 43.99 -4.10
C ASP B 143 -30.25 45.05 -5.12
N THR B 144 -29.10 45.70 -4.93
CA THR B 144 -28.66 46.72 -5.86
C THR B 144 -27.65 46.07 -6.79
N THR B 145 -28.15 45.50 -7.88
CA THR B 145 -27.32 44.86 -8.89
C THR B 145 -27.09 45.84 -10.05
N VAL B 146 -25.83 46.22 -10.23
CA VAL B 146 -25.42 47.10 -11.32
C VAL B 146 -24.66 46.24 -12.33
N ASN B 147 -24.89 46.49 -13.62
CA ASN B 147 -24.15 45.78 -14.65
C ASN B 147 -22.68 46.15 -14.61
N TYR B 148 -21.84 45.26 -15.14
CA TYR B 148 -20.40 45.40 -14.98
C TYR B 148 -19.85 46.57 -15.80
N GLY B 149 -20.47 46.88 -16.94
CA GLY B 149 -19.99 47.98 -17.75
C GLY B 149 -20.33 49.33 -17.16
N SER B 150 -21.53 49.46 -16.59
CA SER B 150 -22.00 50.72 -16.04
C SER B 150 -21.76 50.82 -14.53
N ALA B 151 -20.78 50.10 -14.01
CA ALA B 151 -20.44 50.18 -12.59
C ALA B 151 -19.20 51.03 -12.40
N SER B 152 -19.13 51.72 -11.28
CA SER B 152 -18.00 52.57 -10.96
C SER B 152 -16.92 51.75 -10.27
N ALA B 153 -15.81 52.42 -9.94
CA ALA B 153 -14.74 51.74 -9.21
C ALA B 153 -15.11 51.53 -7.75
N ALA B 154 -16.01 52.35 -7.21
CA ALA B 154 -16.43 52.20 -5.83
C ALA B 154 -17.53 51.15 -5.68
N ASN B 155 -18.29 50.90 -6.74
CA ASN B 155 -19.29 49.84 -6.70
C ASN B 155 -18.65 48.47 -6.80
N ARG B 156 -17.48 48.38 -7.44
CA ARG B 156 -16.78 47.11 -7.55
C ARG B 156 -15.97 46.80 -6.31
N ASN B 157 -15.46 47.83 -5.62
CA ASN B 157 -14.72 47.61 -4.38
C ASN B 157 -15.65 47.25 -3.22
N ALA B 158 -16.94 47.55 -3.34
CA ALA B 158 -17.91 47.13 -2.34
C ALA B 158 -18.49 45.77 -2.62
N PHE B 159 -18.38 45.28 -3.87
CA PHE B 159 -18.77 43.92 -4.19
C PHE B 159 -17.75 42.93 -3.67
N SER B 160 -16.46 43.24 -3.80
CA SER B 160 -15.47 42.58 -2.97
C SER B 160 -15.55 43.11 -1.54
N ALA B 161 -14.97 42.36 -0.60
CA ALA B 161 -15.10 42.56 0.85
C ALA B 161 -16.55 42.52 1.33
N ALA B 162 -17.42 41.89 0.54
CA ALA B 162 -18.76 41.49 0.92
C ALA B 162 -18.99 40.05 0.51
N ASN B 163 -18.28 39.59 -0.53
CA ASN B 163 -18.25 38.20 -0.94
C ASN B 163 -16.81 37.68 -0.95
N PRO B 164 -16.21 37.39 0.21
CA PRO B 164 -14.86 36.81 0.19
C PRO B 164 -14.85 35.30 0.03
N ASP B 165 -15.98 34.65 0.24
CA ASP B 165 -16.08 33.20 0.10
C ASP B 165 -16.75 32.77 -1.19
N ARG B 166 -17.02 33.71 -2.10
CA ARG B 166 -17.70 33.42 -3.35
C ARG B 166 -16.97 33.97 -4.56
N LEU B 167 -15.95 34.79 -4.36
CA LEU B 167 -15.11 35.29 -5.42
C LEU B 167 -13.78 34.54 -5.40
N PHE B 168 -13.48 33.87 -6.50
CA PHE B 168 -12.23 33.13 -6.62
C PHE B 168 -11.38 33.77 -7.71
N PHE B 169 -10.33 34.47 -7.33
CA PHE B 169 -9.35 34.98 -8.28
C PHE B 169 -8.39 33.86 -8.66
N GLY B 170 -7.23 34.23 -9.21
CA GLY B 170 -6.23 33.27 -9.64
C GLY B 170 -5.82 32.20 -8.64
N SER B 171 -5.80 32.58 -7.36
CA SER B 171 -5.73 31.62 -6.26
C SER B 171 -6.37 32.29 -5.05
N ILE B 172 -6.46 31.54 -3.94
CA ILE B 172 -7.01 32.12 -2.72
C ILE B 172 -5.99 33.04 -2.06
N SER B 173 -4.70 32.82 -2.34
CA SER B 173 -3.65 33.74 -1.91
C SER B 173 -3.57 34.99 -2.77
N GLY B 174 -4.51 35.19 -3.70
CA GLY B 174 -4.59 36.38 -4.51
C GLY B 174 -5.86 37.16 -4.33
N TYR B 175 -6.63 36.88 -3.28
CA TYR B 175 -7.82 37.66 -2.98
C TYR B 175 -7.41 39.03 -2.45
N SER B 176 -8.19 40.05 -2.83
CA SER B 176 -7.99 41.40 -2.34
C SER B 176 -9.34 42.07 -2.15
N ALA B 177 -9.37 43.05 -1.25
CA ALA B 177 -10.60 43.76 -0.97
C ALA B 177 -10.95 44.76 -2.07
N THR B 178 -9.96 45.20 -2.85
CA THR B 178 -10.20 46.07 -3.99
C THR B 178 -10.24 45.24 -5.26
N TRP B 179 -11.11 45.63 -6.19
CA TRP B 179 -11.40 44.81 -7.36
C TRP B 179 -10.26 44.85 -8.37
N ALA B 180 -9.65 46.01 -8.57
CA ALA B 180 -8.63 46.15 -9.60
C ALA B 180 -7.33 45.46 -9.21
N THR B 181 -7.04 45.37 -7.91
CA THR B 181 -5.87 44.63 -7.46
C THR B 181 -6.10 43.13 -7.51
N GLY B 182 -7.33 42.69 -7.24
CA GLY B 182 -7.64 41.28 -7.28
C GLY B 182 -7.57 40.68 -8.68
N LEU B 183 -7.92 41.46 -9.69
CA LEU B 183 -7.73 41.02 -11.07
C LEU B 183 -6.29 41.17 -11.53
N GLY B 184 -5.43 41.84 -10.77
CA GLY B 184 -4.04 41.91 -11.10
C GLY B 184 -3.21 40.81 -10.48
N ASN B 185 -3.84 39.87 -9.77
CA ASN B 185 -3.15 38.77 -9.13
C ASN B 185 -3.30 37.45 -9.88
N VAL B 186 -4.06 37.44 -10.97
CA VAL B 186 -4.21 36.24 -11.77
C VAL B 186 -3.23 36.26 -12.93
N ASP B 187 -2.36 35.26 -12.98
CA ASP B 187 -1.27 35.21 -13.94
C ASP B 187 -1.79 34.67 -15.27
N ALA B 188 -0.91 34.72 -16.28
CA ALA B 188 -1.21 34.06 -17.53
C ALA B 188 -0.91 32.57 -17.48
N ALA B 189 -0.14 32.13 -16.49
CA ALA B 189 0.18 30.73 -16.30
C ALA B 189 -0.77 30.03 -15.33
N GLU B 190 -1.72 30.76 -14.77
CA GLU B 190 -2.72 30.20 -13.88
C GLU B 190 -3.98 29.84 -14.67
N THR B 191 -3.85 28.89 -15.58
CA THR B 191 -4.91 28.52 -16.49
C THR B 191 -5.93 27.63 -15.80
N CYS B 192 -6.95 27.24 -16.54
CA CYS B 192 -8.07 26.48 -15.99
C CYS B 192 -7.83 24.99 -16.17
N THR B 193 -7.23 24.38 -15.16
CA THR B 193 -7.07 22.93 -15.12
C THR B 193 -8.21 22.33 -14.28
N ALA B 194 -8.25 21.01 -14.22
CA ALA B 194 -9.31 20.34 -13.46
C ALA B 194 -9.04 20.30 -11.97
N ALA B 195 -7.86 20.73 -11.53
CA ALA B 195 -7.55 20.77 -10.10
C ALA B 195 -7.92 22.11 -9.47
N ARG B 196 -8.16 23.13 -10.28
CA ARG B 196 -8.56 24.45 -9.80
C ARG B 196 -10.06 24.67 -9.85
N VAL B 197 -10.78 23.94 -10.69
CA VAL B 197 -12.23 24.02 -10.66
C VAL B 197 -12.76 23.24 -9.46
N GLY B 198 -12.01 22.25 -8.98
CA GLY B 198 -12.36 21.59 -7.74
C GLY B 198 -12.21 22.47 -6.52
N VAL B 199 -11.41 23.54 -6.62
CA VAL B 199 -11.33 24.52 -5.55
C VAL B 199 -12.60 25.34 -5.49
N MET B 200 -13.17 25.68 -6.65
CA MET B 200 -14.41 26.44 -6.70
C MET B 200 -15.60 25.63 -6.19
N LYS B 201 -15.58 24.30 -6.39
CA LYS B 201 -16.64 23.47 -5.81
C LYS B 201 -16.50 23.40 -4.30
N ARG B 202 -15.28 23.50 -3.79
CA ARG B 202 -15.06 23.51 -2.36
C ARG B 202 -15.53 24.80 -1.71
N LEU B 203 -15.36 25.94 -2.40
CA LEU B 203 -15.91 27.20 -1.89
C LEU B 203 -17.42 27.20 -1.89
N ALA B 204 -18.04 26.46 -2.81
CA ALA B 204 -19.50 26.40 -2.86
C ALA B 204 -20.08 25.47 -1.81
N MET B 205 -19.28 24.61 -1.20
CA MET B 205 -19.77 23.72 -0.15
C MET B 205 -19.47 24.22 1.24
N SER B 206 -18.74 25.33 1.37
CA SER B 206 -18.43 25.91 2.68
C SER B 206 -18.69 27.41 2.67
N ALA B 207 -19.79 27.84 2.06
CA ALA B 207 -20.17 29.24 2.05
C ALA B 207 -21.00 29.52 3.30
N SER B 208 -20.92 30.76 3.80
CA SER B 208 -21.47 31.05 5.12
C SER B 208 -23.00 31.16 5.08
N PRO B 209 -23.63 31.77 4.06
CA PRO B 209 -24.93 31.26 3.63
C PRO B 209 -24.74 30.20 2.56
N ALA B 210 -25.34 29.04 2.75
CA ALA B 210 -25.02 27.88 1.93
C ALA B 210 -25.67 27.98 0.57
N ILE B 211 -24.95 27.51 -0.45
CA ILE B 211 -25.43 27.48 -1.82
C ILE B 211 -26.09 26.13 -2.06
N THR B 212 -27.33 26.15 -2.51
CA THR B 212 -28.07 24.91 -2.74
C THR B 212 -27.56 24.22 -3.99
N PRO B 213 -27.11 22.98 -3.91
CA PRO B 213 -26.67 22.27 -5.10
C PRO B 213 -27.85 21.82 -5.95
N MET B 214 -27.53 21.46 -7.20
CA MET B 214 -28.56 21.12 -8.16
C MET B 214 -29.19 19.76 -7.86
N GLN B 215 -28.39 18.80 -7.41
CA GLN B 215 -28.88 17.48 -7.09
C GLN B 215 -28.11 16.93 -5.89
N VAL B 216 -28.83 16.36 -4.93
CA VAL B 216 -28.26 15.88 -3.69
C VAL B 216 -28.48 14.37 -3.60
N ASP B 217 -27.44 13.64 -3.19
CA ASP B 217 -27.57 12.25 -2.76
C ASP B 217 -27.06 12.20 -1.32
N ASP B 218 -27.98 11.96 -0.37
CA ASP B 218 -27.64 12.05 1.05
C ASP B 218 -26.69 10.93 1.48
N ASP B 219 -27.04 9.69 1.18
CA ASP B 219 -26.08 8.61 1.28
C ASP B 219 -25.04 8.77 0.18
N GLU B 220 -23.85 8.18 0.42
CA GLU B 220 -22.64 8.24 -0.43
C GLU B 220 -22.36 9.65 -0.98
N GLY B 221 -22.36 10.62 -0.07
CA GLY B 221 -22.68 12.03 -0.30
C GLY B 221 -22.24 12.73 -1.59
N ARG B 222 -23.23 13.13 -2.38
CA ARG B 222 -23.01 13.69 -3.71
C ARG B 222 -23.71 15.03 -3.80
N GLU B 223 -22.99 16.04 -4.29
CA GLU B 223 -23.54 17.35 -4.54
C GLU B 223 -23.09 17.81 -5.92
N TYR B 224 -24.05 18.19 -6.76
CA TYR B 224 -23.80 18.47 -8.16
C TYR B 224 -23.95 19.96 -8.45
N PHE B 225 -23.10 20.47 -9.35
CA PHE B 225 -23.12 21.86 -9.75
C PHE B 225 -22.93 21.93 -11.26
N VAL B 226 -23.15 23.12 -11.82
CA VAL B 226 -23.01 23.37 -13.24
C VAL B 226 -22.11 24.58 -13.43
N ALA B 227 -21.06 24.42 -14.24
CA ALA B 227 -20.14 25.50 -14.56
C ALA B 227 -20.30 25.90 -16.02
N PHE B 228 -20.40 27.20 -16.29
CA PHE B 228 -20.58 27.71 -17.63
C PHE B 228 -19.29 28.36 -18.09
N HIS B 229 -18.62 27.74 -19.06
CA HIS B 229 -17.36 28.23 -19.58
C HIS B 229 -17.60 29.09 -20.82
N GLY B 230 -16.56 29.81 -21.23
CA GLY B 230 -16.65 30.66 -22.39
C GLY B 230 -15.66 30.32 -23.48
N SER B 231 -15.40 29.02 -23.65
CA SER B 231 -14.70 28.38 -24.77
C SER B 231 -13.20 28.64 -24.81
N ARG B 232 -12.67 29.60 -24.06
CA ARG B 232 -11.23 29.75 -23.96
C ARG B 232 -10.68 29.22 -22.65
N THR B 233 -11.54 29.05 -21.66
CA THR B 233 -11.23 28.22 -20.51
C THR B 233 -11.78 26.81 -20.65
N PHE B 234 -12.58 26.56 -21.70
CA PHE B 234 -13.13 25.23 -21.91
C PHE B 234 -12.19 24.35 -22.70
N ARG B 235 -11.32 24.94 -23.53
CA ARG B 235 -10.34 24.14 -24.26
C ARG B 235 -9.12 23.83 -23.40
N ASP B 236 -8.85 24.65 -22.39
CA ASP B 236 -7.78 24.36 -21.44
C ASP B 236 -8.21 23.32 -20.42
N LEU B 237 -9.51 23.12 -20.24
CA LEU B 237 -10.04 22.19 -19.27
C LEU B 237 -10.12 20.78 -19.84
N LYS B 238 -10.43 20.64 -21.13
CA LYS B 238 -10.55 19.34 -21.77
C LYS B 238 -9.30 18.97 -22.56
N GLY B 239 -8.26 19.80 -22.49
CA GLY B 239 -7.09 19.55 -23.30
C GLY B 239 -5.79 19.52 -22.51
N ASP B 240 -5.89 19.48 -21.18
CA ASP B 240 -4.71 19.40 -20.35
C ASP B 240 -4.08 18.01 -20.45
N THR B 241 -2.80 17.93 -20.10
CA THR B 241 -2.03 16.69 -20.27
C THR B 241 -2.51 15.60 -19.32
N ALA B 242 -2.72 15.94 -18.05
CA ALA B 242 -3.45 15.05 -17.16
C ALA B 242 -4.93 15.25 -17.35
N MET B 243 -5.73 14.47 -16.59
CA MET B 243 -7.20 14.59 -16.49
C MET B 243 -7.92 14.37 -17.83
N LEU B 244 -7.20 13.90 -18.85
CA LEU B 244 -7.70 13.63 -20.19
C LEU B 244 -7.83 12.14 -20.44
N ASN B 245 -7.05 11.33 -19.73
CA ASN B 245 -7.24 9.89 -19.66
C ASN B 245 -8.31 9.49 -18.65
N ALA B 246 -9.05 10.45 -18.10
CA ALA B 246 -10.21 10.14 -17.28
C ALA B 246 -11.42 9.79 -18.12
N ASN B 247 -11.55 10.34 -19.32
CA ASN B 247 -12.68 10.01 -20.17
C ASN B 247 -12.28 9.16 -21.38
N ARG B 248 -11.15 8.47 -21.32
CA ARG B 248 -10.88 7.36 -22.23
C ARG B 248 -10.51 6.08 -21.52
N GLU B 249 -10.27 6.11 -20.21
CA GLU B 249 -9.99 4.91 -19.45
C GLU B 249 -11.08 4.59 -18.43
N ALA B 250 -12.09 5.44 -18.31
CA ALA B 250 -13.20 5.19 -17.40
C ALA B 250 -14.55 5.26 -18.10
N ARG B 251 -14.58 5.54 -19.38
CA ARG B 251 -15.79 5.51 -20.18
C ARG B 251 -15.90 4.18 -20.87
N PRO B 252 -17.11 3.69 -21.15
CA PRO B 252 -17.24 2.44 -21.92
C PRO B 252 -16.77 2.61 -23.35
N ARG B 253 -16.35 1.50 -23.95
CA ARG B 253 -15.81 1.50 -25.31
C ARG B 253 -16.94 1.68 -26.31
N ASP B 254 -17.42 2.92 -26.43
CA ASP B 254 -18.52 3.27 -27.31
C ASP B 254 -18.17 4.57 -28.03
N VAL B 255 -18.46 4.62 -29.32
CA VAL B 255 -17.98 5.73 -30.15
C VAL B 255 -18.98 6.88 -30.13
N SER B 256 -20.27 6.56 -30.16
CA SER B 256 -21.30 7.59 -30.32
C SER B 256 -21.68 8.27 -29.03
N SER B 257 -21.03 7.94 -27.91
CA SER B 257 -21.34 8.56 -26.63
C SER B 257 -20.13 9.13 -25.92
N ASN B 258 -18.93 8.97 -26.48
CA ASN B 258 -17.73 9.44 -25.83
C ASN B 258 -17.48 10.90 -26.20
N PRO B 259 -17.38 11.81 -25.23
CA PRO B 259 -17.05 13.20 -25.55
C PRO B 259 -15.60 13.45 -25.91
N LEU B 260 -14.75 12.42 -25.94
CA LEU B 260 -13.40 12.58 -26.44
C LEU B 260 -13.38 12.59 -27.96
N LEU B 261 -14.19 11.74 -28.59
CA LEU B 261 -14.25 11.67 -30.04
C LEU B 261 -15.33 12.57 -30.61
N GLN B 262 -16.39 12.82 -29.84
CA GLN B 262 -17.52 13.63 -30.26
C GLN B 262 -17.83 14.59 -29.13
N ASP B 263 -17.24 15.79 -29.18
CA ASP B 263 -17.13 16.69 -28.03
C ASP B 263 -18.49 17.14 -27.52
N GLY B 264 -18.54 17.57 -26.26
CA GLY B 264 -19.78 18.03 -25.68
C GLY B 264 -19.53 18.58 -24.29
N ASP B 265 -20.50 18.47 -23.41
CA ASP B 265 -20.26 18.77 -22.02
C ASP B 265 -19.63 17.55 -21.35
N LEU B 266 -18.93 17.78 -20.25
CA LEU B 266 -18.19 16.71 -19.62
C LEU B 266 -18.24 16.85 -18.11
N ILE B 267 -18.49 15.72 -17.43
CA ILE B 267 -18.62 15.69 -15.98
C ILE B 267 -17.31 15.17 -15.39
N TYR B 268 -16.87 15.79 -14.30
CA TYR B 268 -15.65 15.39 -13.62
C TYR B 268 -15.72 15.89 -12.18
N GLU B 269 -15.59 14.98 -11.21
CA GLU B 269 -15.66 15.27 -9.76
C GLU B 269 -16.99 15.91 -9.38
N GLY B 270 -18.06 15.52 -10.07
CA GLY B 270 -19.40 15.91 -9.68
C GLY B 270 -19.91 17.21 -10.24
N VAL B 271 -19.11 17.93 -11.02
CA VAL B 271 -19.54 19.21 -11.60
C VAL B 271 -19.61 19.04 -13.12
N ILE B 272 -20.68 19.56 -13.71
CA ILE B 272 -20.93 19.47 -15.15
C ILE B 272 -20.42 20.73 -15.82
N HIS B 273 -19.62 20.57 -16.87
CA HIS B 273 -18.97 21.68 -17.53
C HIS B 273 -19.63 21.94 -18.87
N ARG B 274 -20.45 22.99 -18.94
CA ARG B 274 -21.19 23.34 -20.13
C ARG B 274 -20.52 24.51 -20.82
N GLU B 275 -20.44 24.46 -22.15
CA GLU B 275 -19.78 25.50 -22.93
C GLU B 275 -20.81 26.49 -23.46
N VAL B 276 -20.58 27.77 -23.21
CA VAL B 276 -21.38 28.85 -23.79
C VAL B 276 -20.43 29.73 -24.59
N PRO B 277 -20.49 29.72 -25.92
CA PRO B 277 -19.49 30.44 -26.72
C PRO B 277 -19.64 31.96 -26.70
N GLU B 278 -20.74 32.49 -26.18
CA GLU B 278 -21.00 33.92 -26.24
C GLU B 278 -20.49 34.67 -25.02
N ILE B 279 -19.75 34.00 -24.13
CA ILE B 279 -19.12 34.70 -23.03
C ILE B 279 -17.84 35.40 -23.49
N ASP B 280 -17.21 34.91 -24.57
CA ASP B 280 -16.10 35.65 -25.17
C ASP B 280 -16.56 36.96 -25.78
N ALA B 281 -17.75 37.00 -26.37
CA ALA B 281 -18.26 38.25 -26.92
C ALA B 281 -18.60 39.25 -25.84
N TRP B 282 -19.08 38.77 -24.69
CA TRP B 282 -19.37 39.65 -23.57
C TRP B 282 -18.09 40.17 -22.93
N ALA B 283 -17.17 39.26 -22.59
CA ALA B 283 -16.03 39.63 -21.75
C ALA B 283 -14.95 40.38 -22.52
N ALA B 284 -14.94 40.30 -23.85
CA ALA B 284 -13.97 41.09 -24.60
C ALA B 284 -14.36 42.56 -24.64
N ALA B 285 -15.66 42.86 -24.58
CA ALA B 285 -16.15 44.22 -24.62
C ALA B 285 -16.02 44.94 -23.29
N ASN B 286 -15.81 44.21 -22.20
CA ASN B 286 -15.70 44.80 -20.88
C ASN B 286 -14.25 44.92 -20.40
N GLY B 287 -13.29 44.62 -21.26
CA GLY B 287 -11.90 44.86 -20.93
C GLY B 287 -11.18 43.72 -20.25
N PHE B 288 -11.58 42.48 -20.49
CA PHE B 288 -10.88 41.33 -19.92
C PHE B 288 -9.75 40.83 -20.81
N ASN B 289 -9.58 41.39 -22.01
CA ASN B 289 -8.41 41.07 -22.82
C ASN B 289 -7.14 41.70 -22.28
N THR B 290 -7.28 42.68 -21.40
CA THR B 290 -6.18 43.20 -20.59
C THR B 290 -6.58 43.08 -19.13
N ALA B 291 -5.84 43.75 -18.24
CA ALA B 291 -6.07 43.80 -16.79
C ALA B 291 -5.96 42.41 -16.18
N GLY B 292 -4.81 41.79 -16.41
CA GLY B 292 -4.39 40.64 -15.63
C GLY B 292 -3.06 40.98 -15.00
N ALA B 293 -2.31 39.96 -14.62
CA ALA B 293 -0.95 40.19 -14.13
C ALA B 293 -0.04 40.43 -15.33
N GLY B 294 0.38 41.68 -15.50
CA GLY B 294 1.19 42.03 -16.66
C GLY B 294 0.39 42.19 -17.92
N SER B 295 -0.87 42.61 -17.80
CA SER B 295 -1.80 42.86 -18.91
C SER B 295 -2.00 41.60 -19.77
N ALA B 296 -2.41 40.53 -19.11
CA ALA B 296 -2.72 39.26 -19.76
C ALA B 296 -4.22 39.06 -19.86
N PRO B 297 -4.70 38.37 -20.89
CA PRO B 297 -6.14 38.12 -21.01
C PRO B 297 -6.64 37.13 -19.98
N ILE B 298 -7.76 37.46 -19.35
CA ILE B 298 -8.41 36.58 -18.39
C ILE B 298 -9.86 36.40 -18.81
N ARG B 299 -10.48 35.31 -18.36
CA ARG B 299 -11.88 35.03 -18.63
C ARG B 299 -12.57 34.58 -17.35
N PRO B 300 -13.87 34.87 -17.23
CA PRO B 300 -14.62 34.40 -16.07
C PRO B 300 -15.27 33.04 -16.28
N VAL B 301 -15.39 32.30 -15.18
CA VAL B 301 -16.07 31.02 -15.13
C VAL B 301 -17.12 31.10 -14.03
N PHE B 302 -18.36 30.73 -14.35
CA PHE B 302 -19.49 30.90 -13.44
C PHE B 302 -19.94 29.53 -12.94
N LEU B 303 -19.59 29.20 -11.71
CA LEU B 303 -20.04 27.97 -11.07
C LEU B 303 -21.31 28.29 -10.29
N CYS B 304 -22.44 27.84 -10.80
CA CYS B 304 -23.71 28.22 -10.21
C CYS B 304 -24.48 27.00 -9.71
N GLY B 305 -25.27 27.22 -8.66
CA GLY B 305 -26.04 26.17 -8.03
C GLY B 305 -27.50 26.16 -8.42
N THR B 306 -28.37 26.53 -7.50
CA THR B 306 -29.81 26.53 -7.74
C THR B 306 -30.37 27.89 -7.35
N GLN B 307 -31.27 28.42 -8.21
CA GLN B 307 -31.97 29.69 -8.02
C GLN B 307 -30.99 30.85 -7.95
N SER B 308 -30.19 30.97 -8.99
CA SER B 308 -29.15 31.99 -9.05
C SER B 308 -29.55 33.22 -9.86
N VAL B 309 -30.48 33.08 -10.79
CA VAL B 309 -31.02 34.20 -11.56
C VAL B 309 -32.54 34.07 -11.58
N PHE B 310 -33.24 35.13 -11.23
CA PHE B 310 -34.71 35.13 -11.29
C PHE B 310 -35.18 35.70 -12.61
N LEU B 311 -36.33 35.22 -13.08
CA LEU B 311 -36.93 35.65 -14.33
C LEU B 311 -38.39 35.98 -14.09
N ALA B 312 -38.76 37.24 -14.30
CA ALA B 312 -40.13 37.68 -14.06
C ALA B 312 -40.80 37.95 -15.41
N TYR B 313 -41.82 37.15 -15.73
CA TYR B 313 -42.55 37.30 -16.98
C TYR B 313 -43.81 38.11 -16.74
N ALA B 314 -44.01 39.15 -17.55
CA ALA B 314 -45.26 39.89 -17.55
C ALA B 314 -46.04 39.73 -18.83
N GLN B 315 -45.36 39.55 -19.96
CA GLN B 315 -46.02 39.30 -21.23
C GLN B 315 -45.10 38.44 -22.10
N ARG B 316 -45.65 37.36 -22.64
CA ARG B 316 -44.93 36.55 -23.61
C ARG B 316 -44.77 37.33 -24.91
N PRO B 317 -43.76 37.00 -25.72
CA PRO B 317 -43.57 37.72 -26.99
C PRO B 317 -44.70 37.47 -27.98
N GLN B 318 -45.30 38.56 -28.45
CA GLN B 318 -46.44 38.53 -29.35
C GLN B 318 -46.12 39.29 -30.63
N ALA B 319 -46.68 38.85 -31.74
CA ALA B 319 -46.41 39.43 -33.05
C ALA B 319 -47.63 40.16 -33.59
N GLY B 320 -47.38 41.09 -34.51
CA GLY B 320 -48.45 41.85 -35.13
C GLY B 320 -47.97 42.56 -36.38
N THR B 321 -48.91 42.87 -37.26
CA THR B 321 -48.61 43.49 -38.54
C THR B 321 -49.51 44.69 -38.78
N GLU B 322 -49.11 45.54 -39.73
CA GLU B 322 -49.81 46.79 -40.00
C GLU B 322 -49.64 47.16 -41.46
N LYS B 323 -50.71 47.66 -42.08
CA LYS B 323 -50.65 48.25 -43.41
C LYS B 323 -50.63 49.77 -43.27
N SER B 324 -49.47 50.35 -43.55
CA SER B 324 -49.17 51.70 -43.08
C SER B 324 -49.75 52.78 -43.98
N ASP B 325 -49.31 52.86 -45.24
CA ASP B 325 -49.52 54.05 -46.05
C ASP B 325 -50.98 54.13 -46.50
N ILE B 326 -51.44 53.22 -47.34
CA ILE B 326 -52.85 53.08 -47.68
C ILE B 326 -53.17 51.59 -47.70
N PRO B 327 -54.22 51.14 -47.01
CA PRO B 327 -54.56 49.71 -47.06
C PRO B 327 -55.04 49.22 -48.42
N ALA B 328 -55.56 50.13 -49.26
CA ALA B 328 -55.97 49.75 -50.61
C ALA B 328 -54.78 49.68 -51.56
N LEU B 329 -54.00 50.75 -51.65
CA LEU B 329 -52.75 50.75 -52.41
C LEU B 329 -51.62 50.21 -51.53
N ASN B 330 -51.35 48.91 -51.62
CA ASN B 330 -50.48 48.22 -50.67
C ASN B 330 -49.03 48.63 -50.89
N ARG B 331 -48.72 49.87 -50.49
CA ARG B 331 -47.42 50.46 -50.73
C ARG B 331 -46.46 50.29 -49.56
N ARG B 332 -46.95 49.86 -48.39
CA ARG B 332 -46.12 49.80 -47.21
C ARG B 332 -46.74 48.81 -46.23
N MET B 333 -45.88 48.14 -45.46
CA MET B 333 -46.31 47.19 -44.44
C MET B 333 -45.23 47.10 -43.38
N THR B 334 -45.63 46.93 -42.12
CA THR B 334 -44.70 46.84 -41.01
C THR B 334 -45.08 45.67 -40.12
N VAL B 335 -44.12 44.80 -39.85
CA VAL B 335 -44.29 43.72 -38.88
C VAL B 335 -43.49 44.06 -37.63
N GLY B 336 -43.90 43.52 -36.49
CA GLY B 336 -43.24 43.83 -35.23
C GLY B 336 -43.53 42.79 -34.17
N MET B 337 -42.78 42.90 -33.07
CA MET B 337 -42.91 41.98 -31.96
C MET B 337 -42.59 42.72 -30.67
N ASP B 338 -43.24 42.33 -29.57
CA ASP B 338 -43.26 43.09 -28.33
C ASP B 338 -43.15 42.15 -27.14
N GLU B 339 -42.55 42.62 -26.05
CA GLU B 339 -42.30 41.76 -24.90
C GLU B 339 -42.15 42.60 -23.63
N ILE B 340 -42.64 42.06 -22.50
CA ILE B 340 -42.43 42.66 -21.18
C ILE B 340 -41.76 41.60 -20.31
N ILE B 341 -40.54 41.87 -19.85
CA ILE B 341 -39.75 40.88 -19.11
C ILE B 341 -38.75 41.62 -18.22
N GLY B 342 -38.29 40.94 -17.17
CA GLY B 342 -37.24 41.44 -16.30
C GLY B 342 -36.31 40.36 -15.81
N VAL B 343 -35.00 40.56 -15.95
CA VAL B 343 -34.00 39.56 -15.60
C VAL B 343 -33.06 40.17 -14.57
N LYS B 344 -32.80 39.44 -13.48
CA LYS B 344 -31.96 39.95 -12.41
C LYS B 344 -31.30 38.80 -11.68
N LYS B 345 -30.02 38.97 -11.34
CA LYS B 345 -29.32 37.98 -10.53
C LYS B 345 -29.83 37.99 -9.10
N ALA B 346 -30.01 36.79 -8.54
CA ALA B 346 -30.49 36.64 -7.17
C ALA B 346 -29.47 37.19 -6.19
N ALA B 347 -29.87 38.22 -5.44
CA ALA B 347 -29.00 38.86 -4.46
C ALA B 347 -29.79 39.07 -3.19
N PHE B 348 -29.21 38.68 -2.06
CA PHE B 348 -29.80 38.87 -0.74
C PHE B 348 -28.72 39.34 0.22
N ASN B 349 -28.99 40.45 0.91
CA ASN B 349 -28.09 41.03 1.93
C ASN B 349 -26.72 41.38 1.33
N GLY B 350 -26.72 41.84 0.08
CA GLY B 350 -25.48 42.21 -0.56
C GLY B 350 -24.58 41.04 -0.93
N LYS B 351 -25.14 39.85 -1.10
CA LYS B 351 -24.37 38.67 -1.43
C LYS B 351 -25.03 37.92 -2.59
N GLN B 352 -24.20 37.29 -3.42
CA GLN B 352 -24.69 36.39 -4.46
C GLN B 352 -25.36 35.19 -3.82
N HIS B 353 -26.55 34.86 -4.31
CA HIS B 353 -27.31 33.77 -3.70
C HIS B 353 -26.78 32.42 -4.11
N GLY B 354 -26.50 32.24 -5.41
CA GLY B 354 -26.11 30.93 -5.89
C GLY B 354 -25.05 30.88 -6.96
N VAL B 355 -24.16 31.87 -7.04
CA VAL B 355 -23.10 31.92 -8.03
C VAL B 355 -21.77 31.97 -7.32
N VAL B 356 -20.77 31.27 -7.87
CA VAL B 356 -19.37 31.43 -7.48
C VAL B 356 -18.60 31.84 -8.71
N MET B 357 -18.11 33.08 -8.74
CA MET B 357 -17.36 33.59 -9.88
C MET B 357 -15.89 33.21 -9.77
N GLY B 358 -15.29 32.83 -10.89
CA GLY B 358 -13.90 32.44 -10.92
C GLY B 358 -13.20 33.03 -12.13
N PHE B 359 -11.99 33.54 -11.89
CA PHE B 359 -11.22 34.22 -12.94
C PHE B 359 -9.92 33.46 -13.18
N PHE B 360 -9.74 33.01 -14.42
CA PHE B 360 -8.56 32.25 -14.81
C PHE B 360 -7.88 32.95 -15.97
N GLY B 361 -6.59 32.68 -16.14
CA GLY B 361 -5.83 33.31 -17.21
C GLY B 361 -5.89 32.53 -18.50
N ALA B 362 -6.75 32.95 -19.42
CA ALA B 362 -6.89 32.30 -20.72
C ALA B 362 -6.05 33.08 -21.73
N ALA B 363 -5.01 32.43 -22.26
CA ALA B 363 -4.07 33.09 -23.14
C ALA B 363 -4.68 33.35 -24.52
N GLY B 364 -5.48 32.41 -25.01
CA GLY B 364 -6.12 32.56 -26.30
C GLY B 364 -5.16 32.39 -27.46
N ASP B 365 -4.39 31.30 -27.45
CA ASP B 365 -3.48 31.01 -28.55
C ASP B 365 -4.18 30.20 -29.64
N MET C 1 16.35 -32.91 -81.66
CA MET C 1 15.69 -34.19 -81.83
C MET C 1 15.65 -34.61 -83.30
N ALA C 2 15.28 -35.88 -83.53
CA ALA C 2 15.06 -36.38 -84.88
C ALA C 2 13.82 -37.24 -84.98
N ASP C 3 12.78 -36.91 -84.21
CA ASP C 3 11.42 -37.34 -84.47
C ASP C 3 10.80 -36.38 -85.48
N PHE C 4 9.47 -36.38 -85.54
CA PHE C 4 8.76 -35.31 -86.23
C PHE C 4 9.14 -33.98 -85.60
N SER C 5 9.90 -33.17 -86.34
CA SER C 5 10.46 -31.93 -85.85
C SER C 5 9.76 -30.77 -86.56
N LEU C 6 8.92 -30.05 -85.82
CA LEU C 6 8.12 -29.00 -86.42
C LEU C 6 8.91 -27.69 -86.43
N ALA C 7 8.54 -26.79 -87.34
CA ALA C 7 9.35 -25.60 -87.57
C ALA C 7 9.12 -24.56 -86.48
N THR C 8 10.06 -23.63 -86.36
CA THR C 8 9.96 -22.59 -85.35
C THR C 8 8.92 -21.53 -85.74
N ALA C 9 8.78 -21.30 -87.05
CA ALA C 9 7.81 -20.33 -87.56
C ALA C 9 6.47 -20.97 -87.89
N SER C 10 6.33 -22.27 -87.63
CA SER C 10 5.08 -22.97 -87.87
C SER C 10 4.34 -23.32 -86.59
N GLN C 11 4.82 -22.84 -85.44
CA GLN C 11 4.16 -23.11 -84.17
C GLN C 11 3.00 -22.14 -83.98
N ARG C 12 1.87 -22.68 -83.53
CA ARG C 12 0.64 -21.94 -83.36
C ARG C 12 0.78 -20.88 -82.25
N LYS C 13 -0.11 -19.90 -82.24
CA LYS C 13 -0.31 -19.03 -81.09
C LYS C 13 -1.81 -18.96 -80.79
N GLU C 14 -2.17 -18.19 -79.77
CA GLU C 14 -3.57 -18.01 -79.42
C GLU C 14 -3.76 -16.66 -78.74
N TRP C 15 -4.84 -15.97 -79.11
CA TRP C 15 -5.14 -14.64 -78.59
C TRP C 15 -6.47 -14.71 -77.84
N SER C 16 -6.50 -14.16 -76.62
CA SER C 16 -7.68 -14.24 -75.77
C SER C 16 -8.65 -13.11 -76.07
N ASN C 17 -9.91 -13.35 -75.73
CA ASN C 17 -10.99 -12.42 -75.99
C ASN C 17 -11.30 -11.53 -74.80
N LYS C 18 -10.87 -11.93 -73.61
CA LYS C 18 -11.18 -11.20 -72.38
C LYS C 18 -10.08 -10.19 -72.11
N ALA C 19 -10.44 -8.92 -72.04
CA ALA C 19 -9.47 -7.85 -71.86
C ALA C 19 -9.57 -7.25 -70.46
N HIS C 20 -8.47 -6.64 -70.02
CA HIS C 20 -8.44 -6.01 -68.71
C HIS C 20 -8.47 -4.50 -68.86
N MET C 21 -8.92 -3.83 -67.82
CA MET C 21 -9.02 -2.38 -67.77
C MET C 21 -8.06 -1.82 -66.73
N GLU C 22 -8.06 -0.51 -66.58
CA GLU C 22 -7.32 0.17 -65.53
C GLU C 22 -8.27 0.64 -64.43
N TYR C 23 -7.85 0.45 -63.19
CA TYR C 23 -8.62 0.85 -62.01
C TYR C 23 -8.77 2.37 -61.97
N VAL C 24 -9.89 2.84 -61.40
CA VAL C 24 -10.29 4.24 -61.52
C VAL C 24 -10.43 4.92 -60.15
N ARG C 25 -10.82 4.17 -59.11
CA ARG C 25 -11.06 4.71 -57.76
C ARG C 25 -12.13 5.80 -57.79
N ARG C 26 -13.39 5.36 -57.84
CA ARG C 26 -14.61 6.05 -58.30
C ARG C 26 -14.68 7.49 -57.82
N SER C 27 -14.86 7.74 -56.53
CA SER C 27 -14.99 9.09 -55.98
C SER C 27 -14.97 9.05 -54.46
N ARG C 28 -14.26 10.00 -53.86
CA ARG C 28 -14.31 10.19 -52.42
C ARG C 28 -15.31 11.28 -52.02
N PHE C 29 -15.90 11.97 -52.99
CA PHE C 29 -16.92 12.97 -52.72
C PHE C 29 -18.33 12.43 -52.94
N ALA C 30 -18.47 11.13 -53.17
CA ALA C 30 -19.75 10.57 -53.58
C ALA C 30 -20.85 10.50 -52.51
N PRO C 31 -20.59 10.21 -51.22
CA PRO C 31 -21.69 10.27 -50.25
C PRO C 31 -22.14 11.67 -49.85
N TYR C 32 -21.56 12.72 -50.43
CA TYR C 32 -21.76 14.09 -49.96
C TYR C 32 -22.46 14.95 -50.99
N ILE C 33 -22.80 14.40 -52.15
CA ILE C 33 -23.46 15.14 -53.21
C ILE C 33 -24.92 14.71 -53.21
N ARG C 34 -25.79 15.56 -52.67
CA ARG C 34 -27.22 15.31 -52.61
C ARG C 34 -27.94 16.52 -53.18
N ASN C 35 -29.27 16.49 -53.14
CA ASN C 35 -30.09 17.61 -53.58
C ASN C 35 -30.87 18.26 -52.45
N THR C 36 -30.68 17.83 -51.21
CA THR C 36 -31.39 18.39 -50.08
C THR C 36 -30.68 19.65 -49.58
N GLU C 37 -31.15 20.19 -48.46
CA GLU C 37 -30.62 21.44 -47.94
C GLU C 37 -29.51 21.23 -46.93
N ASN C 38 -29.41 20.04 -46.34
CA ASN C 38 -28.40 19.76 -45.32
C ASN C 38 -27.25 18.94 -45.89
N SER C 39 -26.89 19.18 -47.14
CA SER C 39 -25.80 18.48 -47.79
C SER C 39 -24.63 19.43 -47.99
N ILE C 40 -23.43 18.87 -48.10
CA ILE C 40 -22.24 19.69 -48.26
C ILE C 40 -22.15 20.25 -49.68
N PHE C 41 -22.25 19.38 -50.67
CA PHE C 41 -22.23 19.78 -52.07
C PHE C 41 -23.68 19.66 -52.57
N GLN C 42 -24.33 20.79 -52.79
CA GLN C 42 -25.75 20.81 -53.07
C GLN C 42 -26.01 20.97 -54.56
N GLY C 43 -26.94 20.19 -55.09
CA GLY C 43 -27.29 20.24 -56.49
C GLY C 43 -28.62 20.94 -56.73
N TYR C 44 -28.76 21.51 -57.92
CA TYR C 44 -29.96 22.23 -58.32
C TYR C 44 -30.45 21.73 -59.68
N SER C 45 -31.67 21.22 -59.71
CA SER C 45 -32.28 20.74 -60.95
C SER C 45 -33.25 21.76 -61.54
N ASP C 46 -33.02 23.05 -61.30
CA ASP C 46 -33.91 24.08 -61.81
C ASP C 46 -33.69 24.36 -63.29
N LEU C 47 -32.47 24.17 -63.78
CA LEU C 47 -32.19 24.32 -65.20
C LEU C 47 -32.37 23.02 -65.97
N GLU C 48 -32.54 21.90 -65.27
CA GLU C 48 -32.92 20.65 -65.90
C GLU C 48 -34.37 20.73 -66.38
N LYS C 49 -35.17 21.56 -65.73
CA LYS C 49 -36.45 22.04 -66.22
C LYS C 49 -36.26 23.15 -67.23
N ARG C 50 -37.32 23.92 -67.49
CA ARG C 50 -37.72 24.53 -68.77
C ARG C 50 -36.56 25.09 -69.59
N ALA C 51 -35.84 26.11 -69.10
CA ALA C 51 -34.74 26.69 -69.87
C ALA C 51 -33.87 27.54 -68.96
N GLY C 52 -32.72 27.95 -69.45
CA GLY C 52 -31.88 28.88 -68.71
C GLY C 52 -30.42 28.76 -69.07
N ASP C 53 -29.64 29.70 -68.54
CA ASP C 53 -28.20 29.74 -68.72
C ASP C 53 -27.43 29.84 -67.41
N THR C 54 -27.93 30.60 -66.44
CA THR C 54 -27.27 30.70 -65.14
C THR C 54 -28.36 30.65 -64.07
N LEU C 55 -27.94 30.57 -62.81
CA LEU C 55 -28.87 30.41 -61.70
C LEU C 55 -28.40 31.22 -60.52
N ASN C 56 -29.23 32.13 -60.04
CA ASN C 56 -28.89 33.03 -58.95
C ASN C 56 -29.54 32.57 -57.65
N ILE C 57 -28.79 32.59 -56.56
CA ILE C 57 -29.24 32.08 -55.27
C ILE C 57 -29.12 33.21 -54.25
N PRO C 58 -30.16 33.49 -53.45
CA PRO C 58 -30.08 34.57 -52.47
C PRO C 58 -29.64 34.11 -51.07
N LEU C 59 -29.36 35.10 -50.22
CA LEU C 59 -28.92 34.88 -48.84
C LEU C 59 -29.39 36.04 -47.98
N PHE C 60 -29.89 35.73 -46.79
CA PHE C 60 -30.20 36.75 -45.80
C PHE C 60 -29.30 36.61 -44.59
N TYR C 61 -28.75 37.73 -44.12
CA TYR C 61 -27.92 37.72 -42.93
C TYR C 61 -28.75 37.72 -41.66
N LYS C 62 -28.07 37.99 -40.55
CA LYS C 62 -28.62 38.06 -39.21
C LYS C 62 -29.01 39.52 -38.96
N LEU C 63 -29.34 39.87 -37.72
CA LEU C 63 -29.82 41.19 -37.39
C LEU C 63 -28.89 41.85 -36.38
N GLY C 64 -28.73 43.17 -36.48
CA GLY C 64 -27.49 43.80 -36.05
C GLY C 64 -27.37 44.86 -34.96
N GLY C 65 -28.43 45.57 -34.58
CA GLY C 65 -28.26 46.89 -33.98
C GLY C 65 -28.05 46.91 -32.46
N ALA C 66 -28.99 47.63 -31.68
CA ALA C 66 -29.08 47.79 -30.21
C ALA C 66 -30.51 47.81 -29.67
N PRO C 67 -30.79 47.18 -28.52
CA PRO C 67 -32.16 47.14 -28.04
C PRO C 67 -32.60 48.49 -27.48
N VAL C 68 -33.74 48.96 -28.00
CA VAL C 68 -34.08 50.38 -27.96
C VAL C 68 -34.51 50.72 -26.53
N THR C 69 -33.53 51.19 -25.75
CA THR C 69 -33.61 51.12 -24.30
C THR C 69 -34.45 52.25 -23.74
N GLY C 70 -35.44 51.89 -22.92
CA GLY C 70 -36.10 52.83 -22.03
C GLY C 70 -37.38 53.46 -22.55
N ASP C 71 -37.29 54.16 -23.66
CA ASP C 71 -38.32 55.10 -24.09
C ASP C 71 -38.66 55.01 -25.56
N THR C 72 -37.78 54.45 -26.34
CA THR C 72 -37.76 54.61 -27.79
C THR C 72 -38.88 53.84 -28.48
N PRO C 73 -39.37 54.33 -29.63
CA PRO C 73 -40.51 53.71 -30.30
C PRO C 73 -40.20 52.32 -30.87
N ILE C 74 -41.21 51.77 -31.54
CA ILE C 74 -40.97 50.79 -32.59
C ILE C 74 -41.47 51.38 -33.91
N VAL C 75 -41.36 52.71 -34.05
CA VAL C 75 -41.70 53.38 -35.30
C VAL C 75 -40.67 54.46 -35.61
N GLY C 76 -39.83 54.81 -34.65
CA GLY C 76 -38.90 55.86 -34.93
C GLY C 76 -37.66 55.37 -35.64
N ASN C 77 -36.91 54.45 -35.02
CA ASN C 77 -35.49 54.15 -35.23
C ASN C 77 -34.92 53.05 -36.15
N GLU C 78 -35.26 52.97 -37.48
CA GLU C 78 -35.11 51.84 -38.46
C GLU C 78 -33.80 51.05 -38.55
N THR C 79 -33.94 49.74 -38.94
CA THR C 79 -33.04 48.70 -39.48
C THR C 79 -33.30 48.35 -40.94
N PRO C 80 -32.24 48.08 -41.69
CA PRO C 80 -32.37 47.25 -42.89
C PRO C 80 -32.08 45.79 -42.58
N LEU C 81 -32.53 44.91 -43.48
CA LEU C 81 -32.16 43.50 -43.44
C LEU C 81 -31.26 43.20 -44.62
N ASP C 82 -30.10 42.58 -44.35
CA ASP C 82 -29.08 42.39 -45.36
C ASP C 82 -29.43 41.25 -46.31
N ASN C 83 -28.97 41.37 -47.55
CA ASN C 83 -29.41 40.51 -48.65
C ASN C 83 -28.33 40.47 -49.71
N TYR C 84 -28.01 39.27 -50.19
CA TYR C 84 -26.93 39.11 -51.17
C TYR C 84 -27.31 38.02 -52.18
N ASN C 85 -26.44 37.84 -53.18
CA ASN C 85 -26.72 36.99 -54.32
C ASN C 85 -25.48 36.15 -54.65
N CYS C 86 -25.69 35.05 -55.36
CA CYS C 86 -24.60 34.25 -55.93
C CYS C 86 -25.12 33.54 -57.17
N GLY C 87 -24.44 33.73 -58.30
CA GLY C 87 -24.87 33.17 -59.57
C GLY C 87 -23.86 32.17 -60.12
N VAL C 88 -24.37 31.02 -60.54
CA VAL C 88 -23.53 29.94 -61.06
C VAL C 88 -23.74 29.85 -62.57
N PRO C 89 -22.69 29.98 -63.37
CA PRO C 89 -22.84 29.82 -64.82
C PRO C 89 -22.65 28.38 -65.26
N VAL C 90 -23.31 28.04 -66.36
CA VAL C 90 -23.47 26.66 -66.83
C VAL C 90 -22.98 26.57 -68.28
N ALA C 91 -22.21 25.53 -68.59
CA ALA C 91 -21.62 25.38 -69.92
C ALA C 91 -21.74 23.95 -70.42
N LEU C 92 -21.71 23.79 -71.75
CA LEU C 92 -21.72 22.52 -72.45
C LEU C 92 -20.32 21.93 -72.40
N ARG C 93 -20.21 20.59 -72.45
CA ARG C 93 -18.93 19.90 -72.52
C ARG C 93 -19.13 18.44 -72.92
N GLY C 94 -18.12 17.86 -73.57
CA GLY C 94 -18.23 16.49 -74.05
C GLY C 94 -16.90 15.88 -74.46
N LYS C 95 -17.01 14.70 -75.09
CA LYS C 95 -15.88 13.82 -75.39
C LYS C 95 -16.35 12.69 -76.31
N GLY C 96 -15.49 12.28 -77.26
CA GLY C 96 -15.84 11.21 -78.17
C GLY C 96 -14.65 10.37 -78.58
N VAL C 97 -14.94 9.16 -79.08
CA VAL C 97 -13.93 8.15 -79.46
C VAL C 97 -14.33 7.52 -80.79
N ALA C 98 -13.38 7.41 -81.72
CA ALA C 98 -13.62 6.82 -83.04
C ALA C 98 -13.06 5.41 -83.14
N ILE C 99 -13.69 4.59 -83.99
CA ILE C 99 -13.30 3.21 -84.25
C ILE C 99 -13.39 2.95 -85.75
N THR C 100 -12.28 2.57 -86.37
CA THR C 100 -12.21 2.34 -87.80
C THR C 100 -12.50 0.87 -88.12
N LYS C 101 -12.19 0.46 -89.35
CA LYS C 101 -12.22 -0.94 -89.75
C LYS C 101 -10.84 -1.46 -90.12
N ASN C 102 -9.91 -0.57 -90.49
CA ASN C 102 -8.52 -0.95 -90.75
C ASN C 102 -7.84 -1.52 -89.50
N GLN C 103 -8.23 -1.05 -88.32
CA GLN C 103 -7.68 -1.55 -87.07
C GLN C 103 -8.62 -2.51 -86.35
N THR C 104 -9.58 -3.10 -87.05
CA THR C 104 -10.62 -3.88 -86.39
C THR C 104 -10.71 -5.31 -86.88
N PHE C 105 -10.42 -5.58 -88.17
CA PHE C 105 -10.40 -6.96 -88.64
C PHE C 105 -9.21 -7.74 -88.11
N ARG C 106 -8.18 -7.05 -87.61
CA ARG C 106 -6.97 -7.68 -87.12
C ARG C 106 -7.13 -8.24 -85.72
N THR C 107 -8.21 -7.93 -85.02
CA THR C 107 -8.45 -8.40 -83.67
C THR C 107 -9.78 -9.14 -83.60
N GLU C 108 -10.08 -9.64 -82.41
CA GLU C 108 -11.36 -10.30 -82.13
C GLU C 108 -12.05 -9.66 -80.93
N ILE C 109 -11.31 -8.91 -80.12
CA ILE C 109 -11.88 -8.21 -78.98
C ILE C 109 -12.72 -7.03 -79.45
N ASP C 110 -13.84 -6.79 -78.77
CA ASP C 110 -14.76 -5.72 -79.13
C ASP C 110 -14.23 -4.37 -78.64
N VAL C 111 -13.78 -3.55 -79.58
CA VAL C 111 -13.26 -2.23 -79.22
C VAL C 111 -14.41 -1.27 -78.97
N MET C 112 -15.58 -1.56 -79.53
CA MET C 112 -16.75 -0.69 -79.37
C MET C 112 -17.24 -0.67 -77.92
N ASN C 113 -17.42 -1.84 -77.32
CA ASN C 113 -17.91 -1.90 -75.95
C ASN C 113 -16.84 -1.46 -74.95
N ALA C 114 -15.57 -1.63 -75.28
CA ALA C 114 -14.50 -1.14 -74.41
C ALA C 114 -14.36 0.36 -74.47
N ALA C 115 -14.80 1.00 -75.55
CA ALA C 115 -14.75 2.45 -75.67
C ALA C 115 -15.98 3.13 -75.12
N LYS C 116 -17.09 2.40 -74.95
CA LYS C 116 -18.29 2.98 -74.36
C LYS C 116 -18.28 2.87 -72.84
N GLN C 117 -17.66 1.82 -72.30
CA GLN C 117 -17.54 1.69 -70.85
C GLN C 117 -16.52 2.66 -70.28
N SER C 118 -15.42 2.89 -71.00
CA SER C 118 -14.39 3.82 -70.58
C SER C 118 -14.78 5.27 -70.83
N LEU C 119 -15.95 5.52 -71.40
CA LEU C 119 -16.42 6.87 -71.67
C LEU C 119 -17.44 7.33 -70.65
N THR C 120 -18.25 6.42 -70.10
CA THR C 120 -19.06 6.73 -68.93
C THR C 120 -18.21 6.92 -67.69
N ARG C 121 -17.05 6.30 -67.67
CA ARG C 121 -16.17 6.29 -66.51
C ARG C 121 -15.22 7.47 -66.52
N TYR C 122 -15.18 8.23 -67.62
CA TYR C 122 -14.39 9.44 -67.70
C TYR C 122 -15.15 10.67 -67.22
N PHE C 123 -16.47 10.68 -67.41
CA PHE C 123 -17.31 11.76 -66.90
C PHE C 123 -17.62 11.61 -65.41
N GLY C 124 -17.08 10.59 -64.75
CA GLY C 124 -17.12 10.53 -63.31
C GLY C 124 -15.86 11.11 -62.69
N GLU C 125 -14.71 10.88 -63.33
CA GLU C 125 -13.48 11.55 -62.94
C GLU C 125 -13.50 13.02 -63.27
N LEU C 126 -14.30 13.42 -64.25
CA LEU C 126 -14.38 14.81 -64.65
C LEU C 126 -15.19 15.63 -63.68
N LEU C 127 -16.04 14.99 -62.88
CA LEU C 127 -16.86 15.71 -61.91
C LEU C 127 -16.08 16.04 -60.64
N ARG C 128 -15.31 15.09 -60.11
CA ARG C 128 -14.59 15.41 -58.88
C ARG C 128 -13.30 16.16 -59.17
N ASP C 129 -12.89 16.23 -60.42
CA ASP C 129 -11.82 17.15 -60.80
C ASP C 129 -12.30 18.59 -60.83
N ASP C 130 -13.62 18.82 -60.90
CA ASP C 130 -14.16 20.17 -60.81
C ASP C 130 -14.49 20.58 -59.39
N ILE C 131 -14.75 19.64 -58.49
CA ILE C 131 -15.00 19.99 -57.10
C ILE C 131 -13.70 20.35 -56.40
N ILE C 132 -12.61 19.65 -56.74
CA ILE C 132 -11.30 19.99 -56.18
C ILE C 132 -10.85 21.35 -56.70
N GLU C 133 -11.18 21.67 -57.95
CA GLU C 133 -10.84 22.97 -58.50
C GLU C 133 -11.72 24.08 -57.91
N ALA C 134 -12.96 23.74 -57.52
CA ALA C 134 -13.84 24.73 -56.94
C ALA C 134 -13.49 25.04 -55.49
N LEU C 135 -13.00 24.04 -54.74
CA LEU C 135 -12.62 24.27 -53.35
C LEU C 135 -11.37 25.14 -53.26
N GLY C 136 -10.48 25.06 -54.24
CA GLY C 136 -9.30 25.89 -54.24
C GLY C 136 -9.45 27.16 -55.03
N SER C 137 -10.65 27.69 -55.13
CA SER C 137 -10.91 28.92 -55.86
C SER C 137 -10.48 30.13 -55.05
N VAL C 138 -10.57 31.29 -55.68
CA VAL C 138 -10.20 32.57 -55.07
C VAL C 138 -11.38 33.52 -55.27
N VAL C 139 -12.02 33.92 -54.17
CA VAL C 139 -13.18 34.79 -54.21
C VAL C 139 -12.67 36.23 -54.18
N THR C 140 -12.78 36.93 -55.31
CA THR C 140 -12.21 38.26 -55.40
C THR C 140 -13.11 39.28 -54.71
N THR C 141 -14.28 39.55 -55.29
CA THR C 141 -15.25 40.53 -54.80
C THR C 141 -16.66 40.19 -55.26
N GLY C 142 -17.47 39.60 -54.38
CA GLY C 142 -18.88 39.42 -54.66
C GLY C 142 -19.22 38.52 -55.84
N ASP C 143 -19.08 37.21 -55.65
CA ASP C 143 -19.38 36.12 -56.59
C ASP C 143 -18.35 35.99 -57.69
N THR C 144 -17.21 36.65 -57.54
CA THR C 144 -16.15 36.59 -58.55
C THR C 144 -15.15 35.56 -58.06
N THR C 145 -15.37 34.30 -58.43
CA THR C 145 -14.48 33.21 -58.09
C THR C 145 -13.56 32.91 -59.26
N VAL C 146 -12.27 33.12 -59.05
CA VAL C 146 -11.24 32.84 -60.04
C VAL C 146 -10.49 31.60 -59.58
N ASN C 147 -10.16 30.70 -60.51
CA ASN C 147 -9.37 29.54 -60.16
C ASN C 147 -7.96 29.96 -59.73
N TYR C 148 -7.31 29.07 -58.95
CA TYR C 148 -6.05 29.44 -58.32
C TYR C 148 -4.91 29.56 -59.32
N GLY C 149 -4.96 28.77 -60.41
CA GLY C 149 -3.91 28.85 -61.40
C GLY C 149 -3.99 30.10 -62.25
N SER C 150 -5.21 30.50 -62.62
CA SER C 150 -5.42 31.65 -63.48
C SER C 150 -5.72 32.93 -62.68
N ALA C 151 -5.26 33.01 -61.44
CA ALA C 151 -5.44 34.20 -60.64
C ALA C 151 -4.14 35.00 -60.59
N SER C 152 -4.28 36.32 -60.50
CA SER C 152 -3.12 37.20 -60.45
C SER C 152 -2.67 37.36 -59.00
N ALA C 153 -1.60 38.13 -58.81
CA ALA C 153 -1.14 38.42 -57.46
C ALA C 153 -2.04 39.41 -56.74
N ALA C 154 -2.77 40.24 -57.49
CA ALA C 154 -3.68 41.19 -56.87
C ALA C 154 -5.03 40.57 -56.55
N ASN C 155 -5.41 39.50 -57.25
CA ASN C 155 -6.63 38.78 -56.91
C ASN C 155 -6.47 37.94 -55.66
N ARG C 156 -5.24 37.50 -55.37
CA ARG C 156 -4.98 36.72 -54.18
C ARG C 156 -4.80 37.60 -52.95
N ASN C 157 -4.28 38.81 -53.13
CA ASN C 157 -4.14 39.73 -52.01
C ASN C 157 -5.47 40.34 -51.59
N ALA C 158 -6.49 40.30 -52.46
CA ALA C 158 -7.83 40.73 -52.12
C ALA C 158 -8.66 39.61 -51.52
N PHE C 159 -8.27 38.37 -51.74
CA PHE C 159 -8.92 37.24 -51.09
C PHE C 159 -8.52 37.15 -49.61
N SER C 160 -7.26 37.38 -49.32
CA SER C 160 -6.87 37.73 -47.96
C SER C 160 -7.29 39.17 -47.68
N ALA C 161 -7.35 39.53 -46.39
CA ALA C 161 -7.91 40.78 -45.87
C ALA C 161 -9.38 40.97 -46.27
N ALA C 162 -10.05 39.88 -46.62
CA ALA C 162 -11.50 39.80 -46.73
C ALA C 162 -12.01 38.58 -46.00
N ASN C 163 -11.16 37.56 -45.87
CA ASN C 163 -11.41 36.40 -45.03
C ASN C 163 -10.31 36.23 -43.98
N PRO C 164 -10.28 37.02 -42.91
CA PRO C 164 -9.26 36.81 -41.88
C PRO C 164 -9.68 35.77 -40.84
N ASP C 165 -10.96 35.42 -40.78
CA ASP C 165 -11.45 34.43 -39.84
C ASP C 165 -11.72 33.08 -40.49
N ARG C 166 -11.34 32.90 -41.75
CA ARG C 166 -11.57 31.67 -42.48
C ARG C 166 -10.33 31.13 -43.15
N LEU C 167 -9.25 31.88 -43.18
CA LEU C 167 -7.97 31.42 -43.69
C LEU C 167 -7.05 31.13 -42.52
N PHE C 168 -6.60 29.89 -42.43
CA PHE C 168 -5.69 29.47 -41.37
C PHE C 168 -4.36 29.09 -42.00
N PHE C 169 -3.35 29.92 -41.82
CA PHE C 169 -1.99 29.58 -42.22
C PHE C 169 -1.36 28.70 -41.14
N GLY C 170 -0.03 28.61 -41.15
CA GLY C 170 0.70 27.79 -40.20
C GLY C 170 0.38 27.98 -38.73
N SER C 171 0.06 29.22 -38.36
CA SER C 171 -0.57 29.53 -37.08
C SER C 171 -1.36 30.81 -37.25
N ILE C 172 -2.07 31.22 -36.20
CA ILE C 172 -2.80 32.49 -36.27
C ILE C 172 -1.84 33.67 -36.14
N SER C 173 -0.68 33.45 -35.52
CA SER C 173 0.37 34.46 -35.50
C SER C 173 1.15 34.54 -36.80
N GLY C 174 0.71 33.83 -37.84
CA GLY C 174 1.31 33.90 -39.16
C GLY C 174 0.36 34.37 -40.23
N TYR C 175 -0.77 34.96 -39.85
CA TYR C 175 -1.68 35.55 -40.82
C TYR C 175 -1.08 36.83 -41.39
N SER C 176 -1.31 37.07 -42.67
CA SER C 176 -0.88 38.29 -43.33
C SER C 176 -1.94 38.71 -44.34
N ALA C 177 -1.97 40.01 -44.62
CA ALA C 177 -2.93 40.53 -45.59
C ALA C 177 -2.53 40.22 -47.02
N THR C 178 -1.24 39.98 -47.28
CA THR C 178 -0.78 39.59 -48.59
C THR C 178 -0.62 38.07 -48.64
N TRP C 179 -0.94 37.49 -49.79
CA TRP C 179 -1.04 36.04 -49.91
C TRP C 179 0.33 35.38 -49.91
N ALA C 180 1.32 35.99 -50.58
CA ALA C 180 2.62 35.36 -50.72
C ALA C 180 3.42 35.39 -49.42
N THR C 181 3.18 36.39 -48.57
CA THR C 181 3.82 36.43 -47.26
C THR C 181 3.16 35.45 -46.30
N GLY C 182 1.84 35.27 -46.41
CA GLY C 182 1.14 34.35 -45.54
C GLY C 182 1.52 32.90 -45.77
N LEU C 183 1.81 32.53 -47.02
CA LEU C 183 2.33 31.20 -47.29
C LEU C 183 3.81 31.06 -46.96
N GLY C 184 4.49 32.16 -46.67
CA GLY C 184 5.87 32.10 -46.23
C GLY C 184 6.04 32.00 -44.73
N ASN C 185 4.93 31.93 -43.99
CA ASN C 185 4.97 31.84 -42.55
C ASN C 185 4.70 30.44 -42.03
N VAL C 186 4.40 29.49 -42.91
CA VAL C 186 4.17 28.11 -42.51
C VAL C 186 5.47 27.32 -42.64
N ASP C 187 5.93 26.77 -41.53
CA ASP C 187 7.21 26.09 -41.47
C ASP C 187 7.07 24.66 -41.98
N ALA C 188 8.21 23.99 -42.12
CA ALA C 188 8.19 22.55 -42.40
C ALA C 188 7.97 21.73 -41.15
N ALA C 189 8.15 22.33 -39.96
CA ALA C 189 7.93 21.66 -38.70
C ALA C 189 6.53 21.91 -38.14
N GLU C 190 5.72 22.69 -38.84
CA GLU C 190 4.34 22.95 -38.44
C GLU C 190 3.41 21.99 -39.16
N THR C 191 3.55 20.70 -38.85
CA THR C 191 2.81 19.64 -39.54
C THR C 191 1.39 19.55 -39.00
N CYS C 192 0.63 18.62 -39.57
CA CYS C 192 -0.78 18.48 -39.26
C CYS C 192 -0.96 17.47 -38.14
N THR C 193 -1.00 17.96 -36.90
CA THR C 193 -1.33 17.13 -35.75
C THR C 193 -2.80 17.31 -35.43
N ALA C 194 -3.29 16.56 -34.45
CA ALA C 194 -4.70 16.64 -34.07
C ALA C 194 -5.00 17.82 -33.17
N ALA C 195 -3.99 18.56 -32.71
CA ALA C 195 -4.21 19.74 -31.89
C ALA C 195 -4.34 21.01 -32.73
N ARG C 196 -3.95 20.96 -34.00
CA ARG C 196 -4.05 22.09 -34.90
C ARG C 196 -5.28 22.04 -35.79
N VAL C 197 -5.85 20.85 -36.00
CA VAL C 197 -7.12 20.77 -36.72
C VAL C 197 -8.25 21.19 -35.80
N GLY C 198 -8.07 21.06 -34.49
CA GLY C 198 -9.03 21.60 -33.54
C GLY C 198 -9.06 23.11 -33.50
N VAL C 199 -7.98 23.76 -33.96
CA VAL C 199 -7.98 25.20 -34.11
C VAL C 199 -8.86 25.62 -35.28
N MET C 200 -8.84 24.84 -36.36
CA MET C 200 -9.69 25.14 -37.52
C MET C 200 -11.16 24.92 -37.22
N LYS C 201 -11.50 23.98 -36.34
CA LYS C 201 -12.88 23.81 -35.93
C LYS C 201 -13.33 24.98 -35.06
N ARG C 202 -12.41 25.57 -34.32
CA ARG C 202 -12.72 26.73 -33.50
C ARG C 202 -12.95 27.97 -34.35
N LEU C 203 -12.21 28.14 -35.45
CA LEU C 203 -12.47 29.24 -36.36
C LEU C 203 -13.81 29.09 -37.07
N ALA C 204 -14.26 27.85 -37.27
CA ALA C 204 -15.54 27.62 -37.92
C ALA C 204 -16.72 27.83 -37.00
N MET C 205 -16.50 27.88 -35.69
CA MET C 205 -17.58 28.10 -34.74
C MET C 205 -17.66 29.56 -34.28
N SER C 206 -16.70 30.40 -34.68
CA SER C 206 -16.73 31.81 -34.31
C SER C 206 -16.48 32.70 -35.53
N ALA C 207 -17.09 32.34 -36.66
CA ALA C 207 -16.98 33.15 -37.87
C ALA C 207 -18.08 34.21 -37.84
N SER C 208 -17.79 35.37 -38.45
CA SER C 208 -18.66 36.52 -38.26
C SER C 208 -19.95 36.40 -39.07
N PRO C 209 -19.95 35.91 -40.32
CA PRO C 209 -21.11 35.13 -40.76
C PRO C 209 -20.89 33.65 -40.43
N ALA C 210 -21.85 33.04 -39.75
CA ALA C 210 -21.64 31.73 -39.17
C ALA C 210 -21.69 30.64 -40.23
N ILE C 211 -20.84 29.63 -40.06
CA ILE C 211 -20.80 28.48 -40.94
C ILE C 211 -21.71 27.41 -40.38
N THR C 212 -22.64 26.93 -41.19
CA THR C 212 -23.60 25.94 -40.75
C THR C 212 -22.92 24.58 -40.64
N PRO C 213 -22.94 23.94 -39.47
CA PRO C 213 -22.35 22.61 -39.34
C PRO C 213 -23.22 21.54 -39.99
N MET C 214 -22.61 20.38 -40.20
CA MET C 214 -23.28 19.30 -40.91
C MET C 214 -24.37 18.65 -40.06
N GLN C 215 -24.13 18.52 -38.75
CA GLN C 215 -25.09 17.92 -37.85
C GLN C 215 -25.01 18.61 -36.50
N VAL C 216 -26.17 18.94 -35.93
CA VAL C 216 -26.26 19.69 -34.69
C VAL C 216 -26.96 18.84 -33.65
N ASP C 217 -26.42 18.82 -32.43
CA ASP C 217 -27.12 18.32 -31.25
C ASP C 217 -27.21 19.47 -30.26
N ASP C 218 -28.42 19.98 -30.03
CA ASP C 218 -28.61 21.19 -29.23
C ASP C 218 -28.27 20.96 -27.77
N ASP C 219 -28.87 19.93 -27.17
CA ASP C 219 -28.39 19.46 -25.88
C ASP C 219 -27.04 18.79 -26.06
N GLU C 220 -26.26 18.75 -24.97
CA GLU C 220 -24.88 18.24 -24.88
C GLU C 220 -24.00 18.69 -26.05
N GLY C 221 -24.00 19.99 -26.31
CA GLY C 221 -23.76 20.62 -27.61
C GLY C 221 -22.69 20.08 -28.55
N ARG C 222 -23.15 19.60 -29.70
CA ARG C 222 -22.31 18.90 -30.67
C ARG C 222 -22.47 19.57 -32.02
N GLU C 223 -21.35 19.86 -32.67
CA GLU C 223 -21.34 20.41 -34.02
C GLU C 223 -20.30 19.64 -34.84
N TYR C 224 -20.72 19.11 -35.98
CA TYR C 224 -19.93 18.19 -36.76
C TYR C 224 -19.49 18.84 -38.06
N PHE C 225 -18.26 18.53 -38.48
CA PHE C 225 -17.70 19.06 -39.72
C PHE C 225 -16.98 17.94 -40.44
N VAL C 226 -16.59 18.19 -41.69
CA VAL C 226 -15.88 17.22 -42.52
C VAL C 226 -14.64 17.89 -43.08
N ALA C 227 -13.49 17.27 -42.89
CA ALA C 227 -12.23 17.77 -43.42
C ALA C 227 -11.73 16.83 -44.50
N PHE C 228 -11.31 17.40 -45.63
CA PHE C 228 -10.83 16.63 -46.77
C PHE C 228 -9.32 16.80 -46.88
N HIS C 229 -8.58 15.74 -46.60
CA HIS C 229 -7.13 15.74 -46.63
C HIS C 229 -6.63 15.25 -47.99
N GLY C 230 -5.35 15.48 -48.24
CA GLY C 230 -4.74 15.07 -49.49
C GLY C 230 -3.60 14.10 -49.32
N SER C 231 -3.71 13.21 -48.33
CA SER C 231 -2.90 12.01 -48.10
C SER C 231 -1.48 12.29 -47.62
N ARG C 232 -0.98 13.52 -47.71
CA ARG C 232 0.30 13.84 -47.09
C ARG C 232 0.15 14.62 -45.80
N THR C 233 -1.01 15.20 -45.57
CA THR C 233 -1.41 15.64 -44.25
C THR C 233 -2.29 14.62 -43.54
N PHE C 234 -2.70 13.56 -44.25
CA PHE C 234 -3.52 12.53 -43.64
C PHE C 234 -2.69 11.47 -42.95
N ARG C 235 -1.45 11.26 -43.39
CA ARG C 235 -0.58 10.30 -42.72
C ARG C 235 0.09 10.92 -41.51
N ASP C 236 0.24 12.25 -41.48
CA ASP C 236 0.74 12.92 -40.29
C ASP C 236 -0.32 13.06 -39.22
N LEU C 237 -1.59 12.94 -39.59
CA LEU C 237 -2.68 13.09 -38.65
C LEU C 237 -3.01 11.79 -37.95
N LYS C 238 -2.87 10.66 -38.64
CA LYS C 238 -3.15 9.35 -38.06
C LYS C 238 -1.88 8.64 -37.61
N GLY C 239 -0.73 9.29 -37.71
CA GLY C 239 0.51 8.63 -37.38
C GLY C 239 1.36 9.36 -36.37
N ASP C 240 0.79 10.37 -35.71
CA ASP C 240 1.50 11.11 -34.69
C ASP C 240 1.66 10.25 -33.43
N THR C 241 2.64 10.62 -32.60
CA THR C 241 2.99 9.82 -31.43
C THR C 241 1.88 9.86 -30.37
N ALA C 242 1.35 11.04 -30.09
CA ALA C 242 0.12 11.13 -29.33
C ALA C 242 -1.06 10.95 -30.26
N MET C 243 -2.28 10.99 -29.69
CA MET C 243 -3.57 10.98 -30.40
C MET C 243 -3.80 9.72 -31.24
N LEU C 244 -2.94 8.71 -31.07
CA LEU C 244 -3.00 7.44 -31.77
C LEU C 244 -3.49 6.32 -30.86
N ASN C 245 -3.31 6.48 -29.55
CA ASN C 245 -3.95 5.65 -28.56
C ASN C 245 -5.37 6.09 -28.25
N ALA C 246 -5.92 7.03 -29.02
CA ALA C 246 -7.33 7.37 -28.93
C ALA C 246 -8.21 6.36 -29.64
N ASN C 247 -7.72 5.74 -30.72
CA ASN C 247 -8.52 4.75 -31.41
C ASN C 247 -8.01 3.32 -31.22
N ARG C 248 -7.25 3.07 -30.15
CA ARG C 248 -7.04 1.71 -29.67
C ARG C 248 -7.37 1.54 -28.20
N GLU C 249 -7.61 2.62 -27.47
CA GLU C 249 -8.01 2.53 -26.08
C GLU C 249 -9.43 3.01 -25.84
N ALA C 250 -10.10 3.52 -26.87
CA ALA C 250 -11.47 3.97 -26.75
C ALA C 250 -12.40 3.32 -27.76
N ARG C 251 -11.88 2.47 -28.63
CA ARG C 251 -12.67 1.71 -29.57
C ARG C 251 -12.94 0.33 -28.99
N PRO C 252 -14.05 -0.31 -29.33
CA PRO C 252 -14.28 -1.68 -28.87
C PRO C 252 -13.31 -2.66 -29.49
N ARG C 253 -13.07 -3.77 -28.78
CA ARG C 253 -12.12 -4.78 -29.21
C ARG C 253 -12.71 -5.57 -30.36
N ASP C 254 -12.69 -4.97 -31.55
CA ASP C 254 -13.24 -5.57 -32.76
C ASP C 254 -12.26 -5.32 -33.90
N VAL C 255 -12.04 -6.33 -34.72
CA VAL C 255 -10.99 -6.27 -35.72
C VAL C 255 -11.51 -5.66 -37.02
N SER C 256 -12.72 -6.01 -37.41
CA SER C 256 -13.26 -5.63 -38.71
C SER C 256 -13.83 -4.23 -38.74
N SER C 257 -13.76 -3.49 -37.64
CA SER C 257 -14.30 -2.14 -37.59
C SER C 257 -13.30 -1.10 -37.09
N ASN C 258 -12.11 -1.52 -36.70
CA ASN C 258 -11.12 -0.59 -36.16
C ASN C 258 -10.32 0.02 -37.31
N PRO C 259 -10.29 1.35 -37.44
CA PRO C 259 -9.45 1.98 -38.47
C PRO C 259 -7.96 2.00 -38.15
N LEU C 260 -7.54 1.44 -37.02
CA LEU C 260 -6.12 1.28 -36.76
C LEU C 260 -5.55 0.08 -37.52
N LEU C 261 -6.31 -1.02 -37.59
CA LEU C 261 -5.87 -2.21 -38.29
C LEU C 261 -6.33 -2.22 -39.73
N GLN C 262 -7.46 -1.58 -40.02
CA GLN C 262 -8.07 -1.54 -41.35
C GLN C 262 -8.44 -0.09 -41.63
N ASP C 263 -7.51 0.65 -42.26
CA ASP C 263 -7.55 2.12 -42.29
C ASP C 263 -8.79 2.65 -43.00
N GLY C 264 -9.15 3.89 -42.70
CA GLY C 264 -10.29 4.52 -43.33
C GLY C 264 -10.38 5.96 -42.93
N ASP C 265 -11.60 6.50 -42.86
CA ASP C 265 -11.79 7.80 -42.26
C ASP C 265 -11.85 7.66 -40.75
N LEU C 266 -11.56 8.73 -40.04
CA LEU C 266 -11.47 8.66 -38.60
C LEU C 266 -12.02 9.93 -37.97
N ILE C 267 -12.81 9.77 -36.92
CA ILE C 267 -13.45 10.87 -36.23
C ILE C 267 -12.68 11.16 -34.96
N TYR C 268 -12.48 12.45 -34.66
CA TYR C 268 -11.78 12.87 -33.46
C TYR C 268 -12.19 14.30 -33.14
N GLU C 269 -12.71 14.54 -31.93
CA GLU C 269 -13.20 15.84 -31.45
C GLU C 269 -14.30 16.39 -32.33
N GLY C 270 -15.12 15.50 -32.90
CA GLY C 270 -16.32 15.91 -33.60
C GLY C 270 -16.16 16.20 -35.08
N VAL C 271 -14.96 16.10 -35.63
CA VAL C 271 -14.72 16.36 -37.03
C VAL C 271 -14.29 15.07 -37.72
N ILE C 272 -14.87 14.79 -38.89
CA ILE C 272 -14.61 13.57 -39.64
C ILE C 272 -13.52 13.86 -40.67
N HIS C 273 -12.50 13.02 -40.71
CA HIS C 273 -11.33 13.23 -41.56
C HIS C 273 -11.35 12.26 -42.73
N ARG C 274 -11.73 12.77 -43.90
CA ARG C 274 -11.84 11.94 -45.09
C ARG C 274 -10.63 12.19 -45.98
N GLU C 275 -10.11 11.12 -46.57
CA GLU C 275 -8.93 11.20 -47.42
C GLU C 275 -9.34 11.27 -48.90
N VAL C 276 -8.82 12.26 -49.60
CA VAL C 276 -8.98 12.37 -51.05
C VAL C 276 -7.58 12.38 -51.66
N PRO C 277 -7.17 11.30 -52.34
CA PRO C 277 -5.78 11.21 -52.81
C PRO C 277 -5.44 12.13 -53.97
N GLU C 278 -6.43 12.76 -54.62
CA GLU C 278 -6.18 13.55 -55.80
C GLU C 278 -5.92 15.02 -55.52
N ILE C 279 -5.80 15.38 -54.24
CA ILE C 279 -5.42 16.75 -53.90
C ILE C 279 -3.91 16.94 -54.05
N ASP C 280 -3.13 15.85 -53.94
CA ASP C 280 -1.71 15.95 -54.27
C ASP C 280 -1.48 16.20 -55.76
N ALA C 281 -2.31 15.64 -56.62
CA ALA C 281 -2.17 15.90 -58.05
C ALA C 281 -2.54 17.34 -58.39
N TRP C 282 -3.52 17.90 -57.70
CA TRP C 282 -3.90 19.28 -57.92
C TRP C 282 -2.85 20.24 -57.38
N ALA C 283 -2.42 20.06 -56.13
CA ALA C 283 -1.61 21.05 -55.46
C ALA C 283 -0.15 21.01 -55.88
N ALA C 284 0.30 19.92 -56.48
CA ALA C 284 1.67 19.91 -56.99
C ALA C 284 1.80 20.71 -58.26
N ALA C 285 0.74 20.81 -59.05
CA ALA C 285 0.74 21.55 -60.31
C ALA C 285 0.61 23.05 -60.10
N ASN C 286 0.17 23.49 -58.92
CA ASN C 286 -0.01 24.91 -58.64
C ASN C 286 1.12 25.50 -57.83
N GLY C 287 2.19 24.75 -57.59
CA GLY C 287 3.37 25.30 -56.96
C GLY C 287 3.41 25.22 -55.45
N PHE C 288 2.74 24.23 -54.84
CA PHE C 288 2.80 24.07 -53.40
C PHE C 288 3.96 23.18 -52.95
N ASN C 289 4.71 22.58 -53.87
CA ASN C 289 5.93 21.87 -53.50
C ASN C 289 7.05 22.82 -53.11
N THR C 290 6.93 24.09 -53.45
CA THR C 290 7.76 25.16 -52.92
C THR C 290 6.85 26.19 -52.28
N ALA C 291 7.41 27.38 -52.00
CA ALA C 291 6.70 28.53 -51.42
C ALA C 291 6.14 28.19 -50.04
N GLY C 292 7.03 27.75 -49.17
CA GLY C 292 6.77 27.72 -47.74
C GLY C 292 7.82 28.55 -47.06
N ALA C 293 8.04 28.31 -45.77
CA ALA C 293 9.13 28.98 -45.06
C ALA C 293 10.43 28.28 -45.42
N GLY C 294 11.25 28.93 -46.23
CA GLY C 294 12.48 28.33 -46.68
C GLY C 294 12.29 27.33 -47.81
N SER C 295 11.26 27.55 -48.64
CA SER C 295 10.92 26.72 -49.81
C SER C 295 10.64 25.26 -49.41
N ALA C 296 9.71 25.11 -48.48
CA ALA C 296 9.28 23.79 -48.01
C ALA C 296 7.93 23.43 -48.62
N PRO C 297 7.66 22.15 -48.85
CA PRO C 297 6.36 21.76 -49.39
C PRO C 297 5.25 21.92 -48.37
N ILE C 298 4.13 22.49 -48.83
CA ILE C 298 2.94 22.65 -48.00
C ILE C 298 1.75 22.06 -48.75
N ARG C 299 0.71 21.70 -48.02
CA ARG C 299 -0.51 21.16 -48.59
C ARG C 299 -1.72 21.84 -47.97
N PRO C 300 -2.82 21.97 -48.71
CA PRO C 300 -4.04 22.53 -48.13
C PRO C 300 -4.96 21.48 -47.54
N VAL C 301 -5.69 21.89 -46.51
CA VAL C 301 -6.71 21.08 -45.85
C VAL C 301 -8.00 21.88 -45.86
N PHE C 302 -9.09 21.28 -46.32
CA PHE C 302 -10.35 21.98 -46.50
C PHE C 302 -11.36 21.51 -45.46
N LEU C 303 -11.59 22.31 -44.44
CA LEU C 303 -12.60 22.03 -43.43
C LEU C 303 -13.89 22.71 -43.85
N CYS C 304 -14.85 21.92 -44.31
CA CYS C 304 -16.06 22.48 -44.88
C CYS C 304 -17.30 22.06 -44.09
N GLY C 305 -18.30 22.94 -44.10
CA GLY C 305 -19.53 22.72 -43.37
C GLY C 305 -20.67 22.26 -44.24
N THR C 306 -21.66 23.12 -44.46
CA THR C 306 -22.83 22.78 -45.24
C THR C 306 -23.05 23.84 -46.29
N GLN C 307 -23.36 23.40 -47.52
CA GLN C 307 -23.65 24.24 -48.68
C GLN C 307 -22.45 25.10 -49.04
N SER C 308 -21.33 24.44 -49.29
CA SER C 308 -20.08 25.11 -49.58
C SER C 308 -19.76 25.18 -51.07
N VAL C 309 -20.29 24.26 -51.87
CA VAL C 309 -20.13 24.26 -53.32
C VAL C 309 -21.51 24.02 -53.94
N PHE C 310 -21.92 24.87 -54.87
CA PHE C 310 -23.18 24.67 -55.58
C PHE C 310 -22.96 23.90 -56.88
N LEU C 311 -23.96 23.14 -57.29
CA LEU C 311 -23.90 22.34 -58.51
C LEU C 311 -25.17 22.58 -59.31
N ALA C 312 -25.04 23.14 -60.50
CA ALA C 312 -26.17 23.45 -61.34
C ALA C 312 -26.20 22.48 -62.52
N TYR C 313 -27.23 21.64 -62.57
CA TYR C 313 -27.39 20.67 -63.63
C TYR C 313 -28.33 21.22 -64.69
N ALA C 314 -27.88 21.19 -65.95
CA ALA C 314 -28.76 21.51 -67.06
C ALA C 314 -29.04 20.31 -67.96
N GLN C 315 -28.10 19.38 -68.08
CA GLN C 315 -28.31 18.15 -68.83
C GLN C 315 -27.45 17.06 -68.22
N ARG C 316 -28.08 15.92 -67.94
CA ARG C 316 -27.36 14.73 -67.49
C ARG C 316 -26.50 14.19 -68.65
N PRO C 317 -25.43 13.45 -68.35
CA PRO C 317 -24.59 12.91 -69.42
C PRO C 317 -25.32 11.86 -70.26
N GLN C 318 -25.33 12.08 -71.56
CA GLN C 318 -26.02 11.23 -72.52
C GLN C 318 -25.04 10.73 -73.56
N ALA C 319 -25.28 9.52 -74.06
CA ALA C 319 -24.40 8.86 -75.01
C ALA C 319 -25.05 8.75 -76.38
N GLY C 320 -24.22 8.61 -77.40
CA GLY C 320 -24.69 8.47 -78.77
C GLY C 320 -23.61 7.96 -79.69
N THR C 321 -24.02 7.36 -80.80
CA THR C 321 -23.10 6.75 -81.74
C THR C 321 -23.44 7.19 -83.16
N GLU C 322 -22.48 7.00 -84.07
CA GLU C 322 -22.61 7.46 -85.44
C GLU C 322 -21.82 6.56 -86.37
N LYS C 323 -22.40 6.26 -87.54
CA LYS C 323 -21.68 5.57 -88.60
C LYS C 323 -21.23 6.60 -89.63
N SER C 324 -19.92 6.86 -89.67
CA SER C 324 -19.41 8.07 -90.29
C SER C 324 -19.26 7.96 -91.79
N ASP C 325 -18.41 7.05 -92.27
CA ASP C 325 -17.91 7.11 -93.65
C ASP C 325 -19.02 6.65 -94.60
N ILE C 326 -19.41 5.38 -94.57
CA ILE C 326 -20.58 4.89 -95.30
C ILE C 326 -21.32 3.94 -94.36
N PRO C 327 -22.63 4.09 -94.17
CA PRO C 327 -23.37 3.16 -93.30
C PRO C 327 -23.46 1.74 -93.86
N ALA C 328 -23.33 1.57 -95.18
CA ALA C 328 -23.33 0.24 -95.76
C ALA C 328 -21.97 -0.43 -95.63
N LEU C 329 -20.90 0.22 -96.09
CA LEU C 329 -19.54 -0.25 -95.90
C LEU C 329 -19.03 0.24 -94.55
N ASN C 330 -19.17 -0.59 -93.52
CA ASN C 330 -18.96 -0.17 -92.13
C ASN C 330 -17.48 0.07 -91.87
N ARG C 331 -16.95 1.15 -92.43
CA ARG C 331 -15.54 1.45 -92.37
C ARG C 331 -15.16 2.39 -91.23
N ARG C 332 -16.14 2.99 -90.56
CA ARG C 332 -15.85 3.97 -89.53
C ARG C 332 -17.06 4.09 -88.61
N MET C 333 -16.78 4.38 -87.35
CA MET C 333 -17.83 4.56 -86.34
C MET C 333 -17.26 5.46 -85.24
N THR C 334 -18.13 6.30 -84.67
CA THR C 334 -17.73 7.23 -83.62
C THR C 334 -18.75 7.18 -82.50
N VAL C 335 -18.28 6.98 -81.27
CA VAL C 335 -19.11 7.07 -80.08
C VAL C 335 -18.74 8.35 -79.34
N GLY C 336 -19.68 8.88 -78.56
CA GLY C 336 -19.45 10.12 -77.85
C GLY C 336 -20.41 10.31 -76.70
N MET C 337 -20.11 11.32 -75.88
CA MET C 337 -20.91 11.62 -74.70
C MET C 337 -20.85 13.13 -74.45
N ASP C 338 -21.95 13.69 -73.92
CA ASP C 338 -22.16 15.12 -73.87
C ASP C 338 -22.77 15.51 -72.54
N GLU C 339 -22.49 16.72 -72.05
CA GLU C 339 -22.96 17.14 -70.73
C GLU C 339 -23.01 18.66 -70.65
N ILE C 340 -24.00 19.18 -69.92
CA ILE C 340 -24.10 20.60 -69.61
C ILE C 340 -24.16 20.72 -68.09
N ILE C 341 -23.16 21.38 -67.48
CA ILE C 341 -23.05 21.44 -66.03
C ILE C 341 -22.24 22.69 -65.66
N GLY C 342 -22.43 23.16 -64.42
CA GLY C 342 -21.65 24.26 -63.87
C GLY C 342 -21.36 24.09 -62.40
N VAL C 343 -20.10 24.23 -62.01
CA VAL C 343 -19.65 24.01 -60.63
C VAL C 343 -18.99 25.29 -60.14
N LYS C 344 -19.38 25.74 -58.94
CA LYS C 344 -18.85 26.99 -58.39
C LYS C 344 -18.90 26.92 -56.87
N LYS C 345 -17.85 27.43 -56.24
CA LYS C 345 -17.82 27.55 -54.79
C LYS C 345 -18.78 28.62 -54.32
N ALA C 346 -19.51 28.32 -53.25
CA ALA C 346 -20.47 29.26 -52.66
C ALA C 346 -19.75 30.48 -52.11
N ALA C 347 -20.04 31.65 -52.67
CA ALA C 347 -19.43 32.90 -52.26
C ALA C 347 -20.52 33.95 -52.13
N PHE C 348 -20.52 34.68 -51.01
CA PHE C 348 -21.46 35.76 -50.77
C PHE C 348 -20.69 36.92 -50.14
N ASN C 349 -20.82 38.11 -50.73
CA ASN C 349 -20.21 39.36 -50.23
C ASN C 349 -18.70 39.24 -50.14
N GLY C 350 -18.10 38.54 -51.10
CA GLY C 350 -16.66 38.37 -51.12
C GLY C 350 -16.11 37.47 -50.05
N LYS C 351 -16.91 36.55 -49.51
CA LYS C 351 -16.48 35.65 -48.45
C LYS C 351 -16.89 34.23 -48.80
N GLN C 352 -16.06 33.28 -48.36
CA GLN C 352 -16.40 31.87 -48.45
C GLN C 352 -17.60 31.56 -47.56
N HIS C 353 -18.58 30.86 -48.11
CA HIS C 353 -19.82 30.61 -47.36
C HIS C 353 -19.61 29.51 -46.33
N GLY C 354 -18.96 28.42 -46.72
CA GLY C 354 -18.86 27.28 -45.82
C GLY C 354 -17.56 26.51 -45.82
N VAL C 355 -16.44 27.15 -46.17
CA VAL C 355 -15.14 26.49 -46.23
C VAL C 355 -14.20 27.23 -45.28
N VAL C 356 -13.35 26.48 -44.58
CA VAL C 356 -12.20 27.02 -43.86
C VAL C 356 -10.95 26.38 -44.42
N MET C 357 -10.13 27.15 -45.11
CA MET C 357 -8.90 26.64 -45.70
C MET C 357 -7.76 26.65 -44.70
N GLY C 358 -6.95 25.60 -44.71
CA GLY C 358 -5.85 25.49 -43.79
C GLY C 358 -4.62 24.96 -44.49
N PHE C 359 -3.48 25.58 -44.20
CA PHE C 359 -2.21 25.25 -44.85
C PHE C 359 -1.23 24.73 -43.82
N PHE C 360 -0.77 23.49 -44.02
CA PHE C 360 0.17 22.85 -43.13
C PHE C 360 1.41 22.44 -43.91
N GLY C 361 2.52 22.27 -43.19
CA GLY C 361 3.77 21.89 -43.84
C GLY C 361 3.94 20.38 -43.93
N ALA C 362 3.62 19.82 -45.10
CA ALA C 362 3.77 18.39 -45.34
C ALA C 362 5.11 18.14 -46.02
N ALA C 363 6.00 17.44 -45.32
CA ALA C 363 7.37 17.25 -45.82
C ALA C 363 7.39 16.25 -46.97
N GLY C 364 6.57 15.21 -46.90
CA GLY C 364 6.52 14.23 -47.96
C GLY C 364 7.71 13.29 -47.97
N ASP C 365 8.04 12.73 -46.81
CA ASP C 365 9.15 11.78 -46.72
C ASP C 365 8.66 10.37 -46.99
N MET D 1 29.85 -63.69 -16.73
CA MET D 1 29.00 -64.71 -16.13
C MET D 1 29.40 -66.11 -16.55
N ALA D 2 28.84 -67.11 -15.85
CA ALA D 2 29.03 -68.51 -16.22
C ALA D 2 27.73 -69.30 -16.17
N ASP D 3 26.61 -68.66 -16.49
CA ASP D 3 25.39 -69.34 -16.88
C ASP D 3 25.48 -69.66 -18.37
N PHE D 4 24.32 -69.93 -18.97
CA PHE D 4 24.23 -69.94 -20.42
C PHE D 4 24.68 -68.59 -20.97
N SER D 5 25.85 -68.58 -21.61
CA SER D 5 26.48 -67.35 -22.08
C SER D 5 26.44 -67.33 -23.60
N LEU D 6 25.61 -66.46 -24.15
CA LEU D 6 25.40 -66.42 -25.58
C LEU D 6 26.45 -65.52 -26.23
N ALA D 7 26.71 -65.76 -27.51
CA ALA D 7 27.82 -65.10 -28.18
C ALA D 7 27.48 -63.67 -28.54
N THR D 8 28.52 -62.86 -28.77
CA THR D 8 28.32 -61.47 -29.12
C THR D 8 27.83 -61.31 -30.55
N ALA D 9 28.25 -62.21 -31.43
CA ALA D 9 27.85 -62.20 -32.84
C ALA D 9 26.62 -63.05 -33.09
N SER D 10 26.05 -63.65 -32.05
CA SER D 10 24.85 -64.46 -32.17
C SER D 10 23.62 -63.76 -31.61
N GLN D 11 23.73 -62.51 -31.21
CA GLN D 11 22.60 -61.76 -30.67
C GLN D 11 21.75 -61.22 -31.81
N ARG D 12 20.43 -61.37 -31.67
CA ARG D 12 19.46 -60.99 -32.69
C ARG D 12 19.46 -59.47 -32.89
N LYS D 13 18.92 -59.02 -34.02
CA LYS D 13 18.53 -57.63 -34.20
C LYS D 13 17.12 -57.59 -34.76
N GLU D 14 16.60 -56.39 -35.00
CA GLU D 14 15.27 -56.22 -35.57
C GLU D 14 15.22 -54.92 -36.35
N TRP D 15 14.58 -54.96 -37.52
CA TRP D 15 14.45 -53.81 -38.41
C TRP D 15 12.98 -53.47 -38.57
N SER D 16 12.64 -52.20 -38.40
CA SER D 16 11.24 -51.76 -38.43
C SER D 16 10.79 -51.48 -39.86
N ASN D 17 9.48 -51.56 -40.07
CA ASN D 17 8.87 -51.38 -41.38
C ASN D 17 8.39 -49.95 -41.59
N LYS D 18 8.20 -49.20 -40.52
CA LYS D 18 7.65 -47.84 -40.62
C LYS D 18 8.80 -46.85 -40.76
N ALA D 19 8.78 -46.08 -41.85
CA ALA D 19 9.86 -45.16 -42.16
C ALA D 19 9.40 -43.72 -41.97
N HIS D 20 10.36 -42.83 -41.75
CA HIS D 20 10.06 -41.41 -41.57
C HIS D 20 10.49 -40.63 -42.80
N MET D 21 9.86 -39.48 -43.00
CA MET D 21 10.15 -38.61 -44.12
C MET D 21 10.75 -37.30 -43.62
N GLU D 22 11.05 -36.40 -44.54
CA GLU D 22 11.48 -35.05 -44.22
C GLU D 22 10.34 -34.07 -44.45
N TYR D 23 10.18 -33.13 -43.52
CA TYR D 23 9.17 -32.09 -43.59
C TYR D 23 9.41 -31.17 -44.78
N VAL D 24 8.33 -30.62 -45.34
CA VAL D 24 8.39 -29.94 -46.64
C VAL D 24 7.93 -28.49 -46.56
N ARG D 25 6.99 -28.17 -45.64
CA ARG D 25 6.40 -26.83 -45.50
C ARG D 25 5.75 -26.37 -46.81
N ARG D 26 4.54 -26.89 -47.04
CA ARG D 26 3.82 -27.02 -48.32
C ARG D 26 3.95 -25.80 -49.22
N SER D 27 3.37 -24.65 -48.85
CA SER D 27 3.40 -23.44 -49.66
C SER D 27 2.83 -22.27 -48.88
N ARG D 28 3.48 -21.12 -49.01
CA ARG D 28 2.94 -19.88 -48.47
C ARG D 28 2.20 -19.08 -49.53
N PHE D 29 2.23 -19.51 -50.79
CA PHE D 29 1.48 -18.88 -51.86
C PHE D 29 0.17 -19.59 -52.17
N ALA D 30 -0.21 -20.57 -51.34
CA ALA D 30 -1.34 -21.43 -51.68
C ALA D 30 -2.73 -20.80 -51.58
N PRO D 31 -3.08 -19.92 -50.62
CA PRO D 31 -4.41 -19.30 -50.67
C PRO D 31 -4.58 -18.23 -51.74
N TYR D 32 -3.57 -17.96 -52.56
CA TYR D 32 -3.57 -16.80 -53.45
C TYR D 32 -3.57 -17.21 -54.92
N ILE D 33 -3.57 -18.50 -55.21
CA ILE D 33 -3.56 -19.01 -56.58
C ILE D 33 -4.97 -19.50 -56.88
N ARG D 34 -5.72 -18.70 -57.64
CA ARG D 34 -7.08 -19.03 -58.04
C ARG D 34 -7.18 -18.87 -59.56
N ASN D 35 -8.39 -19.07 -60.08
CA ASN D 35 -8.65 -18.88 -61.51
C ASN D 35 -9.60 -17.73 -61.79
N THR D 36 -10.00 -16.98 -60.77
CA THR D 36 -10.93 -15.87 -60.97
C THR D 36 -10.16 -14.61 -61.36
N GLU D 37 -10.86 -13.48 -61.43
CA GLU D 37 -10.25 -12.24 -61.89
C GLU D 37 -9.71 -11.39 -60.75
N ASN D 38 -10.16 -11.63 -59.53
CA ASN D 38 -9.72 -10.84 -58.38
C ASN D 38 -8.69 -11.57 -57.53
N SER D 39 -7.85 -12.37 -58.18
CA SER D 39 -6.82 -13.12 -57.48
C SER D 39 -5.45 -12.53 -57.80
N ILE D 40 -4.50 -12.77 -56.91
CA ILE D 40 -3.17 -12.20 -57.08
C ILE D 40 -2.41 -12.97 -58.15
N PHE D 41 -2.34 -14.29 -58.02
CA PHE D 41 -1.68 -15.15 -59.01
C PHE D 41 -2.81 -15.83 -59.78
N GLN D 42 -3.00 -15.44 -61.04
CA GLN D 42 -4.16 -15.88 -61.80
C GLN D 42 -3.78 -16.99 -62.76
N GLY D 43 -4.61 -18.03 -62.83
CA GLY D 43 -4.38 -19.15 -63.70
C GLY D 43 -5.27 -19.13 -64.92
N TYR D 44 -4.79 -19.75 -66.00
CA TYR D 44 -5.53 -19.83 -67.25
C TYR D 44 -5.57 -21.26 -67.75
N SER D 45 -6.78 -21.80 -67.91
CA SER D 45 -6.97 -23.16 -68.43
C SER D 45 -7.33 -23.16 -69.90
N ASP D 46 -6.87 -22.16 -70.66
CA ASP D 46 -7.20 -22.10 -72.07
C ASP D 46 -6.37 -23.06 -72.92
N LEU D 47 -5.15 -23.37 -72.47
CA LEU D 47 -4.33 -24.35 -73.16
C LEU D 47 -4.54 -25.75 -72.63
N GLU D 48 -5.24 -25.89 -71.51
CA GLU D 48 -5.68 -27.21 -71.04
C GLU D 48 -6.76 -27.77 -71.96
N LYS D 49 -7.50 -26.88 -72.62
CA LYS D 49 -8.32 -27.19 -73.78
C LYS D 49 -7.47 -27.29 -75.03
N ARG D 50 -8.11 -27.20 -76.19
CA ARG D 50 -7.83 -27.91 -77.46
C ARG D 50 -6.33 -28.04 -77.78
N ALA D 51 -5.61 -26.94 -78.00
CA ALA D 51 -4.18 -27.01 -78.34
C ALA D 51 -3.55 -25.65 -78.17
N GLY D 52 -2.22 -25.61 -78.21
CA GLY D 52 -1.51 -24.34 -78.18
C GLY D 52 -0.11 -24.47 -77.64
N ASP D 53 0.62 -23.37 -77.76
CA ASP D 53 1.98 -23.26 -77.25
C ASP D 53 2.19 -22.04 -76.36
N THR D 54 1.58 -20.90 -76.67
CA THR D 54 1.69 -19.71 -75.83
C THR D 54 0.31 -19.07 -75.74
N LEU D 55 0.19 -18.06 -74.89
CA LEU D 55 -1.11 -17.44 -74.64
C LEU D 55 -0.91 -15.94 -74.46
N ASN D 56 -1.60 -15.16 -75.29
CA ASN D 56 -1.47 -13.70 -75.29
C ASN D 56 -2.67 -13.08 -74.59
N ILE D 57 -2.41 -12.07 -73.74
CA ILE D 57 -3.43 -11.44 -72.93
C ILE D 57 -3.42 -9.94 -73.24
N PRO D 58 -4.57 -9.31 -73.51
CA PRO D 58 -4.58 -7.88 -73.81
C PRO D 58 -4.85 -6.99 -72.59
N LEU D 59 -4.66 -5.68 -72.80
CA LEU D 59 -4.85 -4.66 -71.78
C LEU D 59 -5.29 -3.37 -72.44
N PHE D 60 -6.27 -2.69 -71.85
CA PHE D 60 -6.66 -1.35 -72.27
C PHE D 60 -6.35 -0.34 -71.18
N TYR D 61 -5.74 0.78 -71.57
CA TYR D 61 -5.46 1.85 -70.62
C TYR D 61 -6.69 2.71 -70.36
N LYS D 62 -6.42 3.85 -69.73
CA LYS D 62 -7.41 4.86 -69.37
C LYS D 62 -7.47 5.86 -70.53
N LEU D 63 -8.14 6.98 -70.33
CA LEU D 63 -8.34 7.96 -71.38
C LEU D 63 -7.72 9.30 -70.98
N GLY D 64 -7.19 10.04 -71.96
CA GLY D 64 -6.10 10.96 -71.69
C GLY D 64 -6.12 12.47 -71.91
N GLY D 65 -7.02 13.02 -72.72
CA GLY D 65 -6.75 14.30 -73.36
C GLY D 65 -7.13 15.54 -72.54
N ALA D 66 -8.08 16.43 -73.12
CA ALA D 66 -8.67 17.68 -72.56
C ALA D 66 -10.13 17.88 -72.93
N PRO D 67 -10.98 18.37 -72.02
CA PRO D 67 -12.40 18.50 -72.34
C PRO D 67 -12.64 19.67 -73.29
N VAL D 68 -13.33 19.36 -74.40
CA VAL D 68 -13.27 20.19 -75.59
C VAL D 68 -14.11 21.45 -75.34
N THR D 69 -13.41 22.50 -74.90
CA THR D 69 -14.05 23.58 -74.18
C THR D 69 -14.72 24.57 -75.13
N GLY D 70 -16.00 24.85 -74.88
CA GLY D 70 -16.67 25.99 -75.44
C GLY D 70 -17.45 25.76 -76.73
N ASP D 71 -16.76 25.31 -77.77
CA ASP D 71 -17.26 25.37 -79.14
C ASP D 71 -17.04 24.11 -79.93
N THR D 72 -16.10 23.30 -79.50
CA THR D 72 -15.49 22.26 -80.31
C THR D 72 -16.42 21.08 -80.56
N PRO D 73 -16.28 20.39 -81.70
CA PRO D 73 -17.20 19.31 -82.05
C PRO D 73 -17.08 18.09 -81.15
N ILE D 74 -17.87 17.07 -81.49
CA ILE D 74 -17.52 15.70 -81.16
C ILE D 74 -17.30 14.93 -82.46
N VAL D 75 -16.79 15.62 -83.48
CA VAL D 75 -16.44 14.99 -84.75
C VAL D 75 -15.13 15.56 -85.28
N GLY D 76 -14.66 16.66 -84.70
CA GLY D 76 -13.46 17.21 -85.24
C GLY D 76 -12.22 16.55 -84.67
N ASN D 77 -12.03 16.63 -83.35
CA ASN D 77 -10.77 16.50 -82.61
C ASN D 77 -10.20 15.21 -81.97
N GLU D 78 -10.02 14.06 -82.71
CA GLU D 78 -9.80 12.65 -82.26
C GLU D 78 -8.82 12.31 -81.14
N THR D 79 -9.15 11.19 -80.40
CA THR D 79 -8.42 10.30 -79.49
C THR D 79 -8.19 8.89 -80.04
N PRO D 80 -7.04 8.31 -79.75
CA PRO D 80 -6.91 6.85 -79.75
C PRO D 80 -7.17 6.26 -78.37
N LEU D 81 -7.45 4.97 -78.34
CA LEU D 81 -7.51 4.21 -77.09
C LEU D 81 -6.33 3.25 -77.04
N ASP D 82 -5.58 3.27 -75.94
CA ASP D 82 -4.33 2.53 -75.84
C ASP D 82 -4.59 1.05 -75.60
N ASN D 83 -3.67 0.21 -76.09
CA ASN D 83 -3.88 -1.22 -76.16
C ASN D 83 -2.53 -1.91 -76.18
N TYR D 84 -2.37 -2.96 -75.37
CA TYR D 84 -1.09 -3.66 -75.26
C TYR D 84 -1.33 -5.16 -75.09
N ASN D 85 -0.23 -5.91 -75.06
CA ASN D 85 -0.26 -7.36 -75.09
C ASN D 85 0.74 -7.92 -74.08
N CYS D 86 0.54 -9.17 -73.68
CA CYS D 86 1.49 -9.93 -72.88
C CYS D 86 1.33 -11.40 -73.17
N GLY D 87 2.40 -12.07 -73.56
CA GLY D 87 2.36 -13.47 -73.95
C GLY D 87 3.20 -14.34 -73.02
N VAL D 88 2.60 -15.43 -72.57
CA VAL D 88 3.26 -16.36 -71.64
C VAL D 88 3.62 -17.64 -72.40
N PRO D 89 4.90 -18.01 -72.44
CA PRO D 89 5.28 -19.27 -73.09
C PRO D 89 5.23 -20.45 -72.12
N VAL D 90 4.98 -21.63 -72.69
CA VAL D 90 4.64 -22.84 -71.95
C VAL D 90 5.59 -23.95 -72.37
N ALA D 91 6.14 -24.69 -71.39
CA ALA D 91 7.12 -25.74 -71.68
C ALA D 91 6.82 -27.01 -70.88
N LEU D 92 7.31 -28.13 -71.40
CA LEU D 92 7.24 -29.46 -70.78
C LEU D 92 8.30 -29.55 -69.70
N ARG D 93 8.06 -30.37 -68.66
CA ARG D 93 9.04 -30.62 -67.61
C ARG D 93 8.64 -31.84 -66.80
N GLY D 94 9.63 -32.54 -66.23
CA GLY D 94 9.35 -33.75 -65.48
C GLY D 94 10.52 -34.24 -64.63
N LYS D 95 10.35 -35.46 -64.09
CA LYS D 95 11.23 -36.03 -63.08
C LYS D 95 10.86 -37.50 -62.88
N GLY D 96 11.87 -38.35 -62.66
CA GLY D 96 11.63 -39.77 -62.45
C GLY D 96 12.63 -40.41 -61.48
N VAL D 97 12.24 -41.56 -60.93
CA VAL D 97 13.01 -42.30 -59.92
C VAL D 97 13.00 -43.78 -60.27
N ALA D 98 14.16 -44.44 -60.21
CA ALA D 98 14.30 -45.86 -60.52
C ALA D 98 14.45 -46.69 -59.26
N ILE D 99 14.00 -47.96 -59.32
CA ILE D 99 14.09 -48.92 -58.23
C ILE D 99 14.50 -50.26 -58.81
N THR D 100 15.63 -50.79 -58.34
CA THR D 100 16.17 -52.05 -58.82
C THR D 100 15.65 -53.23 -57.99
N LYS D 101 16.29 -54.39 -58.15
CA LYS D 101 16.04 -55.55 -57.30
C LYS D 101 17.28 -55.93 -56.49
N ASN D 102 18.46 -55.54 -56.93
CA ASN D 102 19.70 -55.75 -56.17
C ASN D 102 19.67 -55.00 -54.84
N GLN D 103 19.00 -53.85 -54.78
CA GLN D 103 18.88 -53.08 -53.57
C GLN D 103 17.53 -53.24 -52.89
N THR D 104 16.78 -54.29 -53.21
CA THR D 104 15.41 -54.40 -52.74
C THR D 104 15.14 -55.67 -51.93
N PHE D 105 15.81 -56.78 -52.23
CA PHE D 105 15.64 -57.97 -51.41
C PHE D 105 16.30 -57.83 -50.04
N ARG D 106 17.19 -56.86 -49.87
CA ARG D 106 17.92 -56.66 -48.64
C ARG D 106 17.10 -55.92 -47.58
N THR D 107 15.95 -55.35 -47.96
CA THR D 107 15.10 -54.61 -47.04
C THR D 107 13.71 -55.20 -47.03
N GLU D 108 12.85 -54.62 -46.20
CA GLU D 108 11.44 -54.99 -46.12
C GLU D 108 10.54 -53.79 -46.32
N ILE D 109 11.09 -52.58 -46.18
CA ILE D 109 10.33 -51.35 -46.40
C ILE D 109 10.07 -51.15 -47.88
N ASP D 110 8.89 -50.66 -48.21
CA ASP D 110 8.49 -50.46 -49.61
C ASP D 110 9.13 -49.18 -50.15
N VAL D 111 10.10 -49.35 -51.05
CA VAL D 111 10.77 -48.20 -51.64
C VAL D 111 9.92 -47.62 -52.75
N MET D 112 9.00 -48.42 -53.32
CA MET D 112 8.14 -47.94 -54.40
C MET D 112 7.17 -46.88 -53.92
N ASN D 113 6.46 -47.13 -52.82
CA ASN D 113 5.50 -46.17 -52.32
C ASN D 113 6.18 -44.94 -51.71
N ALA D 114 7.39 -45.11 -51.18
CA ALA D 114 8.13 -43.97 -50.66
C ALA D 114 8.68 -43.08 -51.78
N ALA D 115 8.87 -43.63 -52.98
CA ALA D 115 9.34 -42.85 -54.10
C ALA D 115 8.21 -42.20 -54.89
N LYS D 116 6.98 -42.69 -54.75
CA LYS D 116 5.84 -42.07 -55.41
C LYS D 116 5.25 -40.94 -54.58
N GLN D 117 5.32 -41.04 -53.26
CA GLN D 117 4.83 -39.95 -52.40
C GLN D 117 5.78 -38.77 -52.43
N SER D 118 7.08 -39.02 -52.46
CA SER D 118 8.08 -37.96 -52.52
C SER D 118 8.23 -37.37 -53.91
N LEU D 119 7.46 -37.86 -54.88
CA LEU D 119 7.50 -37.33 -56.23
C LEU D 119 6.34 -36.41 -56.54
N THR D 120 5.17 -36.66 -55.92
CA THR D 120 4.08 -35.68 -55.95
C THR D 120 4.41 -34.46 -55.12
N ARG D 121 5.28 -34.62 -54.13
CA ARG D 121 5.61 -33.58 -53.18
C ARG D 121 6.78 -32.73 -53.66
N TYR D 122 7.42 -33.14 -54.76
CA TYR D 122 8.49 -32.35 -55.38
C TYR D 122 7.95 -31.37 -56.40
N PHE D 123 6.85 -31.72 -57.07
CA PHE D 123 6.20 -30.80 -58.01
C PHE D 123 5.32 -29.77 -57.30
N GLY D 124 5.27 -29.78 -55.97
CA GLY D 124 4.68 -28.69 -55.24
C GLY D 124 5.71 -27.66 -54.84
N GLU D 125 6.91 -28.11 -54.48
CA GLU D 125 8.03 -27.21 -54.26
C GLU D 125 8.53 -26.60 -55.55
N LEU D 126 8.30 -27.26 -56.67
CA LEU D 126 8.75 -26.75 -57.95
C LEU D 126 7.87 -25.62 -58.46
N LEU D 127 6.64 -25.52 -57.95
CA LEU D 127 5.75 -24.45 -58.38
C LEU D 127 6.04 -23.15 -57.68
N ARG D 128 6.27 -23.16 -56.36
CA ARG D 128 6.52 -21.89 -55.69
C ARG D 128 7.97 -21.46 -55.84
N ASP D 129 8.84 -22.34 -56.33
CA ASP D 129 10.17 -21.93 -56.73
C ASP D 129 10.14 -21.16 -58.06
N ASP D 130 9.06 -21.28 -58.83
CA ASP D 130 8.89 -20.51 -60.05
C ASP D 130 8.17 -19.19 -59.82
N ILE D 131 7.35 -19.09 -58.78
CA ILE D 131 6.69 -17.82 -58.48
C ILE D 131 7.67 -16.85 -57.83
N ILE D 132 8.58 -17.35 -57.00
CA ILE D 132 9.62 -16.50 -56.42
C ILE D 132 10.58 -16.02 -57.50
N GLU D 133 10.84 -16.87 -58.50
CA GLU D 133 11.70 -16.48 -59.61
C GLU D 133 10.99 -15.50 -60.54
N ALA D 134 9.65 -15.58 -60.64
CA ALA D 134 8.90 -14.67 -61.48
C ALA D 134 8.76 -13.30 -60.86
N LEU D 135 8.64 -13.23 -59.52
CA LEU D 135 8.52 -11.93 -58.86
C LEU D 135 9.82 -11.14 -58.93
N GLY D 136 10.95 -11.83 -58.96
CA GLY D 136 12.22 -11.14 -59.07
C GLY D 136 12.73 -11.03 -60.48
N SER D 137 11.82 -10.97 -61.46
CA SER D 137 12.21 -10.87 -62.86
C SER D 137 12.60 -9.44 -63.20
N VAL D 138 13.08 -9.25 -64.43
CA VAL D 138 13.49 -7.95 -64.94
C VAL D 138 12.79 -7.73 -66.26
N VAL D 139 11.91 -6.73 -66.30
CA VAL D 139 11.12 -6.42 -67.49
C VAL D 139 11.94 -5.46 -68.34
N THR D 140 12.45 -5.95 -69.47
CA THR D 140 13.34 -5.13 -70.28
C THR D 140 12.55 -4.13 -71.10
N THR D 141 11.80 -4.62 -72.10
CA THR D 141 11.02 -3.80 -73.03
C THR D 141 9.86 -4.59 -73.60
N GLY D 142 8.64 -4.37 -73.08
CA GLY D 142 7.45 -4.93 -73.71
C GLY D 142 7.36 -6.44 -73.74
N ASP D 143 7.07 -7.05 -72.58
CA ASP D 143 6.87 -8.49 -72.35
C ASP D 143 8.18 -9.27 -72.33
N THR D 144 9.31 -8.57 -72.28
CA THR D 144 10.60 -9.24 -72.25
C THR D 144 11.04 -9.30 -70.80
N THR D 145 10.66 -10.39 -70.13
CA THR D 145 11.02 -10.63 -68.74
C THR D 145 12.20 -11.59 -68.70
N VAL D 146 13.32 -11.10 -68.19
CA VAL D 146 14.54 -11.88 -68.01
C VAL D 146 14.70 -12.12 -66.52
N ASN D 147 15.11 -13.33 -66.15
CA ASN D 147 15.38 -13.63 -64.75
C ASN D 147 16.56 -12.82 -64.25
N TYR D 148 16.61 -12.63 -62.93
CA TYR D 148 17.58 -11.71 -62.34
C TYR D 148 19.00 -12.25 -62.43
N GLY D 149 19.17 -13.57 -62.38
CA GLY D 149 20.50 -14.15 -62.46
C GLY D 149 21.08 -14.08 -63.86
N SER D 150 20.25 -14.32 -64.87
CA SER D 150 20.68 -14.35 -66.26
C SER D 150 20.46 -13.02 -66.96
N ALA D 151 20.42 -11.91 -66.23
CA ALA D 151 20.26 -10.60 -66.82
C ALA D 151 21.61 -9.88 -66.84
N SER D 152 21.80 -9.04 -67.85
CA SER D 152 23.04 -8.29 -67.98
C SER D 152 22.93 -6.99 -67.21
N ALA D 153 24.01 -6.20 -67.23
CA ALA D 153 23.99 -4.90 -66.59
C ALA D 153 23.17 -3.89 -67.38
N ALA D 154 23.03 -4.10 -68.69
CA ALA D 154 22.23 -3.19 -69.52
C ALA D 154 20.75 -3.53 -69.46
N ASN D 155 20.40 -4.77 -69.16
CA ASN D 155 19.00 -5.13 -68.98
C ASN D 155 18.45 -4.63 -67.67
N ARG D 156 19.31 -4.46 -66.66
CA ARG D 156 18.88 -3.94 -65.38
C ARG D 156 18.80 -2.42 -65.37
N ASN D 157 19.65 -1.76 -66.15
CA ASN D 157 19.59 -0.30 -66.24
C ASN D 157 18.41 0.17 -67.07
N ALA D 158 17.85 -0.71 -67.91
CA ALA D 158 16.64 -0.39 -68.65
C ALA D 158 15.37 -0.71 -67.87
N PHE D 159 15.48 -1.57 -66.87
CA PHE D 159 14.34 -1.83 -65.98
C PHE D 159 14.12 -0.67 -65.03
N SER D 160 15.20 -0.09 -64.50
CA SER D 160 15.11 1.25 -63.94
C SER D 160 15.01 2.26 -65.07
N ALA D 161 14.56 3.47 -64.74
CA ALA D 161 14.20 4.54 -65.68
C ALA D 161 13.11 4.12 -66.66
N ALA D 162 12.35 3.08 -66.30
CA ALA D 162 11.09 2.71 -66.92
C ALA D 162 10.04 2.48 -65.86
N ASN D 163 10.47 2.12 -64.65
CA ASN D 163 9.62 2.04 -63.47
C ASN D 163 10.15 2.93 -62.35
N PRO D 164 9.99 4.25 -62.43
CA PRO D 164 10.44 5.10 -61.32
C PRO D 164 9.41 5.23 -60.20
N ASP D 165 8.16 4.86 -60.46
CA ASP D 165 7.09 4.93 -59.47
C ASP D 165 6.75 3.58 -58.88
N ARG D 166 7.52 2.54 -59.19
CA ARG D 166 7.25 1.19 -58.72
C ARG D 166 8.47 0.53 -58.09
N LEU D 167 9.64 1.15 -58.20
CA LEU D 167 10.84 0.67 -57.54
C LEU D 167 11.14 1.56 -56.36
N PHE D 168 11.18 0.96 -55.18
CA PHE D 168 11.48 1.69 -53.95
C PHE D 168 12.79 1.18 -53.39
N PHE D 169 13.83 1.98 -53.50
CA PHE D 169 15.10 1.67 -52.85
C PHE D 169 15.02 2.10 -51.38
N GLY D 170 16.18 2.25 -50.74
CA GLY D 170 16.26 2.63 -49.34
C GLY D 170 15.46 3.85 -48.91
N SER D 171 15.36 4.83 -49.80
CA SER D 171 14.40 5.92 -49.69
C SER D 171 14.10 6.42 -51.09
N ILE D 172 13.18 7.38 -51.19
CA ILE D 172 12.89 7.96 -52.50
C ILE D 172 14.01 8.92 -52.92
N SER D 173 14.74 9.47 -51.95
CA SER D 173 15.93 10.26 -52.24
C SER D 173 17.14 9.40 -52.60
N GLY D 174 16.96 8.09 -52.76
CA GLY D 174 18.00 7.19 -53.19
C GLY D 174 17.71 6.48 -54.49
N TYR D 175 16.71 6.94 -55.23
CA TYR D 175 16.43 6.39 -56.56
C TYR D 175 17.51 6.80 -57.54
N SER D 176 17.85 5.90 -58.44
CA SER D 176 18.81 6.18 -59.50
C SER D 176 18.37 5.46 -60.77
N ALA D 177 18.78 6.02 -61.90
CA ALA D 177 18.44 5.41 -63.19
C ALA D 177 19.27 4.17 -63.48
N THR D 178 20.44 4.03 -62.86
CA THR D 178 21.24 2.83 -63.01
C THR D 178 21.00 1.91 -61.81
N TRP D 179 21.00 0.61 -62.07
CA TRP D 179 20.58 -0.37 -61.07
C TRP D 179 21.62 -0.54 -59.97
N ALA D 180 22.90 -0.54 -60.34
CA ALA D 180 23.95 -0.82 -59.37
C ALA D 180 24.17 0.34 -58.41
N THR D 181 23.90 1.57 -58.86
CA THR D 181 23.98 2.72 -57.97
C THR D 181 22.78 2.79 -57.04
N GLY D 182 21.60 2.39 -57.53
CA GLY D 182 20.40 2.41 -56.71
C GLY D 182 20.44 1.43 -55.57
N LEU D 183 21.08 0.28 -55.76
CA LEU D 183 21.29 -0.65 -54.66
C LEU D 183 22.44 -0.24 -53.76
N GLY D 184 23.23 0.75 -54.15
CA GLY D 184 24.26 1.28 -53.30
C GLY D 184 23.81 2.42 -52.42
N ASN D 185 22.54 2.79 -52.48
CA ASN D 185 21.99 3.88 -51.70
C ASN D 185 21.19 3.40 -50.50
N VAL D 186 21.00 2.10 -50.34
CA VAL D 186 20.28 1.56 -49.20
C VAL D 186 21.28 1.18 -48.11
N ASP D 187 21.13 1.81 -46.94
CA ASP D 187 22.06 1.64 -45.85
C ASP D 187 21.75 0.37 -45.06
N ALA D 188 22.63 0.05 -44.12
CA ALA D 188 22.35 -1.04 -43.19
C ALA D 188 21.45 -0.57 -42.05
N ALA D 189 21.33 0.74 -41.85
CA ALA D 189 20.46 1.31 -40.82
C ALA D 189 19.09 1.66 -41.35
N GLU D 190 18.83 1.46 -42.64
CA GLU D 190 17.53 1.71 -43.24
C GLU D 190 16.73 0.41 -43.25
N THR D 191 16.40 -0.09 -42.08
CA THR D 191 15.72 -1.38 -41.92
C THR D 191 14.23 -1.24 -42.20
N CYS D 192 13.54 -2.36 -42.11
CA CYS D 192 12.13 -2.42 -42.47
C CYS D 192 11.27 -2.17 -41.23
N THR D 193 10.90 -0.91 -41.01
CA THR D 193 9.95 -0.56 -39.97
C THR D 193 8.56 -0.42 -40.59
N ALA D 194 7.57 -0.19 -39.75
CA ALA D 194 6.20 -0.06 -40.24
C ALA D 194 5.89 1.30 -40.84
N ALA D 195 6.81 2.25 -40.73
CA ALA D 195 6.62 3.57 -41.32
C ALA D 195 7.15 3.65 -42.74
N ARG D 196 7.97 2.69 -43.16
CA ARG D 196 8.52 2.64 -44.50
C ARG D 196 7.76 1.71 -45.42
N VAL D 197 7.02 0.74 -44.88
CA VAL D 197 6.15 -0.07 -45.72
C VAL D 197 4.90 0.73 -46.09
N GLY D 198 4.53 1.71 -45.25
CA GLY D 198 3.47 2.62 -45.63
C GLY D 198 3.82 3.55 -46.77
N VAL D 199 5.12 3.74 -47.01
CA VAL D 199 5.57 4.50 -48.19
C VAL D 199 5.33 3.68 -49.45
N MET D 200 5.55 2.37 -49.38
CA MET D 200 5.32 1.50 -50.53
C MET D 200 3.85 1.37 -50.87
N LYS D 201 2.96 1.44 -49.86
CA LYS D 201 1.53 1.45 -50.14
C LYS D 201 1.11 2.75 -50.80
N ARG D 202 1.81 3.85 -50.48
CA ARG D 202 1.53 5.13 -51.10
C ARG D 202 1.97 5.16 -52.56
N LEU D 203 3.09 4.52 -52.89
CA LEU D 203 3.50 4.41 -54.29
C LEU D 203 2.54 3.55 -55.09
N ALA D 204 1.89 2.58 -54.45
CA ALA D 204 0.94 1.72 -55.15
C ALA D 204 -0.39 2.39 -55.37
N MET D 205 -0.69 3.49 -54.66
CA MET D 205 -1.94 4.20 -54.86
C MET D 205 -1.81 5.42 -55.76
N SER D 206 -0.60 5.76 -56.19
CA SER D 206 -0.37 6.89 -57.08
C SER D 206 0.54 6.49 -58.23
N ALA D 207 0.33 5.30 -58.79
CA ALA D 207 1.10 4.84 -59.94
C ALA D 207 0.40 5.33 -61.21
N SER D 208 1.20 5.58 -62.26
CA SER D 208 0.66 6.29 -63.42
C SER D 208 -0.22 5.36 -64.28
N PRO D 209 0.13 4.08 -64.51
CA PRO D 209 -0.94 3.09 -64.64
C PRO D 209 -1.25 2.50 -63.28
N ALA D 210 -2.52 2.52 -62.89
CA ALA D 210 -2.91 2.22 -61.52
C ALA D 210 -2.83 0.73 -61.24
N ILE D 211 -2.41 0.41 -60.02
CA ILE D 211 -2.34 -0.97 -59.56
C ILE D 211 -3.65 -1.31 -58.86
N THR D 212 -4.30 -2.38 -59.31
CA THR D 212 -5.58 -2.79 -58.75
C THR D 212 -5.37 -3.40 -57.37
N PRO D 213 -6.00 -2.87 -56.33
CA PRO D 213 -5.87 -3.47 -55.01
C PRO D 213 -6.68 -4.75 -54.89
N MET D 214 -6.38 -5.51 -53.84
CA MET D 214 -6.99 -6.82 -53.66
C MET D 214 -8.44 -6.71 -53.23
N GLN D 215 -8.76 -5.73 -52.40
CA GLN D 215 -10.12 -5.52 -51.91
C GLN D 215 -10.38 -4.04 -51.74
N VAL D 216 -11.52 -3.58 -52.22
CA VAL D 216 -11.88 -2.17 -52.23
C VAL D 216 -13.13 -1.97 -51.37
N ASP D 217 -13.10 -0.94 -50.53
CA ASP D 217 -14.31 -0.42 -49.89
C ASP D 217 -14.47 1.04 -50.31
N ASP D 218 -15.49 1.33 -51.11
CA ASP D 218 -15.64 2.64 -51.72
C ASP D 218 -15.96 3.71 -50.68
N ASP D 219 -16.98 3.47 -49.87
CA ASP D 219 -17.18 4.28 -48.68
C ASP D 219 -16.08 3.96 -47.67
N GLU D 220 -15.82 4.91 -46.77
CA GLU D 220 -14.77 4.90 -45.74
C GLU D 220 -13.43 4.39 -46.26
N GLY D 221 -12.99 4.97 -47.39
CA GLY D 221 -12.11 4.36 -48.39
C GLY D 221 -10.95 3.47 -47.98
N ARG D 222 -11.05 2.20 -48.37
CA ARG D 222 -10.12 1.15 -47.95
C ARG D 222 -9.58 0.45 -49.18
N GLU D 223 -8.25 0.31 -49.24
CA GLU D 223 -7.59 -0.43 -50.30
C GLU D 223 -6.56 -1.35 -49.67
N TYR D 224 -6.64 -2.64 -50.01
CA TYR D 224 -5.87 -3.68 -49.35
C TYR D 224 -4.82 -4.25 -50.28
N PHE D 225 -3.66 -4.57 -49.72
CA PHE D 225 -2.55 -5.14 -50.48
C PHE D 225 -1.93 -6.26 -49.66
N VAL D 226 -1.05 -7.02 -50.30
CA VAL D 226 -0.36 -8.15 -49.66
C VAL D 226 1.13 -7.98 -49.90
N ALA D 227 1.92 -8.02 -48.83
CA ALA D 227 3.37 -7.93 -48.92
C ALA D 227 3.98 -9.27 -48.53
N PHE D 228 4.93 -9.75 -49.33
CA PHE D 228 5.59 -11.03 -49.08
C PHE D 228 7.01 -10.78 -48.61
N HIS D 229 7.27 -11.07 -47.35
CA HIS D 229 8.57 -10.87 -46.74
C HIS D 229 9.40 -12.14 -46.81
N GLY D 230 10.69 -12.00 -46.54
CA GLY D 230 11.60 -13.14 -46.58
C GLY D 230 12.29 -13.39 -45.26
N SER D 231 11.57 -13.17 -44.17
CA SER D 231 11.90 -13.58 -42.79
C SER D 231 13.05 -12.80 -42.15
N ARG D 232 13.84 -12.05 -42.91
CA ARG D 232 14.84 -11.18 -42.30
C ARG D 232 14.41 -9.73 -42.32
N THR D 233 13.45 -9.38 -43.16
CA THR D 233 12.71 -8.14 -43.01
C THR D 233 11.40 -8.34 -42.27
N PHE D 234 11.02 -9.59 -42.00
CA PHE D 234 9.78 -9.86 -41.28
C PHE D 234 9.99 -9.81 -39.77
N ARG D 235 11.20 -10.09 -39.30
CA ARG D 235 11.46 -10.00 -37.87
C ARG D 235 11.76 -8.56 -37.45
N ASP D 236 12.22 -7.72 -38.37
CA ASP D 236 12.41 -6.31 -38.10
C ASP D 236 11.09 -5.55 -38.14
N LEU D 237 10.07 -6.12 -38.78
CA LEU D 237 8.79 -5.47 -38.92
C LEU D 237 7.89 -5.74 -37.72
N LYS D 238 7.98 -6.94 -37.14
CA LYS D 238 7.16 -7.30 -36.00
C LYS D 238 7.92 -7.18 -34.68
N GLY D 239 9.15 -6.67 -34.72
CA GLY D 239 9.95 -6.62 -33.52
C GLY D 239 10.52 -5.25 -33.22
N ASP D 240 10.03 -4.23 -33.92
CA ASP D 240 10.47 -2.86 -33.66
C ASP D 240 9.91 -2.36 -32.33
N THR D 241 10.56 -1.33 -31.78
CA THR D 241 10.20 -0.83 -30.46
C THR D 241 8.84 -0.16 -30.45
N ALA D 242 8.57 0.69 -31.44
CA ALA D 242 7.22 1.14 -31.67
C ALA D 242 6.47 0.11 -32.50
N MET D 243 5.19 0.40 -32.78
CA MET D 243 4.31 -0.37 -33.69
C MET D 243 4.10 -1.82 -33.23
N LEU D 244 4.52 -2.16 -32.02
CA LEU D 244 4.39 -3.48 -31.41
C LEU D 244 3.32 -3.51 -30.34
N ASN D 245 3.02 -2.35 -29.74
CA ASN D 245 1.86 -2.17 -28.91
C ASN D 245 0.59 -1.89 -29.71
N ALA D 246 0.65 -2.02 -31.04
CA ALA D 246 -0.54 -1.97 -31.86
C ALA D 246 -1.31 -3.28 -31.83
N ASN D 247 -0.64 -4.42 -31.67
CA ASN D 247 -1.34 -5.69 -31.59
C ASN D 247 -1.34 -6.30 -30.21
N ARG D 248 -1.14 -5.48 -29.16
CA ARG D 248 -1.49 -5.89 -27.81
C ARG D 248 -2.39 -4.88 -27.11
N GLU D 249 -2.59 -3.70 -27.67
CA GLU D 249 -3.50 -2.73 -27.09
C GLU D 249 -4.72 -2.48 -27.96
N ALA D 250 -4.80 -3.10 -29.15
CA ALA D 250 -5.94 -2.95 -30.01
C ALA D 250 -6.54 -4.28 -30.43
N ARG D 251 -5.97 -5.38 -29.98
CA ARG D 251 -6.52 -6.70 -30.19
C ARG D 251 -7.35 -7.11 -28.99
N PRO D 252 -8.37 -7.95 -29.15
CA PRO D 252 -9.12 -8.43 -27.99
C PRO D 252 -8.27 -9.35 -27.13
N ARG D 253 -8.63 -9.41 -25.84
CA ARG D 253 -7.88 -10.20 -24.87
C ARG D 253 -8.17 -11.68 -25.08
N ASP D 254 -7.55 -12.25 -26.11
CA ASP D 254 -7.73 -13.64 -26.48
C ASP D 254 -6.38 -14.23 -26.81
N VAL D 255 -6.13 -15.46 -26.35
CA VAL D 255 -4.80 -16.04 -26.42
C VAL D 255 -4.60 -16.77 -27.73
N SER D 256 -5.64 -17.49 -28.18
CA SER D 256 -5.51 -18.36 -29.33
C SER D 256 -5.64 -17.63 -30.67
N SER D 257 -5.79 -16.32 -30.67
CA SER D 257 -5.93 -15.57 -31.90
C SER D 257 -4.97 -14.40 -32.01
N ASN D 258 -4.17 -14.15 -31.00
CA ASN D 258 -3.25 -13.01 -31.00
C ASN D 258 -1.95 -13.42 -31.67
N PRO D 259 -1.52 -12.73 -32.73
CA PRO D 259 -0.23 -13.03 -33.34
C PRO D 259 0.98 -12.53 -32.56
N LEU D 260 0.78 -11.91 -31.40
CA LEU D 260 1.91 -11.57 -30.54
C LEU D 260 2.38 -12.78 -29.75
N LEU D 261 1.44 -13.62 -29.28
CA LEU D 261 1.79 -14.81 -28.52
C LEU D 261 1.93 -16.03 -29.42
N GLN D 262 1.19 -16.05 -30.54
CA GLN D 262 1.18 -17.17 -31.48
C GLN D 262 1.34 -16.59 -32.87
N ASP D 263 2.59 -16.49 -33.34
CA ASP D 263 2.96 -15.64 -34.48
C ASP D 263 2.27 -16.08 -35.77
N GLY D 264 2.17 -15.17 -36.72
CA GLY D 264 1.55 -15.48 -37.99
C GLY D 264 1.70 -14.31 -38.94
N ASP D 265 0.73 -14.13 -39.83
CA ASP D 265 0.69 -12.91 -40.61
C ASP D 265 0.02 -11.82 -39.79
N LEU D 266 0.30 -10.56 -40.14
CA LEU D 266 -0.19 -9.46 -39.34
C LEU D 266 -0.57 -8.30 -40.24
N ILE D 267 -1.73 -7.70 -39.95
CA ILE D 267 -2.27 -6.60 -40.73
C ILE D 267 -1.99 -5.30 -39.99
N TYR D 268 -1.59 -4.27 -40.74
CA TYR D 268 -1.31 -2.96 -40.17
C TYR D 268 -1.43 -1.93 -41.27
N GLU D 269 -2.28 -0.91 -41.09
CA GLU D 269 -2.54 0.16 -42.05
C GLU D 269 -3.05 -0.38 -43.38
N GLY D 270 -3.80 -1.48 -43.34
CA GLY D 270 -4.48 -1.99 -44.51
C GLY D 270 -3.70 -2.95 -45.38
N VAL D 271 -2.45 -3.24 -45.04
CA VAL D 271 -1.63 -4.16 -45.83
C VAL D 271 -1.34 -5.41 -44.99
N ILE D 272 -1.48 -6.58 -45.60
CA ILE D 272 -1.28 -7.86 -44.95
C ILE D 272 0.14 -8.32 -45.19
N HIS D 273 0.84 -8.69 -44.12
CA HIS D 273 2.26 -9.03 -44.18
C HIS D 273 2.43 -10.54 -44.04
N ARG D 274 2.67 -11.22 -45.15
CA ARG D 274 2.81 -12.68 -45.16
C ARG D 274 4.28 -13.04 -45.25
N GLU D 275 4.69 -14.06 -44.50
CA GLU D 275 6.08 -14.49 -44.47
C GLU D 275 6.29 -15.67 -45.41
N VAL D 276 7.28 -15.55 -46.28
CA VAL D 276 7.73 -16.65 -47.13
C VAL D 276 9.19 -16.90 -46.83
N PRO D 277 9.54 -18.01 -46.17
CA PRO D 277 10.93 -18.21 -45.73
C PRO D 277 11.91 -18.53 -46.84
N GLU D 278 11.45 -18.81 -48.06
CA GLU D 278 12.32 -19.24 -49.13
C GLU D 278 12.82 -18.09 -49.99
N ILE D 279 12.55 -16.86 -49.59
CA ILE D 279 13.11 -15.71 -50.29
C ILE D 279 14.56 -15.48 -49.85
N ASP D 280 14.92 -15.91 -48.65
CA ASP D 280 16.34 -15.89 -48.26
C ASP D 280 17.17 -16.86 -49.07
N ALA D 281 16.61 -18.02 -49.43
CA ALA D 281 17.35 -18.96 -50.26
C ALA D 281 17.53 -18.44 -51.68
N TRP D 282 16.54 -17.70 -52.20
CA TRP D 282 16.66 -17.11 -53.51
C TRP D 282 17.65 -15.95 -53.52
N ALA D 283 17.49 -15.01 -52.59
CA ALA D 283 18.22 -13.76 -52.67
C ALA D 283 19.66 -13.88 -52.20
N ALA D 284 20.01 -14.93 -51.47
CA ALA D 284 21.41 -15.12 -51.11
C ALA D 284 22.23 -15.62 -52.29
N ALA D 285 21.60 -16.36 -53.21
CA ALA D 285 22.28 -16.90 -54.37
C ALA D 285 22.48 -15.86 -55.47
N ASN D 286 21.76 -14.74 -55.42
CA ASN D 286 21.87 -13.71 -56.44
C ASN D 286 22.72 -12.53 -56.00
N GLY D 287 23.38 -12.62 -54.85
CA GLY D 287 24.33 -11.60 -54.44
C GLY D 287 23.76 -10.46 -53.64
N PHE D 288 22.70 -10.68 -52.88
CA PHE D 288 22.15 -9.64 -52.02
C PHE D 288 22.77 -9.63 -50.64
N ASN D 289 23.63 -10.60 -50.31
CA ASN D 289 24.38 -10.53 -49.06
C ASN D 289 25.48 -9.48 -49.10
N THR D 290 25.83 -9.01 -50.28
CA THR D 290 26.65 -7.82 -50.46
C THR D 290 25.88 -6.84 -51.34
N ALA D 291 26.57 -5.83 -51.86
CA ALA D 291 26.03 -4.80 -52.75
C ALA D 291 24.92 -4.00 -52.07
N GLY D 292 25.26 -3.44 -50.91
CA GLY D 292 24.48 -2.38 -50.31
C GLY D 292 25.37 -1.17 -50.16
N ALA D 293 25.01 -0.27 -49.25
CA ALA D 293 25.89 0.85 -48.95
C ALA D 293 26.99 0.36 -48.02
N GLY D 294 28.20 0.25 -48.56
CA GLY D 294 29.31 -0.28 -47.78
C GLY D 294 29.29 -1.79 -47.66
N SER D 295 28.76 -2.47 -48.68
CA SER D 295 28.68 -3.93 -48.77
C SER D 295 27.90 -4.54 -47.59
N ALA D 296 26.67 -4.06 -47.42
CA ALA D 296 25.77 -4.53 -46.38
C ALA D 296 24.70 -5.44 -46.99
N PRO D 297 24.22 -6.43 -46.26
CA PRO D 297 23.17 -7.30 -46.79
C PRO D 297 21.84 -6.58 -46.89
N ILE D 298 21.17 -6.77 -48.04
CA ILE D 298 19.84 -6.21 -48.27
C ILE D 298 18.93 -7.35 -48.70
N ARG D 299 17.62 -7.15 -48.52
CA ARG D 299 16.62 -8.11 -48.92
C ARG D 299 15.48 -7.42 -49.66
N PRO D 300 14.83 -8.09 -50.60
CA PRO D 300 13.67 -7.51 -51.27
C PRO D 300 12.35 -7.82 -50.58
N VAL D 301 11.42 -6.86 -50.70
CA VAL D 301 10.06 -7.01 -50.21
C VAL D 301 9.13 -6.72 -51.39
N PHE D 302 8.18 -7.63 -51.63
CA PHE D 302 7.32 -7.56 -52.80
C PHE D 302 5.90 -7.19 -52.38
N LEU D 303 5.52 -5.94 -52.59
CA LEU D 303 4.17 -5.47 -52.32
C LEU D 303 3.36 -5.61 -53.61
N CYS D 304 2.47 -6.59 -53.64
CA CYS D 304 1.77 -6.90 -54.87
C CYS D 304 0.26 -6.72 -54.71
N GLY D 305 -0.39 -6.37 -55.81
CA GLY D 305 -1.81 -6.11 -55.82
C GLY D 305 -2.62 -7.26 -56.39
N THR D 306 -3.19 -7.07 -57.58
CA THR D 306 -4.03 -8.08 -58.21
C THR D 306 -3.53 -8.31 -59.62
N GLN D 307 -3.46 -9.59 -60.02
CA GLN D 307 -3.05 -10.05 -61.35
C GLN D 307 -1.62 -9.62 -61.66
N SER D 308 -0.72 -10.03 -60.78
CA SER D 308 0.69 -9.67 -60.90
C SER D 308 1.55 -10.74 -61.54
N VAL D 309 1.14 -12.00 -61.46
CA VAL D 309 1.83 -13.12 -62.10
C VAL D 309 0.78 -13.97 -62.81
N PHE D 310 1.00 -14.26 -64.09
CA PHE D 310 0.10 -15.14 -64.83
C PHE D 310 0.59 -16.57 -64.78
N LEU D 311 -0.35 -17.51 -64.84
CA LEU D 311 -0.04 -18.94 -64.80
C LEU D 311 -0.80 -19.63 -65.92
N ALA D 312 -0.08 -20.21 -66.86
CA ALA D 312 -0.69 -20.88 -68.01
C ALA D 312 -0.53 -22.38 -67.87
N TYR D 313 -1.64 -23.08 -67.70
CA TYR D 313 -1.63 -24.53 -67.54
C TYR D 313 -1.92 -25.19 -68.88
N ALA D 314 -1.06 -26.12 -69.28
CA ALA D 314 -1.32 -26.95 -70.45
C ALA D 314 -1.55 -28.41 -70.10
N GLN D 315 -0.92 -28.90 -69.04
CA GLN D 315 -1.14 -30.27 -68.57
C GLN D 315 -0.91 -30.30 -67.06
N ARG D 316 -1.85 -30.87 -66.34
CA ARG D 316 -1.70 -31.11 -64.91
C ARG D 316 -0.66 -32.20 -64.69
N PRO D 317 -0.01 -32.22 -63.51
CA PRO D 317 1.00 -33.26 -63.26
C PRO D 317 0.40 -34.66 -63.19
N GLN D 318 0.94 -35.57 -64.01
CA GLN D 318 0.47 -36.94 -64.13
C GLN D 318 1.60 -37.90 -63.82
N ALA D 319 1.25 -39.05 -63.25
CA ALA D 319 2.23 -40.05 -62.84
C ALA D 319 2.14 -41.29 -63.71
N GLY D 320 3.23 -42.05 -63.73
CA GLY D 320 3.29 -43.28 -64.50
C GLY D 320 4.47 -44.13 -64.09
N THR D 321 4.36 -45.43 -64.35
CA THR D 321 5.37 -46.40 -63.95
C THR D 321 5.73 -47.30 -65.12
N GLU D 322 6.88 -47.98 -65.01
CA GLU D 322 7.41 -48.80 -66.08
C GLU D 322 8.21 -49.95 -65.50
N LYS D 323 8.07 -51.13 -66.09
CA LYS D 323 8.93 -52.27 -65.78
C LYS D 323 10.00 -52.40 -66.86
N SER D 324 11.23 -52.06 -66.51
CA SER D 324 12.24 -51.73 -67.50
C SER D 324 12.92 -52.97 -68.09
N ASP D 325 13.63 -53.75 -67.27
CA ASP D 325 14.59 -54.72 -67.77
C ASP D 325 13.85 -55.92 -68.37
N ILE D 326 13.16 -56.71 -67.56
CA ILE D 326 12.27 -57.76 -68.05
C ILE D 326 11.01 -57.70 -67.19
N PRO D 327 9.82 -57.68 -67.78
CA PRO D 327 8.59 -57.67 -66.98
C PRO D 327 8.34 -58.96 -66.21
N ALA D 328 8.91 -60.08 -66.67
CA ALA D 328 8.79 -61.34 -65.95
C ALA D 328 9.77 -61.43 -64.78
N LEU D 329 11.05 -61.22 -65.05
CA LEU D 329 12.07 -61.13 -63.99
C LEU D 329 12.14 -59.71 -63.48
N ASN D 330 11.41 -59.41 -62.41
CA ASN D 330 11.17 -58.03 -61.97
C ASN D 330 12.45 -57.45 -61.38
N ARG D 331 13.41 -57.16 -62.24
CA ARG D 331 14.73 -56.71 -61.83
C ARG D 331 14.87 -55.20 -61.82
N ARG D 332 13.91 -54.47 -62.38
CA ARG D 332 14.03 -53.03 -62.50
C ARG D 332 12.65 -52.42 -62.67
N MET D 333 12.47 -51.21 -62.14
CA MET D 333 11.23 -50.47 -62.25
C MET D 333 11.54 -48.99 -62.15
N THR D 334 10.78 -48.18 -62.88
CA THR D 334 10.98 -46.73 -62.90
C THR D 334 9.63 -46.04 -62.76
N VAL D 335 9.53 -45.12 -61.80
CA VAL D 335 8.37 -44.25 -61.65
C VAL D 335 8.75 -42.85 -62.10
N GLY D 336 7.77 -42.07 -62.54
CA GLY D 336 8.03 -40.74 -63.03
C GLY D 336 6.79 -39.88 -63.03
N MET D 337 7.00 -38.58 -63.26
CA MET D 337 5.93 -37.60 -63.27
C MET D 337 6.28 -36.50 -64.26
N ASP D 338 5.26 -35.92 -64.90
CA ASP D 338 5.44 -35.06 -66.06
C ASP D 338 4.48 -33.87 -65.96
N GLU D 339 4.87 -32.73 -66.52
CA GLU D 339 4.07 -31.51 -66.40
C GLU D 339 4.39 -30.55 -67.54
N ILE D 340 3.37 -29.82 -68.00
CA ILE D 340 3.54 -28.74 -68.97
C ILE D 340 2.94 -27.48 -68.34
N ILE D 341 3.76 -26.46 -68.12
CA ILE D 341 3.33 -25.26 -67.41
C ILE D 341 4.23 -24.10 -67.83
N GLY D 342 3.73 -22.88 -67.67
CA GLY D 342 4.50 -21.67 -67.89
C GLY D 342 4.15 -20.56 -66.92
N VAL D 343 5.17 -19.96 -66.29
CA VAL D 343 4.98 -18.94 -65.25
C VAL D 343 5.72 -17.68 -65.70
N LYS D 344 5.03 -16.55 -65.63
CA LYS D 344 5.61 -15.29 -66.07
C LYS D 344 4.98 -14.13 -65.31
N LYS D 345 5.81 -13.16 -64.93
CA LYS D 345 5.31 -11.95 -64.29
C LYS D 345 4.57 -11.08 -65.30
N ALA D 346 3.43 -10.54 -64.88
CA ALA D 346 2.61 -9.67 -65.71
C ALA D 346 3.36 -8.38 -66.06
N ALA D 347 3.61 -8.18 -67.34
CA ALA D 347 4.34 -7.01 -67.81
C ALA D 347 3.61 -6.46 -69.03
N PHE D 348 3.36 -5.16 -69.03
CA PHE D 348 2.73 -4.47 -70.15
C PHE D 348 3.47 -3.15 -70.38
N ASN D 349 3.89 -2.92 -71.63
CA ASN D 349 4.57 -1.69 -72.06
C ASN D 349 5.86 -1.46 -71.27
N GLY D 350 6.56 -2.54 -70.95
CA GLY D 350 7.81 -2.41 -70.21
C GLY D 350 7.65 -2.01 -68.76
N LYS D 351 6.49 -2.27 -68.16
CA LYS D 351 6.23 -1.91 -66.78
C LYS D 351 5.63 -3.09 -66.03
N GLN D 352 5.94 -3.18 -64.74
CA GLN D 352 5.30 -4.15 -63.86
C GLN D 352 3.81 -3.83 -63.72
N HIS D 353 2.97 -4.84 -63.88
CA HIS D 353 1.53 -4.59 -63.87
C HIS D 353 1.03 -4.41 -62.44
N GLY D 354 1.46 -5.26 -61.52
CA GLY D 354 0.92 -5.20 -60.18
C GLY D 354 1.87 -5.46 -59.03
N VAL D 355 3.16 -5.19 -59.21
CA VAL D 355 4.15 -5.41 -58.17
C VAL D 355 4.82 -4.08 -57.85
N VAL D 356 5.12 -3.84 -56.57
CA VAL D 356 6.00 -2.76 -56.15
C VAL D 356 7.16 -3.40 -55.38
N MET D 357 8.35 -3.34 -55.96
CA MET D 357 9.53 -3.92 -55.32
C MET D 357 10.15 -2.94 -54.34
N GLY D 358 10.60 -3.44 -53.20
CA GLY D 358 11.21 -2.61 -52.19
C GLY D 358 12.43 -3.28 -51.59
N PHE D 359 13.48 -2.50 -51.42
CA PHE D 359 14.76 -3.01 -50.94
C PHE D 359 15.11 -2.36 -49.62
N PHE D 360 15.27 -3.17 -48.58
CA PHE D 360 15.59 -2.70 -47.25
C PHE D 360 16.87 -3.36 -46.77
N GLY D 361 17.55 -2.73 -45.82
CA GLY D 361 18.79 -3.26 -45.30
C GLY D 361 18.58 -4.21 -44.14
N ALA D 362 18.60 -5.51 -44.41
CA ALA D 362 18.44 -6.53 -43.38
C ALA D 362 19.83 -6.99 -42.95
N ALA D 363 20.17 -6.73 -41.69
CA ALA D 363 21.51 -7.02 -41.19
C ALA D 363 21.71 -8.51 -40.98
N GLY D 364 20.68 -9.21 -40.53
CA GLY D 364 20.77 -10.64 -40.31
C GLY D 364 21.59 -11.01 -39.09
N ASP D 365 21.30 -10.38 -37.95
CA ASP D 365 21.99 -10.71 -36.71
C ASP D 365 21.29 -11.84 -35.97
N MET E 1 16.91 -25.60 43.30
CA MET E 1 15.77 -25.98 44.12
C MET E 1 16.13 -27.02 45.17
N ALA E 2 15.21 -27.24 46.12
CA ALA E 2 15.37 -28.30 47.11
C ALA E 2 14.08 -29.09 47.32
N ASP E 3 13.28 -29.25 46.27
CA ASP E 3 12.27 -30.28 46.19
C ASP E 3 12.93 -31.57 45.73
N PHE E 4 12.12 -32.50 45.24
CA PHE E 4 12.65 -33.63 44.50
C PHE E 4 13.44 -33.12 43.31
N SER E 5 14.76 -33.28 43.37
CA SER E 5 15.68 -32.74 42.38
C SER E 5 16.28 -33.89 41.59
N LEU E 6 15.87 -34.01 40.33
CA LEU E 6 16.29 -35.14 39.52
C LEU E 6 17.62 -34.81 38.84
N ALA E 7 18.36 -35.84 38.47
CA ALA E 7 19.73 -35.65 37.99
C ALA E 7 19.74 -35.16 36.56
N THR E 8 20.87 -34.58 36.15
CA THR E 8 21.00 -34.08 34.80
C THR E 8 21.19 -35.20 33.79
N ALA E 9 21.83 -36.28 34.21
CA ALA E 9 22.06 -37.44 33.36
C ALA E 9 20.95 -38.48 33.48
N SER E 10 19.93 -38.21 34.30
CA SER E 10 18.81 -39.11 34.46
C SER E 10 17.54 -38.61 33.78
N GLN E 11 17.63 -37.53 33.01
CA GLN E 11 16.47 -36.98 32.30
C GLN E 11 16.26 -37.76 31.02
N ARG E 12 15.01 -38.10 30.76
CA ARG E 12 14.60 -38.91 29.61
C ARG E 12 14.86 -38.16 28.30
N LYS E 13 14.91 -38.88 27.19
CA LYS E 13 14.81 -38.30 25.86
C LYS E 13 13.77 -39.10 25.07
N GLU E 14 13.56 -38.70 23.81
CA GLU E 14 12.63 -39.40 22.95
C GLU E 14 13.06 -39.23 21.49
N TRP E 15 12.98 -40.32 20.72
CA TRP E 15 13.38 -40.34 19.32
C TRP E 15 12.16 -40.66 18.47
N SER E 16 11.94 -39.86 17.42
CA SER E 16 10.76 -40.01 16.58
C SER E 16 10.99 -41.05 15.48
N ASN E 17 9.88 -41.61 15.00
CA ASN E 17 9.89 -42.66 13.99
C ASN E 17 9.73 -42.11 12.58
N LYS E 18 9.20 -40.90 12.45
CA LYS E 18 8.92 -40.32 11.15
C LYS E 18 10.13 -39.52 10.68
N ALA E 19 10.66 -39.90 9.52
CA ALA E 19 11.87 -39.28 8.99
C ALA E 19 11.56 -38.41 7.79
N HIS E 20 12.44 -37.45 7.52
CA HIS E 20 12.26 -36.56 6.39
C HIS E 20 13.26 -36.91 5.29
N MET E 21 12.93 -36.55 4.06
CA MET E 21 13.76 -36.79 2.90
C MET E 21 14.25 -35.47 2.32
N GLU E 22 15.01 -35.56 1.25
CA GLU E 22 15.43 -34.40 0.48
C GLU E 22 14.63 -34.31 -0.81
N TYR E 23 14.21 -33.08 -1.15
CA TYR E 23 13.45 -32.79 -2.35
C TYR E 23 14.29 -33.08 -3.60
N VAL E 24 13.62 -33.48 -4.69
CA VAL E 24 14.29 -34.04 -5.85
C VAL E 24 14.02 -33.23 -7.12
N ARG E 25 12.83 -32.61 -7.24
CA ARG E 25 12.40 -31.87 -8.44
C ARG E 25 12.43 -32.76 -9.67
N ARG E 26 11.37 -33.58 -9.80
CA ARG E 26 11.24 -34.82 -10.58
C ARG E 26 11.89 -34.74 -11.96
N SER E 27 11.35 -33.93 -12.88
CA SER E 27 11.87 -33.82 -14.24
C SER E 27 11.18 -32.69 -14.97
N ARG E 28 11.94 -31.92 -15.73
CA ARG E 28 11.39 -30.93 -16.64
C ARG E 28 11.26 -31.46 -18.06
N PHE E 29 11.76 -32.66 -18.32
CA PHE E 29 11.61 -33.29 -19.63
C PHE E 29 10.49 -34.31 -19.65
N ALA E 30 9.68 -34.38 -18.61
CA ALA E 30 8.71 -35.46 -18.47
C ALA E 30 7.48 -35.38 -19.40
N PRO E 31 6.88 -34.22 -19.74
CA PRO E 31 5.78 -34.27 -20.71
C PRO E 31 6.20 -34.48 -22.16
N TYR E 32 7.49 -34.66 -22.44
CA TYR E 32 8.00 -34.66 -23.80
C TYR E 32 8.57 -36.00 -24.21
N ILE E 33 8.53 -37.00 -23.33
CA ILE E 33 9.05 -38.33 -23.61
C ILE E 33 7.85 -39.23 -23.86
N ARG E 34 7.60 -39.53 -25.12
CA ARG E 34 6.50 -40.40 -25.53
C ARG E 34 7.06 -41.48 -26.45
N ASN E 35 6.19 -42.33 -26.97
CA ASN E 35 6.56 -43.36 -27.92
C ASN E 35 5.97 -43.15 -29.31
N THR E 36 5.27 -42.05 -29.53
CA THR E 36 4.65 -41.79 -30.82
C THR E 36 5.67 -41.14 -31.75
N GLU E 37 5.21 -40.71 -32.93
CA GLU E 37 6.10 -40.15 -33.93
C GLU E 37 6.21 -38.63 -33.86
N ASN E 38 5.26 -37.97 -33.21
CA ASN E 38 5.27 -36.51 -33.12
C ASN E 38 5.75 -36.03 -31.75
N SER E 39 6.68 -36.75 -31.16
CA SER E 39 7.22 -36.40 -29.85
C SER E 39 8.66 -35.91 -30.02
N ILE E 40 9.11 -35.11 -29.06
CA ILE E 40 10.46 -34.55 -29.14
C ILE E 40 11.49 -35.61 -28.81
N PHE E 41 11.34 -36.28 -27.67
CA PHE E 41 12.23 -37.36 -27.26
C PHE E 41 11.47 -38.65 -27.48
N GLN E 42 11.87 -39.42 -28.49
CA GLN E 42 11.10 -40.58 -28.92
C GLN E 42 11.71 -41.86 -28.38
N GLY E 43 10.86 -42.75 -27.89
CA GLY E 43 11.31 -44.01 -27.34
C GLY E 43 11.01 -45.17 -28.28
N TYR E 44 11.82 -46.23 -28.16
CA TYR E 44 11.68 -47.43 -28.97
C TYR E 44 11.67 -48.66 -28.10
N SER E 45 10.59 -49.44 -28.17
CA SER E 45 10.46 -50.68 -27.41
C SER E 45 10.76 -51.90 -28.26
N ASP E 46 11.61 -51.76 -29.29
CA ASP E 46 11.91 -52.89 -30.16
C ASP E 46 12.90 -53.86 -29.53
N LEU E 47 13.77 -53.38 -28.65
CA LEU E 47 14.68 -54.26 -27.93
C LEU E 47 14.10 -54.75 -26.63
N GLU E 48 12.97 -54.18 -26.19
CA GLU E 48 12.23 -54.72 -25.06
C GLU E 48 11.58 -56.04 -25.44
N LYS E 49 11.30 -56.21 -26.74
CA LYS E 49 11.01 -57.50 -27.35
C LYS E 49 12.29 -58.27 -27.60
N ARG E 50 12.21 -59.28 -28.48
CA ARG E 50 12.91 -60.57 -28.46
C ARG E 50 14.37 -60.48 -28.00
N ALA E 51 15.25 -59.81 -28.74
CA ALA E 51 16.66 -59.71 -28.36
C ALA E 51 17.33 -58.59 -29.14
N GLY E 52 18.55 -58.25 -28.74
CA GLY E 52 19.32 -57.28 -29.49
C GLY E 52 20.34 -56.57 -28.64
N ASP E 53 21.19 -55.79 -29.32
CA ASP E 53 22.21 -54.97 -28.69
C ASP E 53 22.17 -53.52 -29.14
N THR E 54 21.90 -53.24 -30.42
CA THR E 54 21.78 -51.88 -30.90
C THR E 54 20.59 -51.80 -31.83
N LEU E 55 20.24 -50.59 -32.25
CA LEU E 55 19.04 -50.38 -33.06
C LEU E 55 19.32 -49.32 -34.10
N ASN E 56 19.15 -49.65 -35.38
CA ASN E 56 19.45 -48.76 -36.49
C ASN E 56 18.15 -48.18 -37.05
N ILE E 57 18.15 -46.88 -37.32
CA ILE E 57 16.96 -46.17 -37.77
C ILE E 57 17.28 -45.50 -39.11
N PRO E 58 16.45 -45.65 -40.15
CA PRO E 58 16.73 -45.03 -41.44
C PRO E 58 16.10 -43.66 -41.63
N LEU E 59 16.51 -42.98 -42.71
CA LEU E 59 16.04 -41.66 -43.07
C LEU E 59 16.07 -41.51 -44.58
N PHE E 60 15.03 -40.92 -45.16
CA PHE E 60 15.02 -40.55 -46.57
C PHE E 60 14.97 -39.05 -46.72
N TYR E 61 15.80 -38.50 -47.60
CA TYR E 61 15.79 -37.08 -47.88
C TYR E 61 14.69 -36.70 -48.85
N LYS E 62 14.80 -35.47 -49.35
CA LYS E 62 13.89 -34.88 -50.30
C LYS E 62 14.44 -35.17 -51.71
N LEU E 63 13.89 -34.53 -52.73
CA LEU E 63 14.27 -34.80 -54.10
C LEU E 63 14.82 -33.54 -54.75
N GLY E 64 15.80 -33.70 -55.65
CA GLY E 64 16.79 -32.64 -55.87
C GLY E 64 17.04 -31.93 -57.19
N GLY E 65 16.64 -32.46 -58.34
CA GLY E 65 17.30 -32.09 -59.60
C GLY E 65 16.77 -30.85 -60.30
N ALA E 66 16.27 -31.01 -61.62
CA ALA E 66 15.66 -30.01 -62.54
C ALA E 66 14.52 -30.57 -63.38
N PRO E 67 13.43 -29.82 -63.60
CA PRO E 67 12.31 -30.38 -64.35
C PRO E 67 12.64 -30.47 -65.84
N VAL E 68 12.44 -31.67 -66.38
CA VAL E 68 13.10 -32.08 -67.62
C VAL E 68 12.40 -31.36 -68.78
N THR E 69 12.96 -30.22 -69.16
CA THR E 69 12.21 -29.20 -69.88
C THR E 69 12.13 -29.51 -71.36
N GLY E 70 10.91 -29.51 -71.90
CA GLY E 70 10.69 -29.44 -73.33
C GLY E 70 10.49 -30.76 -74.05
N ASP E 71 11.50 -31.63 -73.98
CA ASP E 71 11.63 -32.76 -74.89
C ASP E 71 12.02 -34.06 -74.19
N THR E 72 12.57 -33.95 -73.01
CA THR E 72 13.34 -35.02 -72.39
C THR E 72 12.45 -36.16 -71.89
N PRO E 73 12.98 -37.40 -71.87
CA PRO E 73 12.17 -38.55 -71.50
C PRO E 73 11.75 -38.57 -70.03
N ILE E 74 11.05 -39.65 -69.67
CA ILE E 74 11.07 -40.11 -68.29
C ILE E 74 11.72 -41.49 -68.26
N VAL E 75 12.69 -41.72 -69.15
CA VAL E 75 13.45 -42.96 -69.15
C VAL E 75 14.92 -42.66 -69.43
N GLY E 76 15.24 -41.45 -69.85
CA GLY E 76 16.62 -41.19 -70.15
C GLY E 76 17.41 -40.82 -68.93
N ASN E 77 17.04 -39.72 -68.25
CA ASN E 77 17.85 -38.89 -67.35
C ASN E 77 17.94 -39.02 -65.81
N GLU E 78 18.27 -40.21 -65.20
CA GLU E 78 18.09 -40.66 -63.78
C GLU E 78 18.46 -39.74 -62.61
N THR E 79 17.73 -39.93 -61.47
CA THR E 79 17.90 -39.57 -60.05
C THR E 79 18.16 -40.76 -59.14
N PRO E 80 19.00 -40.57 -58.12
CA PRO E 80 18.93 -41.41 -56.92
C PRO E 80 18.05 -40.77 -55.85
N LEU E 81 17.63 -41.60 -54.90
CA LEU E 81 16.96 -41.12 -53.70
C LEU E 81 17.88 -41.34 -52.51
N ASP E 82 18.10 -40.29 -51.72
CA ASP E 82 19.09 -40.31 -50.64
C ASP E 82 18.57 -41.08 -49.44
N ASN E 83 19.50 -41.70 -48.70
CA ASN E 83 19.17 -42.66 -47.67
C ASN E 83 20.31 -42.71 -46.67
N TYR E 84 19.98 -42.68 -45.37
CA TYR E 84 21.00 -42.66 -44.33
C TYR E 84 20.54 -43.50 -43.13
N ASN E 85 21.42 -43.62 -42.14
CA ASN E 85 21.22 -44.51 -41.02
C ASN E 85 21.63 -43.80 -39.73
N CYS E 86 21.13 -44.30 -38.60
CA CYS E 86 21.56 -43.88 -37.27
C CYS E 86 21.35 -45.03 -36.30
N GLY E 87 22.40 -45.43 -35.59
CA GLY E 87 22.35 -46.56 -34.70
C GLY E 87 22.61 -46.15 -33.25
N VAL E 88 21.75 -46.62 -32.35
CA VAL E 88 21.84 -46.28 -30.93
C VAL E 88 22.33 -47.51 -30.17
N PRO E 89 23.45 -47.43 -29.45
CA PRO E 89 23.90 -48.56 -28.65
C PRO E 89 23.32 -48.55 -27.24
N VAL E 90 23.18 -49.75 -26.68
CA VAL E 90 22.42 -49.99 -25.45
C VAL E 90 23.32 -50.71 -24.46
N ALA E 91 23.31 -50.27 -23.20
CA ALA E 91 24.18 -50.83 -22.17
C ALA E 91 23.43 -51.06 -20.86
N LEU E 92 23.95 -52.00 -20.06
CA LEU E 92 23.46 -52.33 -18.72
C LEU E 92 23.96 -51.27 -17.75
N ARG E 93 23.20 -51.04 -16.66
CA ARG E 93 23.61 -50.13 -15.60
C ARG E 93 22.75 -50.35 -14.35
N GLY E 94 23.33 -50.07 -13.18
CA GLY E 94 22.61 -50.29 -11.93
C GLY E 94 23.24 -49.62 -10.73
N LYS E 95 22.72 -49.97 -9.55
CA LYS E 95 23.02 -49.32 -8.27
C LYS E 95 22.42 -50.14 -7.13
N GLY E 96 23.13 -50.20 -6.00
CA GLY E 96 22.65 -50.95 -4.85
C GLY E 96 23.06 -50.33 -3.53
N VAL E 97 22.35 -50.71 -2.46
CA VAL E 97 22.52 -50.17 -1.11
C VAL E 97 22.47 -51.32 -0.10
N ALA E 98 23.42 -51.34 0.85
CA ALA E 98 23.50 -52.38 1.87
C ALA E 98 23.01 -51.88 3.22
N ILE E 99 22.47 -52.80 4.03
CA ILE E 99 21.97 -52.52 5.37
C ILE E 99 22.43 -53.64 6.30
N THR E 100 23.18 -53.30 7.34
CA THR E 100 23.72 -54.27 8.29
C THR E 100 22.76 -54.48 9.45
N LYS E 101 23.25 -55.12 10.52
CA LYS E 101 22.53 -55.23 11.79
C LYS E 101 23.25 -54.51 12.91
N ASN E 102 24.56 -54.29 12.79
CA ASN E 102 25.32 -53.50 13.76
C ASN E 102 24.83 -52.05 13.82
N GLN E 103 24.34 -51.52 12.71
CA GLN E 103 23.82 -50.16 12.66
C GLN E 103 22.30 -50.11 12.66
N THR E 104 21.63 -51.18 13.08
CA THR E 104 20.19 -51.28 12.94
C THR E 104 19.45 -51.49 14.25
N PHE E 105 20.04 -52.19 15.22
CA PHE E 105 19.40 -52.32 16.52
C PHE E 105 19.43 -51.02 17.32
N ARG E 106 20.28 -50.07 16.94
CA ARG E 106 20.44 -48.82 17.64
C ARG E 106 19.36 -47.81 17.31
N THR E 107 18.55 -48.07 16.28
CA THR E 107 17.49 -47.16 15.86
C THR E 107 16.15 -47.90 15.86
N GLU E 108 15.11 -47.15 15.52
CA GLU E 108 13.77 -47.69 15.37
C GLU E 108 13.18 -47.38 14.00
N ILE E 109 13.76 -46.40 13.30
CA ILE E 109 13.32 -46.05 11.96
C ILE E 109 13.74 -47.12 10.97
N ASP E 110 12.88 -47.40 10.00
CA ASP E 110 13.13 -48.44 9.01
C ASP E 110 14.09 -47.92 7.93
N VAL E 111 15.32 -48.43 7.95
CA VAL E 111 16.31 -48.02 6.98
C VAL E 111 16.08 -48.74 5.65
N MET E 112 15.40 -49.90 5.71
CA MET E 112 15.14 -50.67 4.50
C MET E 112 14.19 -49.95 3.55
N ASN E 113 13.07 -49.46 4.06
CA ASN E 113 12.11 -48.77 3.21
C ASN E 113 12.61 -47.39 2.78
N ALA E 114 13.46 -46.76 3.58
CA ALA E 114 14.05 -45.48 3.19
C ALA E 114 15.11 -45.65 2.13
N ALA E 115 15.71 -46.83 2.02
CA ALA E 115 16.71 -47.09 1.00
C ALA E 115 16.11 -47.62 -0.30
N LYS E 116 14.88 -48.12 -0.26
CA LYS E 116 14.21 -48.56 -1.47
C LYS E 116 13.47 -47.44 -2.17
N GLN E 117 12.95 -46.48 -1.40
CA GLN E 117 12.30 -45.31 -2.00
C GLN E 117 13.30 -44.36 -2.62
N SER E 118 14.46 -44.19 -1.99
CA SER E 118 15.51 -43.34 -2.52
C SER E 118 16.29 -43.99 -3.65
N LEU E 119 15.96 -45.22 -4.01
CA LEU E 119 16.63 -45.93 -5.08
C LEU E 119 15.81 -45.92 -6.37
N THR E 120 14.47 -45.92 -6.26
CA THR E 120 13.64 -45.67 -7.43
C THR E 120 13.74 -44.22 -7.87
N ARG E 121 14.07 -43.33 -6.95
CA ARG E 121 14.10 -41.90 -7.18
C ARG E 121 15.46 -41.45 -7.70
N TYR E 122 16.45 -42.34 -7.71
CA TYR E 122 17.75 -42.05 -8.28
C TYR E 122 17.82 -42.40 -9.76
N PHE E 123 17.08 -43.41 -10.20
CA PHE E 123 16.99 -43.75 -11.61
C PHE E 123 16.03 -42.85 -12.38
N GLY E 124 15.44 -41.86 -11.72
CA GLY E 124 14.72 -40.81 -12.43
C GLY E 124 15.61 -39.61 -12.69
N GLU E 125 16.48 -39.28 -11.74
CA GLU E 125 17.50 -38.27 -11.96
C GLU E 125 18.57 -38.75 -12.93
N LEU E 126 18.75 -40.06 -13.05
CA LEU E 126 19.76 -40.60 -13.93
C LEU E 126 19.32 -40.56 -15.39
N LEU E 127 18.02 -40.45 -15.63
CA LEU E 127 17.51 -40.38 -17.00
C LEU E 127 17.65 -38.99 -17.59
N ARG E 128 17.30 -37.94 -16.84
CA ARG E 128 17.40 -36.61 -17.43
C ARG E 128 18.81 -36.07 -17.35
N ASP E 129 19.69 -36.73 -16.60
CA ASP E 129 21.11 -36.43 -16.68
C ASP E 129 21.74 -36.98 -17.96
N ASP E 130 21.08 -37.94 -18.61
CA ASP E 130 21.53 -38.44 -19.90
C ASP E 130 20.95 -37.68 -21.08
N ILE E 131 19.79 -37.05 -20.92
CA ILE E 131 19.22 -36.26 -21.99
C ILE E 131 19.95 -34.92 -22.12
N ILE E 132 20.36 -34.35 -20.98
CA ILE E 132 21.15 -33.12 -21.02
C ILE E 132 22.53 -33.40 -21.61
N GLU E 133 23.08 -34.58 -21.34
CA GLU E 133 24.36 -34.94 -21.92
C GLU E 133 24.23 -35.27 -23.41
N ALA E 134 23.07 -35.75 -23.84
CA ALA E 134 22.86 -36.05 -25.25
C ALA E 134 22.63 -34.80 -26.07
N LEU E 135 21.97 -33.79 -25.51
CA LEU E 135 21.74 -32.55 -26.25
C LEU E 135 23.03 -31.78 -26.47
N GLY E 136 23.98 -31.89 -25.55
CA GLY E 136 25.26 -31.23 -25.72
C GLY E 136 26.32 -32.10 -26.34
N SER E 137 25.92 -33.05 -27.18
CA SER E 137 26.87 -33.93 -27.83
C SER E 137 27.53 -33.23 -29.01
N VAL E 138 28.50 -33.92 -29.61
CA VAL E 138 29.26 -33.43 -30.76
C VAL E 138 29.20 -34.48 -31.84
N VAL E 139 28.55 -34.16 -32.95
CA VAL E 139 28.37 -35.09 -34.07
C VAL E 139 29.59 -34.95 -34.98
N THR E 140 30.47 -35.95 -34.96
CA THR E 140 31.71 -35.83 -35.73
C THR E 140 31.47 -36.08 -37.22
N THR E 141 31.15 -37.32 -37.58
CA THR E 141 30.93 -37.75 -38.97
C THR E 141 30.04 -38.97 -39.03
N GLY E 142 28.75 -38.79 -39.34
CA GLY E 142 27.88 -39.91 -39.61
C GLY E 142 27.62 -40.86 -38.46
N ASP E 143 26.81 -40.42 -37.50
CA ASP E 143 26.34 -41.17 -36.30
C ASP E 143 27.42 -41.25 -35.24
N THR E 144 28.49 -40.50 -35.37
CA THR E 144 29.57 -40.52 -34.39
C THR E 144 29.34 -39.34 -33.46
N THR E 145 28.58 -39.58 -32.39
CA THR E 145 28.30 -38.57 -31.39
C THR E 145 29.22 -38.77 -30.19
N VAL E 146 30.08 -37.80 -29.94
CA VAL E 146 31.00 -37.80 -28.82
C VAL E 146 30.49 -36.76 -27.83
N ASN E 147 30.56 -37.10 -26.53
CA ASN E 147 30.17 -36.14 -25.51
C ASN E 147 31.13 -34.96 -25.49
N TYR E 148 30.64 -33.82 -24.96
CA TYR E 148 31.38 -32.58 -25.07
C TYR E 148 32.63 -32.58 -24.19
N GLY E 149 32.60 -33.28 -23.07
CA GLY E 149 33.75 -33.32 -22.19
C GLY E 149 34.88 -34.18 -22.75
N SER E 150 34.52 -35.31 -23.35
CA SER E 150 35.49 -36.26 -23.88
C SER E 150 35.75 -36.06 -25.37
N ALA E 151 35.53 -34.86 -25.88
CA ALA E 151 35.81 -34.57 -27.28
C ALA E 151 37.11 -33.79 -27.40
N SER E 152 37.82 -34.00 -28.50
CA SER E 152 39.07 -33.32 -28.75
C SER E 152 38.81 -31.99 -29.44
N ALA E 153 39.88 -31.26 -29.70
CA ALA E 153 39.76 -30.00 -30.43
C ALA E 153 39.48 -30.22 -31.91
N ALA E 154 39.87 -31.37 -32.44
CA ALA E 154 39.61 -31.67 -33.85
C ALA E 154 38.22 -32.24 -34.07
N ASN E 155 37.63 -32.84 -33.04
CA ASN E 155 36.26 -33.31 -33.15
C ASN E 155 35.26 -32.16 -33.08
N ARG E 156 35.64 -31.07 -32.41
CA ARG E 156 34.78 -29.90 -32.32
C ARG E 156 34.88 -29.02 -33.56
N ASN E 157 36.06 -28.98 -34.18
CA ASN E 157 36.22 -28.20 -35.40
C ASN E 157 35.57 -28.87 -36.60
N ALA E 158 35.30 -30.17 -36.52
CA ALA E 158 34.57 -30.88 -37.56
C ALA E 158 33.06 -30.83 -37.34
N PHE E 159 32.62 -30.56 -36.12
CA PHE E 159 31.21 -30.34 -35.86
C PHE E 159 30.75 -28.99 -36.38
N SER E 160 31.56 -27.96 -36.21
CA SER E 160 31.41 -26.77 -37.02
C SER E 160 31.92 -27.04 -38.42
N ALA E 161 31.53 -26.19 -39.38
CA ALA E 161 31.71 -26.37 -40.82
C ALA E 161 31.10 -27.67 -41.35
N ALA E 162 30.13 -28.21 -40.60
CA ALA E 162 29.23 -29.25 -41.05
C ALA E 162 27.80 -28.86 -40.70
N ASN E 163 27.64 -28.05 -39.66
CA ASN E 163 26.37 -27.43 -39.29
C ASN E 163 26.49 -25.91 -39.26
N PRO E 164 26.53 -25.24 -40.41
CA PRO E 164 26.57 -23.77 -40.37
C PRO E 164 25.19 -23.13 -40.26
N ASP E 165 24.13 -23.88 -40.53
CA ASP E 165 22.78 -23.38 -40.45
C ASP E 165 22.05 -23.82 -39.19
N ARG E 166 22.74 -24.47 -38.26
CA ARG E 166 22.14 -24.99 -37.04
C ARG E 166 22.89 -24.57 -35.80
N LEU E 167 24.07 -23.98 -35.93
CA LEU E 167 24.81 -23.44 -34.81
C LEU E 167 24.69 -21.92 -34.83
N PHE E 168 24.16 -21.37 -33.75
CA PHE E 168 24.00 -19.94 -33.61
C PHE E 168 24.88 -19.45 -32.48
N PHE E 169 25.97 -18.77 -32.80
CA PHE E 169 26.80 -18.12 -31.80
C PHE E 169 26.17 -16.77 -31.44
N GLY E 170 26.95 -15.89 -30.84
CA GLY E 170 26.48 -14.58 -30.41
C GLY E 170 25.72 -13.75 -31.43
N SER E 171 26.12 -13.87 -32.70
CA SER E 171 25.35 -13.39 -33.83
C SER E 171 25.74 -14.24 -35.04
N ILE E 172 25.07 -14.00 -36.17
CA ILE E 172 25.42 -14.72 -37.39
C ILE E 172 26.72 -14.15 -37.98
N SER E 173 27.05 -12.91 -37.67
CA SER E 173 28.33 -12.34 -38.04
C SER E 173 29.46 -12.79 -37.12
N GLY E 174 29.21 -13.73 -36.22
CA GLY E 174 30.23 -14.31 -35.37
C GLY E 174 30.41 -15.80 -35.55
N TYR E 175 29.88 -16.36 -36.64
CA TYR E 175 30.12 -17.76 -36.95
C TYR E 175 31.56 -17.96 -37.41
N SER E 176 32.14 -19.09 -37.02
CA SER E 176 33.47 -19.46 -37.45
C SER E 176 33.53 -20.97 -37.67
N ALA E 177 34.45 -21.39 -38.54
CA ALA E 177 34.60 -22.81 -38.82
C ALA E 177 35.31 -23.54 -37.70
N THR E 178 36.08 -22.85 -36.87
CA THR E 178 36.72 -23.44 -35.71
C THR E 178 35.90 -23.14 -34.47
N TRP E 179 35.84 -24.12 -33.56
CA TRP E 179 34.93 -24.05 -32.43
C TRP E 179 35.38 -23.05 -31.38
N ALA E 180 36.69 -22.98 -31.12
CA ALA E 180 37.19 -22.11 -30.05
C ALA E 180 37.12 -20.64 -30.44
N THR E 181 37.21 -20.33 -31.72
CA THR E 181 37.05 -18.94 -32.16
C THR E 181 35.59 -18.53 -32.18
N GLY E 182 34.69 -19.47 -32.50
CA GLY E 182 33.27 -19.16 -32.52
C GLY E 182 32.71 -18.86 -31.14
N LEU E 183 33.22 -19.53 -30.11
CA LEU E 183 32.84 -19.19 -28.75
C LEU E 183 33.54 -17.94 -28.22
N GLY E 184 34.54 -17.44 -28.94
CA GLY E 184 35.18 -16.20 -28.58
C GLY E 184 34.54 -14.97 -29.21
N ASN E 185 33.46 -15.15 -29.96
CA ASN E 185 32.78 -14.05 -30.62
C ASN E 185 31.49 -13.66 -29.93
N VAL E 186 31.10 -14.36 -28.87
CA VAL E 186 29.91 -14.01 -28.11
C VAL E 186 30.30 -13.13 -26.92
N ASP E 187 29.75 -11.93 -26.89
CA ASP E 187 30.11 -10.93 -25.89
C ASP E 187 29.35 -11.19 -24.59
N ALA E 188 29.70 -10.43 -23.57
CA ALA E 188 28.92 -10.43 -22.34
C ALA E 188 27.69 -9.55 -22.44
N ALA E 189 27.66 -8.65 -23.43
CA ALA E 189 26.52 -7.77 -23.66
C ALA E 189 25.54 -8.33 -24.68
N GLU E 190 25.84 -9.50 -25.24
CA GLU E 190 24.95 -10.16 -26.18
C GLU E 190 24.08 -11.17 -25.45
N THR E 191 23.22 -10.66 -24.55
CA THR E 191 22.39 -11.49 -23.69
C THR E 191 21.20 -12.03 -24.46
N CYS E 192 20.39 -12.82 -23.75
CA CYS E 192 19.25 -13.51 -24.36
C CYS E 192 18.00 -12.66 -24.24
N THR E 193 17.73 -11.86 -25.25
CA THR E 193 16.48 -11.11 -25.34
C THR E 193 15.51 -11.88 -26.23
N ALA E 194 14.28 -11.37 -26.35
CA ALA E 194 13.28 -12.04 -27.15
C ALA E 194 13.42 -11.76 -28.64
N ALA E 195 14.33 -10.87 -29.04
CA ALA E 195 14.55 -10.59 -30.45
C ALA E 195 15.64 -11.47 -31.04
N ARG E 196 16.43 -12.13 -30.20
CA ARG E 196 17.49 -13.03 -30.63
C ARG E 196 17.08 -14.48 -30.62
N VAL E 197 16.06 -14.85 -29.84
CA VAL E 197 15.54 -16.20 -29.91
C VAL E 197 14.66 -16.34 -31.15
N GLY E 198 14.10 -15.24 -31.64
CA GLY E 198 13.41 -15.27 -32.92
C GLY E 198 14.32 -15.48 -34.11
N VAL E 199 15.62 -15.20 -33.94
CA VAL E 199 16.60 -15.52 -34.97
C VAL E 199 16.82 -17.02 -35.04
N MET E 200 16.84 -17.69 -33.89
CA MET E 200 17.01 -19.14 -33.85
C MET E 200 15.81 -19.88 -34.42
N LYS E 201 14.60 -19.31 -34.28
CA LYS E 201 13.43 -19.91 -34.90
C LYS E 201 13.49 -19.74 -36.42
N ARG E 202 14.11 -18.66 -36.89
CA ARG E 202 14.28 -18.45 -38.31
C ARG E 202 15.29 -19.41 -38.92
N LEU E 203 16.37 -19.73 -38.20
CA LEU E 203 17.30 -20.75 -38.67
C LEU E 203 16.67 -22.13 -38.72
N ALA E 204 15.70 -22.40 -37.85
CA ALA E 204 15.04 -23.69 -37.84
C ALA E 204 14.00 -23.83 -38.94
N MET E 205 13.58 -22.73 -39.56
CA MET E 205 12.62 -22.79 -40.65
C MET E 205 13.27 -22.71 -42.01
N SER E 206 14.59 -22.51 -42.09
CA SER E 206 15.30 -22.45 -43.36
C SER E 206 16.55 -23.31 -43.31
N ALA E 207 16.45 -24.49 -42.71
CA ALA E 207 17.57 -25.43 -42.66
C ALA E 207 17.54 -26.29 -43.92
N SER E 208 18.72 -26.71 -44.38
CA SER E 208 18.80 -27.32 -45.70
C SER E 208 18.27 -28.75 -45.70
N PRO E 209 18.52 -29.59 -44.68
CA PRO E 209 17.50 -30.58 -44.32
C PRO E 209 16.57 -29.98 -43.27
N ALA E 210 15.27 -30.03 -43.53
CA ALA E 210 14.31 -29.27 -42.75
C ALA E 210 14.07 -29.92 -41.39
N ILE E 211 13.90 -29.08 -40.38
CA ILE E 211 13.60 -29.53 -39.03
C ILE E 211 12.10 -29.56 -38.85
N THR E 212 11.57 -30.72 -38.44
CA THR E 212 10.13 -30.88 -38.28
C THR E 212 9.67 -30.14 -37.04
N PRO E 213 8.73 -29.21 -37.16
CA PRO E 213 8.21 -28.53 -35.97
C PRO E 213 7.28 -29.43 -35.17
N MET E 214 7.02 -29.01 -33.93
CA MET E 214 6.24 -29.80 -33.01
C MET E 214 4.76 -29.81 -33.38
N GLN E 215 4.25 -28.68 -33.85
CA GLN E 215 2.84 -28.57 -34.24
C GLN E 215 2.73 -27.63 -35.42
N VAL E 216 1.94 -28.03 -36.42
CA VAL E 216 1.80 -27.29 -37.67
C VAL E 216 0.35 -26.87 -37.82
N ASP E 217 0.14 -25.62 -38.21
CA ASP E 217 -1.16 -25.15 -38.71
C ASP E 217 -0.94 -24.65 -40.14
N ASP E 218 -1.48 -25.36 -41.12
CA ASP E 218 -1.20 -25.08 -42.52
C ASP E 218 -1.80 -23.75 -42.96
N ASP E 219 -3.09 -23.56 -42.71
CA ASP E 219 -3.67 -22.23 -42.83
C ASP E 219 -3.14 -21.35 -41.69
N GLU E 220 -3.17 -20.03 -41.91
CA GLU E 220 -2.66 -18.98 -41.02
C GLU E 220 -1.29 -19.31 -40.42
N GLY E 221 -0.35 -19.70 -41.28
CA GLY E 221 0.78 -20.57 -41.01
C GLY E 221 1.54 -20.48 -39.70
N ARG E 222 1.46 -21.56 -38.91
CA ARG E 222 1.99 -21.61 -37.56
C ARG E 222 2.92 -22.81 -37.44
N GLU E 223 4.11 -22.57 -36.89
CA GLU E 223 5.07 -23.63 -36.61
C GLU E 223 5.60 -23.43 -35.21
N TYR E 224 5.53 -24.46 -34.38
CA TYR E 224 5.81 -24.38 -32.96
C TYR E 224 7.09 -25.13 -32.62
N PHE E 225 7.84 -24.58 -31.69
CA PHE E 225 9.09 -25.18 -31.24
C PHE E 225 9.17 -25.07 -29.72
N VAL E 226 10.14 -25.77 -29.13
CA VAL E 226 10.35 -25.76 -27.68
C VAL E 226 11.82 -25.44 -27.42
N ALA E 227 12.07 -24.44 -26.59
CA ALA E 227 13.42 -24.06 -26.20
C ALA E 227 13.64 -24.39 -24.74
N PHE E 228 14.77 -25.02 -24.43
CA PHE E 228 15.10 -25.41 -23.07
C PHE E 228 16.22 -24.52 -22.56
N HIS E 229 15.88 -23.66 -21.59
CA HIS E 229 16.83 -22.72 -21.00
C HIS E 229 17.45 -23.32 -19.74
N GLY E 230 18.51 -22.67 -19.28
CA GLY E 230 19.20 -23.13 -18.09
C GLY E 230 19.24 -22.10 -16.99
N SER E 231 18.16 -21.33 -16.85
CA SER E 231 17.82 -20.44 -15.73
C SER E 231 18.69 -19.18 -15.64
N ARG E 232 19.81 -19.09 -16.34
CA ARG E 232 20.55 -17.84 -16.39
C ARG E 232 20.36 -17.11 -17.70
N THR E 233 19.89 -17.80 -18.73
CA THR E 233 19.31 -17.16 -19.89
C THR E 233 17.80 -17.07 -19.81
N PHE E 234 17.19 -17.71 -18.81
CA PHE E 234 15.75 -17.67 -18.66
C PHE E 234 15.30 -16.45 -17.87
N ARG E 235 16.16 -15.92 -17.00
CA ARG E 235 15.81 -14.71 -16.27
C ARG E 235 16.07 -13.46 -17.09
N ASP E 236 16.97 -13.54 -18.07
CA ASP E 236 17.19 -12.43 -18.99
C ASP E 236 16.13 -12.38 -20.06
N LEU E 237 15.41 -13.48 -20.28
CA LEU E 237 14.39 -13.54 -21.31
C LEU E 237 13.05 -13.04 -20.79
N LYS E 238 12.73 -13.29 -19.53
CA LYS E 238 11.48 -12.87 -18.93
C LYS E 238 11.62 -11.59 -18.13
N GLY E 239 12.80 -10.98 -18.13
CA GLY E 239 13.03 -9.83 -17.30
C GLY E 239 13.58 -8.63 -18.03
N ASP E 240 13.56 -8.68 -19.37
CA ASP E 240 14.01 -7.57 -20.17
C ASP E 240 13.01 -6.42 -20.10
N THR E 241 13.48 -5.20 -20.42
CA THR E 241 12.68 -4.00 -20.26
C THR E 241 11.53 -3.96 -21.27
N ALA E 242 11.81 -4.29 -22.53
CA ALA E 242 10.74 -4.56 -23.47
C ALA E 242 10.29 -6.01 -23.32
N MET E 243 9.29 -6.40 -24.13
CA MET E 243 8.79 -7.77 -24.27
C MET E 243 8.23 -8.35 -22.96
N LEU E 244 8.05 -7.52 -21.94
CA LEU E 244 7.53 -7.89 -20.63
C LEU E 244 6.12 -7.38 -20.44
N ASN E 245 5.74 -6.33 -21.15
CA ASN E 245 4.36 -5.90 -21.29
C ASN E 245 3.60 -6.68 -22.34
N ALA E 246 4.19 -7.76 -22.88
CA ALA E 246 3.47 -8.67 -23.74
C ALA E 246 2.60 -9.63 -22.95
N ASN E 247 3.00 -10.00 -21.74
CA ASN E 247 2.18 -10.90 -20.93
C ASN E 247 1.52 -10.21 -19.74
N ARG E 248 1.37 -8.88 -19.79
CA ARG E 248 0.43 -8.19 -18.92
C ARG E 248 -0.55 -7.31 -19.67
N GLU E 249 -0.35 -7.09 -20.97
CA GLU E 249 -1.29 -6.32 -21.77
C GLU E 249 -2.00 -7.17 -22.81
N ALA E 250 -1.63 -8.45 -22.94
CA ALA E 250 -2.29 -9.34 -23.89
C ALA E 250 -2.81 -10.60 -23.24
N ARG E 251 -2.62 -10.76 -21.94
CA ARG E 251 -3.19 -11.86 -21.19
C ARG E 251 -4.49 -11.41 -20.54
N PRO E 252 -5.44 -12.32 -20.32
CA PRO E 252 -6.67 -11.92 -19.60
C PRO E 252 -6.39 -11.58 -18.14
N ARG E 253 -7.25 -10.75 -17.58
CA ARG E 253 -7.08 -10.28 -16.21
C ARG E 253 -7.44 -11.40 -15.23
N ASP E 254 -6.52 -12.34 -15.09
CA ASP E 254 -6.69 -13.50 -14.23
C ASP E 254 -5.40 -13.73 -13.45
N VAL E 255 -5.52 -14.03 -12.17
CA VAL E 255 -4.37 -14.08 -11.28
C VAL E 255 -3.73 -15.45 -11.30
N SER E 256 -4.55 -16.50 -11.31
CA SER E 256 -4.06 -17.85 -11.15
C SER E 256 -3.53 -18.47 -12.43
N SER E 257 -3.51 -17.73 -13.53
CA SER E 257 -3.02 -18.25 -14.80
C SER E 257 -1.97 -17.38 -15.45
N ASN E 258 -1.64 -16.23 -14.86
CA ASN E 258 -0.68 -15.32 -15.46
C ASN E 258 0.73 -15.71 -15.03
N PRO E 259 1.63 -15.99 -15.96
CA PRO E 259 3.03 -16.27 -15.58
C PRO E 259 3.84 -15.06 -15.17
N LEU E 260 3.25 -13.87 -15.15
CA LEU E 260 3.93 -12.71 -14.60
C LEU E 260 3.88 -12.70 -13.08
N LEU E 261 2.75 -13.10 -12.51
CA LEU E 261 2.59 -13.14 -11.06
C LEU E 261 2.94 -14.51 -10.49
N GLN E 262 2.75 -15.57 -11.28
CA GLN E 262 3.00 -16.95 -10.87
C GLN E 262 3.80 -17.61 -11.99
N ASP E 263 5.13 -17.57 -11.87
CA ASP E 263 6.05 -17.82 -12.99
C ASP E 263 5.91 -19.25 -13.52
N GLY E 264 6.34 -19.46 -14.75
CA GLY E 264 6.28 -20.77 -15.35
C GLY E 264 6.94 -20.75 -16.71
N ASP E 265 6.48 -21.58 -17.63
CA ASP E 265 6.92 -21.46 -19.01
C ASP E 265 6.10 -20.37 -19.70
N LEU E 266 6.64 -19.82 -20.77
CA LEU E 266 6.01 -18.69 -21.41
C LEU E 266 6.18 -18.78 -22.92
N ILE E 267 5.10 -18.52 -23.64
CA ILE E 267 5.08 -18.61 -25.09
C ILE E 267 5.17 -17.19 -25.67
N TYR E 268 5.97 -17.04 -26.72
CA TYR E 268 6.14 -15.76 -27.38
C TYR E 268 6.64 -16.01 -28.79
N GLU E 269 5.91 -15.50 -29.80
CA GLU E 269 6.20 -15.66 -31.23
C GLU E 269 6.25 -17.14 -31.64
N GLY E 270 5.43 -17.96 -30.99
CA GLY E 270 5.23 -19.33 -31.41
C GLY E 270 6.19 -20.35 -30.82
N VAL E 271 7.14 -19.92 -29.99
CA VAL E 271 8.09 -20.85 -29.37
C VAL E 271 7.84 -20.87 -27.87
N ILE E 272 7.83 -22.07 -27.28
CA ILE E 272 7.58 -22.27 -25.87
C ILE E 272 8.90 -22.34 -25.13
N HIS E 273 9.04 -21.57 -24.06
CA HIS E 273 10.30 -21.43 -23.34
C HIS E 273 10.20 -22.17 -22.01
N ARG E 274 10.81 -23.34 -21.93
CA ARG E 274 10.76 -24.18 -20.75
C ARG E 274 12.08 -24.06 -20.00
N GLU E 275 12.01 -23.98 -18.68
CA GLU E 275 13.19 -23.83 -17.84
C GLU E 275 13.62 -25.19 -17.30
N VAL E 276 14.90 -25.52 -17.50
CA VAL E 276 15.52 -26.70 -16.90
C VAL E 276 16.68 -26.21 -16.04
N PRO E 277 16.58 -26.29 -14.71
CA PRO E 277 17.62 -25.69 -13.86
C PRO E 277 18.94 -26.45 -13.83
N GLU E 278 18.99 -27.66 -14.37
CA GLU E 278 20.18 -28.49 -14.26
C GLU E 278 21.13 -28.32 -15.43
N ILE E 279 20.87 -27.36 -16.32
CA ILE E 279 21.82 -27.06 -17.39
C ILE E 279 22.96 -26.19 -16.86
N ASP E 280 22.72 -25.43 -15.78
CA ASP E 280 23.83 -24.75 -15.12
C ASP E 280 24.81 -25.71 -14.46
N ALA E 281 24.31 -26.82 -13.91
CA ALA E 281 25.22 -27.81 -13.33
C ALA E 281 26.03 -28.51 -14.40
N TRP E 282 25.45 -28.74 -15.58
CA TRP E 282 26.19 -29.36 -16.66
C TRP E 282 27.22 -28.41 -17.25
N ALA E 283 26.80 -27.18 -17.59
CA ALA E 283 27.63 -26.29 -18.38
C ALA E 283 28.73 -25.63 -17.55
N ALA E 284 28.60 -25.61 -16.23
CA ALA E 284 29.69 -25.06 -15.42
C ALA E 284 30.85 -26.04 -15.34
N ALA E 285 30.59 -27.33 -15.42
CA ALA E 285 31.63 -28.35 -15.35
C ALA E 285 32.39 -28.51 -16.66
N ASN E 286 31.86 -28.01 -17.76
CA ASN E 286 32.52 -28.13 -19.06
C ASN E 286 33.23 -26.86 -19.49
N GLY E 287 33.34 -25.86 -18.61
CA GLY E 287 34.14 -24.70 -18.90
C GLY E 287 33.44 -23.56 -19.59
N PHE E 288 32.13 -23.42 -19.40
CA PHE E 288 31.41 -22.30 -19.99
C PHE E 288 31.38 -21.06 -19.09
N ASN E 289 31.90 -21.16 -17.87
CA ASN E 289 32.06 -19.98 -17.03
C ASN E 289 33.18 -19.07 -17.51
N THR E 290 34.06 -19.60 -18.36
CA THR E 290 35.03 -18.81 -19.11
C THR E 290 34.81 -19.10 -20.59
N ALA E 291 35.78 -18.70 -21.43
CA ALA E 291 35.79 -18.91 -22.88
C ALA E 291 34.60 -18.22 -23.54
N GLY E 292 34.50 -16.92 -23.30
CA GLY E 292 33.67 -16.05 -24.11
C GLY E 292 34.55 -14.97 -24.68
N ALA E 293 33.96 -13.85 -25.07
CA ALA E 293 34.75 -12.71 -25.51
C ALA E 293 35.30 -12.00 -24.28
N GLY E 294 36.60 -12.14 -24.05
CA GLY E 294 37.20 -11.57 -22.86
C GLY E 294 36.96 -12.38 -21.61
N SER E 295 36.82 -13.70 -21.75
CA SER E 295 36.61 -14.66 -20.66
C SER E 295 35.34 -14.34 -19.86
N ALA E 296 34.23 -14.25 -20.57
CA ALA E 296 32.92 -14.01 -19.98
C ALA E 296 32.11 -15.29 -19.93
N PRO E 297 31.24 -15.45 -18.94
CA PRO E 297 30.41 -16.67 -18.87
C PRO E 297 29.35 -16.68 -19.96
N ILE E 298 29.20 -17.84 -20.61
CA ILE E 298 28.17 -18.05 -21.62
C ILE E 298 27.39 -19.30 -21.25
N ARG E 299 26.17 -19.40 -21.76
CA ARG E 299 25.32 -20.56 -21.54
C ARG E 299 24.69 -21.00 -22.86
N PRO E 300 24.42 -22.30 -23.01
CA PRO E 300 23.72 -22.77 -24.20
C PRO E 300 22.21 -22.79 -24.06
N VAL E 301 21.54 -22.58 -25.20
CA VAL E 301 20.10 -22.66 -25.32
C VAL E 301 19.79 -23.63 -26.44
N PHE E 302 18.92 -24.61 -26.16
CA PHE E 302 18.66 -25.69 -27.11
C PHE E 302 17.24 -25.53 -27.66
N LEU E 303 17.15 -25.06 -28.90
CA LEU E 303 15.87 -24.95 -29.60
C LEU E 303 15.67 -26.22 -30.40
N CYS E 304 14.76 -27.08 -29.95
CA CYS E 304 14.60 -28.38 -30.56
C CYS E 304 13.20 -28.56 -31.13
N GLY E 305 13.13 -29.36 -32.19
CA GLY E 305 11.88 -29.61 -32.88
C GLY E 305 11.26 -30.94 -32.53
N THR E 306 11.27 -31.88 -33.48
CA THR E 306 10.66 -33.19 -33.27
C THR E 306 11.67 -34.27 -33.63
N GLN E 307 11.75 -35.30 -32.79
CA GLN E 307 12.61 -36.48 -32.95
C GLN E 307 14.08 -36.06 -32.95
N SER E 308 14.48 -35.39 -31.88
CA SER E 308 15.84 -34.87 -31.75
C SER E 308 16.75 -35.77 -30.92
N VAL E 309 16.19 -36.57 -30.02
CA VAL E 309 16.95 -37.53 -29.22
C VAL E 309 16.19 -38.86 -29.26
N PHE E 310 16.89 -39.95 -29.59
CA PHE E 310 16.28 -41.26 -29.57
C PHE E 310 16.53 -41.95 -28.24
N LEU E 311 15.59 -42.81 -27.84
CA LEU E 311 15.69 -43.54 -26.58
C LEU E 311 15.39 -45.00 -26.86
N ALA E 312 16.36 -45.87 -26.62
CA ALA E 312 16.22 -47.30 -26.87
C ALA E 312 16.11 -48.04 -25.55
N TYR E 313 14.96 -48.63 -25.28
CA TYR E 313 14.72 -49.38 -24.05
C TYR E 313 14.95 -50.86 -24.30
N ALA E 314 15.78 -51.47 -23.46
CA ALA E 314 15.94 -52.92 -23.48
C ALA E 314 15.40 -53.59 -22.22
N GLN E 315 15.46 -52.91 -21.08
CA GLN E 315 14.90 -53.41 -19.83
C GLN E 315 14.48 -52.25 -18.98
N ARG E 316 13.25 -52.29 -18.49
CA ARG E 316 12.76 -51.31 -17.54
C ARG E 316 13.47 -51.50 -16.19
N PRO E 317 13.55 -50.46 -15.37
CA PRO E 317 14.24 -50.61 -14.06
C PRO E 317 13.48 -51.54 -13.12
N GLN E 318 14.20 -52.55 -12.63
CA GLN E 318 13.67 -53.59 -11.76
C GLN E 318 14.44 -53.63 -10.46
N ALA E 319 13.75 -53.97 -9.37
CA ALA E 319 14.33 -53.98 -8.05
C ALA E 319 14.46 -55.40 -7.52
N GLY E 320 15.36 -55.57 -6.55
CA GLY E 320 15.59 -56.87 -5.95
C GLY E 320 16.37 -56.74 -4.65
N THR E 321 16.22 -57.75 -3.78
CA THR E 321 16.85 -57.74 -2.47
C THR E 321 17.56 -59.06 -2.22
N GLU E 322 18.45 -59.06 -1.23
CA GLU E 322 19.27 -60.22 -0.94
C GLU E 322 19.62 -60.24 0.55
N LYS E 323 19.60 -61.43 1.14
CA LYS E 323 20.10 -61.64 2.49
C LYS E 323 21.50 -62.24 2.42
N SER E 324 22.50 -61.43 2.74
CA SER E 324 23.87 -61.73 2.33
C SER E 324 24.57 -62.71 3.25
N ASP E 325 24.76 -62.37 4.52
CA ASP E 325 25.72 -63.06 5.38
C ASP E 325 25.17 -64.42 5.78
N ILE E 326 24.11 -64.47 6.58
CA ILE E 326 23.38 -65.70 6.87
C ILE E 326 21.90 -65.37 6.82
N PRO E 327 21.08 -66.13 6.09
CA PRO E 327 19.64 -65.84 6.07
C PRO E 327 18.93 -66.10 7.41
N ALA E 328 19.51 -66.95 8.26
CA ALA E 328 18.93 -67.19 9.58
C ALA E 328 19.32 -66.09 10.56
N LEU E 329 20.61 -65.82 10.72
CA LEU E 329 21.09 -64.70 11.51
C LEU E 329 21.12 -63.45 10.65
N ASN E 330 20.05 -62.66 10.70
CA ASN E 330 19.81 -61.57 9.76
C ASN E 330 20.78 -60.42 10.02
N ARG E 331 22.05 -60.64 9.68
CA ARG E 331 23.11 -59.70 9.99
C ARG E 331 23.41 -58.76 8.84
N ARG E 332 22.87 -59.01 7.65
CA ARG E 332 23.21 -58.21 6.49
C ARG E 332 22.11 -58.35 5.46
N MET E 333 21.89 -57.29 4.69
CA MET E 333 20.90 -57.26 3.62
C MET E 333 21.32 -56.23 2.60
N THR E 334 21.05 -56.50 1.33
CA THR E 334 21.41 -55.61 0.24
C THR E 334 20.22 -55.46 -0.71
N VAL E 335 19.84 -54.22 -0.99
CA VAL E 335 18.84 -53.91 -2.00
C VAL E 335 19.54 -53.31 -3.20
N GLY E 336 18.93 -53.44 -4.38
CA GLY E 336 19.54 -52.95 -5.60
C GLY E 336 18.52 -52.77 -6.71
N MET E 337 18.98 -52.12 -7.78
CA MET E 337 18.14 -51.84 -8.94
C MET E 337 19.00 -51.84 -10.19
N ASP E 338 18.43 -52.26 -11.31
CA ASP E 338 19.17 -52.57 -12.52
C ASP E 338 18.42 -52.07 -13.74
N GLU E 339 19.14 -51.70 -14.81
CA GLU E 339 18.52 -51.10 -15.98
C GLU E 339 19.40 -51.31 -17.21
N ILE E 340 18.77 -51.51 -18.37
CA ILE E 340 19.46 -51.55 -19.66
C ILE E 340 18.81 -50.49 -20.54
N ILE E 341 19.59 -49.49 -20.96
CA ILE E 341 19.05 -48.34 -21.71
C ILE E 341 20.18 -47.73 -22.54
N GLY E 342 19.79 -47.02 -23.60
CA GLY E 342 20.74 -46.26 -24.40
C GLY E 342 20.15 -44.96 -24.92
N VAL E 343 20.87 -43.86 -24.73
CA VAL E 343 20.40 -42.52 -25.09
C VAL E 343 21.39 -41.91 -26.06
N LYS E 344 20.89 -41.36 -27.17
CA LYS E 344 21.75 -40.79 -28.19
C LYS E 344 21.00 -39.70 -28.94
N LYS E 345 21.71 -38.60 -29.25
CA LYS E 345 21.13 -37.54 -30.06
C LYS E 345 20.99 -37.99 -31.51
N ALA E 346 19.85 -37.66 -32.11
CA ALA E 346 19.58 -38.00 -33.50
C ALA E 346 20.55 -37.29 -34.44
N ALA E 347 21.35 -38.08 -35.15
CA ALA E 347 22.34 -37.54 -36.08
C ALA E 347 22.25 -38.33 -37.37
N PHE E 348 22.21 -37.62 -38.50
CA PHE E 348 22.19 -38.23 -39.82
C PHE E 348 23.11 -37.42 -40.72
N ASN E 349 24.04 -38.12 -41.40
CA ASN E 349 24.98 -37.54 -42.35
C ASN E 349 25.84 -36.44 -41.71
N GLY E 350 26.21 -36.65 -40.45
CA GLY E 350 27.02 -35.68 -39.74
C GLY E 350 26.33 -34.39 -39.40
N LYS E 351 25.01 -34.40 -39.27
CA LYS E 351 24.23 -33.21 -38.97
C LYS E 351 23.23 -33.51 -37.86
N GLN E 352 22.96 -32.51 -37.04
CA GLN E 352 21.89 -32.59 -36.04
C GLN E 352 20.55 -32.70 -36.74
N HIS E 353 19.73 -33.65 -36.30
CA HIS E 353 18.45 -33.88 -36.98
C HIS E 353 17.42 -32.83 -36.59
N GLY E 354 17.33 -32.53 -35.30
CA GLY E 354 16.28 -31.64 -34.86
C GLY E 354 16.62 -30.65 -33.75
N VAL E 355 17.89 -30.26 -33.62
CA VAL E 355 18.32 -29.34 -32.57
C VAL E 355 18.95 -28.12 -33.26
N VAL E 356 18.71 -26.94 -32.70
CA VAL E 356 19.46 -25.74 -33.04
C VAL E 356 20.09 -25.22 -31.77
N MET E 357 21.42 -25.29 -31.68
CA MET E 357 22.13 -24.83 -30.50
C MET E 357 22.41 -23.33 -30.58
N GLY E 358 22.27 -22.66 -29.46
CA GLY E 358 22.49 -21.22 -29.39
C GLY E 358 23.25 -20.84 -28.15
N PHE E 359 24.23 -19.96 -28.33
CA PHE E 359 25.11 -19.55 -27.24
C PHE E 359 24.95 -18.07 -26.98
N PHE E 360 24.56 -17.72 -25.75
CA PHE E 360 24.35 -16.35 -25.35
C PHE E 360 25.22 -16.03 -24.15
N GLY E 361 25.50 -14.75 -23.94
CA GLY E 361 26.34 -14.34 -22.84
C GLY E 361 25.54 -14.07 -21.57
N ALA E 362 25.52 -15.05 -20.67
CA ALA E 362 24.83 -14.92 -19.40
C ALA E 362 25.82 -14.49 -18.33
N ALA E 363 25.65 -13.28 -17.80
CA ALA E 363 26.60 -12.72 -16.86
C ALA E 363 26.51 -13.39 -15.50
N GLY E 364 25.31 -13.73 -15.07
CA GLY E 364 25.12 -14.40 -13.79
C GLY E 364 25.31 -13.47 -12.61
N ASP E 365 24.64 -12.32 -12.63
CA ASP E 365 24.71 -11.39 -11.52
C ASP E 365 23.62 -11.70 -10.49
N MET F 1 -30.47 29.41 40.43
CA MET F 1 -31.91 29.26 40.52
C MET F 1 -32.40 29.31 41.97
N ALA F 2 -33.72 29.44 42.13
CA ALA F 2 -34.35 29.37 43.44
C ALA F 2 -35.61 28.52 43.44
N ASP F 3 -35.64 27.48 42.62
CA ASP F 3 -36.56 26.37 42.78
C ASP F 3 -35.96 25.39 43.78
N PHE F 4 -36.45 24.17 43.77
CA PHE F 4 -35.76 23.07 44.44
C PHE F 4 -34.35 22.94 43.89
N SER F 5 -33.37 23.32 44.71
CA SER F 5 -31.97 23.39 44.30
C SER F 5 -31.21 22.28 45.01
N LEU F 6 -30.81 21.27 44.25
CA LEU F 6 -30.15 20.11 44.84
C LEU F 6 -28.66 20.36 44.94
N ALA F 7 -28.01 19.65 45.86
CA ALA F 7 -26.62 19.95 46.18
C ALA F 7 -25.68 19.39 45.12
N THR F 8 -24.46 19.91 45.09
CA THR F 8 -23.48 19.47 44.12
C THR F 8 -22.90 18.11 44.48
N ALA F 9 -22.81 17.83 45.78
CA ALA F 9 -22.30 16.56 46.27
C ALA F 9 -23.41 15.54 46.49
N SER F 10 -24.65 15.90 46.19
CA SER F 10 -25.78 14.99 46.32
C SER F 10 -26.30 14.49 44.99
N GLN F 11 -25.61 14.80 43.89
CA GLN F 11 -26.03 14.34 42.56
C GLN F 11 -25.55 12.92 42.34
N ARG F 12 -26.45 12.09 41.80
CA ARG F 12 -26.21 10.67 41.59
C ARG F 12 -25.11 10.47 40.53
N LYS F 13 -24.53 9.27 40.50
CA LYS F 13 -23.73 8.81 39.37
C LYS F 13 -24.21 7.41 38.99
N GLU F 14 -23.58 6.83 37.97
CA GLU F 14 -23.90 5.49 37.54
C GLU F 14 -22.68 4.83 36.91
N TRP F 15 -22.45 3.57 37.24
CA TRP F 15 -21.31 2.80 36.74
C TRP F 15 -21.81 1.63 35.92
N SER F 16 -21.25 1.45 34.72
CA SER F 16 -21.71 0.43 33.79
C SER F 16 -21.04 -0.91 34.08
N ASN F 17 -21.72 -1.98 33.65
CA ASN F 17 -21.26 -3.34 33.89
C ASN F 17 -20.48 -3.90 32.70
N LYS F 18 -20.64 -3.30 31.53
CA LYS F 18 -20.00 -3.81 30.32
C LYS F 18 -18.65 -3.15 30.15
N ALA F 19 -17.59 -3.95 30.10
CA ALA F 19 -16.24 -3.45 30.03
C ALA F 19 -15.64 -3.69 28.65
N HIS F 20 -14.63 -2.90 28.30
CA HIS F 20 -13.96 -3.04 27.01
C HIS F 20 -12.58 -3.64 27.22
N MET F 21 -12.06 -4.27 26.17
CA MET F 21 -10.76 -4.90 26.18
C MET F 21 -9.82 -4.16 25.22
N GLU F 22 -8.60 -4.65 25.13
CA GLU F 22 -7.64 -4.17 24.14
C GLU F 22 -7.49 -5.19 23.01
N TYR F 23 -7.44 -4.68 21.78
CA TYR F 23 -7.29 -5.49 20.58
C TYR F 23 -5.93 -6.19 20.58
N VAL F 24 -5.88 -7.37 19.96
CA VAL F 24 -4.73 -8.27 20.11
C VAL F 24 -4.07 -8.60 18.77
N ARG F 25 -4.85 -8.64 17.67
CA ARG F 25 -4.37 -9.01 16.33
C ARG F 25 -3.76 -10.40 16.33
N ARG F 26 -4.64 -11.41 16.30
CA ARG F 26 -4.47 -12.81 16.70
C ARG F 26 -3.13 -13.41 16.28
N SER F 27 -2.89 -13.60 14.98
CA SER F 27 -1.66 -14.20 14.48
C SER F 27 -1.61 -14.10 12.97
N ARG F 28 -0.43 -13.78 12.44
CA ARG F 28 -0.19 -13.83 11.01
C ARG F 28 0.48 -15.14 10.60
N PHE F 29 0.85 -15.99 11.55
CA PHE F 29 1.41 -17.30 11.26
C PHE F 29 0.38 -18.41 11.37
N ALA F 30 -0.89 -18.07 11.54
CA ALA F 30 -1.91 -19.07 11.85
C ALA F 30 -2.31 -20.01 10.71
N PRO F 31 -2.42 -19.61 9.43
CA PRO F 31 -2.72 -20.62 8.40
C PRO F 31 -1.56 -21.53 8.03
N TYR F 32 -0.41 -21.41 8.68
CA TYR F 32 0.81 -22.09 8.25
C TYR F 32 1.30 -23.11 9.27
N ILE F 33 0.60 -23.26 10.38
CA ILE F 33 0.97 -24.19 11.43
C ILE F 33 0.03 -25.38 11.32
N ARG F 34 0.53 -26.48 10.76
CA ARG F 34 -0.22 -27.71 10.60
C ARG F 34 0.60 -28.86 11.17
N ASN F 35 0.08 -30.08 11.06
CA ASN F 35 0.78 -31.28 11.48
C ASN F 35 1.17 -32.19 10.34
N THR F 36 0.91 -31.79 9.09
CA THR F 36 1.23 -32.63 7.95
C THR F 36 2.69 -32.42 7.54
N GLU F 37 3.08 -33.00 6.41
CA GLU F 37 4.46 -32.95 5.97
C GLU F 37 4.74 -31.80 5.01
N ASN F 38 3.71 -31.24 4.39
CA ASN F 38 3.88 -30.16 3.43
C ASN F 38 3.52 -28.81 4.03
N SER F 39 3.80 -28.63 5.32
CA SER F 39 3.52 -27.37 6.00
C SER F 39 4.82 -26.66 6.31
N ILE F 40 4.73 -25.34 6.48
CA ILE F 40 5.93 -24.55 6.73
C ILE F 40 6.39 -24.74 8.17
N PHE F 41 5.50 -24.54 9.13
CA PHE F 41 5.80 -24.74 10.54
C PHE F 41 5.12 -26.05 10.94
N GLN F 42 5.92 -27.08 11.17
CA GLN F 42 5.39 -28.42 11.36
C GLN F 42 5.35 -28.79 12.84
N GLY F 43 4.26 -29.38 13.27
CA GLY F 43 4.09 -29.79 14.66
C GLY F 43 4.24 -31.28 14.84
N TYR F 44 4.65 -31.68 16.04
CA TYR F 44 4.84 -33.08 16.39
C TYR F 44 4.13 -33.41 17.69
N SER F 45 3.20 -34.35 17.64
CA SER F 45 2.47 -34.79 18.82
C SER F 45 3.02 -36.09 19.39
N ASP F 46 4.31 -36.34 19.21
CA ASP F 46 4.90 -37.58 19.71
C ASP F 46 5.17 -37.53 21.20
N LEU F 47 5.40 -36.36 21.76
CA LEU F 47 5.57 -36.22 23.20
C LEU F 47 4.25 -35.94 23.90
N GLU F 48 3.20 -35.65 23.15
CA GLU F 48 1.86 -35.56 23.71
C GLU F 48 1.36 -36.96 24.11
N LYS F 49 1.88 -37.98 23.43
CA LYS F 49 1.81 -39.36 23.87
C LYS F 49 2.87 -39.64 24.94
N ARG F 50 3.17 -40.92 25.15
CA ARG F 50 3.51 -41.58 26.43
C ARG F 50 4.41 -40.75 27.34
N ALA F 51 5.65 -40.44 26.94
CA ALA F 51 6.56 -39.66 27.79
C ALA F 51 7.72 -39.14 26.96
N GLY F 52 8.50 -38.24 27.54
CA GLY F 52 9.70 -37.78 26.88
C GLY F 52 10.11 -36.39 27.33
N ASP F 53 11.31 -35.99 26.88
CA ASP F 53 11.86 -34.69 27.16
C ASP F 53 12.31 -33.95 25.90
N THR F 54 12.90 -34.66 24.93
CA THR F 54 13.31 -34.04 23.67
C THR F 54 12.92 -34.97 22.54
N LEU F 55 13.08 -34.50 21.31
CA LEU F 55 12.64 -35.26 20.14
C LEU F 55 13.64 -35.07 19.02
N ASN F 56 14.21 -36.17 18.52
CA ASN F 56 15.23 -36.14 17.49
C ASN F 56 14.63 -36.51 16.15
N ILE F 57 14.99 -35.78 15.10
CA ILE F 57 14.43 -35.96 13.76
C ILE F 57 15.57 -36.22 12.79
N PRO F 58 15.50 -37.25 11.95
CA PRO F 58 16.58 -37.53 11.00
C PRO F 58 16.40 -36.90 9.63
N LEU F 59 17.47 -36.96 8.83
CA LEU F 59 17.50 -36.42 7.48
C LEU F 59 18.46 -37.26 6.63
N PHE F 60 18.05 -37.55 5.39
CA PHE F 60 18.93 -38.18 4.42
C PHE F 60 19.22 -37.24 3.27
N TYR F 61 20.48 -37.13 2.88
CA TYR F 61 20.85 -36.30 1.74
C TYR F 61 20.61 -37.02 0.42
N LYS F 62 21.18 -36.44 -0.63
CA LYS F 62 21.12 -36.92 -1.99
C LYS F 62 22.34 -37.82 -2.22
N LEU F 63 22.61 -38.19 -3.45
CA LEU F 63 23.68 -39.12 -3.76
C LEU F 63 24.69 -38.46 -4.70
N GLY F 64 25.98 -38.81 -4.54
CA GLY F 64 27.04 -37.87 -4.87
C GLY F 64 28.14 -38.11 -5.91
N GLY F 65 28.42 -39.34 -6.33
CA GLY F 65 29.74 -39.65 -6.86
C GLY F 65 29.92 -39.40 -8.37
N ALA F 66 30.28 -40.51 -9.18
CA ALA F 66 30.49 -40.59 -10.65
C ALA F 66 30.00 -41.90 -11.27
N PRO F 67 29.38 -41.87 -12.46
CA PRO F 67 28.86 -43.11 -13.02
C PRO F 67 29.99 -43.99 -13.54
N VAL F 68 29.97 -45.25 -13.09
CA VAL F 68 31.17 -46.09 -13.10
C VAL F 68 31.41 -46.55 -14.54
N THR F 69 32.25 -45.79 -15.24
CA THR F 69 32.23 -45.78 -16.69
C THR F 69 33.00 -46.96 -17.26
N GLY F 70 32.34 -47.70 -18.16
CA GLY F 70 33.03 -48.63 -19.04
C GLY F 70 33.10 -50.07 -18.59
N ASP F 71 33.73 -50.30 -17.43
CA ASP F 71 34.19 -51.62 -17.04
C ASP F 71 33.89 -51.96 -15.60
N THR F 72 33.65 -50.96 -14.79
CA THR F 72 33.73 -51.07 -13.34
C THR F 72 32.56 -51.85 -12.74
N PRO F 73 32.77 -52.53 -11.61
CA PRO F 73 31.73 -53.38 -11.02
C PRO F 73 30.54 -52.61 -10.49
N ILE F 74 29.60 -53.38 -9.91
CA ILE F 74 28.73 -52.84 -8.88
C ILE F 74 29.02 -53.56 -7.57
N VAL F 75 30.28 -53.96 -7.37
CA VAL F 75 30.71 -54.58 -6.13
C VAL F 75 32.07 -54.05 -5.71
N GLY F 76 32.75 -53.36 -6.61
CA GLY F 76 34.06 -52.91 -6.23
C GLY F 76 34.02 -51.61 -5.46
N ASN F 77 33.50 -50.54 -6.08
CA ASN F 77 33.72 -49.12 -5.79
C ASN F 77 32.86 -48.21 -4.88
N GLU F 78 32.59 -48.55 -3.58
CA GLU F 78 31.54 -48.04 -2.64
C GLU F 78 31.28 -46.53 -2.49
N THR F 79 29.99 -46.20 -2.15
CA THR F 79 29.34 -44.99 -1.60
C THR F 79 28.82 -45.17 -0.18
N PRO F 80 28.93 -44.12 0.63
CA PRO F 80 28.03 -43.98 1.79
C PRO F 80 26.80 -43.15 1.44
N LEU F 81 25.77 -43.28 2.28
CA LEU F 81 24.61 -42.41 2.20
C LEU F 81 24.60 -41.50 3.43
N ASP F 82 24.47 -40.20 3.21
CA ASP F 82 24.61 -39.21 4.27
C ASP F 82 23.37 -39.17 5.16
N ASN F 83 23.57 -38.83 6.42
CA ASN F 83 22.55 -38.97 7.45
C ASN F 83 22.86 -38.00 8.58
N TYR F 84 21.84 -37.27 9.05
CA TYR F 84 22.03 -36.25 10.07
C TYR F 84 20.83 -36.25 11.02
N ASN F 85 20.92 -35.42 12.06
CA ASN F 85 19.97 -35.40 13.15
C ASN F 85 19.63 -33.96 13.52
N CYS F 86 18.49 -33.77 14.19
CA CYS F 86 18.11 -32.49 14.78
C CYS F 86 17.20 -32.76 15.97
N GLY F 87 17.55 -32.25 17.13
CA GLY F 87 16.80 -32.49 18.35
C GLY F 87 16.23 -31.21 18.93
N VAL F 88 14.94 -31.27 19.27
CA VAL F 88 14.22 -30.11 19.80
C VAL F 88 13.97 -30.33 21.29
N PRO F 89 14.45 -29.45 22.16
CA PRO F 89 14.15 -29.58 23.59
C PRO F 89 12.86 -28.89 23.98
N VAL F 90 12.24 -29.43 25.04
CA VAL F 90 10.88 -29.08 25.43
C VAL F 90 10.90 -28.65 26.90
N ALA F 91 10.20 -27.56 27.23
CA ALA F 91 10.20 -27.02 28.59
C ALA F 91 8.79 -26.61 29.02
N LEU F 92 8.59 -26.59 30.34
CA LEU F 92 7.36 -26.15 31.00
C LEU F 92 7.33 -24.63 31.01
N ARG F 93 6.13 -24.03 31.01
CA ARG F 93 5.96 -22.58 31.14
C ARG F 93 4.51 -22.24 31.47
N GLY F 94 4.32 -21.12 32.16
CA GLY F 94 2.97 -20.73 32.58
C GLY F 94 2.86 -19.30 33.05
N LYS F 95 1.70 -18.98 33.63
CA LYS F 95 1.28 -17.62 33.96
C LYS F 95 0.01 -17.68 34.80
N GLY F 96 -0.10 -16.78 35.80
CA GLY F 96 -1.28 -16.73 36.64
C GLY F 96 -1.64 -15.33 37.09
N VAL F 97 -2.90 -15.17 37.52
CA VAL F 97 -3.48 -13.88 37.93
C VAL F 97 -4.29 -14.07 39.21
N ALA F 98 -4.10 -13.18 40.19
CA ALA F 98 -4.80 -13.24 41.47
C ALA F 98 -5.92 -12.20 41.56
N ILE F 99 -6.95 -12.52 42.34
CA ILE F 99 -8.10 -11.65 42.56
C ILE F 99 -8.46 -11.71 44.04
N THR F 100 -8.43 -10.56 44.72
CA THR F 100 -8.71 -10.47 46.14
C THR F 100 -10.20 -10.20 46.38
N LYS F 101 -10.53 -9.81 47.62
CA LYS F 101 -11.86 -9.34 47.96
C LYS F 101 -11.85 -7.88 48.40
N ASN F 102 -10.71 -7.36 48.85
CA ASN F 102 -10.56 -5.95 49.18
C ASN F 102 -10.77 -5.06 47.96
N GLN F 103 -10.40 -5.54 46.77
CA GLN F 103 -10.59 -4.80 45.55
C GLN F 103 -11.79 -5.26 44.73
N THR F 104 -12.73 -5.97 45.35
CA THR F 104 -13.80 -6.62 44.60
C THR F 104 -15.20 -6.19 45.04
N PHE F 105 -15.40 -5.88 46.32
CA PHE F 105 -16.71 -5.37 46.73
C PHE F 105 -16.95 -3.94 46.26
N ARG F 106 -15.92 -3.23 45.84
CA ARG F 106 -16.01 -1.85 45.41
C ARG F 106 -16.52 -1.72 43.97
N THR F 107 -16.59 -2.82 43.23
CA THR F 107 -17.03 -2.80 41.84
C THR F 107 -18.20 -3.75 41.67
N GLU F 108 -18.72 -3.80 40.45
CA GLU F 108 -19.78 -4.72 40.07
C GLU F 108 -19.38 -5.55 38.85
N ILE F 109 -18.37 -5.12 38.12
CA ILE F 109 -17.86 -5.86 36.97
C ILE F 109 -17.10 -7.09 37.42
N ASP F 110 -17.26 -8.19 36.68
CA ASP F 110 -16.63 -9.45 37.04
C ASP F 110 -15.16 -9.45 36.63
N VAL F 111 -14.28 -9.38 37.62
CA VAL F 111 -12.85 -9.37 37.34
C VAL F 111 -12.37 -10.79 37.06
N MET F 112 -13.10 -11.79 37.54
CA MET F 112 -12.71 -13.19 37.33
C MET F 112 -12.80 -13.58 35.87
N ASN F 113 -13.91 -13.29 35.21
CA ASN F 113 -14.07 -13.66 33.81
C ASN F 113 -13.21 -12.80 32.90
N ALA F 114 -12.92 -11.56 33.29
CA ALA F 114 -12.02 -10.73 32.52
C ALA F 114 -10.57 -11.15 32.63
N ALA F 115 -10.21 -11.85 33.72
CA ALA F 115 -8.85 -12.35 33.89
C ALA F 115 -8.65 -13.72 33.29
N LYS F 116 -9.72 -14.47 33.03
CA LYS F 116 -9.60 -15.77 32.39
C LYS F 116 -9.61 -15.66 30.87
N GLN F 117 -10.32 -14.66 30.32
CA GLN F 117 -10.31 -14.45 28.88
C GLN F 117 -9.00 -13.84 28.42
N SER F 118 -8.43 -12.94 29.20
CA SER F 118 -7.16 -12.32 28.88
C SER F 118 -5.97 -13.22 29.17
N LEU F 119 -6.20 -14.43 29.67
CA LEU F 119 -5.14 -15.37 29.95
C LEU F 119 -5.03 -16.44 28.89
N THR F 120 -6.15 -16.82 28.26
CA THR F 120 -6.10 -17.66 27.06
C THR F 120 -5.53 -16.89 25.89
N ARG F 121 -5.68 -15.57 25.90
CA ARG F 121 -5.30 -14.71 24.80
C ARG F 121 -3.85 -14.25 24.92
N TYR F 122 -3.19 -14.56 26.04
CA TYR F 122 -1.77 -14.27 26.22
C TYR F 122 -0.90 -15.43 25.74
N PHE F 123 -1.38 -16.66 25.85
CA PHE F 123 -0.67 -17.81 25.33
C PHE F 123 -0.84 -17.98 23.82
N GLY F 124 -1.55 -17.07 23.16
CA GLY F 124 -1.53 -17.02 21.71
C GLY F 124 -0.50 -16.05 21.20
N GLU F 125 -0.32 -14.93 21.90
CA GLU F 125 0.77 -14.01 21.60
C GLU F 125 2.13 -14.60 21.99
N LEU F 126 2.14 -15.53 22.94
CA LEU F 126 3.37 -16.13 23.38
C LEU F 126 3.89 -17.17 22.38
N LEU F 127 3.02 -17.67 21.52
CA LEU F 127 3.45 -18.66 20.53
C LEU F 127 4.12 -18.01 19.33
N ARG F 128 3.55 -16.91 18.80
CA ARG F 128 4.18 -16.32 17.64
C ARG F 128 5.34 -15.41 18.03
N ASP F 129 5.49 -15.11 19.31
CA ASP F 129 6.70 -14.48 19.78
C ASP F 129 7.87 -15.46 19.84
N ASP F 130 7.59 -16.76 19.83
CA ASP F 130 8.64 -17.78 19.77
C ASP F 130 8.99 -18.17 18.34
N ILE F 131 8.07 -18.02 17.39
CA ILE F 131 8.38 -18.33 16.01
C ILE F 131 9.23 -17.22 15.39
N ILE F 132 8.97 -15.97 15.76
CA ILE F 132 9.82 -14.86 15.31
C ILE F 132 11.21 -14.97 15.91
N GLU F 133 11.31 -15.44 17.14
CA GLU F 133 12.60 -15.64 17.76
C GLU F 133 13.34 -16.84 17.17
N ALA F 134 12.60 -17.85 16.69
CA ALA F 134 13.21 -19.02 16.08
C ALA F 134 13.71 -18.73 14.67
N LEU F 135 13.01 -17.88 13.92
CA LEU F 135 13.46 -17.55 12.57
C LEU F 135 14.72 -16.71 12.58
N GLY F 136 14.92 -15.90 13.62
CA GLY F 136 16.13 -15.11 13.71
C GLY F 136 17.21 -15.75 14.54
N SER F 137 17.25 -17.08 14.58
CA SER F 137 18.24 -17.81 15.35
C SER F 137 19.57 -17.83 14.61
N VAL F 138 20.59 -18.36 15.27
CA VAL F 138 21.94 -18.48 14.74
C VAL F 138 22.37 -19.93 14.90
N VAL F 139 22.56 -20.61 13.78
CA VAL F 139 22.95 -22.03 13.78
C VAL F 139 24.47 -22.09 13.84
N THR F 140 25.01 -22.49 14.98
CA THR F 140 26.45 -22.48 15.15
C THR F 140 27.11 -23.66 14.45
N THR F 141 26.89 -24.88 14.97
CA THR F 141 27.47 -26.11 14.45
C THR F 141 26.61 -27.32 14.82
N GLY F 142 25.80 -27.80 13.86
CA GLY F 142 25.11 -29.07 14.06
C GLY F 142 24.07 -29.09 15.18
N ASP F 143 22.92 -28.45 14.95
CA ASP F 143 21.74 -28.37 15.83
C ASP F 143 21.94 -27.41 16.99
N THR F 144 22.99 -26.60 16.93
CA THR F 144 23.26 -25.64 18.00
C THR F 144 22.71 -24.30 17.53
N THR F 145 21.44 -24.06 17.83
CA THR F 145 20.77 -22.81 17.51
C THR F 145 20.77 -21.90 18.73
N VAL F 146 21.45 -20.77 18.60
CA VAL F 146 21.51 -19.76 19.65
C VAL F 146 20.67 -18.58 19.17
N ASN F 147 19.92 -17.97 20.09
CA ASN F 147 19.15 -16.78 19.75
C ASN F 147 20.08 -15.62 19.42
N TYR F 148 19.55 -14.66 18.66
CA TYR F 148 20.39 -13.60 18.11
C TYR F 148 20.86 -12.63 19.19
N GLY F 149 20.05 -12.44 20.23
CA GLY F 149 20.46 -11.53 21.29
C GLY F 149 21.54 -12.11 22.19
N SER F 150 21.44 -13.40 22.49
CA SER F 150 22.38 -14.06 23.38
C SER F 150 23.49 -14.78 22.62
N ALA F 151 23.81 -14.33 21.41
CA ALA F 151 24.90 -14.92 20.64
C ALA F 151 26.12 -14.01 20.70
N SER F 152 27.30 -14.61 20.65
CA SER F 152 28.54 -13.88 20.70
C SER F 152 28.95 -13.45 19.29
N ALA F 153 30.06 -12.74 19.19
CA ALA F 153 30.58 -12.36 17.89
C ALA F 153 31.20 -13.53 17.15
N ALA F 154 31.66 -14.55 17.89
CA ALA F 154 32.24 -15.73 17.26
C ALA F 154 31.17 -16.73 16.83
N ASN F 155 30.01 -16.71 17.46
CA ASN F 155 28.91 -17.56 17.03
C ASN F 155 28.26 -17.04 15.75
N ARG F 156 28.33 -15.73 15.53
CA ARG F 156 27.77 -15.15 14.32
C ARG F 156 28.72 -15.26 13.14
N ASN F 157 30.03 -15.23 13.39
CA ASN F 157 31.00 -15.41 12.32
C ASN F 157 31.09 -16.84 11.85
N ALA F 158 30.63 -17.80 12.65
CA ALA F 158 30.56 -19.18 12.25
C ALA F 158 29.25 -19.53 11.56
N PHE F 159 28.21 -18.71 11.75
CA PHE F 159 26.97 -18.87 11.01
C PHE F 159 27.11 -18.39 9.58
N SER F 160 27.82 -17.29 9.36
CA SER F 160 28.37 -17.01 8.05
C SER F 160 29.56 -17.92 7.79
N ALA F 161 29.94 -18.06 6.52
CA ALA F 161 30.92 -19.03 6.01
C ALA F 161 30.53 -20.47 6.32
N ALA F 162 29.25 -20.70 6.59
CA ALA F 162 28.64 -22.02 6.61
C ALA F 162 27.36 -22.00 5.80
N ASN F 163 26.74 -20.83 5.68
CA ASN F 163 25.62 -20.60 4.79
C ASN F 163 25.92 -19.47 3.81
N PRO F 164 26.74 -19.70 2.77
CA PRO F 164 26.96 -18.63 1.80
C PRO F 164 25.92 -18.58 0.70
N ASP F 165 25.11 -19.62 0.54
CA ASP F 165 24.07 -19.68 -0.46
C ASP F 165 22.68 -19.44 0.12
N ARG F 166 22.59 -19.08 1.40
CA ARG F 166 21.30 -18.88 2.06
C ARG F 166 21.23 -17.54 2.78
N LEU F 167 22.34 -16.83 2.90
CA LEU F 167 22.34 -15.50 3.48
C LEU F 167 22.48 -14.49 2.35
N PHE F 168 21.51 -13.59 2.24
CA PHE F 168 21.51 -12.56 1.23
C PHE F 168 21.61 -11.20 1.92
N PHE F 169 22.77 -10.57 1.83
CA PHE F 169 22.94 -9.20 2.31
C PHE F 169 22.42 -8.24 1.25
N GLY F 170 22.83 -6.98 1.33
CA GLY F 170 22.39 -5.95 0.39
C GLY F 170 22.53 -6.26 -1.08
N SER F 171 23.58 -7.01 -1.44
CA SER F 171 23.71 -7.64 -2.73
C SER F 171 24.60 -8.87 -2.56
N ILE F 172 24.78 -9.63 -3.64
CA ILE F 172 25.68 -10.78 -3.57
C ILE F 172 27.13 -10.33 -3.60
N SER F 173 27.40 -9.15 -4.15
CA SER F 173 28.72 -8.55 -4.08
C SER F 173 29.01 -7.91 -2.71
N GLY F 174 28.13 -8.10 -1.74
CA GLY F 174 28.34 -7.62 -0.38
C GLY F 174 28.36 -8.72 0.64
N TYR F 175 28.51 -9.97 0.23
CA TYR F 175 28.67 -11.08 1.16
C TYR F 175 30.05 -11.03 1.80
N SER F 176 30.10 -11.38 3.08
CA SER F 176 31.37 -11.47 3.81
C SER F 176 31.31 -12.64 4.76
N ALA F 177 32.48 -13.18 5.09
CA ALA F 177 32.56 -14.30 6.02
C ALA F 177 32.34 -13.87 7.46
N THR F 178 32.57 -12.60 7.79
CA THR F 178 32.30 -12.08 9.11
C THR F 178 30.95 -11.37 9.11
N TRP F 179 30.23 -11.50 10.22
CA TRP F 179 28.84 -11.05 10.28
C TRP F 179 28.74 -9.53 10.35
N ALA F 180 29.63 -8.88 11.09
CA ALA F 180 29.53 -7.44 11.29
C ALA F 180 29.91 -6.67 10.04
N THR F 181 30.80 -7.23 9.22
CA THR F 181 31.15 -6.58 7.95
C THR F 181 30.06 -6.79 6.91
N GLY F 182 29.39 -7.95 6.93
CA GLY F 182 28.33 -8.22 5.98
C GLY F 182 27.11 -7.34 6.19
N LEU F 183 26.81 -6.98 7.43
CA LEU F 183 25.74 -6.01 7.68
C LEU F 183 26.19 -4.58 7.44
N GLY F 184 27.48 -4.34 7.24
CA GLY F 184 27.96 -3.02 6.89
C GLY F 184 28.01 -2.77 5.40
N ASN F 185 27.58 -3.74 4.59
CA ASN F 185 27.59 -3.61 3.15
C ASN F 185 26.22 -3.32 2.57
N VAL F 186 25.18 -3.28 3.38
CA VAL F 186 23.85 -2.96 2.91
C VAL F 186 23.58 -1.46 3.11
N ASP F 187 23.31 -0.78 2.01
CA ASP F 187 23.15 0.66 1.99
C ASP F 187 21.74 1.04 2.44
N ALA F 188 21.53 2.34 2.62
CA ALA F 188 20.18 2.84 2.85
C ALA F 188 19.40 3.00 1.55
N ALA F 189 20.10 2.99 0.41
CA ALA F 189 19.46 3.09 -0.89
C ALA F 189 19.21 1.72 -1.53
N GLU F 190 19.60 0.65 -0.84
CA GLU F 190 19.36 -0.70 -1.32
C GLU F 190 18.07 -1.23 -0.69
N THR F 191 16.95 -0.62 -1.04
CA THR F 191 15.66 -0.93 -0.44
C THR F 191 15.08 -2.19 -1.07
N CYS F 192 13.90 -2.57 -0.58
CA CYS F 192 13.26 -3.82 -0.98
C CYS F 192 12.32 -3.56 -2.16
N THR F 193 12.83 -3.73 -3.37
CA THR F 193 12.01 -3.67 -4.56
C THR F 193 11.65 -5.10 -4.97
N ALA F 194 10.83 -5.22 -6.02
CA ALA F 194 10.40 -6.54 -6.47
C ALA F 194 11.44 -7.23 -7.34
N ALA F 195 12.52 -6.54 -7.71
CA ALA F 195 13.59 -7.16 -8.49
C ALA F 195 14.66 -7.78 -7.62
N ARG F 196 14.69 -7.45 -6.34
CA ARG F 196 15.65 -8.01 -5.39
C ARG F 196 15.09 -9.17 -4.58
N VAL F 197 13.77 -9.26 -4.45
CA VAL F 197 13.19 -10.44 -3.82
C VAL F 197 13.21 -11.61 -4.79
N GLY F 198 13.23 -11.33 -6.10
CA GLY F 198 13.43 -12.38 -7.07
C GLY F 198 14.82 -12.97 -7.05
N VAL F 199 15.80 -12.23 -6.50
CA VAL F 199 17.13 -12.78 -6.31
C VAL F 199 17.13 -13.81 -5.18
N MET F 200 16.35 -13.54 -4.13
CA MET F 200 16.24 -14.49 -3.02
C MET F 200 15.51 -15.75 -3.40
N LYS F 201 14.56 -15.68 -4.34
CA LYS F 201 13.92 -16.89 -4.84
C LYS F 201 14.88 -17.70 -5.70
N ARG F 202 15.81 -17.02 -6.36
CA ARG F 202 16.82 -17.72 -7.15
C ARG F 202 17.85 -18.43 -6.26
N LEU F 203 18.21 -17.84 -5.12
CA LEU F 203 19.08 -18.54 -4.18
C LEU F 203 18.40 -19.76 -3.57
N ALA F 204 17.08 -19.72 -3.44
CA ALA F 204 16.35 -20.84 -2.88
C ALA F 204 16.16 -21.98 -3.87
N MET F 205 16.36 -21.73 -5.15
CA MET F 205 16.23 -22.78 -6.15
C MET F 205 17.57 -23.37 -6.57
N SER F 206 18.69 -22.83 -6.08
CA SER F 206 20.01 -23.35 -6.40
C SER F 206 20.84 -23.51 -5.14
N ALA F 207 20.23 -23.99 -4.06
CA ALA F 207 20.95 -24.24 -2.82
C ALA F 207 21.53 -25.65 -2.87
N SER F 208 22.68 -25.85 -2.20
CA SER F 208 23.43 -27.08 -2.40
C SER F 208 22.79 -28.26 -1.67
N PRO F 209 22.26 -28.12 -0.44
CA PRO F 209 21.09 -28.93 -0.10
C PRO F 209 19.83 -28.16 -0.46
N ALA F 210 18.94 -28.80 -1.23
CA ALA F 210 17.84 -28.09 -1.84
C ALA F 210 16.74 -27.78 -0.84
N ILE F 211 16.13 -26.60 -0.99
CA ILE F 211 15.03 -26.17 -0.15
C ILE F 211 13.72 -26.59 -0.80
N THR F 212 12.90 -27.31 -0.07
CA THR F 212 11.64 -27.81 -0.61
C THR F 212 10.65 -26.67 -0.74
N PRO F 213 10.11 -26.40 -1.92
CA PRO F 213 9.10 -25.35 -2.06
C PRO F 213 7.76 -25.79 -1.51
N MET F 214 6.89 -24.80 -1.30
CA MET F 214 5.60 -25.06 -0.68
C MET F 214 4.65 -25.78 -1.62
N GLN F 215 4.68 -25.45 -2.91
CA GLN F 215 3.83 -26.09 -3.89
C GLN F 215 4.57 -26.21 -5.22
N VAL F 216 4.48 -27.38 -5.83
CA VAL F 216 5.22 -27.70 -7.05
C VAL F 216 4.22 -27.98 -8.16
N ASP F 217 4.48 -27.42 -9.34
CA ASP F 217 3.83 -27.83 -10.58
C ASP F 217 4.92 -28.30 -11.53
N ASP F 218 4.95 -29.61 -11.82
CA ASP F 218 6.05 -30.20 -12.58
C ASP F 218 6.04 -29.74 -14.03
N ASP F 219 4.90 -29.88 -14.70
CA ASP F 219 4.71 -29.21 -15.98
C ASP F 219 4.59 -27.71 -15.74
N GLU F 220 4.90 -26.92 -16.78
CA GLU F 220 4.94 -25.45 -16.81
C GLU F 220 5.61 -24.85 -15.57
N GLY F 221 6.82 -25.35 -15.25
CA GLY F 221 7.41 -25.41 -13.93
C GLY F 221 7.25 -24.27 -12.95
N ARG F 222 6.55 -24.56 -11.85
CA ARG F 222 6.18 -23.57 -10.85
C ARG F 222 6.66 -24.02 -9.48
N GLU F 223 7.31 -23.12 -8.76
CA GLU F 223 7.73 -23.37 -7.40
C GLU F 223 7.36 -22.17 -6.55
N TYR F 224 6.66 -22.40 -5.45
CA TYR F 224 6.06 -21.35 -4.65
C TYR F 224 6.74 -21.25 -3.31
N PHE F 225 6.89 -20.01 -2.82
CA PHE F 225 7.51 -19.74 -1.54
C PHE F 225 6.70 -18.67 -0.81
N VAL F 226 7.00 -18.47 0.47
CA VAL F 226 6.32 -17.49 1.30
C VAL F 226 7.37 -16.61 1.96
N ALA F 227 7.23 -15.30 1.81
CA ALA F 227 8.14 -14.34 2.43
C ALA F 227 7.39 -13.57 3.52
N PHE F 228 8.00 -13.45 4.69
CA PHE F 228 7.40 -12.76 5.83
C PHE F 228 8.11 -11.43 6.03
N HIS F 229 7.41 -10.34 5.76
CA HIS F 229 7.95 -8.99 5.88
C HIS F 229 7.61 -8.42 7.25
N GLY F 230 8.28 -7.31 7.58
CA GLY F 230 8.04 -6.66 8.85
C GLY F 230 7.59 -5.23 8.71
N SER F 231 6.77 -4.96 7.70
CA SER F 231 5.98 -3.74 7.47
C SER F 231 6.79 -2.51 7.08
N ARG F 232 8.11 -2.52 7.24
CA ARG F 232 8.92 -1.43 6.73
C ARG F 232 9.65 -1.79 5.45
N THR F 233 9.78 -3.09 5.17
CA THR F 233 10.11 -3.55 3.85
C THR F 233 8.88 -3.96 3.05
N PHE F 234 7.71 -3.97 3.69
CA PHE F 234 6.49 -4.32 2.99
C PHE F 234 5.84 -3.13 2.32
N ARG F 235 6.09 -1.92 2.84
CA ARG F 235 5.56 -0.73 2.18
C ARG F 235 6.45 -0.28 1.03
N ASP F 236 7.74 -0.64 1.05
CA ASP F 236 8.61 -0.38 -0.06
C ASP F 236 8.41 -1.37 -1.20
N LEU F 237 7.81 -2.52 -0.91
CA LEU F 237 7.60 -3.56 -1.90
C LEU F 237 6.31 -3.33 -2.67
N LYS F 238 5.28 -2.81 -2.01
CA LYS F 238 3.99 -2.56 -2.66
C LYS F 238 3.82 -1.10 -3.07
N GLY F 239 4.85 -0.28 -2.87
CA GLY F 239 4.71 1.13 -3.15
C GLY F 239 5.77 1.68 -4.07
N ASP F 240 6.52 0.81 -4.72
CA ASP F 240 7.53 1.24 -5.68
C ASP F 240 6.87 1.76 -6.95
N THR F 241 7.62 2.57 -7.71
CA THR F 241 7.08 3.24 -8.89
C THR F 241 6.76 2.25 -10.01
N ALA F 242 7.68 1.33 -10.28
CA ALA F 242 7.35 0.19 -11.11
C ALA F 242 6.68 -0.89 -10.26
N MET F 243 6.31 -2.01 -10.90
CA MET F 243 5.80 -3.23 -10.26
C MET F 243 4.48 -3.01 -9.50
N LEU F 244 3.87 -1.84 -9.65
CA LEU F 244 2.63 -1.44 -9.00
C LEU F 244 1.47 -1.44 -9.97
N ASN F 245 1.76 -1.28 -11.26
CA ASN F 245 0.81 -1.52 -12.33
C ASN F 245 0.71 -2.99 -12.70
N ALA F 246 1.32 -3.88 -11.93
CA ALA F 246 1.14 -5.31 -12.10
C ALA F 246 -0.17 -5.78 -11.48
N ASN F 247 -0.63 -5.14 -10.40
CA ASN F 247 -1.89 -5.54 -9.79
C ASN F 247 -3.01 -4.53 -10.01
N ARG F 248 -2.89 -3.68 -11.04
CA ARG F 248 -4.05 -2.96 -11.54
C ARG F 248 -4.25 -3.14 -13.05
N GLU F 249 -3.30 -3.73 -13.75
CA GLU F 249 -3.46 -4.01 -15.16
C GLU F 249 -3.52 -5.49 -15.47
N ALA F 250 -3.36 -6.35 -14.46
CA ALA F 250 -3.44 -7.79 -14.66
C ALA F 250 -4.44 -8.45 -13.72
N ARG F 251 -5.07 -7.68 -12.85
CA ARG F 251 -6.13 -8.17 -11.99
C ARG F 251 -7.48 -7.88 -12.65
N PRO F 252 -8.50 -8.70 -12.39
CA PRO F 252 -9.83 -8.38 -12.92
C PRO F 252 -10.41 -7.13 -12.29
N ARG F 253 -11.31 -6.47 -13.02
CA ARG F 253 -11.92 -5.23 -12.57
C ARG F 253 -12.95 -5.52 -11.47
N ASP F 254 -12.44 -5.78 -10.28
CA ASP F 254 -13.27 -6.12 -9.12
C ASP F 254 -12.75 -5.37 -7.92
N VAL F 255 -13.65 -4.82 -7.12
CA VAL F 255 -13.26 -3.91 -6.05
C VAL F 255 -12.96 -4.66 -4.77
N SER F 256 -13.76 -5.68 -4.47
CA SER F 256 -13.68 -6.36 -3.19
C SER F 256 -12.59 -7.44 -3.15
N SER F 257 -11.81 -7.59 -4.21
CA SER F 257 -10.76 -8.60 -4.24
C SER F 257 -9.40 -8.03 -4.64
N ASN F 258 -9.31 -6.76 -4.96
CA ASN F 258 -8.07 -6.16 -5.41
C ASN F 258 -7.27 -5.70 -4.20
N PRO F 259 -6.03 -6.17 -4.02
CA PRO F 259 -5.20 -5.67 -2.91
C PRO F 259 -4.62 -4.29 -3.14
N LEU F 260 -4.91 -3.63 -4.25
CA LEU F 260 -4.52 -2.25 -4.43
C LEU F 260 -5.46 -1.31 -3.69
N LEU F 261 -6.75 -1.60 -3.71
CA LEU F 261 -7.75 -0.79 -3.03
C LEU F 261 -8.01 -1.27 -1.62
N GLN F 262 -7.86 -2.56 -1.38
CA GLN F 262 -8.11 -3.20 -0.08
C GLN F 262 -6.92 -4.09 0.23
N ASP F 263 -5.92 -3.54 0.93
CA ASP F 263 -4.59 -4.12 1.02
C ASP F 263 -4.58 -5.50 1.67
N GLY F 264 -3.56 -6.28 1.40
CA GLY F 264 -3.44 -7.60 1.98
C GLY F 264 -2.11 -8.21 1.63
N ASP F 265 -2.06 -9.54 1.49
CA ASP F 265 -0.88 -10.16 0.94
C ASP F 265 -0.95 -10.10 -0.58
N LEU F 266 0.20 -10.21 -1.22
CA LEU F 266 0.24 -10.03 -2.66
C LEU F 266 1.25 -10.99 -3.27
N ILE F 267 0.87 -11.62 -4.37
CA ILE F 267 1.70 -12.60 -5.06
C ILE F 267 2.32 -11.94 -6.28
N TYR F 268 3.60 -12.22 -6.51
CA TYR F 268 4.32 -11.68 -7.65
C TYR F 268 5.51 -12.57 -7.94
N GLU F 269 5.62 -13.09 -9.17
CA GLU F 269 6.66 -14.01 -9.63
C GLU F 269 6.72 -15.29 -8.79
N GLY F 270 5.56 -15.74 -8.31
CA GLY F 270 5.44 -17.02 -7.66
C GLY F 270 5.70 -17.05 -6.18
N VAL F 271 6.02 -15.91 -5.56
CA VAL F 271 6.27 -15.85 -4.13
C VAL F 271 5.19 -15.00 -3.47
N ILE F 272 4.65 -15.49 -2.35
CA ILE F 272 3.58 -14.82 -1.62
C ILE F 272 4.19 -13.97 -0.52
N HIS F 273 3.78 -12.70 -0.45
CA HIS F 273 4.37 -11.74 0.47
C HIS F 273 3.39 -11.45 1.60
N ARG F 274 3.65 -12.04 2.76
CA ARG F 274 2.77 -11.89 3.92
C ARG F 274 3.40 -10.89 4.89
N GLU F 275 2.57 -10.03 5.47
CA GLU F 275 3.04 -9.00 6.40
C GLU F 275 2.86 -9.47 7.83
N VAL F 276 3.93 -9.39 8.61
CA VAL F 276 3.90 -9.64 10.05
C VAL F 276 4.38 -8.37 10.74
N PRO F 277 3.50 -7.63 11.41
CA PRO F 277 3.90 -6.32 11.96
C PRO F 277 4.81 -6.40 13.17
N GLU F 278 4.99 -7.57 13.78
CA GLU F 278 5.74 -7.70 15.01
C GLU F 278 7.22 -7.99 14.79
N ILE F 279 7.68 -7.96 13.54
CA ILE F 279 9.11 -8.10 13.27
C ILE F 279 9.83 -6.78 13.52
N ASP F 280 9.12 -5.64 13.42
CA ASP F 280 9.71 -4.37 13.84
C ASP F 280 9.95 -4.31 15.34
N ALA F 281 9.07 -4.92 16.14
CA ALA F 281 9.29 -4.95 17.58
C ALA F 281 10.45 -5.84 17.95
N TRP F 282 10.66 -6.93 17.22
CA TRP F 282 11.79 -7.81 17.47
C TRP F 282 13.09 -7.16 17.04
N ALA F 283 13.15 -6.65 15.81
CA ALA F 283 14.42 -6.24 15.21
C ALA F 283 14.89 -4.89 15.72
N ALA F 284 14.01 -4.09 16.31
CA ALA F 284 14.48 -2.83 16.90
C ALA F 284 15.21 -3.07 18.22
N ALA F 285 14.85 -4.13 18.94
CA ALA F 285 15.47 -4.45 20.21
C ALA F 285 16.82 -5.13 20.06
N ASN F 286 17.14 -5.64 18.87
CA ASN F 286 18.40 -6.33 18.64
C ASN F 286 19.42 -5.46 17.91
N GLY F 287 19.13 -4.18 17.70
CA GLY F 287 20.10 -3.26 17.17
C GLY F 287 20.15 -3.14 15.67
N PHE F 288 19.02 -3.35 14.99
CA PHE F 288 18.96 -3.19 13.55
C PHE F 288 18.60 -1.76 13.13
N ASN F 289 18.27 -0.88 14.08
CA ASN F 289 18.07 0.53 13.76
C ASN F 289 19.39 1.23 13.47
N THR F 290 20.50 0.62 13.85
CA THR F 290 21.84 1.03 13.42
C THR F 290 22.50 -0.17 12.76
N ALA F 291 23.81 -0.09 12.56
CA ALA F 291 24.65 -1.15 11.97
C ALA F 291 24.21 -1.47 10.55
N GLY F 292 24.19 -0.45 9.72
CA GLY F 292 24.14 -0.63 8.28
C GLY F 292 25.34 0.07 7.69
N ALA F 293 25.27 0.41 6.41
CA ALA F 293 26.33 1.21 5.81
C ALA F 293 26.14 2.66 6.21
N GLY F 294 27.01 3.14 7.09
CA GLY F 294 26.88 4.48 7.60
C GLY F 294 25.82 4.63 8.67
N SER F 295 25.59 3.56 9.45
CA SER F 295 24.63 3.51 10.55
C SER F 295 23.21 3.81 10.09
N ALA F 296 22.76 3.04 9.10
CA ALA F 296 21.41 3.16 8.56
C ALA F 296 20.54 2.00 9.06
N PRO F 297 19.24 2.23 9.23
CA PRO F 297 18.37 1.15 9.69
C PRO F 297 18.16 0.10 8.60
N ILE F 298 18.26 -1.17 9.01
CA ILE F 298 18.02 -2.30 8.12
C ILE F 298 16.98 -3.21 8.77
N ARG F 299 16.31 -4.01 7.96
CA ARG F 299 15.33 -4.97 8.44
C ARG F 299 15.53 -6.31 7.77
N PRO F 300 15.21 -7.41 8.44
CA PRO F 300 15.31 -8.73 7.82
C PRO F 300 14.02 -9.16 7.13
N VAL F 301 14.20 -9.95 6.07
CA VAL F 301 13.10 -10.56 5.32
C VAL F 301 13.37 -12.06 5.28
N PHE F 302 12.38 -12.86 5.65
CA PHE F 302 12.56 -14.31 5.79
C PHE F 302 11.79 -15.01 4.68
N LEU F 303 12.52 -15.49 3.67
CA LEU F 303 11.94 -16.28 2.59
C LEU F 303 12.07 -17.74 2.96
N CYS F 304 10.95 -18.36 3.33
CA CYS F 304 10.99 -19.71 3.85
C CYS F 304 10.20 -20.66 2.97
N GLY F 305 10.63 -21.93 2.95
CA GLY F 305 10.03 -22.95 2.13
C GLY F 305 9.12 -23.88 2.91
N THR F 306 9.54 -25.13 3.10
CA THR F 306 8.74 -26.12 3.80
C THR F 306 9.59 -26.75 4.88
N GLN F 307 8.99 -26.93 6.06
CA GLN F 307 9.61 -27.57 7.24
C GLN F 307 10.83 -26.79 7.71
N SER F 308 10.60 -25.51 7.99
CA SER F 308 11.68 -24.62 8.39
C SER F 308 11.78 -24.42 9.89
N VAL F 309 10.68 -24.60 10.63
CA VAL F 309 10.65 -24.52 12.08
C VAL F 309 9.88 -25.72 12.60
N PHE F 310 10.47 -26.46 13.54
CA PHE F 310 9.78 -27.58 14.15
C PHE F 310 9.08 -27.15 15.44
N LEU F 311 7.98 -27.80 15.76
CA LEU F 311 7.18 -27.50 16.95
C LEU F 311 6.89 -28.81 17.67
N ALA F 312 7.39 -28.94 18.90
CA ALA F 312 7.20 -30.15 19.68
C ALA F 312 6.23 -29.87 20.82
N TYR F 313 5.07 -30.51 20.76
CA TYR F 313 4.04 -30.34 21.79
C TYR F 313 4.15 -31.46 22.81
N ALA F 314 4.22 -31.10 24.08
CA ALA F 314 4.12 -32.07 25.16
C ALA F 314 2.87 -31.92 25.98
N GLN F 315 2.33 -30.70 26.13
CA GLN F 315 1.08 -30.47 26.82
C GLN F 315 0.41 -29.25 26.22
N ARG F 316 -0.86 -29.39 25.87
CA ARG F 316 -1.67 -28.27 25.42
C ARG F 316 -1.92 -27.32 26.60
N PRO F 317 -2.18 -26.03 26.34
CA PRO F 317 -2.45 -25.10 27.44
C PRO F 317 -3.72 -25.41 28.19
N GLN F 318 -3.60 -25.57 29.51
CA GLN F 318 -4.71 -25.93 30.38
C GLN F 318 -4.87 -24.88 31.46
N ALA F 319 -6.11 -24.68 31.90
CA ALA F 319 -6.44 -23.65 32.88
C ALA F 319 -6.86 -24.28 34.21
N GLY F 320 -6.75 -23.49 35.27
CA GLY F 320 -7.12 -23.94 36.59
C GLY F 320 -7.25 -22.78 37.56
N THR F 321 -8.02 -22.99 38.62
CA THR F 321 -8.31 -21.95 39.60
C THR F 321 -8.10 -22.49 41.01
N GLU F 322 -7.99 -21.56 41.96
CA GLU F 322 -7.67 -21.92 43.35
C GLU F 322 -8.28 -20.89 44.28
N LYS F 323 -8.83 -21.35 45.40
CA LYS F 323 -9.27 -20.48 46.48
C LYS F 323 -8.21 -20.49 47.57
N SER F 324 -7.48 -19.39 47.69
CA SER F 324 -6.21 -19.39 48.39
C SER F 324 -6.34 -19.27 49.90
N ASP F 325 -6.89 -18.16 50.39
CA ASP F 325 -6.74 -17.79 51.80
C ASP F 325 -7.62 -18.68 52.66
N ILE F 326 -8.94 -18.56 52.57
CA ILE F 326 -9.87 -19.50 53.20
C ILE F 326 -10.97 -19.79 52.18
N PRO F 327 -11.31 -21.06 51.92
CA PRO F 327 -12.39 -21.35 50.98
C PRO F 327 -13.77 -20.94 51.48
N ALA F 328 -13.95 -20.80 52.78
CA ALA F 328 -15.22 -20.33 53.33
C ALA F 328 -15.34 -18.82 53.25
N LEU F 329 -14.36 -18.09 53.81
CA LEU F 329 -14.28 -16.65 53.67
C LEU F 329 -13.56 -16.30 52.38
N ASN F 330 -14.33 -16.06 51.31
CA ASN F 330 -13.78 -15.98 49.95
C ASN F 330 -13.00 -14.67 49.79
N ARG F 331 -11.83 -14.62 50.42
CA ARG F 331 -11.02 -13.42 50.46
C ARG F 331 -9.96 -13.38 49.39
N ARG F 332 -9.72 -14.47 48.68
CA ARG F 332 -8.64 -14.52 47.71
C ARG F 332 -8.93 -15.65 46.72
N MET F 333 -8.48 -15.45 45.48
CA MET F 333 -8.64 -16.43 44.42
C MET F 333 -7.55 -16.21 43.40
N THR F 334 -7.04 -17.29 42.81
CA THR F 334 -5.98 -17.24 41.81
C THR F 334 -6.33 -18.12 40.63
N VAL F 335 -6.29 -17.55 39.43
CA VAL F 335 -6.44 -18.30 38.19
C VAL F 335 -5.07 -18.40 37.52
N GLY F 336 -4.88 -19.43 36.71
CA GLY F 336 -3.60 -19.65 36.06
C GLY F 336 -3.72 -20.56 34.86
N MET F 337 -2.63 -20.63 34.10
CA MET F 337 -2.57 -21.44 32.89
C MET F 337 -1.14 -21.93 32.70
N ASP F 338 -1.00 -23.13 32.13
CA ASP F 338 0.26 -23.86 32.11
C ASP F 338 0.46 -24.51 30.75
N GLU F 339 1.72 -24.69 30.34
CA GLU F 339 2.01 -25.21 29.01
C GLU F 339 3.40 -25.83 28.98
N ILE F 340 3.56 -26.92 28.22
CA ILE F 340 4.87 -27.53 27.94
C ILE F 340 5.04 -27.55 26.43
N ILE F 341 6.05 -26.85 25.91
CA ILE F 341 6.24 -26.70 24.47
C ILE F 341 7.71 -26.41 24.19
N GLY F 342 8.15 -26.71 22.97
CA GLY F 342 9.49 -26.37 22.52
C GLY F 342 9.52 -25.97 21.05
N VAL F 343 10.15 -24.83 20.75
CA VAL F 343 10.19 -24.28 19.39
C VAL F 343 11.65 -24.13 18.99
N LYS F 344 11.99 -24.60 17.79
CA LYS F 344 13.36 -24.56 17.32
C LYS F 344 13.38 -24.51 15.80
N LYS F 345 14.27 -23.70 15.25
CA LYS F 345 14.47 -23.65 13.80
C LYS F 345 15.15 -24.92 13.31
N ALA F 346 14.65 -25.45 12.19
CA ALA F 346 15.21 -26.65 11.59
C ALA F 346 16.64 -26.42 11.12
N ALA F 347 17.57 -27.16 11.71
CA ALA F 347 18.99 -27.03 11.38
C ALA F 347 19.56 -28.42 11.23
N PHE F 348 20.30 -28.65 10.14
CA PHE F 348 20.98 -29.91 9.88
C PHE F 348 22.36 -29.60 9.34
N ASN F 349 23.39 -30.20 9.96
CA ASN F 349 24.80 -30.08 9.55
C ASN F 349 25.26 -28.62 9.56
N GLY F 350 24.78 -27.85 10.52
CA GLY F 350 25.15 -26.46 10.62
C GLY F 350 24.58 -25.57 9.55
N LYS F 351 23.47 -25.94 8.94
CA LYS F 351 22.85 -25.17 7.87
C LYS F 351 21.36 -25.03 8.13
N GLN F 352 20.81 -23.88 7.71
CA GLN F 352 19.37 -23.68 7.73
C GLN F 352 18.69 -24.64 6.76
N HIS F 353 17.64 -25.32 7.22
CA HIS F 353 17.00 -26.33 6.39
C HIS F 353 16.11 -25.68 5.33
N GLY F 354 15.33 -24.70 5.72
CA GLY F 354 14.36 -24.14 4.78
C GLY F 354 14.13 -22.65 4.84
N VAL F 355 15.11 -21.86 5.28
CA VAL F 355 14.98 -20.41 5.40
C VAL F 355 16.07 -19.77 4.53
N VAL F 356 15.73 -18.67 3.86
CA VAL F 356 16.70 -17.79 3.22
C VAL F 356 16.53 -16.40 3.84
N MET F 357 17.52 -15.96 4.61
CA MET F 357 17.45 -14.66 5.26
C MET F 357 17.95 -13.58 4.32
N GLY F 358 17.27 -12.43 4.33
CA GLY F 358 17.63 -11.32 3.48
C GLY F 358 17.55 -10.01 4.24
N PHE F 359 18.58 -9.17 4.04
CA PHE F 359 18.69 -7.91 4.76
C PHE F 359 18.63 -6.75 3.77
N PHE F 360 17.65 -5.88 3.95
CA PHE F 360 17.45 -4.72 3.09
C PHE F 360 17.48 -3.46 3.93
N GLY F 361 17.78 -2.34 3.28
CA GLY F 361 17.84 -1.07 3.98
C GLY F 361 16.50 -0.36 4.03
N ALA F 362 15.81 -0.48 5.16
CA ALA F 362 14.52 0.18 5.36
C ALA F 362 14.75 1.47 6.10
N ALA F 363 14.47 2.60 5.44
CA ALA F 363 14.76 3.91 6.01
C ALA F 363 13.79 4.26 7.13
N GLY F 364 12.52 3.88 6.97
CA GLY F 364 11.52 4.15 7.98
C GLY F 364 11.11 5.61 8.02
N ASP F 365 10.76 6.18 6.88
CA ASP F 365 10.30 7.56 6.82
C ASP F 365 8.79 7.63 7.01
N MET G 1 55.18 -118.32 10.79
CA MET G 1 54.31 -119.46 10.50
C MET G 1 54.33 -119.82 9.01
N ALA G 2 53.77 -120.99 8.71
CA ALA G 2 53.59 -121.42 7.33
C ALA G 2 52.22 -122.02 7.08
N ASP G 3 51.20 -121.54 7.78
CA ASP G 3 49.81 -121.71 7.39
C ASP G 3 49.46 -120.62 6.38
N PHE G 4 48.17 -120.38 6.20
CA PHE G 4 47.73 -119.19 5.51
C PHE G 4 48.28 -117.95 6.21
N SER G 5 49.23 -117.29 5.56
CA SER G 5 49.95 -116.17 6.16
C SER G 5 49.54 -114.90 5.44
N LEU G 6 48.78 -114.06 6.14
CA LEU G 6 48.24 -112.85 5.52
C LEU G 6 49.25 -111.72 5.64
N ALA G 7 49.13 -110.74 4.74
CA ALA G 7 50.16 -109.71 4.62
C ALA G 7 50.02 -108.67 5.73
N THR G 8 51.10 -107.93 5.97
CA THR G 8 51.09 -106.92 7.01
C THR G 8 50.30 -105.68 6.59
N ALA G 9 50.31 -105.39 5.28
CA ALA G 9 49.59 -104.25 4.73
C ALA G 9 48.19 -104.62 4.27
N SER G 10 47.80 -105.88 4.45
CA SER G 10 46.47 -106.34 4.08
C SER G 10 45.57 -106.58 5.28
N GLN G 11 46.02 -106.23 6.49
CA GLN G 11 45.22 -106.40 7.69
C GLN G 11 44.23 -105.25 7.82
N ARG G 12 42.99 -105.59 8.16
CA ARG G 12 41.89 -104.63 8.25
C ARG G 12 42.13 -103.66 9.41
N LYS G 13 41.43 -102.53 9.39
CA LYS G 13 41.29 -101.66 10.56
C LYS G 13 39.81 -101.33 10.73
N GLU G 14 39.50 -100.54 11.75
CA GLU G 14 38.13 -100.12 12.00
C GLU G 14 38.13 -98.78 12.70
N TRP G 15 37.23 -97.89 12.29
CA TRP G 15 37.11 -96.55 12.83
C TRP G 15 35.74 -96.37 13.46
N SER G 16 35.70 -95.88 14.69
CA SER G 16 34.46 -95.76 15.45
C SER G 16 33.73 -94.46 15.12
N ASN G 17 32.42 -94.47 15.34
CA ASN G 17 31.54 -93.36 15.02
C ASN G 17 31.31 -92.46 16.23
N LYS G 18 31.54 -92.97 17.44
CA LYS G 18 31.26 -92.23 18.66
C LYS G 18 32.50 -91.45 19.06
N ALA G 19 32.37 -90.12 19.17
CA ALA G 19 33.48 -89.26 19.46
C ALA G 19 33.38 -88.69 20.87
N HIS G 20 34.52 -88.30 21.42
CA HIS G 20 34.56 -87.72 22.76
C HIS G 20 34.81 -86.23 22.68
N MET G 21 34.39 -85.51 23.71
CA MET G 21 34.55 -84.07 23.80
C MET G 21 35.50 -83.72 24.94
N GLU G 22 35.72 -82.44 25.14
CA GLU G 22 36.48 -81.93 26.28
C GLU G 22 35.52 -81.33 27.30
N TYR G 23 35.78 -81.63 28.58
CA TYR G 23 35.01 -81.11 29.70
C TYR G 23 35.12 -79.60 29.80
N VAL G 24 34.07 -78.95 30.29
CA VAL G 24 33.93 -77.50 30.20
C VAL G 24 33.79 -76.84 31.57
N ARG G 25 33.19 -77.54 32.55
CA ARG G 25 32.93 -77.00 33.90
C ARG G 25 32.07 -75.73 33.83
N ARG G 26 30.76 -75.94 33.65
CA ARG G 26 29.74 -75.02 33.12
C ARG G 26 29.88 -73.60 33.65
N SER G 27 29.64 -73.36 34.94
CA SER G 27 29.70 -72.02 35.52
C SER G 27 29.58 -72.11 37.04
N ARG G 28 30.39 -71.32 37.73
CA ARG G 28 30.25 -71.15 39.18
C ARG G 28 29.43 -69.92 39.54
N PHE G 29 29.07 -69.11 38.55
CA PHE G 29 28.21 -67.94 38.77
C PHE G 29 26.76 -68.22 38.42
N ALA G 30 26.41 -69.46 38.12
CA ALA G 30 25.08 -69.76 37.59
C ALA G 30 23.91 -69.66 38.57
N PRO G 31 23.99 -70.03 39.85
CA PRO G 31 22.83 -69.80 40.73
C PRO G 31 22.62 -68.35 41.15
N TYR G 32 23.42 -67.41 40.66
CA TYR G 32 23.42 -66.05 41.17
C TYR G 32 22.99 -65.04 40.13
N ILE G 33 22.66 -65.48 38.92
CA ILE G 33 22.23 -64.62 37.83
C ILE G 33 20.73 -64.77 37.70
N ARG G 34 19.99 -63.79 38.21
CA ARG G 34 18.54 -63.78 38.14
C ARG G 34 18.10 -62.44 37.56
N ASN G 35 16.78 -62.23 37.49
CA ASN G 35 16.22 -60.96 37.04
C ASN G 35 15.47 -60.21 38.12
N THR G 36 15.47 -60.71 39.35
CA THR G 36 14.77 -60.05 40.43
C THR G 36 15.64 -58.96 41.05
N GLU G 37 15.18 -58.38 42.15
CA GLU G 37 15.88 -57.26 42.76
C GLU G 37 16.84 -57.69 43.86
N ASN G 38 16.67 -58.90 44.40
CA ASN G 38 17.52 -59.39 45.48
C ASN G 38 18.56 -60.38 44.99
N SER G 39 19.06 -60.17 43.77
CA SER G 39 20.06 -61.05 43.20
C SER G 39 21.39 -60.32 43.11
N ILE G 40 22.48 -61.09 43.08
CA ILE G 40 23.81 -60.49 43.06
C ILE G 40 24.12 -59.92 41.69
N PHE G 41 23.96 -60.73 40.65
CA PHE G 41 24.17 -60.30 39.28
C PHE G 41 22.78 -60.15 38.65
N GLN G 42 22.37 -58.90 38.42
CA GLN G 42 20.99 -58.63 38.03
C GLN G 42 20.90 -58.38 36.54
N GLY G 43 19.89 -58.96 35.90
CA GLY G 43 19.68 -58.82 34.48
C GLY G 43 18.53 -57.88 34.16
N TYR G 44 18.61 -57.25 32.99
CA TYR G 44 17.59 -56.33 32.52
C TYR G 44 17.14 -56.68 31.11
N SER G 45 15.85 -56.97 30.95
CA SER G 45 15.28 -57.29 29.64
C SER G 45 14.58 -56.10 29.01
N ASP G 46 15.01 -54.88 29.33
CA ASP G 46 14.35 -53.69 28.79
C ASP G 46 14.76 -53.42 27.35
N LEU G 47 15.97 -53.82 26.96
CA LEU G 47 16.39 -53.68 25.57
C LEU G 47 16.05 -54.90 24.74
N GLU G 48 15.62 -56.00 25.37
CA GLU G 48 15.07 -57.14 24.66
C GLU G 48 13.71 -56.78 24.07
N LYS G 49 13.02 -55.83 24.69
CA LYS G 49 11.90 -55.12 24.11
C LYS G 49 12.38 -54.04 23.16
N ARG G 50 11.50 -53.08 22.85
CA ARG G 50 11.32 -52.37 21.57
C ARG G 50 12.63 -52.01 20.88
N ALA G 51 13.47 -51.15 21.45
CA ALA G 51 14.74 -50.77 20.81
C ALA G 51 15.65 -50.10 21.83
N GLY G 52 16.90 -49.90 21.45
CA GLY G 52 17.82 -49.16 22.29
C GLY G 52 19.26 -49.54 22.05
N ASP G 53 20.15 -48.77 22.68
CA ASP G 53 21.58 -48.99 22.61
C ASP G 53 22.24 -49.06 24.00
N THR G 54 21.81 -48.25 24.95
CA THR G 54 22.34 -48.30 26.31
C THR G 54 21.18 -48.18 27.28
N LEU G 55 21.46 -48.37 28.56
CA LEU G 55 20.42 -48.39 29.58
C LEU G 55 20.93 -47.71 30.84
N ASN G 56 20.22 -46.67 31.28
CA ASN G 56 20.63 -45.88 32.44
C ASN G 56 19.80 -46.26 33.65
N ILE G 57 20.43 -46.40 34.80
CA ILE G 57 19.78 -46.85 36.03
C ILE G 57 20.01 -45.80 37.10
N PRO G 58 18.97 -45.35 37.81
CA PRO G 58 19.16 -44.32 38.86
C PRO G 58 19.38 -44.89 40.26
N LEU G 59 19.76 -44.00 41.17
CA LEU G 59 20.04 -44.33 42.57
C LEU G 59 19.70 -43.13 43.44
N PHE G 60 19.05 -43.37 44.57
CA PHE G 60 18.83 -42.34 45.58
C PHE G 60 19.59 -42.67 46.86
N TYR G 61 20.29 -41.68 47.41
CA TYR G 61 21.00 -41.87 48.66
C TYR G 61 20.07 -41.76 49.86
N LYS G 62 20.69 -41.65 51.03
CA LYS G 62 20.04 -41.51 52.32
C LYS G 62 19.89 -40.01 52.61
N LEU G 63 19.52 -39.65 53.81
CA LEU G 63 19.25 -38.26 54.16
C LEU G 63 20.20 -37.82 55.28
N GLY G 64 20.60 -36.54 55.25
CA GLY G 64 21.89 -36.16 55.81
C GLY G 64 22.10 -35.16 56.95
N GLY G 65 21.15 -34.29 57.27
CA GLY G 65 21.51 -33.03 57.94
C GLY G 65 21.58 -33.09 59.46
N ALA G 66 20.71 -32.24 60.19
CA ALA G 66 20.53 -32.10 61.66
C ALA G 66 19.08 -31.85 62.08
N PRO G 67 18.60 -32.44 63.17
CA PRO G 67 17.20 -32.24 63.55
C PRO G 67 16.96 -30.85 64.11
N VAL G 68 15.97 -30.17 63.52
CA VAL G 68 15.90 -28.71 63.60
C VAL G 68 15.41 -28.34 65.00
N THR G 69 16.37 -28.07 65.88
CA THR G 69 16.16 -28.16 67.31
C THR G 69 15.48 -26.91 67.85
N GLY G 70 14.38 -27.11 68.57
CA GLY G 70 13.82 -26.09 69.43
C GLY G 70 12.72 -25.23 68.85
N ASP G 71 13.04 -24.52 67.77
CA ASP G 71 12.23 -23.40 67.30
C ASP G 71 12.00 -23.40 65.80
N THR G 72 12.85 -24.08 65.08
CA THR G 72 13.03 -23.90 63.65
C THR G 72 11.85 -24.42 62.83
N PRO G 73 11.57 -23.82 61.66
CA PRO G 73 10.39 -24.21 60.87
C PRO G 73 10.50 -25.60 60.27
N ILE G 74 9.46 -25.95 59.50
CA ILE G 74 9.63 -26.93 58.43
C ILE G 74 9.36 -26.22 57.10
N VAL G 75 9.71 -24.94 57.02
CA VAL G 75 9.61 -24.18 55.78
C VAL G 75 10.84 -23.30 55.61
N GLY G 76 11.64 -23.13 56.65
CA GLY G 76 12.76 -22.25 56.48
C GLY G 76 13.95 -22.95 55.86
N ASN G 77 14.47 -24.00 56.52
CA ASN G 77 15.83 -24.55 56.40
C ASN G 77 16.28 -25.72 55.48
N GLU G 78 16.05 -25.69 54.14
CA GLU G 78 16.08 -26.81 53.12
C GLU G 78 17.23 -27.82 53.11
N THR G 79 16.88 -29.07 52.64
CA THR G 79 17.64 -30.24 52.14
C THR G 79 17.44 -30.50 50.65
N PRO G 80 18.49 -30.94 49.97
CA PRO G 80 18.33 -31.70 48.73
C PRO G 80 18.32 -33.20 49.00
N LEU G 81 17.81 -33.96 48.04
CA LEU G 81 17.91 -35.41 48.05
C LEU G 81 18.86 -35.85 46.93
N ASP G 82 19.85 -36.66 47.27
CA ASP G 82 20.91 -37.01 46.34
C ASP G 82 20.44 -38.04 45.32
N ASN G 83 21.03 -37.97 44.12
CA ASN G 83 20.54 -38.71 42.98
C ASN G 83 21.69 -38.92 41.99
N TYR G 84 21.84 -40.15 41.49
CA TYR G 84 22.94 -40.47 40.59
C TYR G 84 22.47 -41.44 39.51
N ASN G 85 23.37 -41.75 38.59
CA ASN G 85 23.05 -42.51 37.38
C ASN G 85 24.14 -43.55 37.13
N CYS G 86 23.81 -44.57 36.35
CA CYS G 86 24.78 -45.55 35.85
C CYS G 86 24.25 -46.11 34.54
N GLY G 87 25.05 -46.03 33.48
CA GLY G 87 24.64 -46.46 32.16
C GLY G 87 25.50 -47.61 31.64
N VAL G 88 24.84 -48.65 31.14
CA VAL G 88 25.51 -49.84 30.65
C VAL G 88 25.43 -49.85 29.12
N PRO G 89 26.55 -49.89 28.42
CA PRO G 89 26.50 -49.98 26.95
C PRO G 89 26.47 -51.42 26.47
N VAL G 90 25.86 -51.61 25.30
CA VAL G 90 25.50 -52.92 24.77
C VAL G 90 26.09 -53.06 23.37
N ALA G 91 26.69 -54.21 23.08
CA ALA G 91 27.36 -54.43 21.79
C ALA G 91 27.03 -55.81 21.22
N LEU G 92 27.14 -55.93 19.90
CA LEU G 92 26.97 -57.17 19.14
C LEU G 92 28.23 -58.00 19.28
N ARG G 93 28.10 -59.33 19.19
CA ARG G 93 29.25 -60.25 19.20
C ARG G 93 28.82 -61.63 18.71
N GLY G 94 29.78 -62.36 18.12
CA GLY G 94 29.46 -63.67 17.58
C GLY G 94 30.68 -64.52 17.25
N LYS G 95 30.42 -65.63 16.57
CA LYS G 95 31.40 -66.70 16.33
C LYS G 95 30.81 -67.70 15.33
N GLY G 96 31.66 -68.23 14.44
CA GLY G 96 31.21 -69.19 13.46
C GLY G 96 32.27 -70.23 13.11
N VAL G 97 31.81 -71.36 12.54
CA VAL G 97 32.65 -72.51 12.21
C VAL G 97 32.27 -73.03 10.82
N ALA G 98 33.27 -73.29 9.97
CA ALA G 98 33.04 -73.79 8.60
C ALA G 98 33.35 -75.28 8.49
N ILE G 99 32.65 -75.95 7.56
CA ILE G 99 32.82 -77.37 7.28
C ILE G 99 32.82 -77.55 5.76
N THR G 100 33.90 -78.11 5.22
CA THR G 100 34.04 -78.33 3.79
C THR G 100 33.53 -79.71 3.39
N LYS G 101 33.87 -80.13 2.17
CA LYS G 101 33.63 -81.48 1.71
C LYS G 101 34.92 -82.24 1.42
N ASN G 102 36.02 -81.53 1.18
CA ASN G 102 37.33 -82.14 1.02
C ASN G 102 37.79 -82.86 2.29
N GLN G 103 37.38 -82.36 3.46
CA GLN G 103 37.72 -82.98 4.73
C GLN G 103 36.58 -83.78 5.33
N THR G 104 35.58 -84.16 4.52
CA THR G 104 34.36 -84.75 5.06
C THR G 104 34.07 -86.14 4.50
N PHE G 105 34.42 -86.42 3.24
CA PHE G 105 34.23 -87.77 2.72
C PHE G 105 35.21 -88.77 3.30
N ARG G 106 36.30 -88.28 3.92
CA ARG G 106 37.33 -89.14 4.48
C ARG G 106 36.95 -89.71 5.84
N THR G 107 35.88 -89.22 6.45
CA THR G 107 35.45 -89.67 7.77
C THR G 107 34.01 -90.15 7.69
N GLU G 108 33.50 -90.63 8.83
CA GLU G 108 32.12 -91.05 8.98
C GLU G 108 31.45 -90.33 10.13
N ILE G 109 32.24 -89.74 11.04
CA ILE G 109 31.70 -88.98 12.16
C ILE G 109 31.13 -87.66 11.68
N ASP G 110 30.01 -87.25 12.27
CA ASP G 110 29.33 -86.02 11.87
C ASP G 110 30.05 -84.80 12.46
N VAL G 111 30.72 -84.04 11.61
CA VAL G 111 31.44 -82.85 12.06
C VAL G 111 30.46 -81.70 12.24
N MET G 112 29.31 -81.76 11.58
CA MET G 112 28.31 -80.70 11.69
C MET G 112 27.70 -80.62 13.09
N ASN G 113 27.27 -81.76 13.62
CA ASN G 113 26.66 -81.76 14.94
C ASN G 113 27.68 -81.54 16.04
N ALA G 114 28.93 -81.94 15.82
CA ALA G 114 29.98 -81.68 16.79
C ALA G 114 30.40 -80.23 16.81
N ALA G 115 30.18 -79.49 15.71
CA ALA G 115 30.50 -78.08 15.66
C ALA G 115 29.36 -77.19 16.14
N LYS G 116 28.14 -77.71 16.18
CA LYS G 116 27.01 -76.94 16.70
C LYS G 116 26.86 -77.10 18.20
N GLN G 117 27.23 -78.25 18.76
CA GLN G 117 27.19 -78.43 20.20
C GLN G 117 28.33 -77.68 20.89
N SER G 118 29.50 -77.65 20.28
CA SER G 118 30.64 -76.92 20.83
C SER G 118 30.54 -75.42 20.60
N LEU G 119 29.49 -74.95 19.95
CA LEU G 119 29.30 -73.53 19.69
C LEU G 119 28.29 -72.92 20.65
N THR G 120 27.29 -73.68 21.09
CA THR G 120 26.44 -73.25 22.19
C THR G 120 27.20 -73.25 23.51
N ARG G 121 28.23 -74.08 23.62
CA ARG G 121 28.98 -74.29 24.83
C ARG G 121 30.13 -73.30 24.95
N TYR G 122 30.40 -72.52 23.89
CA TYR G 122 31.40 -71.47 23.92
C TYR G 122 30.82 -70.14 24.39
N PHE G 123 29.55 -69.88 24.10
CA PHE G 123 28.87 -68.69 24.59
C PHE G 123 28.41 -68.82 26.03
N GLY G 124 28.70 -69.94 26.69
CA GLY G 124 28.53 -70.03 28.12
C GLY G 124 29.80 -69.70 28.86
N GLU G 125 30.94 -70.12 28.30
CA GLU G 125 32.23 -69.70 28.83
C GLU G 125 32.51 -68.24 28.55
N LEU G 126 31.89 -67.67 27.53
CA LEU G 126 32.10 -66.28 27.18
C LEU G 126 31.35 -65.35 28.13
N LEU G 127 30.33 -65.85 28.82
CA LEU G 127 29.58 -65.02 29.75
C LEU G 127 30.29 -64.87 31.09
N ARG G 128 30.82 -65.95 31.64
CA ARG G 128 31.48 -65.80 32.94
C ARG G 128 32.90 -65.29 32.79
N ASP G 129 33.43 -65.26 31.58
CA ASP G 129 34.67 -64.55 31.33
C ASP G 129 34.47 -63.04 31.32
N ASP G 130 33.23 -62.58 31.16
CA ASP G 130 32.92 -61.16 31.25
C ASP G 130 32.55 -60.72 32.66
N ILE G 131 32.05 -61.63 33.50
CA ILE G 131 31.74 -61.27 34.87
C ILE G 131 33.01 -61.19 35.70
N ILE G 132 33.99 -62.05 35.42
CA ILE G 132 35.28 -61.96 36.09
C ILE G 132 36.02 -60.70 35.67
N GLU G 133 35.86 -60.29 34.41
CA GLU G 133 36.47 -59.06 33.95
C GLU G 133 35.75 -57.84 34.51
N ALA G 134 34.45 -57.95 34.78
CA ALA G 134 33.70 -56.83 35.33
C ALA G 134 33.98 -56.63 36.81
N LEU G 135 34.21 -57.72 37.56
CA LEU G 135 34.51 -57.59 38.98
C LEU G 135 35.88 -56.97 39.22
N GLY G 136 36.82 -57.19 38.31
CA GLY G 136 38.14 -56.60 38.44
C GLY G 136 38.29 -55.29 37.69
N SER G 137 37.20 -54.55 37.53
CA SER G 137 37.24 -53.28 36.82
C SER G 137 37.80 -52.18 37.72
N VAL G 138 37.98 -51.00 37.13
CA VAL G 138 38.51 -49.84 37.82
C VAL G 138 37.55 -48.68 37.57
N VAL G 139 36.90 -48.21 38.62
CA VAL G 139 35.92 -47.13 38.53
C VAL G 139 36.67 -45.82 38.66
N THR G 140 36.79 -45.08 37.56
CA THR G 140 37.59 -43.87 37.57
C THR G 140 36.83 -42.72 38.23
N THR G 141 35.78 -42.23 37.56
CA THR G 141 34.97 -41.10 38.02
C THR G 141 33.56 -41.16 37.42
N GLY G 142 32.59 -41.62 38.21
CA GLY G 142 31.20 -41.53 37.79
C GLY G 142 30.81 -42.32 36.56
N ASP G 143 30.70 -43.65 36.71
CA ASP G 143 30.29 -44.64 35.70
C ASP G 143 31.38 -44.93 34.68
N THR G 144 32.60 -44.48 34.95
CA THR G 144 33.71 -44.71 34.04
C THR G 144 34.47 -45.92 34.57
N THR G 145 34.06 -47.11 34.12
CA THR G 145 34.70 -48.36 34.49
C THR G 145 35.65 -48.78 33.38
N VAL G 146 36.93 -48.82 33.70
CA VAL G 146 37.97 -49.25 32.79
C VAL G 146 38.46 -50.62 33.27
N ASN G 147 38.70 -51.53 32.34
CA ASN G 147 39.25 -52.83 32.69
C ASN G 147 40.66 -52.69 33.26
N TYR G 148 41.07 -53.70 34.04
CA TYR G 148 42.31 -53.58 34.80
C TYR G 148 43.53 -53.65 33.90
N GLY G 149 43.44 -54.38 32.78
CA GLY G 149 44.58 -54.47 31.88
C GLY G 149 44.80 -53.20 31.08
N SER G 150 43.71 -52.57 30.63
CA SER G 150 43.78 -51.38 29.81
C SER G 150 43.64 -50.10 30.63
N ALA G 151 44.01 -50.13 31.90
CA ALA G 151 43.96 -48.95 32.74
C ALA G 151 45.37 -48.40 32.92
N SER G 152 45.47 -47.09 33.06
CA SER G 152 46.76 -46.43 33.25
C SER G 152 47.09 -46.39 34.73
N ALA G 153 48.26 -45.84 35.04
CA ALA G 153 48.65 -45.68 36.44
C ALA G 153 47.88 -44.56 37.12
N ALA G 154 47.38 -43.58 36.35
CA ALA G 154 46.60 -42.50 36.92
C ALA G 154 45.14 -42.88 37.12
N ASN G 155 44.64 -43.84 36.34
CA ASN G 155 43.28 -44.33 36.54
C ASN G 155 43.18 -45.23 37.77
N ARG G 156 44.28 -45.88 38.13
CA ARG G 156 44.29 -46.73 39.32
C ARG G 156 44.51 -45.93 40.59
N ASN G 157 45.26 -44.82 40.51
CA ASN G 157 45.46 -43.97 41.68
C ASN G 157 44.22 -43.15 42.00
N ALA G 158 43.31 -42.99 41.05
CA ALA G 158 42.04 -42.32 41.30
C ALA G 158 40.96 -43.28 41.77
N PHE G 159 41.14 -44.58 41.53
CA PHE G 159 40.25 -45.58 42.09
C PHE G 159 40.49 -45.78 43.57
N SER G 160 41.74 -45.80 44.00
CA SER G 160 42.07 -45.55 45.39
C SER G 160 41.90 -44.08 45.70
N ALA G 161 41.77 -43.75 46.99
CA ALA G 161 41.40 -42.43 47.52
C ALA G 161 40.04 -41.96 47.00
N ALA G 162 39.21 -42.90 46.56
CA ALA G 162 37.79 -42.72 46.32
C ALA G 162 37.01 -43.84 46.96
N ASN G 163 37.65 -44.99 47.12
CA ASN G 163 37.12 -46.12 47.89
C ASN G 163 38.07 -46.52 49.01
N PRO G 164 38.14 -45.76 50.11
CA PRO G 164 39.01 -46.19 51.21
C PRO G 164 38.34 -47.16 52.16
N ASP G 165 37.01 -47.28 52.10
CA ASP G 165 36.27 -48.18 52.96
C ASP G 165 35.82 -49.45 52.24
N ARG G 166 36.27 -49.66 51.01
CA ARG G 166 35.88 -50.82 50.21
C ARG G 166 37.06 -51.56 49.62
N LEU G 167 38.26 -51.00 49.72
CA LEU G 167 39.48 -51.68 49.29
C LEU G 167 40.22 -52.16 50.52
N PHE G 168 40.44 -53.47 50.59
CA PHE G 168 41.16 -54.07 51.71
C PHE G 168 42.45 -54.68 51.17
N PHE G 169 43.58 -54.04 51.47
CA PHE G 169 44.88 -54.61 51.17
C PHE G 169 45.25 -55.62 52.26
N GLY G 170 46.53 -55.95 52.35
CA GLY G 170 47.02 -56.91 53.33
C GLY G 170 46.60 -56.71 54.77
N SER G 171 46.48 -55.44 55.18
CA SER G 171 45.81 -55.06 56.40
C SER G 171 45.28 -53.65 56.22
N ILE G 172 44.56 -53.14 57.23
CA ILE G 172 44.08 -51.76 57.15
C ILE G 172 45.22 -50.79 57.41
N SER G 173 46.26 -51.22 58.11
CA SER G 173 47.47 -50.42 58.26
C SER G 173 48.35 -50.45 57.03
N GLY G 174 47.90 -51.04 55.93
CA GLY G 174 48.61 -51.05 54.67
C GLY G 174 47.87 -50.38 53.54
N TYR G 175 46.83 -49.62 53.85
CA TYR G 175 46.13 -48.83 52.84
C TYR G 175 46.99 -47.67 52.38
N SER G 176 46.93 -47.37 51.09
CA SER G 176 47.63 -46.23 50.53
C SER G 176 46.76 -45.59 49.45
N ALA G 177 46.97 -44.30 49.22
CA ALA G 177 46.22 -43.59 48.20
C ALA G 177 46.69 -43.92 46.80
N THR G 178 47.92 -44.39 46.64
CA THR G 178 48.42 -44.82 45.34
C THR G 178 48.32 -46.34 45.25
N TRP G 179 47.99 -46.82 44.05
CA TRP G 179 47.66 -48.23 43.86
C TRP G 179 48.89 -49.12 43.95
N ALA G 180 50.01 -48.69 43.38
CA ALA G 180 51.19 -49.54 43.33
C ALA G 180 51.85 -49.69 44.69
N THR G 181 51.72 -48.69 45.56
CA THR G 181 52.25 -48.81 46.92
C THR G 181 51.34 -49.66 47.78
N GLY G 182 50.03 -49.60 47.55
CA GLY G 182 49.10 -50.40 48.32
C GLY G 182 49.22 -51.89 48.06
N LEU G 183 49.56 -52.28 46.84
CA LEU G 183 49.85 -53.68 46.54
C LEU G 183 51.25 -54.09 46.99
N GLY G 184 52.09 -53.14 47.38
CA GLY G 184 53.39 -53.45 47.92
C GLY G 184 53.40 -53.63 49.42
N ASN G 185 52.24 -53.51 50.07
CA ASN G 185 52.13 -53.64 51.51
C ASN G 185 51.56 -54.99 51.95
N VAL G 186 51.19 -55.84 51.00
CA VAL G 186 50.68 -57.17 51.33
C VAL G 186 51.82 -58.17 51.26
N ASP G 187 52.08 -58.83 52.39
CA ASP G 187 53.21 -59.74 52.52
C ASP G 187 52.86 -61.10 51.94
N ALA G 188 53.86 -61.97 51.87
CA ALA G 188 53.61 -63.36 51.53
C ALA G 188 53.13 -64.16 52.73
N ALA G 189 53.31 -63.64 53.94
CA ALA G 189 52.87 -64.29 55.16
C ALA G 189 51.49 -63.81 55.60
N GLU G 190 50.90 -62.87 54.88
CA GLU G 190 49.56 -62.37 55.18
C GLU G 190 48.54 -63.13 54.34
N THR G 191 48.42 -64.44 54.60
CA THR G 191 47.57 -65.32 53.82
C THR G 191 46.12 -65.17 54.22
N CYS G 192 45.26 -65.93 53.56
CA CYS G 192 43.81 -65.82 53.75
C CYS G 192 43.36 -66.81 54.81
N THR G 193 43.30 -66.36 56.06
CA THR G 193 42.73 -67.13 57.14
C THR G 193 41.28 -66.71 57.35
N ALA G 194 40.59 -67.38 58.26
CA ALA G 194 39.19 -67.05 58.51
C ALA G 194 39.02 -65.86 59.43
N ALA G 195 40.11 -65.34 60.00
CA ALA G 195 40.03 -64.15 60.85
C ALA G 195 40.20 -62.86 60.06
N ARG G 196 40.70 -62.95 58.83
CA ARG G 196 40.87 -61.79 57.97
C ARG G 196 39.74 -61.60 56.98
N VAL G 197 38.99 -62.65 56.67
CA VAL G 197 37.79 -62.48 55.85
C VAL G 197 36.67 -61.88 56.70
N GLY G 198 36.72 -62.09 58.01
CA GLY G 198 35.79 -61.41 58.89
C GLY G 198 36.03 -59.92 58.99
N VAL G 199 37.23 -59.47 58.64
CA VAL G 199 37.51 -58.03 58.56
C VAL G 199 36.82 -57.44 57.35
N MET G 200 36.79 -58.18 56.24
CA MET G 200 36.12 -57.70 55.03
C MET G 200 34.61 -57.65 55.19
N LYS G 201 34.04 -58.55 56.00
CA LYS G 201 32.61 -58.46 56.28
C LYS G 201 32.31 -57.27 57.16
N ARG G 202 33.26 -56.87 58.01
CA ARG G 202 33.09 -55.69 58.84
C ARG G 202 33.15 -54.40 58.03
N LEU G 203 34.02 -54.34 57.02
CA LEU G 203 34.03 -53.19 56.12
C LEU G 203 32.75 -53.08 55.31
N ALA G 204 32.11 -54.21 55.01
CA ALA G 204 30.88 -54.19 54.24
C ALA G 204 29.67 -53.79 55.08
N MET G 205 29.78 -53.82 56.41
CA MET G 205 28.68 -53.42 57.27
C MET G 205 28.82 -52.00 57.78
N SER G 206 29.94 -51.32 57.50
CA SER G 206 30.14 -49.95 57.93
C SER G 206 30.65 -49.10 56.77
N ALA G 207 30.09 -49.29 55.58
CA ALA G 207 30.44 -48.50 54.42
C ALA G 207 29.57 -47.24 54.40
N SER G 208 30.10 -46.15 53.86
CA SER G 208 29.43 -44.86 54.03
C SER G 208 28.22 -44.73 53.11
N PRO G 209 28.25 -45.18 51.84
CA PRO G 209 27.01 -45.72 51.27
C PRO G 209 26.93 -47.22 51.56
N ALA G 210 25.82 -47.66 52.12
CA ALA G 210 25.74 -49.01 52.67
C ALA G 210 25.58 -50.04 51.57
N ILE G 211 26.23 -51.19 51.76
CA ILE G 211 26.14 -52.31 50.84
C ILE G 211 25.01 -53.21 51.28
N THR G 212 24.08 -53.49 50.37
CA THR G 212 22.92 -54.31 50.69
C THR G 212 23.34 -55.77 50.81
N PRO G 213 23.10 -56.42 51.94
CA PRO G 213 23.43 -57.84 52.05
C PRO G 213 22.45 -58.71 51.30
N MET G 214 22.84 -59.96 51.09
CA MET G 214 22.06 -60.89 50.28
C MET G 214 20.81 -61.34 51.02
N GLN G 215 20.90 -61.55 52.33
CA GLN G 215 19.76 -61.99 53.12
C GLN G 215 19.85 -61.36 54.51
N VAL G 216 18.73 -60.85 54.98
CA VAL G 216 18.66 -60.11 56.24
C VAL G 216 17.73 -60.86 57.20
N ASP G 217 18.15 -61.00 58.44
CA ASP G 217 17.27 -61.40 59.54
C ASP G 217 17.30 -60.29 60.57
N ASP G 218 16.18 -59.57 60.72
CA ASP G 218 16.14 -58.36 61.55
C ASP G 218 16.30 -58.70 63.03
N ASP G 219 15.49 -59.61 63.53
CA ASP G 219 15.75 -60.20 64.83
C ASP G 219 16.98 -61.09 64.73
N GLU G 220 17.64 -61.30 65.88
CA GLU G 220 18.89 -62.06 66.07
C GLU G 220 19.93 -61.75 65.00
N GLY G 221 20.18 -60.45 64.79
CA GLY G 221 20.65 -59.85 63.54
C GLY G 221 21.68 -60.55 62.67
N ARG G 222 21.25 -60.92 61.47
CA ARG G 222 22.03 -61.72 60.54
C ARG G 222 22.12 -61.00 59.21
N GLU G 223 23.33 -60.89 58.67
CA GLU G 223 23.55 -60.33 57.35
C GLU G 223 24.50 -61.24 56.60
N TYR G 224 24.09 -61.66 55.40
CA TYR G 224 24.79 -62.69 54.65
C TYR G 224 25.45 -62.09 53.41
N PHE G 225 26.63 -62.61 53.08
CA PHE G 225 27.39 -62.16 51.91
C PHE G 225 27.96 -63.38 51.22
N VAL G 226 28.48 -63.17 50.01
CA VAL G 226 29.08 -64.22 49.20
C VAL G 226 30.47 -63.77 48.77
N ALA G 227 31.48 -64.60 49.03
CA ALA G 227 32.84 -64.33 48.63
C ALA G 227 33.27 -65.30 47.55
N PHE G 228 33.87 -64.79 46.49
CA PHE G 228 34.32 -65.61 45.36
C PHE G 228 35.83 -65.72 45.38
N HIS G 229 36.34 -66.91 45.68
CA HIS G 229 37.77 -67.17 45.76
C HIS G 229 38.28 -67.69 44.44
N GLY G 230 39.61 -67.71 44.30
CA GLY G 230 40.23 -68.18 43.09
C GLY G 230 41.16 -69.35 43.32
N SER G 231 40.80 -70.23 44.24
CA SER G 231 41.37 -71.56 44.50
C SER G 231 42.77 -71.56 45.11
N ARG G 232 43.48 -70.43 45.11
CA ARG G 232 44.75 -70.37 45.84
C ARG G 232 44.62 -69.62 47.14
N THR G 233 43.56 -68.83 47.30
CA THR G 233 43.13 -68.36 48.61
C THR G 233 42.03 -69.24 49.19
N PHE G 234 41.50 -70.18 48.42
CA PHE G 234 40.46 -71.06 48.91
C PHE G 234 41.02 -72.27 49.62
N ARG G 235 42.24 -72.68 49.27
CA ARG G 235 42.87 -73.80 49.97
C ARG G 235 43.53 -73.35 51.27
N ASP G 236 43.89 -72.07 51.36
CA ASP G 236 44.41 -71.53 52.61
C ASP G 236 43.30 -71.23 53.60
N LEU G 237 42.07 -71.10 53.12
CA LEU G 237 40.93 -70.78 53.97
C LEU G 237 40.32 -72.03 54.59
N LYS G 238 40.32 -73.14 53.86
CA LYS G 238 39.75 -74.39 54.36
C LYS G 238 40.83 -75.34 54.89
N GLY G 239 42.08 -74.91 54.92
CA GLY G 239 43.15 -75.79 55.31
C GLY G 239 44.03 -75.25 56.42
N ASP G 240 43.59 -74.17 57.07
CA ASP G 240 44.33 -73.61 58.18
C ASP G 240 44.22 -74.51 59.40
N THR G 241 45.18 -74.35 60.33
CA THR G 241 45.27 -75.23 61.49
C THR G 241 44.10 -75.02 62.45
N ALA G 242 43.77 -73.76 62.74
CA ALA G 242 42.51 -73.47 63.40
C ALA G 242 41.40 -73.41 62.36
N MET G 243 40.16 -73.17 62.84
CA MET G 243 38.96 -72.91 62.03
C MET G 243 38.59 -74.09 61.12
N LEU G 244 39.22 -75.24 61.31
CA LEU G 244 39.00 -76.47 60.56
C LEU G 244 38.25 -77.50 61.37
N ASN G 245 38.33 -77.41 62.69
CA ASN G 245 37.47 -78.14 63.60
C ASN G 245 36.12 -77.45 63.80
N ALA G 246 35.82 -76.42 63.03
CA ALA G 246 34.50 -75.82 63.02
C ALA G 246 33.51 -76.63 62.19
N ASN G 247 33.97 -77.30 61.14
CA ASN G 247 33.08 -78.13 60.34
C ASN G 247 33.32 -79.62 60.52
N ARG G 248 33.91 -80.03 61.64
CA ARG G 248 33.84 -81.42 62.06
C ARG G 248 33.35 -81.57 63.50
N GLU G 249 33.24 -80.48 64.25
CA GLU G 249 32.70 -80.54 65.61
C GLU G 249 31.39 -79.81 65.74
N ALA G 250 30.91 -79.16 64.69
CA ALA G 250 29.63 -78.47 64.72
C ALA G 250 28.70 -78.91 63.59
N ARG G 251 29.14 -79.82 62.73
CA ARG G 251 28.30 -80.41 61.70
C ARG G 251 27.75 -81.72 62.20
N PRO G 252 26.56 -82.14 61.75
CA PRO G 252 26.05 -83.46 62.13
C PRO G 252 26.89 -84.58 61.56
N ARG G 253 26.87 -85.72 62.24
CA ARG G 253 27.66 -86.89 61.84
C ARG G 253 27.04 -87.54 60.61
N ASP G 254 27.27 -86.91 59.45
CA ASP G 254 26.74 -87.36 58.18
C ASP G 254 27.83 -87.26 57.13
N VAL G 255 27.94 -88.28 56.29
CA VAL G 255 29.08 -88.39 55.38
C VAL G 255 28.80 -87.66 54.08
N SER G 256 27.57 -87.77 53.57
CA SER G 256 27.24 -87.27 52.25
C SER G 256 26.92 -85.78 52.24
N SER G 257 27.03 -85.09 53.37
CA SER G 257 26.74 -83.68 53.42
C SER G 257 27.85 -82.85 54.04
N ASN G 258 28.92 -83.48 54.52
CA ASN G 258 30.00 -82.77 55.17
C ASN G 258 31.00 -82.28 54.13
N PRO G 259 31.28 -80.97 54.05
CA PRO G 259 32.30 -80.49 53.12
C PRO G 259 33.73 -80.75 53.56
N LEU G 260 33.95 -81.40 54.70
CA LEU G 260 35.29 -81.82 55.07
C LEU G 260 35.70 -83.09 54.31
N LEU G 261 34.77 -84.02 54.13
CA LEU G 261 35.04 -85.25 53.42
C LEU G 261 34.72 -85.14 51.94
N GLN G 262 33.76 -84.30 51.59
CA GLN G 262 33.29 -84.11 50.22
C GLN G 262 33.21 -82.62 49.97
N ASP G 263 34.30 -82.04 49.46
CA ASP G 263 34.53 -80.59 49.48
C ASP G 263 33.47 -79.82 48.69
N GLY G 264 33.32 -78.54 49.01
CA GLY G 264 32.36 -77.72 48.31
C GLY G 264 32.49 -76.28 48.77
N ASP G 265 31.39 -75.54 48.77
CA ASP G 265 31.39 -74.23 49.40
C ASP G 265 31.17 -74.41 50.90
N LEU G 266 31.59 -73.42 51.67
CA LEU G 266 31.53 -73.55 53.11
C LEU G 266 31.17 -72.21 53.74
N ILE G 267 30.26 -72.27 54.72
CA ILE G 267 29.77 -71.07 55.40
C ILE G 267 30.47 -70.97 56.74
N TYR G 268 30.87 -69.75 57.10
CA TYR G 268 31.52 -69.49 58.38
C TYR G 268 31.34 -68.02 58.72
N GLU G 269 30.77 -67.73 59.89
CA GLU G 269 30.48 -66.36 60.39
C GLU G 269 29.58 -65.60 59.44
N GLY G 270 28.67 -66.31 58.76
CA GLY G 270 27.63 -65.68 57.99
C GLY G 270 27.97 -65.37 56.55
N VAL G 271 29.18 -65.67 56.10
CA VAL G 271 29.58 -65.42 54.71
C VAL G 271 29.83 -66.76 54.03
N ILE G 272 29.33 -66.89 52.80
CA ILE G 272 29.42 -68.12 52.01
C ILE G 272 30.63 -68.00 51.09
N HIS G 273 31.49 -69.02 51.10
CA HIS G 273 32.75 -69.00 50.37
C HIS G 273 32.65 -69.92 49.16
N ARG G 274 32.49 -69.33 47.99
CA ARG G 274 32.32 -70.07 46.74
C ARG G 274 33.64 -70.03 45.97
N GLU G 275 34.02 -71.17 45.38
CA GLU G 275 35.26 -71.28 44.63
C GLU G 275 34.99 -71.10 43.15
N VAL G 276 35.75 -70.20 42.52
CA VAL G 276 35.74 -70.02 41.08
C VAL G 276 37.16 -70.26 40.59
N PRO G 277 37.43 -71.37 39.89
CA PRO G 277 38.82 -71.69 39.53
C PRO G 277 39.43 -70.82 38.45
N GLU G 278 38.63 -70.01 37.75
CA GLU G 278 39.11 -69.25 36.62
C GLU G 278 39.61 -67.86 36.99
N ILE G 279 39.68 -67.55 38.29
CA ILE G 279 40.26 -66.29 38.71
C ILE G 279 41.79 -66.38 38.70
N ASP G 280 42.35 -67.59 38.82
CA ASP G 280 43.79 -67.75 38.62
C ASP G 280 44.19 -67.50 37.17
N ALA G 281 43.35 -67.87 36.21
CA ALA G 281 43.67 -67.60 34.81
C ALA G 281 43.59 -66.12 34.50
N TRP G 282 42.66 -65.41 35.14
CA TRP G 282 42.56 -63.97 34.95
C TRP G 282 43.73 -63.23 35.61
N ALA G 283 43.98 -63.53 36.88
CA ALA G 283 44.90 -62.71 37.66
C ALA G 283 46.36 -63.00 37.36
N ALA G 284 46.67 -64.14 36.75
CA ALA G 284 48.05 -64.39 36.36
C ALA G 284 48.43 -63.58 35.13
N ALA G 285 47.48 -63.28 34.26
CA ALA G 285 47.73 -62.52 33.05
C ALA G 285 47.85 -61.02 33.30
N ASN G 286 47.39 -60.55 34.46
CA ASN G 286 47.44 -59.13 34.78
C ASN G 286 48.59 -58.77 35.72
N GLY G 287 49.48 -59.71 36.01
CA GLY G 287 50.68 -59.40 36.76
C GLY G 287 50.56 -59.52 38.26
N PHE G 288 49.69 -60.38 38.77
CA PHE G 288 49.59 -60.61 40.20
C PHE G 288 50.52 -61.70 40.70
N ASN G 289 51.23 -62.39 39.82
CA ASN G 289 52.26 -63.32 40.26
C ASN G 289 53.49 -62.62 40.79
N THR G 290 53.63 -61.33 40.50
CA THR G 290 54.60 -60.45 41.13
C THR G 290 53.83 -59.28 41.73
N ALA G 291 54.56 -58.22 42.11
CA ALA G 291 54.03 -56.98 42.69
C ALA G 291 53.29 -57.25 43.99
N GLY G 292 54.01 -57.87 44.93
CA GLY G 292 53.63 -57.90 46.32
C GLY G 292 54.74 -57.28 47.12
N ALA G 293 54.79 -57.59 48.41
CA ALA G 293 55.92 -57.15 49.23
C ALA G 293 57.10 -58.07 48.95
N GLY G 294 58.10 -57.54 48.25
CA GLY G 294 59.23 -58.36 47.87
C GLY G 294 58.96 -59.27 46.68
N SER G 295 58.07 -58.85 45.78
CA SER G 295 57.70 -59.57 44.57
C SER G 295 57.13 -60.95 44.88
N ALA G 296 56.10 -60.98 45.72
CA ALA G 296 55.40 -62.19 46.08
C ALA G 296 54.07 -62.29 45.36
N PRO G 297 53.60 -63.49 45.05
CA PRO G 297 52.30 -63.63 44.38
C PRO G 297 51.14 -63.29 45.31
N ILE G 298 50.20 -62.52 44.79
CA ILE G 298 48.99 -62.17 45.53
C ILE G 298 47.79 -62.51 44.66
N ARG G 299 46.64 -62.69 45.29
CA ARG G 299 45.39 -62.99 44.59
C ARG G 299 44.28 -62.11 45.15
N PRO G 300 43.29 -61.76 44.32
CA PRO G 300 42.13 -61.02 44.81
C PRO G 300 40.99 -61.90 45.28
N VAL G 301 40.26 -61.39 46.28
CA VAL G 301 39.06 -62.01 46.81
C VAL G 301 37.94 -60.98 46.74
N PHE G 302 36.81 -61.37 46.15
CA PHE G 302 35.71 -60.44 45.89
C PHE G 302 34.55 -60.77 46.82
N LEU G 303 34.37 -59.95 47.86
CA LEU G 303 33.25 -60.06 48.77
C LEU G 303 32.14 -59.15 48.26
N CYS G 304 31.09 -59.75 47.70
CA CYS G 304 30.05 -58.96 47.05
C CYS G 304 28.70 -59.17 47.72
N GLY G 305 27.88 -58.13 47.66
CA GLY G 305 26.57 -58.14 48.29
C GLY G 305 25.45 -58.36 47.30
N THR G 306 24.65 -57.33 47.05
CA THR G 306 23.50 -57.43 46.16
C THR G 306 23.59 -56.31 45.13
N GLN G 307 23.30 -56.66 43.86
CA GLN G 307 23.28 -55.75 42.72
C GLN G 307 24.64 -55.11 42.49
N SER G 308 25.64 -55.97 42.31
CA SER G 308 27.02 -55.52 42.16
C SER G 308 27.46 -55.47 40.71
N VAL G 309 26.86 -56.26 39.82
CA VAL G 309 27.13 -56.24 38.40
C VAL G 309 25.80 -56.22 37.66
N PHE G 310 25.63 -55.28 36.72
CA PHE G 310 24.42 -55.23 35.92
C PHE G 310 24.63 -55.99 34.61
N LEU G 311 23.54 -56.55 34.08
CA LEU G 311 23.57 -57.31 32.84
C LEU G 311 22.43 -56.83 31.95
N ALA G 312 22.78 -56.27 30.79
CA ALA G 312 21.78 -55.73 29.87
C ALA G 312 21.69 -56.64 28.66
N TYR G 313 20.53 -57.28 28.49
CA TYR G 313 20.30 -58.19 27.37
C TYR G 313 19.58 -57.45 26.26
N ALA G 314 20.11 -57.52 25.05
CA ALA G 314 19.41 -57.01 23.87
C ALA G 314 19.01 -58.12 22.92
N GLN G 315 19.77 -59.20 22.84
CA GLN G 315 19.42 -60.36 22.02
C GLN G 315 20.00 -61.60 22.65
N ARG G 316 19.15 -62.62 22.83
CA ARG G 316 19.61 -63.93 23.27
C ARG G 316 20.45 -64.58 22.19
N PRO G 317 21.35 -65.50 22.54
CA PRO G 317 22.17 -66.16 21.52
C PRO G 317 21.34 -67.04 20.59
N GLN G 318 21.48 -66.79 19.28
CA GLN G 318 20.74 -67.48 18.24
C GLN G 318 21.71 -68.13 17.26
N ALA G 319 21.29 -69.26 16.69
CA ALA G 319 22.13 -70.03 15.79
C ALA G 319 21.59 -69.98 14.37
N GLY G 320 22.48 -70.25 13.42
CA GLY G 320 22.11 -70.26 12.02
C GLY G 320 23.16 -70.94 11.16
N THR G 321 22.74 -71.42 10.00
CA THR G 321 23.62 -72.17 9.11
C THR G 321 23.50 -71.63 7.68
N GLU G 322 24.49 -71.97 6.85
CA GLU G 322 24.56 -71.45 5.50
C GLU G 322 25.25 -72.47 4.60
N LYS G 323 24.74 -72.62 3.38
CA LYS G 323 25.41 -73.41 2.35
C LYS G 323 26.13 -72.46 1.40
N SER G 324 27.46 -72.43 1.49
CA SER G 324 28.23 -71.31 0.96
C SER G 324 28.49 -71.41 -0.53
N ASP G 325 29.21 -72.44 -0.97
CA ASP G 325 29.82 -72.44 -2.31
C ASP G 325 28.74 -72.66 -3.36
N ILE G 326 28.13 -73.84 -3.42
CA ILE G 326 26.97 -74.10 -4.26
C ILE G 326 25.99 -74.91 -3.42
N PRO G 327 24.71 -74.53 -3.33
CA PRO G 327 23.75 -75.34 -2.58
C PRO G 327 23.46 -76.70 -3.19
N ALA G 328 23.67 -76.86 -4.50
CA ALA G 328 23.49 -78.15 -5.15
C ALA G 328 24.68 -79.06 -4.93
N LEU G 329 25.88 -78.60 -5.27
CA LEU G 329 27.12 -79.32 -4.99
C LEU G 329 27.59 -78.96 -3.59
N ASN G 330 27.21 -79.78 -2.59
CA ASN G 330 27.37 -79.44 -1.19
C ASN G 330 28.84 -79.49 -0.79
N ARG G 331 29.60 -78.50 -1.26
CA ARG G 331 31.03 -78.47 -1.07
C ARG G 331 31.47 -77.65 0.13
N ARG G 332 30.55 -76.89 0.74
CA ARG G 332 30.92 -76.01 1.83
C ARG G 332 29.69 -75.69 2.65
N MET G 333 29.89 -75.50 3.95
CA MET G 333 28.81 -75.16 4.87
C MET G 333 29.42 -74.40 6.05
N THR G 334 28.67 -73.43 6.59
CA THR G 334 29.13 -72.62 7.70
C THR G 334 28.02 -72.50 8.74
N VAL G 335 28.34 -72.83 9.99
CA VAL G 335 27.44 -72.61 11.11
C VAL G 335 27.98 -71.45 11.93
N GLY G 336 27.08 -70.78 12.65
CA GLY G 336 27.46 -69.62 13.43
C GLY G 336 26.45 -69.29 14.51
N MET G 337 26.85 -68.38 15.39
CA MET G 337 26.02 -67.96 16.50
C MET G 337 26.32 -66.50 16.82
N ASP G 338 25.30 -65.77 17.28
CA ASP G 338 25.35 -64.31 17.37
C ASP G 338 24.69 -63.86 18.68
N GLU G 339 25.14 -62.73 19.23
CA GLU G 339 24.65 -62.28 20.52
C GLU G 339 24.86 -60.77 20.66
N ILE G 340 23.91 -60.10 21.33
CA ILE G 340 24.04 -58.69 21.69
C ILE G 340 23.87 -58.60 23.22
N ILE G 341 24.91 -58.15 23.92
CA ILE G 341 24.91 -58.16 25.38
C ILE G 341 25.88 -57.08 25.87
N GLY G 342 25.67 -56.61 27.10
CA GLY G 342 26.60 -55.70 27.76
C GLY G 342 26.71 -55.95 29.25
N VAL G 343 27.95 -56.05 29.75
CA VAL G 343 28.22 -56.39 31.14
C VAL G 343 29.05 -55.26 31.74
N LYS G 344 28.65 -54.78 32.91
CA LYS G 344 29.33 -53.67 33.56
C LYS G 344 29.14 -53.76 35.06
N LYS G 345 30.20 -53.47 35.80
CA LYS G 345 30.12 -53.41 37.26
C LYS G 345 29.34 -52.17 37.70
N ALA G 346 28.46 -52.37 38.68
CA ALA G 346 27.65 -51.29 39.23
C ALA G 346 28.52 -50.23 39.90
N ALA G 347 28.49 -49.02 39.36
CA ALA G 347 29.28 -47.91 39.88
C ALA G 347 28.39 -46.68 39.95
N PHE G 348 28.42 -46.00 41.09
CA PHE G 348 27.68 -44.77 41.31
C PHE G 348 28.58 -43.79 42.05
N ASN G 349 28.71 -42.57 41.50
CA ASN G 349 29.48 -41.47 42.10
C ASN G 349 30.95 -41.87 42.30
N GLY G 350 31.49 -42.65 41.37
CA GLY G 350 32.87 -43.07 41.46
C GLY G 350 33.15 -44.08 42.54
N LYS G 351 32.16 -44.85 42.96
CA LYS G 351 32.32 -45.84 44.02
C LYS G 351 31.70 -47.15 43.59
N GLN G 352 32.30 -48.25 44.05
CA GLN G 352 31.72 -49.57 43.87
C GLN G 352 30.42 -49.68 44.64
N HIS G 353 29.37 -50.18 43.99
CA HIS G 353 28.06 -50.22 44.62
C HIS G 353 27.97 -51.36 45.62
N GLY G 354 28.43 -52.55 45.24
CA GLY G 354 28.26 -53.71 46.10
C GLY G 354 29.40 -54.69 46.16
N VAL G 355 30.64 -54.26 45.94
CA VAL G 355 31.81 -55.15 45.96
C VAL G 355 32.77 -54.63 47.01
N VAL G 356 33.41 -55.53 47.75
CA VAL G 356 34.56 -55.22 48.59
C VAL G 356 35.72 -56.07 48.10
N MET G 357 36.74 -55.44 47.52
CA MET G 357 37.89 -56.15 47.00
C MET G 357 38.92 -56.37 48.10
N GLY G 358 39.52 -57.55 48.11
CA GLY G 358 40.51 -57.89 49.11
C GLY G 358 41.68 -58.61 48.49
N PHE G 359 42.89 -58.22 48.91
CA PHE G 359 44.12 -58.75 48.35
C PHE G 359 44.90 -59.48 49.43
N PHE G 360 45.15 -60.77 49.22
CA PHE G 360 45.88 -61.60 50.16
C PHE G 360 47.08 -62.21 49.47
N GLY G 361 48.08 -62.59 50.27
CA GLY G 361 49.29 -63.17 49.71
C GLY G 361 49.19 -64.68 49.57
N ALA G 362 48.90 -65.15 48.35
CA ALA G 362 48.80 -66.57 48.06
C ALA G 362 50.13 -67.04 47.48
N ALA G 363 50.82 -67.91 48.22
CA ALA G 363 52.16 -68.34 47.84
C ALA G 363 52.11 -69.29 46.65
N GLY G 364 51.11 -70.16 46.60
CA GLY G 364 50.98 -71.10 45.51
C GLY G 364 51.98 -72.22 45.56
N ASP G 365 52.11 -72.88 46.72
CA ASP G 365 53.01 -74.01 46.86
C ASP G 365 52.30 -75.31 46.49
N MET H 1 -44.07 79.04 34.16
CA MET H 1 -45.49 78.98 33.83
C MET H 1 -45.90 78.11 32.60
N PRO H 2 -45.14 78.09 31.48
CA PRO H 2 -45.54 77.16 30.41
C PRO H 2 -45.04 75.73 30.58
N ALA H 3 -44.49 75.40 31.75
CA ALA H 3 -44.06 74.04 32.04
C ALA H 3 -45.29 73.17 32.27
N THR H 4 -45.79 72.59 31.20
CA THR H 4 -47.00 71.77 31.24
C THR H 4 -46.64 70.39 31.75
N ASN H 5 -47.68 69.57 31.96
CA ASN H 5 -47.50 68.14 32.15
C ASN H 5 -46.85 67.54 30.91
N SER H 6 -46.22 66.38 31.10
CA SER H 6 -45.31 65.78 30.15
C SER H 6 -46.01 65.32 28.87
N ALA H 7 -45.21 64.83 27.92
CA ALA H 7 -45.74 64.13 26.75
C ALA H 7 -46.56 62.91 27.15
N GLN H 8 -46.19 62.27 28.25
CA GLN H 8 -47.13 61.59 29.11
C GLN H 8 -48.11 62.57 29.77
N ALA H 9 -49.42 62.57 29.42
CA ALA H 9 -50.37 63.40 30.17
C ALA H 9 -51.78 62.81 30.37
N ARG H 10 -52.05 61.55 29.99
CA ARG H 10 -53.42 61.03 29.95
C ARG H 10 -53.65 59.64 30.64
N LEU H 11 -52.76 58.61 30.50
CA LEU H 11 -52.93 57.19 30.94
C LEU H 11 -52.68 56.74 32.35
N ALA H 12 -53.27 55.57 32.56
CA ALA H 12 -52.99 54.50 33.48
C ALA H 12 -51.58 53.94 33.36
N ALA H 13 -51.37 52.88 34.05
CA ALA H 13 -50.08 52.93 34.67
C ALA H 13 -49.65 51.52 35.15
N PRO H 14 -48.44 51.05 34.80
CA PRO H 14 -48.10 49.59 34.89
C PRO H 14 -47.88 48.85 36.21
N GLY H 15 -48.12 47.51 36.18
CA GLY H 15 -47.95 46.57 37.29
C GLY H 15 -48.03 45.11 36.85
N HIS H 16 -48.16 44.14 37.79
CA HIS H 16 -47.91 42.68 37.64
C HIS H 16 -48.21 42.08 36.27
N GLY H 17 -47.22 41.38 35.70
CA GLY H 17 -47.41 40.80 34.38
C GLY H 17 -46.19 40.78 33.48
N PHE H 18 -46.41 40.62 32.18
CA PHE H 18 -45.33 40.63 31.17
C PHE H 18 -45.12 42.02 30.60
N GLY H 19 -44.59 42.93 31.40
CA GLY H 19 -44.13 44.17 30.81
C GLY H 19 -42.63 44.26 30.83
N GLY H 20 -42.12 45.37 31.36
CA GLY H 20 -40.71 45.66 31.41
C GLY H 20 -40.24 45.78 32.84
N ASN H 21 -40.65 44.83 33.66
CA ASN H 21 -40.00 44.59 34.94
C ASN H 21 -38.53 44.33 34.68
N VAL H 22 -37.69 45.18 35.27
CA VAL H 22 -36.38 45.50 34.71
C VAL H 22 -35.46 44.30 34.69
N LYS H 23 -34.47 44.37 33.80
CA LYS H 23 -33.81 43.22 33.23
C LYS H 23 -32.32 43.40 33.38
N VAL H 24 -31.54 42.37 33.05
CA VAL H 24 -30.09 42.47 33.06
C VAL H 24 -29.50 41.81 31.83
N SER H 25 -28.22 42.08 31.63
CA SER H 25 -27.37 41.37 30.68
C SER H 25 -25.99 41.35 31.30
N TYR H 26 -25.39 40.16 31.38
CA TYR H 26 -24.14 39.96 32.11
C TYR H 26 -23.14 39.23 31.23
N GLY H 27 -21.90 39.70 31.27
CA GLY H 27 -20.83 39.06 30.54
C GLY H 27 -19.58 39.03 31.37
N SER H 28 -18.72 38.06 31.10
CA SER H 28 -17.45 37.93 31.81
C SER H 28 -16.35 37.70 30.80
N VAL H 29 -15.78 38.79 30.28
CA VAL H 29 -14.68 38.71 29.32
C VAL H 29 -13.40 38.40 30.09
N ALA H 30 -12.56 37.55 29.51
CA ALA H 30 -11.35 37.07 30.15
C ALA H 30 -10.13 37.60 29.39
N PHE H 31 -9.36 38.47 30.04
CA PHE H 31 -8.15 39.00 29.43
C PHE H 31 -6.96 38.11 29.79
N THR H 32 -6.05 37.90 28.84
CA THR H 32 -4.89 37.06 29.07
C THR H 32 -3.76 37.45 28.11
N GLY H 33 -2.54 37.08 28.47
CA GLY H 33 -1.39 37.47 27.67
C GLY H 33 -0.93 38.86 28.07
N THR H 34 -0.44 39.60 27.08
CA THR H 34 -0.14 41.00 27.30
C THR H 34 -1.33 41.85 26.87
N ILE H 35 -1.47 43.02 27.48
CA ILE H 35 -2.66 43.86 27.33
C ILE H 35 -2.24 45.19 26.72
N THR H 36 -2.58 45.39 25.45
CA THR H 36 -2.30 46.63 24.73
C THR H 36 -3.61 47.35 24.45
N THR H 37 -3.53 48.43 23.68
CA THR H 37 -4.70 49.20 23.31
C THR H 37 -5.39 48.69 22.04
N ALA H 38 -5.06 47.47 21.60
CA ALA H 38 -5.70 46.87 20.44
C ALA H 38 -6.68 45.77 20.85
N ASP H 39 -7.40 45.99 21.95
CA ASP H 39 -8.28 44.98 22.53
C ASP H 39 -9.73 45.44 22.41
N ALA H 40 -10.61 44.51 22.06
CA ALA H 40 -12.04 44.79 21.93
C ALA H 40 -12.79 43.48 22.02
N ALA H 41 -13.90 43.49 22.75
CA ALA H 41 -14.68 42.28 22.96
C ALA H 41 -16.08 42.65 23.41
N THR H 42 -17.06 41.90 22.91
CA THR H 42 -18.42 42.02 23.40
C THR H 42 -18.58 41.25 24.70
N VAL H 43 -19.32 41.82 25.64
CA VAL H 43 -19.68 41.14 26.86
C VAL H 43 -21.16 40.74 26.87
N CYS H 44 -22.02 41.57 26.30
CA CYS H 44 -23.44 41.32 26.29
C CYS H 44 -24.05 42.11 25.14
N ASN H 45 -25.32 41.86 24.88
CA ASN H 45 -26.01 42.51 23.78
C ASN H 45 -27.43 42.90 24.20
N LEU H 46 -27.85 44.07 23.74
CA LEU H 46 -29.03 44.78 24.18
C LEU H 46 -30.11 44.75 23.10
N PRO H 47 -31.37 45.04 23.46
CA PRO H 47 -32.42 45.17 22.44
C PRO H 47 -32.28 46.42 21.59
N VAL H 48 -33.28 46.61 20.74
CA VAL H 48 -33.40 47.86 20.00
C VAL H 48 -34.22 48.87 20.79
N GLY H 49 -35.49 48.58 21.04
CA GLY H 49 -36.31 49.52 21.77
C GLY H 49 -36.21 49.36 23.28
N ALA H 50 -35.13 49.84 23.89
CA ALA H 50 -34.93 49.69 25.33
C ALA H 50 -34.24 50.92 25.87
N ILE H 51 -34.48 51.24 27.14
CA ILE H 51 -33.80 52.34 27.82
C ILE H 51 -33.03 51.79 29.02
N VAL H 52 -31.75 52.14 29.07
CA VAL H 52 -30.81 51.64 30.06
C VAL H 52 -31.10 52.30 31.40
N LEU H 53 -30.95 51.56 32.49
CA LEU H 53 -31.07 52.10 33.84
C LEU H 53 -29.74 52.30 34.53
N GLY H 54 -28.81 51.35 34.41
CA GLY H 54 -27.53 51.47 35.07
C GLY H 54 -26.58 50.36 34.71
N VAL H 55 -25.29 50.66 34.65
CA VAL H 55 -24.26 49.70 34.25
C VAL H 55 -23.30 49.53 35.42
N THR H 56 -23.06 48.28 35.81
CA THR H 56 -22.16 47.95 36.91
C THR H 56 -20.93 47.27 36.34
N LEU H 57 -19.75 47.75 36.71
CA LEU H 57 -18.48 47.28 36.16
C LEU H 57 -17.59 46.80 37.29
N GLU H 58 -17.42 45.48 37.40
CA GLU H 58 -16.54 44.88 38.38
C GLU H 58 -15.47 44.08 37.66
N SER H 59 -14.20 44.27 38.05
CA SER H 59 -13.09 43.58 37.42
C SER H 59 -12.14 43.06 38.48
N ASP H 60 -11.16 42.28 38.04
CA ASP H 60 -10.11 41.77 38.91
C ASP H 60 -8.93 42.74 38.88
N ASP H 61 -7.82 42.33 39.49
CA ASP H 61 -6.58 43.09 39.41
C ASP H 61 -5.79 42.64 38.17
N LEU H 62 -5.62 43.55 37.23
CA LEU H 62 -5.03 43.20 35.94
C LEU H 62 -3.62 43.76 35.77
N ASP H 63 -3.26 44.81 36.48
CA ASP H 63 -1.94 45.41 36.39
C ASP H 63 -1.37 45.52 37.79
N THR H 64 -0.50 44.58 38.14
CA THR H 64 0.07 44.48 39.48
C THR H 64 1.43 45.17 39.50
N ASN H 65 1.42 46.50 39.53
CA ASN H 65 2.63 47.30 39.54
C ASN H 65 2.61 48.20 40.78
N ALA H 66 3.77 48.74 41.11
CA ALA H 66 3.84 49.79 42.12
C ALA H 66 3.16 51.07 41.64
N THR H 67 3.14 51.30 40.33
CA THR H 67 2.37 52.41 39.74
C THR H 67 1.52 51.82 38.63
N PRO H 68 0.26 51.47 38.92
CA PRO H 68 -0.59 50.89 37.87
C PRO H 68 -1.12 51.93 36.90
N THR H 69 -1.33 51.53 35.66
CA THR H 69 -1.73 52.46 34.61
C THR H 69 -2.75 51.88 33.63
N ILE H 70 -3.37 50.74 33.94
CA ILE H 70 -4.34 50.16 33.03
C ILE H 70 -5.63 50.96 33.12
N THR H 71 -6.36 51.04 32.00
CA THR H 71 -7.50 51.94 31.88
C THR H 71 -8.45 51.40 30.82
N LEU H 72 -9.73 51.24 31.20
CA LEU H 72 -10.73 50.59 30.35
C LEU H 72 -11.75 51.60 29.85
N ASN H 73 -12.37 51.26 28.71
CA ASN H 73 -13.51 51.99 28.17
C ASN H 73 -14.64 51.01 27.87
N VAL H 74 -15.86 51.40 28.24
CA VAL H 74 -17.05 50.59 27.99
C VAL H 74 -17.98 51.39 27.10
N GLY H 75 -18.38 50.81 25.98
CA GLY H 75 -19.26 51.48 25.05
C GLY H 75 -19.75 50.51 24.00
N ASP H 76 -20.25 51.08 22.90
CA ASP H 76 -20.77 50.28 21.80
C ASP H 76 -20.12 50.74 20.49
N ALA H 77 -20.67 50.28 19.37
CA ALA H 77 -20.05 50.54 18.07
C ALA H 77 -20.19 52.00 17.64
N GLY H 78 -21.21 52.69 18.11
CA GLY H 78 -21.36 54.10 17.80
C GLY H 78 -20.41 54.97 18.59
N SER H 79 -20.50 54.92 19.91
CA SER H 79 -19.61 55.65 20.81
C SER H 79 -18.80 54.64 21.59
N ALA H 80 -17.47 54.72 21.46
CA ALA H 80 -16.58 53.77 22.13
C ALA H 80 -16.49 54.02 23.63
N THR H 81 -16.83 55.22 24.08
CA THR H 81 -16.77 55.61 25.48
C THR H 81 -18.11 56.11 25.99
N ARG H 82 -19.19 55.38 25.71
CA ARG H 82 -20.53 55.88 25.98
C ARG H 82 -20.92 55.69 27.45
N TYR H 83 -20.63 54.52 28.01
CA TYR H 83 -21.03 54.27 29.40
C TYR H 83 -19.92 54.66 30.37
N PHE H 84 -18.74 54.07 30.22
CA PHE H 84 -17.60 54.39 31.05
C PHE H 84 -16.50 55.01 30.21
N SER H 85 -15.83 56.02 30.78
CA SER H 85 -14.70 56.68 30.15
C SER H 85 -13.60 56.76 31.20
N ALA H 86 -12.47 56.09 30.92
CA ALA H 86 -11.30 56.03 31.79
C ALA H 86 -11.65 55.48 33.17
N SER H 87 -12.01 54.19 33.19
CA SER H 87 -12.59 53.57 34.37
C SER H 87 -11.58 53.39 35.50
N THR H 88 -10.44 52.79 35.18
CA THR H 88 -9.35 52.43 36.10
C THR H 88 -9.81 51.60 37.29
N VAL H 89 -10.68 50.62 37.09
CA VAL H 89 -11.06 49.70 38.16
C VAL H 89 -10.25 48.41 38.10
N ALA H 90 -9.52 48.18 37.03
CA ALA H 90 -8.68 46.99 36.89
C ALA H 90 -7.31 47.15 37.53
N GLN H 91 -7.00 48.33 38.07
CA GLN H 91 -5.73 48.53 38.75
C GLN H 91 -5.72 47.81 40.09
N ALA H 92 -4.55 47.35 40.48
CA ALA H 92 -4.40 46.50 41.67
C ALA H 92 -4.36 47.29 42.96
N GLY H 93 -4.43 48.61 42.91
CA GLY H 93 -4.39 49.42 44.13
C GLY H 93 -5.73 49.99 44.51
N THR H 94 -6.52 50.38 43.51
CA THR H 94 -7.82 50.99 43.75
C THR H 94 -8.89 49.91 43.93
N SER H 95 -10.13 50.35 44.09
CA SER H 95 -11.26 49.47 44.27
C SER H 95 -12.01 49.27 42.95
N SER H 96 -12.69 48.14 42.87
CA SER H 96 -13.53 47.81 41.73
C SER H 96 -14.96 48.30 41.95
N SER H 97 -15.90 47.80 41.16
CA SER H 97 -17.35 48.01 41.30
C SER H 97 -17.72 49.49 41.21
N ALA H 98 -17.51 50.08 40.05
CA ALA H 98 -17.93 51.46 39.83
C ALA H 98 -19.23 51.50 39.04
N PRO H 99 -20.24 52.21 39.52
CA PRO H 99 -21.48 52.36 38.74
C PRO H 99 -21.33 53.42 37.66
N ALA H 100 -22.18 53.31 36.64
CA ALA H 100 -22.15 54.22 35.51
C ALA H 100 -22.73 55.57 35.90
N THR H 101 -22.14 56.64 35.35
CA THR H 101 -22.59 58.00 35.62
C THR H 101 -22.96 58.79 34.37
N THR H 102 -22.63 58.31 33.17
CA THR H 102 -22.87 59.05 31.94
C THR H 102 -23.73 58.24 31.00
N GLY H 103 -24.71 58.91 30.37
CA GLY H 103 -25.56 58.30 29.36
C GLY H 103 -26.45 57.20 29.87
N LEU H 104 -27.40 57.53 30.76
CA LEU H 104 -28.20 56.48 31.38
C LEU H 104 -29.52 56.27 30.66
N LEU H 105 -30.39 57.28 30.65
CA LEU H 105 -31.77 57.11 30.22
C LEU H 105 -31.89 57.54 28.76
N TRP H 106 -31.62 56.59 27.86
CA TRP H 106 -31.62 56.87 26.43
C TRP H 106 -32.02 55.62 25.67
N THR H 107 -32.78 55.81 24.59
CA THR H 107 -33.29 54.69 23.81
C THR H 107 -32.21 54.18 22.86
N VAL H 108 -31.97 52.88 22.88
CA VAL H 108 -30.97 52.26 22.03
C VAL H 108 -31.40 52.39 20.56
N THR H 109 -30.46 52.72 19.70
CA THR H 109 -30.71 52.82 18.27
C THR H 109 -30.25 51.55 17.59
N GLU H 110 -30.47 51.46 16.28
CA GLU H 110 -30.08 50.29 15.52
C GLU H 110 -28.59 50.34 15.20
N GLY H 111 -27.93 49.20 15.36
CA GLY H 111 -26.50 49.13 15.21
C GLY H 111 -25.71 49.48 16.45
N ASN H 112 -26.39 49.67 17.58
CA ASN H 112 -25.74 50.00 18.85
C ASN H 112 -26.11 48.98 19.92
N THR H 113 -26.33 47.74 19.51
CA THR H 113 -26.87 46.71 20.38
C THR H 113 -25.84 45.70 20.83
N ALA H 114 -24.60 46.12 21.05
CA ALA H 114 -23.53 45.23 21.53
C ALA H 114 -22.56 46.07 22.35
N VAL H 115 -22.36 45.68 23.61
CA VAL H 115 -21.52 46.45 24.51
C VAL H 115 -20.09 45.96 24.40
N ARG H 116 -19.18 46.84 24.02
CA ARG H 116 -17.77 46.53 23.86
C ARG H 116 -16.98 46.97 25.07
N ILE H 117 -15.86 46.29 25.31
CA ILE H 117 -14.84 46.74 26.24
C ILE H 117 -13.56 46.94 25.46
N ALA H 118 -13.08 48.17 25.41
CA ALA H 118 -11.82 48.50 24.76
C ALA H 118 -10.85 49.04 25.80
N VAL H 119 -9.59 48.71 25.63
CA VAL H 119 -8.54 49.11 26.57
C VAL H 119 -8.00 50.46 26.12
N ALA H 120 -7.97 51.43 27.03
CA ALA H 120 -7.58 52.79 26.66
C ALA H 120 -6.09 53.02 26.82
N ASN H 121 -5.50 52.54 27.90
CA ASN H 121 -4.09 52.73 28.19
C ASN H 121 -3.42 51.38 28.38
N ASN H 122 -2.15 51.31 28.00
CA ASN H 122 -1.39 50.07 28.07
C ASN H 122 -1.15 49.67 29.52
N ALA H 123 -1.11 48.36 29.75
CA ALA H 123 -0.81 47.85 31.08
C ALA H 123 0.70 47.78 31.27
N ALA H 124 1.16 48.24 32.44
CA ALA H 124 2.58 48.25 32.75
C ALA H 124 3.13 46.86 32.98
N THR H 125 2.33 45.99 33.61
CA THR H 125 2.66 44.58 33.74
C THR H 125 1.38 43.76 33.75
N SER H 126 1.15 43.04 32.65
CA SER H 126 -0.11 42.37 32.39
C SER H 126 -0.24 41.14 33.28
N ALA H 127 -1.37 41.01 33.95
CA ALA H 127 -1.72 39.82 34.71
C ALA H 127 -2.90 39.12 34.04
N ASP H 128 -3.40 38.08 34.69
CA ASP H 128 -4.52 37.31 34.20
C ASP H 128 -5.74 37.56 35.09
N GLY H 129 -6.86 37.89 34.45
CA GLY H 129 -8.06 38.17 35.21
C GLY H 129 -9.28 38.17 34.33
N SER H 130 -10.35 38.78 34.82
CA SER H 130 -11.60 38.85 34.08
C SER H 130 -12.35 40.11 34.49
N VAL H 131 -13.25 40.57 33.60
CA VAL H 131 -14.00 41.80 33.78
C VAL H 131 -15.49 41.47 33.61
N ARG H 132 -16.30 41.93 34.55
CA ARG H 132 -17.74 41.65 34.56
C ARG H 132 -18.53 42.94 34.36
N VAL H 133 -19.56 42.88 33.51
CA VAL H 133 -20.42 44.02 33.21
C VAL H 133 -21.87 43.55 33.36
N ALA H 134 -22.67 44.33 34.10
CA ALA H 134 -24.11 44.07 34.22
C ALA H 134 -24.87 45.32 33.84
N VAL H 135 -25.72 45.22 32.82
CA VAL H 135 -26.44 46.37 32.27
C VAL H 135 -27.92 46.17 32.53
N THR H 136 -28.52 47.09 33.28
CA THR H 136 -29.94 47.03 33.60
C THR H 136 -30.73 47.93 32.67
N TYR H 137 -31.88 47.45 32.24
CA TYR H 137 -32.74 48.18 31.31
C TYR H 137 -34.14 47.62 31.41
N TYR H 138 -35.01 48.06 30.50
CA TYR H 138 -36.34 47.49 30.38
C TYR H 138 -36.92 47.80 29.00
N LEU H 139 -38.09 47.22 28.74
CA LEU H 139 -38.75 47.35 27.45
C LEU H 139 -40.10 47.99 27.62
N PRO H 140 -40.65 48.63 26.60
CA PRO H 140 -42.07 48.97 26.59
C PRO H 140 -42.93 47.84 26.03
N MET I 1 -28.46 42.84 73.10
CA MET I 1 -29.08 41.57 73.48
C MET I 1 -30.60 41.42 73.17
N PRO I 2 -31.46 42.45 73.33
CA PRO I 2 -32.86 42.23 72.92
C PRO I 2 -33.12 42.46 71.44
N ALA I 3 -32.06 42.61 70.63
CA ALA I 3 -32.22 42.74 69.19
C ALA I 3 -32.59 41.41 68.59
N THR I 4 -33.89 41.14 68.52
CA THR I 4 -34.42 39.88 68.03
C THR I 4 -34.39 39.87 66.52
N ASN I 5 -34.72 38.71 65.94
CA ASN I 5 -35.05 38.64 64.52
C ASN I 5 -36.25 39.53 64.22
N SER I 6 -36.36 39.90 62.95
CA SER I 6 -37.25 40.95 62.49
C SER I 6 -38.72 40.59 62.64
N ALA I 7 -39.59 41.55 62.30
CA ALA I 7 -41.02 41.29 62.15
C ALA I 7 -41.29 40.23 61.11
N GLN I 8 -40.45 40.17 60.08
CA GLN I 8 -40.13 38.94 59.39
C GLN I 8 -39.38 37.95 60.30
N ALA I 9 -39.98 36.82 60.72
CA ALA I 9 -39.21 35.82 61.47
C ALA I 9 -39.55 34.34 61.18
N ARG I 10 -40.41 34.02 60.21
CA ARG I 10 -40.94 32.66 60.06
C ARG I 10 -40.88 32.05 58.61
N LEU I 11 -41.20 32.79 57.51
CA LEU I 11 -41.36 32.31 56.10
C LEU I 11 -40.20 32.08 55.17
N ALA I 12 -40.57 31.30 54.18
CA ALA I 12 -40.07 31.15 52.83
C ALA I 12 -40.08 32.44 52.04
N ALA I 13 -39.81 32.31 50.79
CA ALA I 13 -38.94 33.35 50.33
C ALA I 13 -38.94 33.43 48.79
N PRO I 14 -39.16 34.61 48.18
CA PRO I 14 -39.56 34.70 46.75
C PRO I 14 -38.58 34.43 45.58
N GLY I 15 -39.16 34.03 44.42
CA GLY I 15 -38.46 33.75 43.16
C GLY I 15 -39.42 33.60 41.98
N HIS I 16 -38.96 33.07 40.82
CA HIS I 16 -39.57 33.14 39.47
C HIS I 16 -41.10 33.16 39.42
N GLY I 17 -41.66 34.16 38.74
CA GLY I 17 -43.11 34.28 38.67
C GLY I 17 -43.67 35.69 38.65
N PHE I 18 -44.95 35.83 38.98
CA PHE I 18 -45.62 37.14 39.06
C PHE I 18 -45.58 37.70 40.48
N GLY I 19 -44.41 38.10 40.92
CA GLY I 19 -44.39 38.87 42.15
C GLY I 19 -44.00 40.31 41.88
N GLY I 20 -43.01 40.79 42.61
CA GLY I 20 -42.54 42.16 42.54
C GLY I 20 -41.10 42.22 42.07
N ASN I 21 -40.80 41.46 41.03
CA ASN I 21 -39.60 41.67 40.27
C ASN I 21 -39.61 43.11 39.76
N VAL I 22 -38.58 43.86 40.16
CA VAL I 22 -38.68 45.30 40.34
C VAL I 22 -38.94 46.01 39.03
N LYS I 23 -39.50 47.21 39.15
CA LYS I 23 -40.30 47.85 38.11
C LYS I 23 -39.77 49.24 37.90
N VAL I 24 -40.28 49.93 36.87
CA VAL I 24 -39.93 51.31 36.63
C VAL I 24 -41.14 52.13 36.27
N SER I 25 -40.95 53.45 36.30
CA SER I 25 -41.89 54.41 35.75
C SER I 25 -41.04 55.55 35.21
N TYR I 26 -41.27 55.93 33.95
CA TYR I 26 -40.41 56.88 33.25
C TYR I 26 -41.26 57.97 32.62
N GLY I 27 -40.78 59.21 32.76
CA GLY I 27 -41.45 60.35 32.16
C GLY I 27 -40.42 61.28 31.58
N SER I 28 -40.84 62.05 30.57
CA SER I 28 -39.98 63.02 29.93
C SER I 28 -40.74 64.33 29.80
N VAL I 29 -40.69 65.17 30.82
CA VAL I 29 -41.33 66.48 30.82
C VAL I 29 -40.48 67.42 29.97
N ALA I 30 -41.14 68.27 29.19
CA ALA I 30 -40.47 69.17 28.28
C ALA I 30 -40.69 70.61 28.71
N PHE I 31 -39.62 71.28 29.12
CA PHE I 31 -39.72 72.68 29.53
C PHE I 31 -39.46 73.57 28.32
N THR I 32 -40.20 74.68 28.22
CA THR I 32 -40.06 75.60 27.11
C THR I 32 -40.52 76.99 27.52
N GLY I 33 -40.08 78.00 26.78
CA GLY I 33 -40.40 79.37 27.13
C GLY I 33 -39.43 79.89 28.17
N THR I 34 -39.95 80.73 29.05
CA THR I 34 -39.17 81.16 30.21
C THR I 34 -39.50 80.26 31.40
N ILE I 35 -38.54 80.12 32.31
CA ILE I 35 -38.63 79.16 33.40
C ILE I 35 -38.60 79.91 34.72
N THR I 36 -39.74 79.98 35.39
CA THR I 36 -39.86 80.62 36.69
C THR I 36 -40.16 79.56 37.74
N THR I 37 -40.43 80.01 38.97
CA THR I 37 -40.73 79.11 40.08
C THR I 37 -42.21 78.75 40.17
N ALA I 38 -42.99 79.01 39.12
CA ALA I 38 -44.40 78.65 39.07
C ALA I 38 -44.65 77.45 38.15
N ASP I 39 -43.73 76.49 38.16
CA ASP I 39 -43.77 75.34 37.27
C ASP I 39 -44.03 74.08 38.06
N ALA I 40 -44.88 73.20 37.53
CA ALA I 40 -45.20 71.94 38.16
C ALA I 40 -45.77 71.01 37.09
N ALA I 41 -45.34 69.75 37.12
CA ALA I 41 -45.77 68.78 36.12
C ALA I 41 -45.53 67.37 36.64
N THR I 42 -46.47 66.48 36.34
CA THR I 42 -46.28 65.06 36.61
C THR I 42 -45.42 64.45 35.53
N VAL I 43 -44.51 63.56 35.91
CA VAL I 43 -43.75 62.76 34.98
C VAL I 43 -44.22 61.31 34.95
N CYS I 44 -44.61 60.77 36.10
CA CYS I 44 -45.02 59.39 36.20
C CYS I 44 -45.91 59.25 37.43
N ASN I 45 -46.51 58.08 37.57
CA ASN I 45 -47.41 57.83 38.69
C ASN I 45 -47.19 56.43 39.23
N LEU I 46 -47.26 56.32 40.56
CA LEU I 46 -46.87 55.17 41.35
C LEU I 46 -48.09 54.44 41.91
N PRO I 47 -47.93 53.20 42.35
CA PRO I 47 -49.02 52.50 43.04
C PRO I 47 -49.31 53.05 44.42
N VAL I 48 -50.22 52.38 45.10
CA VAL I 48 -50.45 52.64 46.51
C VAL I 48 -49.54 51.78 47.38
N GLY I 49 -49.71 50.47 47.34
CA GLY I 49 -48.86 49.61 48.15
C GLY I 49 -47.54 49.26 47.50
N ALA I 50 -46.58 50.18 47.49
CA ALA I 50 -45.29 49.93 46.85
C ALA I 50 -44.20 50.62 47.65
N ILE I 51 -42.99 50.06 47.59
CA ILE I 51 -41.82 50.66 48.23
C ILE I 51 -40.78 50.98 47.16
N VAL I 52 -40.33 52.23 47.17
CA VAL I 52 -39.40 52.76 46.17
C VAL I 52 -38.01 52.20 46.42
N LEU I 53 -37.26 51.93 45.36
CA LEU I 53 -35.87 51.51 45.45
C LEU I 53 -34.88 52.60 45.10
N GLY I 54 -35.15 53.37 44.05
CA GLY I 54 -34.23 54.42 43.66
C GLY I 54 -34.76 55.27 42.52
N VAL I 55 -34.43 56.56 42.54
CA VAL I 55 -34.91 57.51 41.54
C VAL I 55 -33.70 58.07 40.79
N THR I 56 -33.75 58.00 39.46
CA THR I 56 -32.70 58.51 38.60
C THR I 56 -33.20 59.73 37.87
N LEU I 57 -32.42 60.82 37.92
CA LEU I 57 -32.82 62.11 37.38
C LEU I 57 -31.79 62.57 36.36
N GLU I 58 -32.13 62.51 35.08
CA GLU I 58 -31.28 63.00 34.01
C GLU I 58 -31.99 64.10 33.25
N SER I 59 -31.30 65.21 33.01
CA SER I 59 -31.87 66.35 32.33
C SER I 59 -30.90 66.87 31.29
N ASP I 60 -31.38 67.82 30.49
CA ASP I 60 -30.55 68.50 29.50
C ASP I 60 -29.96 69.76 30.12
N ASP I 61 -29.32 70.59 29.30
CA ASP I 61 -28.86 71.90 29.73
C ASP I 61 -29.97 72.92 29.53
N LEU I 62 -30.44 73.49 30.64
CA LEU I 62 -31.60 74.37 30.58
C LEU I 62 -31.25 75.83 30.82
N ASP I 63 -30.13 76.11 31.48
CA ASP I 63 -29.72 77.48 31.77
C ASP I 63 -28.28 77.63 31.28
N THR I 64 -28.11 78.23 30.11
CA THR I 64 -26.81 78.37 29.45
C THR I 64 -26.27 79.76 29.77
N ASN I 65 -25.74 79.91 30.98
CA ASN I 65 -25.17 81.17 31.43
C ASN I 65 -23.73 80.93 31.86
N ALA I 66 -22.98 82.02 31.99
CA ALA I 66 -21.66 81.93 32.62
C ALA I 66 -21.76 81.60 34.10
N THR I 67 -22.87 81.98 34.74
CA THR I 67 -23.16 81.59 36.12
C THR I 67 -24.57 81.00 36.13
N PRO I 68 -24.71 79.69 36.01
CA PRO I 68 -26.06 79.09 36.01
C PRO I 68 -26.65 79.01 37.39
N THR I 69 -27.98 79.11 37.47
CA THR I 69 -28.67 79.16 38.76
C THR I 69 -30.00 78.40 38.77
N ILE I 70 -30.27 77.57 37.77
CA ILE I 70 -31.52 76.81 37.75
C ILE I 70 -31.42 75.67 38.75
N THR I 71 -32.56 75.31 39.36
CA THR I 71 -32.58 74.39 40.49
C THR I 71 -33.94 73.71 40.55
N LEU I 72 -33.94 72.38 40.58
CA LEU I 72 -35.16 71.58 40.48
C LEU I 72 -35.47 70.89 41.81
N ASN I 73 -36.75 70.58 42.01
CA ASN I 73 -37.22 69.76 43.11
C ASN I 73 -38.09 68.64 42.57
N VAL I 74 -37.89 67.43 43.08
CA VAL I 74 -38.67 66.26 42.70
C VAL I 74 -39.38 65.74 43.93
N GLY I 75 -40.69 65.61 43.85
CA GLY I 75 -41.48 65.12 44.97
C GLY I 75 -42.89 64.83 44.53
N ASP I 76 -43.78 64.74 45.51
CA ASP I 76 -45.18 64.45 45.26
C ASP I 76 -46.05 65.50 45.94
N ALA I 77 -47.36 65.24 46.01
CA ALA I 77 -48.30 66.24 46.52
C ALA I 77 -48.18 66.43 48.03
N GLY I 78 -47.73 65.42 48.75
CA GLY I 78 -47.51 65.56 50.18
C GLY I 78 -46.28 66.36 50.50
N SER I 79 -45.12 65.88 50.06
CA SER I 79 -43.85 66.58 50.23
C SER I 79 -43.33 66.99 48.86
N ALA I 80 -43.13 68.29 48.68
CA ALA I 80 -42.69 68.81 47.40
C ALA I 80 -41.22 68.51 47.11
N THR I 81 -40.45 68.22 48.16
CA THR I 81 -39.03 67.94 48.04
C THR I 81 -38.67 66.58 48.66
N ARG I 82 -39.44 65.55 48.32
CA ARG I 82 -39.28 64.26 49.01
C ARG I 82 -38.12 63.45 48.45
N TYR I 83 -37.97 63.40 47.13
CA TYR I 83 -36.90 62.60 46.55
C TYR I 83 -35.65 63.42 46.34
N PHE I 84 -35.74 64.51 45.57
CA PHE I 84 -34.63 65.40 45.33
C PHE I 84 -34.91 66.76 45.92
N SER I 85 -33.88 67.37 46.51
CA SER I 85 -33.96 68.71 47.06
C SER I 85 -32.75 69.48 46.55
N ALA I 86 -33.00 70.53 45.75
CA ALA I 86 -31.98 71.39 45.15
C ALA I 86 -31.01 70.58 44.29
N SER I 87 -31.55 70.06 43.18
CA SER I 87 -30.84 69.09 42.37
C SER I 87 -29.66 69.70 41.61
N THR I 88 -29.93 70.79 40.89
CA THR I 88 -28.99 71.50 40.01
C THR I 88 -28.32 70.61 38.97
N VAL I 89 -29.05 69.70 38.34
CA VAL I 89 -28.51 68.92 37.24
C VAL I 89 -28.86 69.52 35.88
N ALA I 90 -29.75 70.50 35.85
CA ALA I 90 -30.14 71.15 34.61
C ALA I 90 -29.20 72.30 34.24
N GLN I 91 -28.21 72.60 35.07
CA GLN I 91 -27.25 73.64 34.75
C GLN I 91 -26.31 73.16 33.65
N ALA I 92 -25.86 74.11 32.83
CA ALA I 92 -25.08 73.79 31.64
C ALA I 92 -23.60 73.57 31.94
N GLY I 93 -23.17 73.71 33.19
CA GLY I 93 -21.77 73.50 33.53
C GLY I 93 -21.51 72.21 34.25
N THR I 94 -22.43 71.79 35.10
CA THR I 94 -22.29 70.57 35.89
C THR I 94 -22.75 69.37 35.09
N SER I 95 -22.71 68.21 35.73
CA SER I 95 -23.12 66.95 35.12
C SER I 95 -24.54 66.59 35.53
N SER I 96 -25.20 65.81 34.68
CA SER I 96 -26.52 65.30 34.93
C SER I 96 -26.44 63.95 35.63
N SER I 97 -27.55 63.21 35.66
CA SER I 97 -27.66 61.83 36.14
C SER I 97 -27.27 61.70 37.62
N ALA I 98 -28.07 62.32 38.48
CA ALA I 98 -27.84 62.17 39.91
C ALA I 98 -28.82 61.17 40.49
N PRO I 99 -28.35 60.16 41.24
CA PRO I 99 -29.27 59.25 41.91
C PRO I 99 -29.81 59.84 43.19
N ALA I 100 -30.97 59.30 43.61
CA ALA I 100 -31.64 59.78 44.81
C ALA I 100 -30.91 59.31 46.06
N THR I 101 -30.89 60.18 47.07
CA THR I 101 -30.25 59.86 48.34
C THR I 101 -31.16 59.98 49.55
N THR I 102 -32.35 60.56 49.42
CA THR I 102 -33.24 60.79 50.55
C THR I 102 -34.58 60.12 50.30
N GLY I 103 -35.10 59.47 51.34
CA GLY I 103 -36.43 58.87 51.30
C GLY I 103 -36.57 57.73 50.34
N LEU I 104 -35.85 56.62 50.57
CA LEU I 104 -35.85 55.54 49.60
C LEU I 104 -36.88 54.46 49.95
N LEU I 105 -36.68 53.78 51.07
CA LEU I 105 -37.44 52.57 51.38
C LEU I 105 -38.63 52.94 52.26
N TRP I 106 -39.74 53.31 51.62
CA TRP I 106 -40.92 53.74 52.34
C TRP I 106 -42.16 53.42 51.52
N THR I 107 -43.23 53.03 52.21
CA THR I 107 -44.47 52.62 51.56
C THR I 107 -45.27 53.85 51.15
N VAL I 108 -45.69 53.88 49.88
CA VAL I 108 -46.47 54.99 49.35
C VAL I 108 -47.83 55.02 50.04
N THR I 109 -48.29 56.21 50.42
CA THR I 109 -49.59 56.38 51.01
C THR I 109 -50.58 56.83 49.95
N GLU I 110 -51.84 56.99 50.35
CA GLU I 110 -52.89 57.41 49.43
C GLU I 110 -52.81 58.91 49.22
N GLY I 111 -52.96 59.34 47.97
CA GLY I 111 -52.81 60.74 47.63
C GLY I 111 -51.39 61.18 47.37
N ASN I 112 -50.44 60.24 47.35
CA ASN I 112 -49.04 60.54 47.08
C ASN I 112 -48.52 59.74 45.90
N THR I 113 -49.40 59.47 44.93
CA THR I 113 -49.11 58.56 43.84
C THR I 113 -48.86 59.28 42.52
N ALA I 114 -48.23 60.45 42.55
CA ALA I 114 -47.90 61.20 41.35
C ALA I 114 -46.64 62.01 41.61
N VAL I 115 -45.60 61.79 40.81
CA VAL I 115 -44.32 62.43 41.04
C VAL I 115 -44.28 63.76 40.29
N ARG I 116 -44.10 64.84 41.02
CA ARG I 116 -44.06 66.18 40.46
C ARG I 116 -42.62 66.65 40.29
N ILE I 117 -42.43 67.54 39.32
CA ILE I 117 -41.19 68.32 39.21
C ILE I 117 -41.55 69.79 39.34
N ALA I 118 -41.04 70.42 40.39
CA ALA I 118 -41.22 71.84 40.60
C ALA I 118 -39.87 72.54 40.55
N VAL I 119 -39.87 73.74 40.00
CA VAL I 119 -38.65 74.52 39.84
C VAL I 119 -38.44 75.36 41.09
N ALA I 120 -37.25 75.26 41.68
CA ALA I 120 -37.00 75.92 42.96
C ALA I 120 -36.46 77.33 42.77
N ASN I 121 -35.53 77.51 41.84
CA ASN I 121 -34.88 78.79 41.62
C ASN I 121 -35.06 79.18 40.16
N ASN I 122 -35.16 80.49 39.92
CA ASN I 122 -35.38 81.01 38.58
C ASN I 122 -34.17 80.78 37.69
N ALA I 123 -34.43 80.56 36.41
CA ALA I 123 -33.36 80.39 35.44
C ALA I 123 -32.89 81.76 34.96
N ALA I 124 -31.56 81.93 34.91
CA ALA I 124 -30.98 83.20 34.50
C ALA I 124 -31.17 83.45 33.01
N THR I 125 -31.08 82.40 32.20
CA THR I 125 -31.41 82.48 30.78
C THR I 125 -31.99 81.15 30.32
N SER I 126 -33.29 81.14 30.07
CA SER I 126 -34.05 79.92 29.83
C SER I 126 -33.73 79.38 28.44
N ALA I 127 -33.43 78.10 28.37
CA ALA I 127 -33.24 77.38 27.11
C ALA I 127 -34.37 76.35 26.96
N ASP I 128 -34.27 75.56 25.91
CA ASP I 128 -35.25 74.52 25.61
C ASP I 128 -34.62 73.16 25.84
N GLY I 129 -35.31 72.31 26.61
CA GLY I 129 -34.78 70.99 26.90
C GLY I 129 -35.84 70.09 27.46
N SER I 130 -35.41 69.02 28.11
CA SER I 130 -36.32 68.06 28.72
C SER I 130 -35.65 67.40 29.91
N VAL I 131 -36.48 66.88 30.81
CA VAL I 131 -36.03 66.27 32.06
C VAL I 131 -36.62 64.87 32.16
N ARG I 132 -35.78 63.88 32.47
CA ARG I 132 -36.19 62.50 32.54
C ARG I 132 -36.06 61.97 33.97
N VAL I 133 -37.07 61.23 34.42
CA VAL I 133 -37.12 60.65 35.76
C VAL I 133 -37.46 59.17 35.62
N ALA I 134 -36.69 58.31 36.28
CA ALA I 134 -36.98 56.88 36.34
C ALA I 134 -37.02 56.45 37.79
N VAL I 135 -38.17 55.92 38.22
CA VAL I 135 -38.40 55.54 39.61
C VAL I 135 -38.56 54.04 39.69
N THR I 136 -37.67 53.38 40.43
CA THR I 136 -37.71 51.95 40.61
C THR I 136 -38.39 51.58 41.92
N TYR I 137 -39.21 50.54 41.88
CA TYR I 137 -39.97 50.11 43.04
C TYR I 137 -40.38 48.66 42.82
N TYR I 138 -41.23 48.16 43.72
CA TYR I 138 -41.86 46.85 43.54
C TYR I 138 -43.09 46.73 44.40
N LEU I 139 -43.80 45.62 44.22
CA LEU I 139 -45.06 45.38 44.90
C LEU I 139 -44.97 44.14 45.75
N PRO I 140 -45.79 44.00 46.80
CA PRO I 140 -45.97 42.70 47.44
C PRO I 140 -47.08 41.89 46.77
N MET J 1 -3.87 40.89 22.83
CA MET J 1 -4.16 40.00 21.71
C MET J 1 -4.84 38.64 22.05
N PRO J 2 -4.48 37.93 23.13
CA PRO J 2 -5.24 36.70 23.43
C PRO J 2 -6.52 36.93 24.19
N ALA J 3 -6.96 38.18 24.34
CA ALA J 3 -8.22 38.49 24.99
C ALA J 3 -9.37 38.12 24.06
N THR J 4 -9.81 36.87 24.17
CA THR J 4 -10.86 36.34 23.31
C THR J 4 -12.22 36.82 23.82
N ASN J 5 -13.26 36.51 23.05
CA ASN J 5 -14.63 36.61 23.53
C ASN J 5 -14.82 35.70 24.74
N SER J 6 -15.82 36.01 25.54
CA SER J 6 -16.01 35.47 26.86
C SER J 6 -16.35 33.97 26.84
N ALA J 7 -16.47 33.39 28.04
CA ALA J 7 -17.02 32.05 28.21
C ALA J 7 -18.43 31.96 27.66
N GLN J 8 -19.18 33.04 27.76
CA GLN J 8 -20.21 33.37 26.79
C GLN J 8 -19.63 33.67 25.40
N ALA J 9 -19.83 32.82 24.37
CA ALA J 9 -19.39 33.19 23.02
C ALA J 9 -20.30 32.75 21.86
N ARG J 10 -21.48 32.17 22.11
CA ARG J 10 -22.27 31.52 21.06
C ARG J 10 -23.78 31.92 20.98
N LEU J 11 -24.55 32.06 22.10
CA LEU J 11 -26.03 32.25 22.18
C LEU J 11 -26.69 33.60 22.01
N ALA J 12 -27.97 33.43 21.73
CA ALA J 12 -29.12 34.28 21.93
C ALA J 12 -29.32 34.68 23.38
N ALA J 13 -30.42 35.30 23.61
CA ALA J 13 -30.23 36.39 24.51
C ALA J 13 -31.58 36.86 25.10
N PRO J 14 -31.70 37.00 26.44
CA PRO J 14 -33.03 37.07 27.10
C PRO J 14 -33.97 38.29 27.01
N GLY J 15 -35.29 38.03 27.18
CA GLY J 15 -36.38 39.02 27.18
C GLY J 15 -37.70 38.45 27.68
N HIS J 16 -38.84 39.16 27.49
CA HIS J 16 -40.15 38.98 28.16
C HIS J 16 -40.52 37.56 28.57
N GLY J 17 -40.86 37.37 29.85
CA GLY J 17 -41.19 36.05 30.33
C GLY J 17 -40.78 35.72 31.75
N PHE J 18 -40.72 34.43 32.08
CA PHE J 18 -40.28 33.96 33.40
C PHE J 18 -38.79 33.66 33.41
N GLY J 19 -37.97 34.69 33.35
CA GLY J 19 -36.57 34.45 33.63
C GLY J 19 -36.16 35.10 34.93
N GLY J 20 -35.09 35.89 34.88
CA GLY J 20 -34.52 36.55 36.04
C GLY J 20 -34.59 38.05 35.89
N ASN J 21 -35.75 38.53 35.49
CA ASN J 21 -36.09 39.93 35.66
C ASN J 21 -35.98 40.27 37.13
N VAL J 22 -35.09 41.24 37.43
CA VAL J 22 -34.38 41.29 38.71
C VAL J 22 -35.34 41.53 39.87
N LYS J 23 -34.88 41.13 41.04
CA LYS J 23 -35.73 40.78 42.16
C LYS J 23 -35.26 41.54 43.38
N VAL J 24 -36.01 41.45 44.47
CA VAL J 24 -35.62 42.06 45.73
C VAL J 24 -35.88 41.13 46.89
N SER J 25 -35.30 41.49 48.03
CA SER J 25 -35.62 40.90 49.33
C SER J 25 -35.46 42.03 50.34
N TYR J 26 -36.47 42.23 51.16
CA TYR J 26 -36.54 43.38 52.05
C TYR J 26 -36.86 42.92 53.47
N GLY J 27 -36.16 43.51 54.42
CA GLY J 27 -36.39 43.22 55.83
C GLY J 27 -36.31 44.49 56.63
N SER J 28 -37.01 44.50 57.77
CA SER J 28 -37.00 45.65 58.67
C SER J 28 -36.77 45.14 60.08
N VAL J 29 -35.52 45.00 60.48
CA VAL J 29 -35.15 44.58 61.82
C VAL J 29 -35.34 45.76 62.76
N ALA J 30 -35.85 45.50 63.96
CA ALA J 30 -36.17 46.53 64.93
C ALA J 30 -35.26 46.40 66.14
N PHE J 31 -34.40 47.38 66.35
CA PHE J 31 -33.51 47.37 67.50
C PHE J 31 -34.16 48.10 68.66
N THR J 32 -33.99 47.58 69.87
CA THR J 32 -34.59 48.17 71.07
C THR J 32 -33.78 47.81 72.31
N GLY J 33 -33.94 48.59 73.37
CA GLY J 33 -33.16 48.39 74.57
C GLY J 33 -31.82 49.06 74.44
N THR J 34 -30.81 48.44 75.04
CA THR J 34 -29.44 48.88 74.85
C THR J 34 -28.80 48.09 73.71
N ILE J 35 -27.83 48.70 73.03
CA ILE J 35 -27.25 48.16 71.82
C ILE J 35 -25.77 47.92 72.04
N THR J 36 -25.41 46.64 72.15
CA THR J 36 -24.02 46.23 72.32
C THR J 36 -23.56 45.49 71.06
N THR J 37 -22.35 44.93 71.12
CA THR J 37 -21.79 44.19 70.01
C THR J 37 -22.17 42.72 70.00
N ALA J 38 -23.18 42.33 70.79
CA ALA J 38 -23.67 40.96 70.83
C ALA J 38 -25.01 40.84 70.10
N ASP J 39 -25.18 41.55 69.00
CA ASP J 39 -26.45 41.63 68.28
C ASP J 39 -26.29 40.97 66.92
N ALA J 40 -27.29 40.19 66.52
CA ALA J 40 -27.32 39.53 65.23
C ALA J 40 -28.75 39.17 64.88
N ALA J 41 -29.12 39.40 63.62
CA ALA J 41 -30.49 39.15 63.19
C ALA J 41 -30.53 39.02 61.68
N THR J 42 -31.35 38.09 61.19
CA THR J 42 -31.63 37.99 59.77
C THR J 42 -32.65 39.05 59.37
N VAL J 43 -32.45 39.65 58.21
CA VAL J 43 -33.43 40.54 57.62
C VAL J 43 -34.13 39.91 56.42
N CYS J 44 -33.40 39.12 55.64
CA CYS J 44 -33.94 38.51 54.44
C CYS J 44 -33.10 37.29 54.12
N ASN J 45 -33.56 36.51 53.15
CA ASN J 45 -32.87 35.30 52.76
C ASN J 45 -32.88 35.14 51.24
N LEU J 46 -31.77 34.66 50.72
CA LEU J 46 -31.42 34.64 49.31
C LEU J 46 -31.47 33.22 48.76
N PRO J 47 -31.53 33.06 47.43
CA PRO J 47 -31.44 31.73 46.82
C PRO J 47 -30.05 31.13 46.93
N VAL J 48 -29.91 29.97 46.30
CA VAL J 48 -28.59 29.37 46.12
C VAL J 48 -27.96 29.86 44.82
N GLY J 49 -28.55 29.54 43.69
CA GLY J 49 -27.97 29.97 42.43
C GLY J 49 -28.40 31.35 42.00
N ALA J 50 -27.84 32.39 42.61
CA ALA J 50 -28.23 33.76 42.30
C ALA J 50 -27.01 34.66 42.38
N ILE J 51 -27.00 35.74 41.59
CA ILE J 51 -25.94 36.75 41.64
C ILE J 51 -26.53 38.09 42.05
N VAL J 52 -25.94 38.69 43.07
CA VAL J 52 -26.41 39.93 43.68
C VAL J 52 -26.10 41.09 42.73
N LEU J 53 -26.99 42.07 42.67
CA LEU J 53 -26.77 43.30 41.92
C LEU J 53 -26.44 44.50 42.79
N GLY J 54 -27.12 44.66 43.91
CA GLY J 54 -26.86 45.79 44.78
C GLY J 54 -27.64 45.75 46.07
N VAL J 55 -27.07 46.25 47.16
CA VAL J 55 -27.69 46.21 48.47
C VAL J 55 -27.88 47.64 48.94
N THR J 56 -29.09 47.99 49.35
CA THR J 56 -29.43 49.31 49.83
C THR J 56 -29.70 49.23 51.33
N LEU J 57 -29.06 50.10 52.11
CA LEU J 57 -29.13 50.07 53.56
C LEU J 57 -29.62 51.42 54.08
N GLU J 58 -30.87 51.45 54.55
CA GLU J 58 -31.45 52.65 55.14
C GLU J 58 -31.85 52.35 56.57
N SER J 59 -31.47 53.23 57.49
CA SER J 59 -31.76 53.05 58.91
C SER J 59 -32.27 54.37 59.50
N ASP J 60 -32.71 54.27 60.75
CA ASP J 60 -33.14 55.44 61.50
C ASP J 60 -31.96 55.99 62.30
N ASP J 61 -32.23 56.96 63.17
CA ASP J 61 -31.22 57.46 64.09
C ASP J 61 -31.24 56.62 65.36
N LEU J 62 -30.14 55.92 65.62
CA LEU J 62 -30.10 54.96 66.72
C LEU J 62 -29.24 55.43 67.88
N ASP J 63 -28.29 56.32 67.63
CA ASP J 63 -27.41 56.83 68.68
C ASP J 63 -27.46 58.36 68.64
N THR J 64 -28.24 58.94 69.53
CA THR J 64 -28.48 60.38 69.58
C THR J 64 -27.53 61.00 70.59
N ASN J 65 -26.27 61.16 70.20
CA ASN J 65 -25.25 61.74 71.04
C ASN J 65 -24.64 62.94 70.33
N ALA J 66 -23.92 63.77 71.09
CA ALA J 66 -23.11 64.82 70.49
C ALA J 66 -21.94 64.23 69.70
N THR J 67 -21.47 63.05 70.10
CA THR J 67 -20.46 62.31 69.34
C THR J 67 -20.98 60.90 69.16
N PRO J 68 -21.64 60.62 68.04
CA PRO J 68 -22.18 59.26 67.81
C PRO J 68 -21.10 58.27 67.42
N THR J 69 -21.28 57.01 67.81
CA THR J 69 -20.27 55.99 67.58
C THR J 69 -20.85 54.62 67.20
N ILE J 70 -22.13 54.54 66.85
CA ILE J 70 -22.73 53.26 66.48
C ILE J 70 -22.24 52.89 65.08
N THR J 71 -22.12 51.60 64.82
CA THR J 71 -21.47 51.10 63.60
C THR J 71 -21.98 49.71 63.29
N LEU J 72 -22.48 49.51 62.07
CA LEU J 72 -23.15 48.28 61.67
C LEU J 72 -22.30 47.49 60.67
N ASN J 73 -22.54 46.18 60.64
CA ASN J 73 -21.98 45.30 59.62
C ASN J 73 -23.09 44.47 59.00
N VAL J 74 -23.06 44.34 57.68
CA VAL J 74 -24.04 43.56 56.94
C VAL J 74 -23.31 42.44 56.21
N GLY J 75 -23.72 41.21 56.45
CA GLY J 75 -23.08 40.07 55.82
C GLY J 75 -23.90 38.82 56.03
N ASP J 76 -23.26 37.68 55.83
CA ASP J 76 -23.91 36.39 56.01
C ASP J 76 -23.08 35.51 56.93
N ALA J 77 -23.41 34.21 56.99
CA ALA J 77 -22.77 33.31 57.95
C ALA J 77 -21.32 33.02 57.58
N GLY J 78 -20.97 33.09 56.31
CA GLY J 78 -19.60 32.88 55.90
C GLY J 78 -18.72 34.07 56.22
N SER J 79 -19.05 35.22 55.65
CA SER J 79 -18.34 36.47 55.91
C SER J 79 -19.28 37.42 56.63
N ALA J 80 -18.89 37.85 57.83
CA ALA J 80 -19.74 38.72 58.63
C ALA J 80 -19.78 40.15 58.10
N THR J 81 -18.79 40.53 57.29
CA THR J 81 -18.69 41.87 56.73
C THR J 81 -18.60 41.83 55.21
N ARG J 82 -19.47 41.06 54.56
CA ARG J 82 -19.34 40.82 53.13
C ARG J 82 -19.89 41.98 52.29
N TYR J 83 -21.06 42.49 52.66
CA TYR J 83 -21.66 43.56 51.87
C TYR J 83 -21.24 44.93 52.39
N PHE J 84 -21.52 45.22 53.65
CA PHE J 84 -21.14 46.47 54.28
C PHE J 84 -20.14 46.22 55.39
N SER J 85 -19.15 47.10 55.48
CA SER J 85 -18.15 47.06 56.54
C SER J 85 -18.03 48.46 57.12
N ALA J 86 -18.37 48.61 58.40
CA ALA J 86 -18.36 49.87 59.15
C ALA J 86 -19.23 50.93 58.47
N SER J 87 -20.53 50.67 58.49
CA SER J 87 -21.49 51.45 57.72
C SER J 87 -21.67 52.87 58.24
N THR J 88 -21.94 52.98 59.55
CA THR J 88 -22.23 54.24 60.27
C THR J 88 -23.37 55.05 59.66
N VAL J 89 -24.45 54.40 59.22
CA VAL J 89 -25.61 55.14 58.75
C VAL J 89 -26.67 55.29 59.84
N ALA J 90 -26.51 54.60 60.96
CA ALA J 90 -27.44 54.71 62.07
C ALA J 90 -27.13 55.85 63.00
N GLN J 91 -26.05 56.58 62.76
CA GLN J 91 -25.70 57.73 63.58
C GLN J 91 -26.66 58.89 63.29
N ALA J 92 -26.94 59.68 64.32
CA ALA J 92 -27.94 60.73 64.25
C ALA J 92 -27.43 62.01 63.59
N GLY J 93 -26.17 62.06 63.18
CA GLY J 93 -25.64 63.25 62.55
C GLY J 93 -25.44 63.11 61.05
N THR J 94 -25.05 61.91 60.61
CA THR J 94 -24.80 61.66 59.21
C THR J 94 -26.09 61.29 58.49
N SER J 95 -25.97 60.97 57.20
CA SER J 95 -27.10 60.59 56.37
C SER J 95 -27.19 59.08 56.26
N SER J 96 -28.39 58.59 55.99
CA SER J 96 -28.67 57.19 55.77
C SER J 96 -28.55 56.87 54.28
N SER J 97 -29.07 55.70 53.87
CA SER J 97 -29.21 55.28 52.47
C SER J 97 -27.85 55.19 51.76
N ALA J 98 -27.01 54.26 52.22
CA ALA J 98 -25.74 54.03 51.55
C ALA J 98 -25.82 52.79 50.68
N PRO J 99 -25.47 52.87 49.40
CA PRO J 99 -25.43 51.67 48.55
C PRO J 99 -24.16 50.86 48.79
N ALA J 100 -24.26 49.58 48.44
CA ALA J 100 -23.15 48.65 48.63
C ALA J 100 -22.06 48.90 47.60
N THR J 101 -20.81 48.74 48.04
CA THR J 101 -19.66 48.93 47.16
C THR J 101 -18.73 47.73 47.08
N THR J 102 -18.89 46.73 47.94
CA THR J 102 -17.99 45.58 47.98
C THR J 102 -18.76 44.30 47.78
N GLY J 103 -18.21 43.40 46.97
CA GLY J 103 -18.77 42.08 46.75
C GLY J 103 -20.12 42.07 46.08
N LEU J 104 -20.18 42.52 44.82
CA LEU J 104 -21.48 42.65 44.17
C LEU J 104 -21.82 41.44 43.32
N LEU J 105 -21.04 41.19 42.26
CA LEU J 105 -21.41 40.20 41.24
C LEU J 105 -20.74 38.88 41.56
N TRP J 106 -21.40 38.08 42.40
CA TRP J 106 -20.86 36.81 42.84
C TRP J 106 -21.99 35.83 43.11
N THR J 107 -21.77 34.56 42.79
CA THR J 107 -22.79 33.53 42.94
C THR J 107 -22.84 33.06 44.38
N VAL J 108 -24.05 33.05 44.95
CA VAL J 108 -24.26 32.63 46.33
C VAL J 108 -23.94 31.14 46.44
N THR J 109 -23.24 30.76 47.51
CA THR J 109 -22.92 29.38 47.78
C THR J 109 -23.91 28.81 48.80
N GLU J 110 -23.78 27.53 49.10
CA GLU J 110 -24.67 26.88 50.05
C GLU J 110 -24.24 27.22 51.47
N GLY J 111 -25.22 27.53 52.32
CA GLY J 111 -24.94 27.96 53.67
C GLY J 111 -24.68 29.44 53.81
N ASN J 112 -24.86 30.21 52.75
CA ASN J 112 -24.67 31.65 52.76
C ASN J 112 -25.93 32.38 52.32
N THR J 113 -27.09 31.80 52.61
CA THR J 113 -28.36 32.27 52.09
C THR J 113 -29.19 33.00 53.13
N ALA J 114 -28.56 33.75 54.03
CA ALA J 114 -29.28 34.53 55.04
C ALA J 114 -28.44 35.75 55.38
N VAL J 115 -29.02 36.93 55.20
CA VAL J 115 -28.28 38.18 55.39
C VAL J 115 -28.42 38.61 56.84
N ARG J 116 -27.30 38.72 57.54
CA ARG J 116 -27.26 39.12 58.94
C ARG J 116 -26.92 40.58 59.07
N ILE J 117 -27.38 41.19 60.17
CA ILE J 117 -26.90 42.50 60.61
C ILE J 117 -26.28 42.33 61.98
N ALA J 118 -24.99 42.59 62.08
CA ALA J 118 -24.28 42.55 63.34
C ALA J 118 -23.75 43.94 63.67
N VAL J 119 -23.77 44.27 64.95
CA VAL J 119 -23.34 45.58 65.42
C VAL J 119 -21.85 45.53 65.70
N ALA J 120 -21.10 46.46 65.11
CA ALA J 120 -19.64 46.41 65.22
C ALA J 120 -19.13 47.18 66.43
N ASN J 121 -19.69 48.36 66.68
CA ASN J 121 -19.25 49.22 67.77
C ASN J 121 -20.43 49.54 68.67
N ASN J 122 -20.15 49.70 69.96
CA ASN J 122 -21.19 49.96 70.95
C ASN J 122 -21.80 51.33 70.74
N ALA J 123 -23.10 51.43 71.04
CA ALA J 123 -23.79 52.71 70.97
C ALA J 123 -23.57 53.49 72.25
N ALA J 124 -23.26 54.78 72.10
CA ALA J 124 -23.00 55.64 73.24
C ALA J 124 -24.27 55.94 74.03
N THR J 125 -25.38 56.11 73.34
CA THR J 125 -26.69 56.23 73.97
C THR J 125 -27.76 55.62 73.06
N SER J 126 -28.27 54.47 73.45
CA SER J 126 -29.14 53.66 72.61
C SER J 126 -30.52 54.29 72.51
N ALA J 127 -31.02 54.42 71.29
CA ALA J 127 -32.38 54.86 71.04
C ALA J 127 -33.16 53.71 70.43
N ASP J 128 -34.39 54.00 70.03
CA ASP J 128 -35.28 53.00 69.43
C ASP J 128 -35.48 53.35 67.96
N GLY J 129 -35.28 52.35 67.10
CA GLY J 129 -35.41 52.58 65.67
C GLY J 129 -35.51 51.27 64.92
N SER J 130 -35.25 51.35 63.61
CA SER J 130 -35.30 50.17 62.77
C SER J 130 -34.34 50.36 61.60
N VAL J 131 -33.92 49.23 61.01
CA VAL J 131 -32.94 49.21 59.93
C VAL J 131 -33.54 48.42 58.77
N ARG J 132 -33.47 48.98 57.57
CA ARG J 132 -34.04 48.37 56.37
C ARG J 132 -32.95 47.99 55.38
N VAL J 133 -33.05 46.80 54.80
CA VAL J 133 -32.10 46.28 53.83
C VAL J 133 -32.88 45.80 52.62
N ALA J 134 -32.45 46.20 51.41
CA ALA J 134 -33.03 45.71 50.18
C ALA J 134 -31.92 45.18 49.30
N VAL J 135 -31.99 43.89 48.95
CA VAL J 135 -30.95 43.21 48.19
C VAL J 135 -31.51 42.82 46.83
N THR J 136 -30.90 43.35 45.77
CA THR J 136 -31.33 43.05 44.41
C THR J 136 -30.44 41.98 43.80
N TYR J 137 -31.08 41.07 43.07
CA TYR J 137 -30.38 39.95 42.46
C TYR J 137 -31.23 39.41 41.32
N TYR J 138 -30.82 38.28 40.76
CA TYR J 138 -31.63 37.56 39.79
C TYR J 138 -31.19 36.11 39.69
N LEU J 139 -31.94 35.34 38.91
CA LEU J 139 -31.70 33.91 38.77
C LEU J 139 -31.41 33.58 37.33
N PRO J 140 -30.71 32.48 37.03
CA PRO J 140 -30.69 31.93 35.68
C PRO J 140 -31.84 30.96 35.44
N MET K 1 23.76 7.46 31.05
CA MET K 1 22.82 7.28 29.96
C MET K 1 22.58 5.82 29.47
N PRO K 2 23.60 4.94 29.39
CA PRO K 2 23.27 3.55 29.02
C PRO K 2 22.81 2.67 30.17
N ALA K 3 22.54 3.26 31.34
CA ALA K 3 22.03 2.52 32.48
C ALA K 3 20.57 2.18 32.22
N THR K 4 20.34 1.03 31.60
CA THR K 4 19.01 0.59 31.23
C THR K 4 18.33 -0.01 32.45
N ASN K 5 17.04 -0.33 32.28
CA ASN K 5 16.34 -1.19 33.23
C ASN K 5 17.03 -2.54 33.31
N SER K 6 16.80 -3.23 34.43
CA SER K 6 17.56 -4.40 34.84
C SER K 6 17.33 -5.59 33.91
N ALA K 7 18.07 -6.68 34.21
CA ALA K 7 17.81 -7.98 33.58
C ALA K 7 16.40 -8.46 33.85
N GLN K 8 15.87 -8.11 35.02
CA GLN K 8 14.45 -7.88 35.20
C GLN K 8 13.96 -6.67 34.39
N ALA K 9 13.15 -6.84 33.32
CA ALA K 9 12.56 -5.67 32.66
C ALA K 9 11.14 -5.82 32.12
N ARG K 10 10.42 -6.94 32.38
CA ARG K 10 9.16 -7.23 31.71
C ARG K 10 7.96 -7.66 32.63
N LEU K 11 8.14 -8.52 33.67
CA LEU K 11 7.08 -9.15 34.53
C LEU K 11 6.44 -8.44 35.69
N ALA K 12 5.30 -9.05 35.99
CA ALA K 12 4.54 -9.12 37.22
C ALA K 12 5.35 -9.68 38.38
N ALA K 13 4.65 -9.91 39.44
CA ALA K 13 5.36 -9.51 40.62
C ALA K 13 4.74 -10.14 41.88
N PRO K 14 5.53 -10.81 42.75
CA PRO K 14 4.98 -11.75 43.76
C PRO K 14 4.18 -11.31 45.00
N GLY K 15 3.32 -12.22 45.51
CA GLY K 15 2.46 -12.06 46.70
C GLY K 15 1.84 -13.37 47.16
N HIS K 16 0.83 -13.34 48.06
CA HIS K 16 0.31 -14.45 48.90
C HIS K 16 0.35 -15.84 48.27
N GLY K 17 0.96 -16.81 48.97
CA GLY K 17 1.07 -18.15 48.45
C GLY K 17 2.34 -18.90 48.80
N PHE K 18 2.64 -19.95 48.02
CA PHE K 18 3.87 -20.74 48.20
C PHE K 18 5.00 -20.23 47.33
N GLY K 19 5.53 -19.07 47.65
CA GLY K 19 6.76 -18.69 47.01
C GLY K 19 7.92 -18.71 47.98
N GLY K 20 8.64 -17.60 48.05
CA GLY K 20 9.83 -17.46 48.88
C GLY K 20 9.63 -16.37 49.91
N ASN K 21 8.48 -16.39 50.55
CA ASN K 21 8.29 -15.66 51.79
C ASN K 21 9.35 -16.13 52.77
N VAL K 22 10.17 -15.17 53.23
CA VAL K 22 11.54 -15.44 53.64
C VAL K 22 11.60 -16.34 54.86
N LYS K 23 12.74 -17.00 55.00
CA LYS K 23 12.85 -18.25 55.74
C LYS K 23 13.99 -18.11 56.72
N VAL K 24 14.16 -19.11 57.59
CA VAL K 24 15.28 -19.13 58.52
C VAL K 24 15.88 -20.52 58.60
N SER K 25 17.06 -20.58 59.21
CA SER K 25 17.71 -21.80 59.64
C SER K 25 18.45 -21.46 60.91
N TYR K 26 18.24 -22.24 61.97
CA TYR K 26 18.75 -21.94 63.29
C TYR K 26 19.47 -23.14 63.87
N GLY K 27 20.61 -22.87 64.49
CA GLY K 27 21.37 -23.91 65.15
C GLY K 27 21.93 -23.40 66.44
N SER K 28 22.17 -24.31 67.37
CA SER K 28 22.73 -23.97 68.67
C SER K 28 23.86 -24.95 68.98
N VAL K 29 25.06 -24.63 68.53
CA VAL K 29 26.24 -25.44 68.80
C VAL K 29 26.69 -25.19 70.22
N ALA K 30 27.12 -26.25 70.91
CA ALA K 30 27.50 -26.18 72.32
C ALA K 30 28.98 -26.45 72.46
N PHE K 31 29.73 -25.44 72.88
CA PHE K 31 31.17 -25.61 73.10
C PHE K 31 31.42 -26.03 74.54
N THR K 32 32.38 -26.92 74.74
CA THR K 32 32.70 -27.41 76.08
C THR K 32 34.14 -27.91 76.13
N GLY K 33 34.69 -27.99 77.33
CA GLY K 33 36.08 -28.38 77.48
C GLY K 33 36.98 -27.18 77.29
N THR K 34 38.16 -27.43 76.72
CA THR K 34 39.03 -26.34 76.31
C THR K 34 38.77 -25.99 74.84
N ILE K 35 39.03 -24.74 74.48
CA ILE K 35 38.66 -24.21 73.18
C ILE K 35 39.93 -23.77 72.46
N THR K 36 40.32 -24.53 71.44
CA THR K 36 41.48 -24.24 70.62
C THR K 36 41.01 -23.88 69.21
N THR K 37 41.97 -23.71 68.30
CA THR K 37 41.67 -23.37 66.91
C THR K 37 41.43 -24.60 66.04
N ALA K 38 41.21 -25.76 66.64
CA ALA K 38 40.92 -26.98 65.91
C ALA K 38 39.44 -27.36 66.02
N ASP K 39 38.56 -26.37 66.03
CA ASP K 39 37.14 -26.57 66.25
C ASP K 39 36.37 -26.25 64.98
N ALA K 40 35.37 -27.09 64.66
CA ALA K 40 34.53 -26.89 63.50
C ALA K 40 33.24 -27.66 63.71
N ALA K 41 32.11 -27.05 63.36
CA ALA K 41 30.81 -27.66 63.57
C ALA K 41 29.78 -27.00 62.67
N THR K 42 28.88 -27.80 62.12
CA THR K 42 27.73 -27.27 61.41
C THR K 42 26.66 -26.84 62.40
N VAL K 43 26.02 -25.70 62.12
CA VAL K 43 24.87 -25.26 62.87
C VAL K 43 23.58 -25.43 62.09
N CYS K 44 23.62 -25.22 60.77
CA CYS K 44 22.44 -25.31 59.95
C CYS K 44 22.89 -25.57 58.53
N ASN K 45 21.93 -25.84 57.65
CA ASN K 45 22.23 -26.15 56.27
C ASN K 45 21.21 -25.49 55.35
N LEU K 46 21.71 -25.01 54.22
CA LEU K 46 21.04 -24.12 53.29
C LEU K 46 20.67 -24.86 52.00
N PRO K 47 19.75 -24.32 51.19
CA PRO K 47 19.46 -24.89 49.88
C PRO K 47 20.59 -24.68 48.89
N VAL K 48 20.31 -25.11 47.66
CA VAL K 48 21.19 -24.79 46.54
C VAL K 48 20.79 -23.47 45.90
N GLY K 49 19.59 -23.40 45.33
CA GLY K 49 19.18 -22.16 44.70
C GLY K 49 18.53 -21.18 45.65
N ALA K 50 19.32 -20.48 46.46
CA ALA K 50 18.78 -19.54 47.44
C ALA K 50 19.72 -18.36 47.57
N ILE K 51 19.16 -17.20 47.92
CA ILE K 51 19.96 -16.00 48.18
C ILE K 51 19.73 -15.56 49.61
N VAL K 52 20.84 -15.37 50.34
CA VAL K 52 20.84 -15.04 51.75
C VAL K 52 20.41 -13.59 51.94
N LEU K 53 19.67 -13.31 53.00
CA LEU K 53 19.29 -11.95 53.36
C LEU K 53 20.09 -11.39 54.54
N GLY K 54 20.32 -12.19 55.57
CA GLY K 54 21.05 -11.72 56.73
C GLY K 54 21.32 -12.80 57.75
N VAL K 55 22.46 -12.73 58.43
CA VAL K 55 22.87 -13.74 59.39
C VAL K 55 23.01 -13.07 60.75
N THR K 56 22.35 -13.64 61.76
CA THR K 56 22.39 -13.12 63.12
C THR K 56 23.17 -14.09 63.99
N LEU K 57 24.14 -13.56 64.73
CA LEU K 57 25.06 -14.37 65.54
C LEU K 57 24.99 -13.93 66.99
N GLU K 58 24.38 -14.76 67.83
CA GLU K 58 24.29 -14.52 69.26
C GLU K 58 24.96 -15.66 70.01
N SER K 59 25.83 -15.33 70.96
CA SER K 59 26.56 -16.33 71.72
C SER K 59 26.53 -15.97 73.20
N ASP K 60 27.02 -16.89 74.02
CA ASP K 60 27.17 -16.67 75.45
C ASP K 60 28.56 -16.11 75.73
N ASP K 61 28.92 -16.02 77.02
CA ASP K 61 30.27 -15.65 77.42
C ASP K 61 31.12 -16.91 77.51
N LEU K 62 32.13 -16.99 76.65
CA LEU K 62 32.93 -18.20 76.55
C LEU K 62 34.33 -18.05 77.12
N ASP K 63 34.84 -16.82 77.19
CA ASP K 63 36.18 -16.59 77.73
C ASP K 63 36.06 -15.52 78.81
N THR K 64 36.06 -15.95 80.07
CA THR K 64 35.86 -15.08 81.22
C THR K 64 37.22 -14.70 81.78
N ASN K 65 37.89 -13.76 81.11
CA ASN K 65 39.21 -13.30 81.52
C ASN K 65 39.14 -11.78 81.72
N ALA K 66 40.15 -11.25 82.40
CA ALA K 66 40.32 -9.79 82.45
C ALA K 66 40.69 -9.24 81.08
N THR K 67 41.36 -10.03 80.25
CA THR K 67 41.63 -9.67 78.86
C THR K 67 41.15 -10.82 77.98
N PRO K 68 39.93 -10.76 77.48
CA PRO K 68 39.43 -11.86 76.64
C PRO K 68 40.00 -11.82 75.23
N THR K 69 40.16 -13.00 74.63
CA THR K 69 40.80 -13.10 73.32
C THR K 69 40.16 -14.14 72.41
N ILE K 70 38.97 -14.65 72.74
CA ILE K 70 38.32 -15.65 71.89
C ILE K 70 37.76 -14.95 70.66
N THR K 71 37.73 -15.66 69.53
CA THR K 71 37.42 -15.06 68.25
C THR K 71 36.88 -16.13 67.31
N LEU K 72 35.70 -15.88 66.73
CA LEU K 72 34.98 -16.88 65.94
C LEU K 72 34.97 -16.50 64.46
N ASN K 73 34.81 -17.51 63.61
CA ASN K 73 34.59 -17.33 62.19
C ASN K 73 33.37 -18.13 61.77
N VAL K 74 32.51 -17.53 60.95
CA VAL K 74 31.33 -18.19 60.43
C VAL K 74 31.42 -18.22 58.91
N GLY K 75 31.30 -19.42 58.35
CA GLY K 75 31.39 -19.58 56.90
C GLY K 75 30.97 -20.97 56.51
N ASP K 76 31.36 -21.36 55.30
CA ASP K 76 31.03 -22.67 54.76
C ASP K 76 32.30 -23.35 54.26
N ALA K 77 32.13 -24.45 53.53
CA ALA K 77 33.28 -25.26 53.11
C ALA K 77 34.12 -24.57 52.05
N GLY K 78 33.53 -23.69 51.25
CA GLY K 78 34.29 -22.95 50.27
C GLY K 78 35.13 -21.85 50.90
N SER K 79 34.46 -20.91 51.56
CA SER K 79 35.12 -19.82 52.27
C SER K 79 34.87 -19.99 53.76
N ALA K 80 35.94 -20.11 54.53
CA ALA K 80 35.81 -20.32 55.96
C ALA K 80 35.38 -19.08 56.71
N THR K 81 35.57 -17.90 56.10
CA THR K 81 35.22 -16.62 56.71
C THR K 81 34.28 -15.82 55.82
N ARG K 82 33.22 -16.46 55.31
CA ARG K 82 32.38 -15.81 54.31
C ARG K 82 31.38 -14.86 54.93
N TYR K 83 30.72 -15.26 56.02
CA TYR K 83 29.72 -14.39 56.63
C TYR K 83 30.34 -13.49 57.69
N PHE K 84 30.96 -14.08 58.70
CA PHE K 84 31.62 -13.34 59.77
C PHE K 84 33.11 -13.59 59.73
N SER K 85 33.89 -12.54 59.97
CA SER K 85 35.34 -12.63 60.05
C SER K 85 35.76 -11.88 61.31
N ALA K 86 36.36 -12.61 62.26
CA ALA K 86 36.82 -12.10 63.55
C ALA K 86 35.68 -11.43 64.34
N SER K 87 34.73 -12.27 64.76
CA SER K 87 33.48 -11.80 65.33
C SER K 87 33.65 -11.16 66.70
N THR K 88 34.31 -11.88 67.61
CA THR K 88 34.53 -11.52 69.00
C THR K 88 33.25 -11.18 69.77
N VAL K 89 32.17 -11.94 69.56
CA VAL K 89 30.96 -11.76 70.36
C VAL K 89 30.89 -12.73 71.53
N ALA K 90 31.78 -13.72 71.58
CA ALA K 90 31.82 -14.69 72.66
C ALA K 90 32.65 -14.21 73.84
N GLN K 91 33.26 -13.04 73.74
CA GLN K 91 34.02 -12.49 74.85
C GLN K 91 33.08 -12.00 75.94
N ALA K 92 33.53 -12.10 77.18
CA ALA K 92 32.70 -11.82 78.35
C ALA K 92 32.60 -10.34 78.68
N GLY K 93 33.27 -9.47 77.92
CA GLY K 93 33.21 -8.04 78.19
C GLY K 93 32.36 -7.28 77.20
N THR K 94 32.40 -7.69 75.93
CA THR K 94 31.67 -7.03 74.88
C THR K 94 30.23 -7.55 74.80
N SER K 95 29.48 -7.05 73.83
CA SER K 95 28.11 -7.45 73.62
C SER K 95 28.01 -8.49 72.52
N SER K 96 26.94 -9.28 72.59
CA SER K 96 26.64 -10.28 71.59
C SER K 96 25.75 -9.68 70.50
N SER K 97 25.12 -10.55 69.68
CA SER K 97 24.11 -10.20 68.68
C SER K 97 24.64 -9.22 67.62
N ALA K 98 25.61 -9.69 66.85
CA ALA K 98 26.11 -8.89 65.74
C ALA K 98 25.51 -9.35 64.43
N PRO K 99 24.93 -8.45 63.63
CA PRO K 99 24.44 -8.84 62.31
C PRO K 99 25.56 -8.92 61.28
N ALA K 100 25.30 -9.68 60.23
CA ALA K 100 26.29 -9.88 59.18
C ALA K 100 26.41 -8.64 58.31
N THR K 101 27.64 -8.36 57.87
CA THR K 101 27.90 -7.21 57.01
C THR K 101 28.57 -7.55 55.69
N THR K 102 29.07 -8.78 55.52
CA THR K 102 29.80 -9.16 54.32
C THR K 102 29.14 -10.35 53.64
N GLY K 103 29.04 -10.28 52.31
CA GLY K 103 28.52 -11.37 51.51
C GLY K 103 27.07 -11.69 51.75
N LEU K 104 26.17 -10.76 51.42
CA LEU K 104 24.76 -10.96 51.75
C LEU K 104 23.98 -11.55 50.57
N LEU K 105 23.87 -10.80 49.47
CA LEU K 105 22.95 -11.15 48.40
C LEU K 105 23.71 -11.91 47.32
N TRP K 106 23.79 -13.22 47.50
CA TRP K 106 24.53 -14.08 46.59
C TRP K 106 23.90 -15.46 46.55
N THR K 107 23.89 -16.07 45.37
CA THR K 107 23.27 -17.37 45.17
C THR K 107 24.20 -18.47 45.65
N VAL K 108 23.68 -19.36 46.49
CA VAL K 108 24.45 -20.49 47.02
C VAL K 108 24.82 -21.43 45.88
N THR K 109 26.07 -21.90 45.88
CA THR K 109 26.53 -22.85 44.89
C THR K 109 26.48 -24.25 45.49
N GLU K 110 26.83 -25.25 44.68
CA GLU K 110 26.82 -26.63 45.12
C GLU K 110 28.08 -26.92 45.94
N GLY K 111 27.89 -27.63 47.05
CA GLY K 111 28.98 -27.88 47.97
C GLY K 111 29.22 -26.78 48.98
N ASN K 112 28.36 -25.78 49.03
CA ASN K 112 28.47 -24.68 49.98
C ASN K 112 27.20 -24.57 50.83
N THR K 113 26.55 -25.70 51.09
CA THR K 113 25.24 -25.73 51.72
C THR K 113 25.29 -26.16 53.17
N ALA K 114 26.34 -25.78 53.91
CA ALA K 114 26.45 -26.11 55.33
C ALA K 114 27.25 -25.01 56.00
N VAL K 115 26.66 -24.38 57.01
CA VAL K 115 27.31 -23.24 57.67
C VAL K 115 28.15 -23.75 58.82
N ARG K 116 29.45 -23.49 58.77
CA ARG K 116 30.39 -23.91 59.79
C ARG K 116 30.69 -22.78 60.76
N ILE K 117 31.05 -23.14 61.99
CA ILE K 117 31.66 -22.22 62.94
C ILE K 117 33.04 -22.75 63.28
N ALA K 118 34.06 -21.97 62.94
CA ALA K 118 35.43 -22.30 63.27
C ALA K 118 36.00 -21.24 64.20
N VAL K 119 36.82 -21.68 65.14
CA VAL K 119 37.41 -20.79 66.13
C VAL K 119 38.72 -20.25 65.56
N ALA K 120 38.86 -18.92 65.58
CA ALA K 120 40.02 -18.29 64.95
C ALA K 120 41.18 -18.12 65.92
N ASN K 121 40.89 -17.70 67.15
CA ASN K 121 41.91 -17.44 68.15
C ASN K 121 41.61 -18.27 69.40
N ASN K 122 42.68 -18.67 70.08
CA ASN K 122 42.55 -19.52 71.26
C ASN K 122 41.91 -18.75 72.41
N ALA K 123 41.15 -19.47 73.22
CA ALA K 123 40.53 -18.87 74.40
C ALA K 123 41.53 -18.88 75.55
N ALA K 124 41.61 -17.75 76.25
CA ALA K 124 42.55 -17.61 77.36
C ALA K 124 42.11 -18.43 78.56
N THR K 125 40.81 -18.50 78.82
CA THR K 125 40.25 -19.39 79.84
C THR K 125 38.87 -19.85 79.39
N SER K 126 38.79 -21.13 79.01
CA SER K 126 37.61 -21.69 78.36
C SER K 126 36.50 -21.88 79.38
N ALA K 127 35.31 -21.40 79.05
CA ALA K 127 34.10 -21.63 79.83
C ALA K 127 33.15 -22.50 79.03
N ASP K 128 31.96 -22.71 79.58
CA ASP K 128 30.94 -23.51 78.95
C ASP K 128 29.80 -22.62 78.48
N GLY K 129 29.40 -22.78 77.22
CA GLY K 129 28.34 -21.95 76.68
C GLY K 129 27.81 -22.53 75.38
N SER K 130 27.15 -21.67 74.61
CA SER K 130 26.58 -22.08 73.34
C SER K 130 26.51 -20.88 72.41
N VAL K 131 26.47 -21.16 71.11
CA VAL K 131 26.49 -20.14 70.07
C VAL K 131 25.29 -20.38 69.15
N ARG K 132 24.52 -19.33 68.87
CA ARG K 132 23.32 -19.42 68.04
C ARG K 132 23.49 -18.64 66.75
N VAL K 133 23.07 -19.23 65.64
CA VAL K 133 23.15 -18.62 64.32
C VAL K 133 21.78 -18.72 63.66
N ALA K 134 21.29 -17.61 63.12
CA ALA K 134 20.04 -17.60 62.36
C ALA K 134 20.30 -16.97 61.00
N VAL K 135 20.05 -17.73 59.93
CA VAL K 135 20.36 -17.31 58.57
C VAL K 135 19.05 -17.15 57.82
N THR K 136 18.78 -15.93 57.35
CA THR K 136 17.57 -15.64 56.59
C THR K 136 17.85 -15.66 55.10
N TYR K 137 16.92 -16.23 54.33
CA TYR K 137 17.08 -16.35 52.90
C TYR K 137 15.70 -16.57 52.29
N TYR K 138 15.68 -16.87 50.99
CA TYR K 138 14.45 -17.26 50.32
C TYR K 138 14.76 -18.01 49.04
N LEU K 139 13.71 -18.53 48.41
CA LEU K 139 13.84 -19.34 47.21
C LEU K 139 13.10 -18.68 46.06
N PRO K 140 13.46 -18.96 44.81
CA PRO K 140 12.60 -18.64 43.69
C PRO K 140 11.61 -19.76 43.38
N MET L 1 38.84 -29.06 70.40
CA MET L 1 38.67 -30.45 69.99
C MET L 1 37.34 -31.14 70.41
N PRO L 2 36.80 -30.92 71.63
CA PRO L 2 35.49 -31.54 71.91
C PRO L 2 34.30 -30.75 71.40
N ALA L 3 34.52 -29.73 70.59
CA ALA L 3 33.44 -28.95 69.99
C ALA L 3 32.79 -29.78 68.90
N THR L 4 31.79 -30.57 69.27
CA THR L 4 31.11 -31.46 68.36
C THR L 4 30.10 -30.67 67.54
N ASN L 5 29.50 -31.35 66.56
CA ASN L 5 28.30 -30.84 65.90
C ASN L 5 27.19 -30.65 66.93
N SER L 6 26.25 -29.79 66.57
CA SER L 6 25.26 -29.25 67.49
C SER L 6 24.28 -30.31 67.99
N ALA L 7 23.38 -29.89 68.90
CA ALA L 7 22.24 -30.70 69.29
C ALA L 7 21.35 -31.04 68.10
N GLN L 8 21.28 -30.14 67.13
CA GLN L 8 21.09 -30.50 65.74
C GLN L 8 22.27 -31.29 65.17
N ALA L 9 22.14 -32.60 64.88
CA ALA L 9 23.24 -33.30 64.20
C ALA L 9 22.83 -34.36 63.16
N ARG L 10 21.55 -34.52 62.80
CA ARG L 10 21.09 -35.65 62.00
C ARG L 10 20.17 -35.31 60.78
N LEU L 11 19.17 -34.37 60.86
CA LEU L 11 18.12 -34.07 59.84
C LEU L 11 18.36 -33.19 58.66
N ALA L 12 17.43 -33.40 57.75
CA ALA L 12 16.90 -32.57 56.69
C ALA L 12 16.32 -31.25 57.20
N ALA L 13 15.69 -30.58 56.30
CA ALA L 13 15.99 -29.18 56.42
C ALA L 13 14.95 -28.33 55.64
N PRO L 14 14.35 -27.31 56.28
CA PRO L 14 13.08 -26.69 55.76
C PRO L 14 13.03 -25.81 54.49
N GLY L 15 11.83 -25.78 53.87
CA GLY L 15 11.49 -24.99 52.66
C GLY L 15 10.00 -24.96 52.38
N HIS L 16 9.57 -24.51 51.18
CA HIS L 16 8.21 -24.07 50.80
C HIS L 16 7.05 -24.77 51.49
N GLY L 17 6.15 -24.00 52.10
CA GLY L 17 5.03 -24.59 52.81
C GLY L 17 4.57 -23.86 54.06
N PHE L 18 3.84 -24.57 54.94
CA PHE L 18 3.37 -24.03 56.21
C PHE L 18 4.34 -24.33 57.34
N GLY L 19 5.50 -23.71 57.33
CA GLY L 19 6.32 -23.78 58.51
C GLY L 19 6.39 -22.44 59.21
N GLY L 20 7.60 -21.99 59.48
CA GLY L 20 7.86 -20.76 60.21
C GLY L 20 8.61 -19.78 59.34
N ASN L 21 8.15 -19.64 58.11
CA ASN L 21 8.50 -18.50 57.30
C ASN L 21 8.13 -17.22 58.06
N VAL L 22 9.14 -16.40 58.33
CA VAL L 22 9.16 -15.52 59.50
C VAL L 22 8.05 -14.47 59.43
N LYS L 23 7.69 -13.98 60.60
CA LYS L 23 6.40 -13.39 60.87
C LYS L 23 6.61 -12.03 61.51
N VAL L 24 5.52 -11.28 61.69
CA VAL L 24 5.59 -10.01 62.37
C VAL L 24 4.42 -9.86 63.34
N SER L 25 4.55 -8.84 64.19
CA SER L 25 3.47 -8.34 65.02
C SER L 25 3.71 -6.84 65.14
N TYR L 26 2.68 -6.06 64.87
CA TYR L 26 2.81 -4.61 64.77
C TYR L 26 1.74 -3.92 65.60
N GLY L 27 2.15 -2.90 66.33
CA GLY L 27 1.22 -2.12 67.12
C GLY L 27 1.57 -0.66 67.02
N SER L 28 0.56 0.19 67.22
CA SER L 28 0.75 1.63 67.19
C SER L 28 0.06 2.24 68.38
N VAL L 29 0.77 2.33 69.50
CA VAL L 29 0.26 2.93 70.72
C VAL L 29 0.30 4.44 70.56
N ALA L 30 -0.74 5.12 71.06
CA ALA L 30 -0.89 6.56 70.90
C ALA L 30 -0.79 7.23 72.26
N PHE L 31 0.26 8.03 72.45
CA PHE L 31 0.43 8.75 73.71
C PHE L 31 -0.21 10.13 73.58
N THR L 32 -0.85 10.58 74.66
CA THR L 32 -1.52 11.89 74.66
C THR L 32 -1.63 12.42 76.08
N GLY L 33 -1.82 13.73 76.21
CA GLY L 33 -1.85 14.35 77.50
C GLY L 33 -0.45 14.66 77.98
N THR L 34 -0.26 14.55 79.29
CA THR L 34 1.09 14.63 79.84
C THR L 34 1.67 13.22 80.00
N ILE L 35 2.99 13.14 79.94
CA ILE L 35 3.69 11.85 79.88
C ILE L 35 4.58 11.72 81.09
N THR L 36 4.19 10.86 82.02
CA THR L 36 4.95 10.58 83.22
C THR L 36 5.48 9.14 83.16
N THR L 37 6.09 8.69 84.26
CA THR L 37 6.64 7.35 84.35
C THR L 37 5.61 6.32 84.82
N ALA L 38 4.33 6.66 84.80
CA ALA L 38 3.26 5.75 85.18
C ALA L 38 2.50 5.24 83.96
N ASP L 39 3.20 5.02 82.85
CA ASP L 39 2.60 4.65 81.58
C ASP L 39 2.98 3.23 81.21
N ALA L 40 2.00 2.47 80.71
CA ALA L 40 2.22 1.10 80.29
C ALA L 40 1.10 0.71 79.33
N ALA L 41 1.47 0.02 78.25
CA ALA L 41 0.51 -0.35 77.22
C ALA L 41 1.06 -1.50 76.39
N THR L 42 0.19 -2.44 76.03
CA THR L 42 0.55 -3.47 75.08
C THR L 42 0.46 -2.92 73.66
N VAL L 43 1.42 -3.30 72.82
CA VAL L 43 1.37 -3.01 71.41
C VAL L 43 1.04 -4.24 70.58
N CYS L 44 1.55 -5.40 70.98
CA CYS L 44 1.34 -6.63 70.24
C CYS L 44 1.52 -7.79 71.21
N ASN L 45 1.20 -8.99 70.73
CA ASN L 45 1.30 -10.18 71.56
C ASN L 45 1.86 -11.33 70.75
N LEU L 46 2.70 -12.12 71.41
CA LEU L 46 3.55 -13.14 70.83
C LEU L 46 3.05 -14.54 71.17
N PRO L 47 3.50 -15.57 70.45
CA PRO L 47 3.17 -16.96 70.82
C PRO L 47 3.89 -17.41 72.07
N VAL L 48 3.68 -18.69 72.38
CA VAL L 48 4.46 -19.34 73.42
C VAL L 48 5.73 -19.94 72.85
N GLY L 49 5.61 -20.92 71.96
CA GLY L 49 6.80 -21.52 71.41
C GLY L 49 7.35 -20.79 70.19
N ALA L 50 8.03 -19.66 70.39
CA ALA L 50 8.55 -18.88 69.29
C ALA L 50 9.88 -18.26 69.69
N ILE L 51 10.75 -18.04 68.71
CA ILE L 51 12.03 -17.35 68.94
C ILE L 51 12.07 -16.08 68.12
N VAL L 52 12.37 -14.97 68.80
CA VAL L 52 12.37 -13.63 68.23
C VAL L 52 13.58 -13.48 67.31
N LEU L 53 13.42 -12.75 66.21
CA LEU L 53 14.52 -12.41 65.32
C LEU L 53 14.99 -10.97 65.46
N GLY L 54 14.07 -10.02 65.58
CA GLY L 54 14.46 -8.63 65.70
C GLY L 54 13.28 -7.71 65.94
N VAL L 55 13.50 -6.64 66.70
CA VAL L 55 12.45 -5.71 67.06
C VAL L 55 12.82 -4.34 66.51
N THR L 56 11.88 -3.73 65.79
CA THR L 56 12.08 -2.41 65.20
C THR L 56 11.18 -1.42 65.92
N LEU L 57 11.76 -0.30 66.36
CA LEU L 57 11.08 0.70 67.17
C LEU L 57 11.14 2.04 66.48
N GLU L 58 10.02 2.49 65.93
CA GLU L 58 9.91 3.80 65.30
C GLU L 58 8.85 4.62 66.03
N SER L 59 9.17 5.85 66.36
CA SER L 59 8.26 6.73 67.08
C SER L 59 8.27 8.11 66.45
N ASP L 60 7.35 8.96 66.92
CA ASP L 60 7.28 10.35 66.49
C ASP L 60 8.10 11.21 67.45
N ASP L 61 8.00 12.52 67.31
CA ASP L 61 8.60 13.45 68.25
C ASP L 61 7.63 13.73 69.39
N LEU L 62 8.00 13.31 70.59
CA LEU L 62 7.09 13.39 71.73
C LEU L 62 7.47 14.47 72.72
N ASP L 63 8.73 14.88 72.76
CA ASP L 63 9.20 15.90 73.68
C ASP L 63 9.93 16.97 72.88
N THR L 64 9.24 18.07 72.61
CA THR L 64 9.76 19.14 71.76
C THR L 64 10.35 20.22 72.67
N ASN L 65 11.55 19.97 73.18
CA ASN L 65 12.24 20.90 74.05
C ASN L 65 13.60 21.22 73.44
N ALA L 66 14.22 22.29 73.93
CA ALA L 66 15.62 22.56 73.60
C ALA L 66 16.55 21.50 74.19
N THR L 67 16.15 20.91 75.32
CA THR L 67 16.88 19.78 75.91
C THR L 67 15.86 18.67 76.15
N PRO L 68 15.70 17.73 75.21
CA PRO L 68 14.73 16.66 75.40
C PRO L 68 15.22 15.59 76.36
N THR L 69 14.30 14.97 77.09
CA THR L 69 14.65 14.01 78.12
C THR L 69 13.70 12.81 78.19
N ILE L 70 12.85 12.60 77.20
CA ILE L 70 11.93 11.47 77.23
C ILE L 70 12.71 10.20 76.91
N THR L 71 12.29 9.08 77.49
CA THR L 71 13.05 7.84 77.45
C THR L 71 12.10 6.66 77.63
N LEU L 72 12.15 5.71 76.69
CA LEU L 72 11.22 4.60 76.64
C LEU L 72 11.89 3.28 76.98
N ASN L 73 11.08 2.33 77.47
CA ASN L 73 11.51 0.95 77.69
C ASN L 73 10.53 0.01 76.99
N VAL L 74 11.05 -1.00 76.33
CA VAL L 74 10.24 -2.01 75.65
C VAL L 74 10.56 -3.36 76.26
N GLY L 75 9.53 -4.05 76.72
CA GLY L 75 9.72 -5.35 77.33
C GLY L 75 8.40 -6.04 77.54
N ASP L 76 8.41 -7.04 78.41
CA ASP L 76 7.20 -7.80 78.72
C ASP L 76 7.01 -7.85 80.23
N ALA L 77 6.08 -8.70 80.69
CA ALA L 77 5.71 -8.74 82.10
C ALA L 77 6.81 -9.31 82.98
N GLY L 78 7.66 -10.17 82.44
CA GLY L 78 8.78 -10.70 83.19
C GLY L 78 9.89 -9.69 83.37
N SER L 79 10.46 -9.23 82.26
CA SER L 79 11.49 -8.21 82.25
C SER L 79 10.94 -6.96 81.58
N ALA L 80 10.93 -5.85 82.32
CA ALA L 80 10.38 -4.60 81.81
C ALA L 80 11.28 -3.95 80.77
N THR L 81 12.57 -4.31 80.76
CA THR L 81 13.55 -3.75 79.84
C THR L 81 14.25 -4.84 79.04
N ARG L 82 13.49 -5.78 78.48
CA ARG L 82 14.09 -6.95 77.85
C ARG L 82 14.59 -6.66 76.44
N TYR L 83 13.81 -5.95 75.64
CA TYR L 83 14.23 -5.69 74.26
C TYR L 83 15.00 -4.38 74.16
N PHE L 84 14.39 -3.28 74.57
CA PHE L 84 15.02 -1.97 74.56
C PHE L 84 15.18 -1.46 75.98
N SER L 85 16.32 -0.83 76.24
CA SER L 85 16.60 -0.21 77.53
C SER L 85 17.13 1.19 77.25
N ALA L 86 16.38 2.21 77.69
CA ALA L 86 16.70 3.63 77.51
C ALA L 86 16.86 3.99 76.03
N SER L 87 15.74 3.92 75.31
CA SER L 87 15.73 4.00 73.86
C SER L 87 16.07 5.40 73.35
N THR L 88 15.36 6.41 73.87
CA THR L 88 15.45 7.82 73.49
C THR L 88 15.27 8.06 71.99
N VAL L 89 14.31 7.38 71.35
CA VAL L 89 13.99 7.67 69.96
C VAL L 89 12.81 8.61 69.82
N ALA L 90 12.10 8.88 70.91
CA ALA L 90 10.96 9.79 70.90
C ALA L 90 11.37 11.24 71.09
N GLN L 91 12.66 11.51 71.28
CA GLN L 91 13.13 12.88 71.42
C GLN L 91 13.10 13.57 70.06
N ALA L 92 12.84 14.88 70.08
CA ALA L 92 12.64 15.65 68.86
C ALA L 92 13.93 16.08 68.19
N GLY L 93 15.08 15.73 68.75
CA GLY L 93 16.34 16.12 68.14
C GLY L 93 17.07 14.96 67.48
N THR L 94 16.96 13.77 68.06
CA THR L 94 17.64 12.60 67.55
C THR L 94 16.79 11.92 66.47
N SER L 95 17.28 10.80 65.97
CA SER L 95 16.59 10.03 64.94
C SER L 95 15.82 8.87 65.56
N SER L 96 14.79 8.43 64.85
CA SER L 96 13.99 7.29 65.23
C SER L 96 14.56 6.02 64.61
N SER L 97 13.76 4.94 64.61
CA SER L 97 14.05 3.67 63.93
C SER L 97 15.34 3.01 64.44
N ALA L 98 15.31 2.62 65.71
CA ALA L 98 16.45 1.89 66.27
C ALA L 98 16.15 0.39 66.31
N PRO L 99 17.01 -0.46 65.77
CA PRO L 99 16.82 -1.91 65.90
C PRO L 99 17.26 -2.42 67.26
N ALA L 100 16.71 -3.56 67.63
CA ALA L 100 17.02 -4.18 68.91
C ALA L 100 18.40 -4.81 68.91
N THR L 101 19.08 -4.70 70.05
CA THR L 101 20.42 -5.26 70.20
C THR L 101 20.56 -6.25 71.35
N THR L 102 19.58 -6.35 72.24
CA THR L 102 19.68 -7.21 73.41
C THR L 102 18.54 -8.21 73.43
N GLY L 103 18.86 -9.46 73.76
CA GLY L 103 17.88 -10.52 73.92
C GLY L 103 17.15 -10.89 72.65
N LEU L 104 17.86 -11.44 71.67
CA LEU L 104 17.23 -11.70 70.38
C LEU L 104 16.74 -13.14 70.26
N LEU L 105 17.66 -14.11 70.30
CA LEU L 105 17.34 -15.48 69.94
C LEU L 105 17.04 -16.27 71.22
N TRP L 106 15.79 -16.21 71.66
CA TRP L 106 15.38 -16.86 72.89
C TRP L 106 13.93 -17.29 72.80
N THR L 107 13.61 -18.43 73.38
CA THR L 107 12.26 -19.00 73.32
C THR L 107 11.37 -18.32 74.34
N VAL L 108 10.21 -17.85 73.89
CA VAL L 108 9.25 -17.19 74.76
C VAL L 108 8.71 -18.19 75.77
N THR L 109 8.59 -17.77 77.02
CA THR L 109 8.03 -18.61 78.07
C THR L 109 6.57 -18.22 78.29
N GLU L 110 5.90 -18.94 79.19
CA GLU L 110 4.49 -18.68 79.48
C GLU L 110 4.37 -17.48 80.41
N GLY L 111 3.42 -16.61 80.11
CA GLY L 111 3.27 -15.38 80.85
C GLY L 111 4.13 -14.24 80.38
N ASN L 112 4.83 -14.42 79.26
CA ASN L 112 5.70 -13.39 78.68
C ASN L 112 5.29 -13.08 77.25
N THR L 113 4.00 -13.21 76.95
CA THR L 113 3.49 -13.14 75.59
C THR L 113 2.77 -11.84 75.29
N ALA L 114 3.24 -10.72 75.85
CA ALA L 114 2.65 -9.41 75.59
C ALA L 114 3.73 -8.36 75.72
N VAL L 115 3.96 -7.59 74.66
CA VAL L 115 5.05 -6.63 74.64
C VAL L 115 4.53 -5.30 75.17
N ARG L 116 5.14 -4.82 76.26
CA ARG L 116 4.75 -3.56 76.89
C ARG L 116 5.69 -2.44 76.46
N ILE L 117 5.17 -1.22 76.50
CA ILE L 117 5.98 -0.02 76.42
C ILE L 117 5.77 0.77 77.70
N ALA L 118 6.84 0.94 78.47
CA ALA L 118 6.81 1.74 79.69
C ALA L 118 7.76 2.92 79.53
N VAL L 119 7.35 4.05 80.09
CA VAL L 119 8.12 5.28 80.00
C VAL L 119 9.10 5.32 81.16
N ALA L 120 10.38 5.53 80.86
CA ALA L 120 11.42 5.46 81.88
C ALA L 120 11.66 6.82 82.53
N ASN L 121 11.71 7.88 81.74
CA ASN L 121 12.00 9.22 82.23
C ASN L 121 10.88 10.15 81.82
N ASN L 122 10.61 11.14 82.66
CA ASN L 122 9.53 12.10 82.44
C ASN L 122 9.83 12.98 81.24
N ALA L 123 8.78 13.36 80.53
CA ALA L 123 8.92 14.26 79.40
C ALA L 123 8.92 15.70 79.90
N ALA L 124 9.85 16.50 79.37
CA ALA L 124 9.98 17.89 79.79
C ALA L 124 8.84 18.74 79.27
N THR L 125 8.37 18.47 78.05
CA THR L 125 7.17 19.09 77.50
C THR L 125 6.46 18.10 76.59
N SER L 126 5.33 17.59 77.05
CA SER L 126 4.64 16.48 76.40
C SER L 126 3.95 16.96 75.14
N ALA L 127 4.16 16.25 74.04
CA ALA L 127 3.46 16.48 72.78
C ALA L 127 2.56 15.29 72.50
N ASP L 128 1.94 15.32 71.32
CA ASP L 128 1.04 14.26 70.88
C ASP L 128 1.70 13.49 69.74
N GLY L 129 1.73 12.17 69.86
CA GLY L 129 2.34 11.35 68.84
C GLY L 129 1.96 9.90 68.99
N SER L 130 2.75 9.03 68.36
CA SER L 130 2.50 7.59 68.42
C SER L 130 3.81 6.85 68.28
N VAL L 131 3.83 5.60 68.76
CA VAL L 131 5.02 4.77 68.79
C VAL L 131 4.68 3.45 68.12
N ARG L 132 5.53 3.00 67.20
CA ARG L 132 5.31 1.78 66.44
C ARG L 132 6.38 0.75 66.76
N VAL L 133 5.95 -0.51 66.95
CA VAL L 133 6.84 -1.62 67.26
C VAL L 133 6.54 -2.76 66.29
N ALA L 134 7.57 -3.32 65.68
CA ALA L 134 7.42 -4.50 64.83
C ALA L 134 8.38 -5.58 65.31
N VAL L 135 7.84 -6.73 65.69
CA VAL L 135 8.61 -7.82 66.27
C VAL L 135 8.59 -9.00 65.30
N THR L 136 9.76 -9.40 64.83
CA THR L 136 9.89 -10.52 63.92
C THR L 136 10.28 -11.78 64.66
N TYR L 137 9.67 -12.90 64.28
CA TYR L 137 9.91 -14.18 64.93
C TYR L 137 9.49 -15.29 63.99
N TYR L 138 9.48 -16.51 64.50
CA TYR L 138 8.93 -17.64 63.75
C TYR L 138 8.59 -18.78 64.70
N LEU L 139 7.97 -19.82 64.14
CA LEU L 139 7.51 -20.96 64.91
C LEU L 139 8.19 -22.22 64.43
N PRO L 140 8.30 -23.25 65.26
CA PRO L 140 8.62 -24.59 64.77
C PRO L 140 7.38 -25.37 64.35
N MET M 1 0.07 9.01 82.16
CA MET M 1 -1.22 8.46 82.57
C MET M 1 -2.30 8.30 81.46
N PRO M 2 -2.45 9.22 80.49
CA PRO M 2 -3.43 8.93 79.43
C PRO M 2 -2.89 8.07 78.30
N ALA M 3 -1.71 7.48 78.46
CA ALA M 3 -1.15 6.57 77.47
C ALA M 3 -1.90 5.26 77.53
N THR M 4 -2.97 5.17 76.75
CA THR M 4 -3.84 3.99 76.73
C THR M 4 -3.20 2.91 75.88
N ASN M 5 -3.81 1.73 75.90
CA ASN M 5 -3.52 0.70 74.91
C ASN M 5 -3.81 1.23 73.50
N SER M 6 -3.18 0.61 72.52
CA SER M 6 -3.09 1.12 71.16
C SER M 6 -4.44 1.12 70.44
N ALA M 7 -4.43 1.64 69.21
CA ALA M 7 -5.57 1.51 68.30
C ALA M 7 -5.90 0.05 68.04
N GLN M 8 -4.89 -0.81 68.03
CA GLN M 8 -5.02 -2.18 68.45
C GLN M 8 -5.37 -2.30 69.94
N ALA M 9 -6.59 -2.73 70.32
CA ALA M 9 -6.85 -2.98 71.75
C ALA M 9 -7.77 -4.18 72.08
N ARG M 10 -8.19 -5.01 71.10
CA ARG M 10 -9.23 -6.00 71.32
C ARG M 10 -8.92 -7.46 70.82
N LEU M 11 -8.31 -7.70 69.63
CA LEU M 11 -8.10 -9.00 68.94
C LEU M 11 -6.98 -9.94 69.29
N ALA M 12 -7.26 -11.16 68.84
CA ALA M 12 -6.42 -12.27 68.49
C ALA M 12 -5.42 -11.93 67.39
N ALA M 13 -4.77 -12.94 66.92
CA ALA M 13 -3.39 -12.62 66.73
C ALA M 13 -2.71 -13.67 65.82
N PRO M 14 -2.00 -13.24 64.75
CA PRO M 14 -1.66 -14.16 63.62
C PRO M 14 -0.60 -15.28 63.72
N GLY M 15 -0.76 -16.32 62.88
CA GLY M 15 0.12 -17.50 62.75
C GLY M 15 -0.19 -18.33 61.51
N HIS M 16 0.35 -19.57 61.40
CA HIS M 16 0.48 -20.41 60.19
C HIS M 16 -0.61 -20.26 59.14
N GLY M 17 -0.22 -19.99 57.90
CA GLY M 17 -1.20 -19.81 56.84
C GLY M 17 -0.86 -18.77 55.78
N PHE M 18 -1.87 -18.30 55.05
CA PHE M 18 -1.70 -17.27 54.02
C PHE M 18 -1.96 -15.88 54.59
N GLY M 19 -1.06 -15.40 55.43
CA GLY M 19 -1.14 -14.00 55.77
C GLY M 19 0.01 -13.24 55.18
N GLY M 20 0.72 -12.49 56.02
CA GLY M 20 1.81 -11.63 55.63
C GLY M 20 3.10 -12.08 56.29
N ASN M 21 3.34 -13.37 56.26
CA ASN M 21 4.67 -13.90 56.50
C ASN M 21 5.63 -13.26 55.52
N VAL M 22 6.63 -12.55 56.07
CA VAL M 22 7.25 -11.41 55.41
C VAL M 22 7.97 -11.82 54.14
N LYS M 23 8.14 -10.83 53.26
CA LYS M 23 8.31 -11.04 51.84
C LYS M 23 9.54 -10.28 51.39
N VAL M 24 9.93 -10.47 50.13
CA VAL M 24 11.04 -9.72 49.56
C VAL M 24 10.71 -9.27 48.15
N SER M 25 11.54 -8.35 47.66
CA SER M 25 11.58 -7.97 46.25
C SER M 25 13.04 -7.65 45.96
N TYR M 26 13.59 -8.25 44.91
CA TYR M 26 15.01 -8.18 44.61
C TYR M 26 15.22 -7.78 43.16
N GLY M 27 16.18 -6.87 42.96
CA GLY M 27 16.53 -6.44 41.63
C GLY M 27 18.02 -6.30 41.53
N SER M 28 18.54 -6.43 40.30
CA SER M 28 19.95 -6.30 40.04
C SER M 28 20.14 -5.40 38.82
N VAL M 29 20.20 -4.10 39.04
CA VAL M 29 20.41 -3.13 37.98
C VAL M 29 21.90 -3.15 37.61
N ALA M 30 22.18 -3.04 36.31
CA ALA M 30 23.53 -3.13 35.79
C ALA M 30 23.95 -1.80 35.21
N PHE M 31 24.94 -1.16 35.83
CA PHE M 31 25.43 0.12 35.32
C PHE M 31 26.61 -0.14 34.37
N THR M 32 26.68 0.63 33.29
CA THR M 32 27.73 0.47 32.30
C THR M 32 27.96 1.78 31.55
N GLY M 33 29.13 1.91 30.93
CA GLY M 33 29.47 3.15 30.26
C GLY M 33 30.04 4.15 31.26
N THR M 34 29.75 5.42 31.01
CA THR M 34 30.06 6.45 31.99
C THR M 34 28.85 6.71 32.88
N ILE M 35 29.12 7.15 34.12
CA ILE M 35 28.09 7.26 35.14
C ILE M 35 27.98 8.72 35.56
N THR M 36 26.89 9.37 35.15
CA THR M 36 26.61 10.75 35.50
C THR M 36 25.39 10.79 36.43
N THR M 37 24.92 12.00 36.73
CA THR M 37 23.76 12.18 37.60
C THR M 37 22.44 12.16 36.84
N ALA M 38 22.43 11.67 35.60
CA ALA M 38 21.22 11.54 34.81
C ALA M 38 20.78 10.08 34.71
N ASP M 39 20.94 9.33 35.78
CA ASP M 39 20.67 7.90 35.79
C ASP M 39 19.49 7.59 36.69
N ALA M 40 18.61 6.71 36.23
CA ALA M 40 17.44 6.30 37.00
C ALA M 40 16.96 4.96 36.46
N ALA M 41 16.60 4.06 37.37
CA ALA M 41 16.18 2.72 36.98
C ALA M 41 15.39 2.08 38.11
N THR M 42 14.34 1.35 37.75
CA THR M 42 13.63 0.53 38.72
C THR M 42 14.39 -0.77 38.96
N VAL M 43 14.42 -1.19 40.21
CA VAL M 43 14.95 -2.50 40.55
C VAL M 43 13.84 -3.49 40.94
N CYS M 44 12.80 -3.00 41.59
CA CYS M 44 11.72 -3.85 42.04
C CYS M 44 10.49 -2.98 42.23
N ASN M 45 9.36 -3.62 42.49
CA ASN M 45 8.10 -2.92 42.65
C ASN M 45 7.29 -3.54 43.78
N LEU M 46 6.64 -2.66 44.53
CA LEU M 46 5.99 -2.94 45.81
C LEU M 46 4.48 -2.92 45.68
N PRO M 47 3.75 -3.49 46.63
CA PRO M 47 2.29 -3.38 46.65
C PRO M 47 1.80 -1.98 46.98
N VAL M 48 0.48 -1.88 47.10
CA VAL M 48 -0.12 -0.66 47.62
C VAL M 48 -0.26 -0.75 49.13
N GLY M 49 -1.05 -1.67 49.63
CA GLY M 49 -1.22 -1.78 51.06
C GLY M 49 -0.16 -2.63 51.74
N ALA M 50 1.03 -2.10 51.93
CA ALA M 50 2.12 -2.86 52.53
C ALA M 50 2.98 -1.94 53.39
N ILE M 51 3.60 -2.49 54.43
CA ILE M 51 4.53 -1.75 55.27
C ILE M 51 5.90 -2.39 55.20
N VAL M 52 6.90 -1.57 54.90
CA VAL M 52 8.28 -2.00 54.68
C VAL M 52 8.90 -2.36 56.03
N LEU M 53 9.75 -3.38 56.03
CA LEU M 53 10.52 -3.76 57.21
C LEU M 53 11.98 -3.35 57.14
N GLY M 54 12.63 -3.52 55.99
CA GLY M 54 14.02 -3.17 55.86
C GLY M 54 14.55 -3.32 54.45
N VAL M 55 15.47 -2.46 54.06
CA VAL M 55 16.03 -2.45 52.71
C VAL M 55 17.52 -2.73 52.81
N THR M 56 18.00 -3.70 52.04
CA THR M 56 19.41 -4.08 52.02
C THR M 56 19.99 -3.69 50.67
N LEU M 57 21.11 -2.97 50.68
CA LEU M 57 21.73 -2.42 49.49
C LEU M 57 23.15 -2.93 49.37
N GLU M 58 23.40 -3.84 48.42
CA GLU M 58 24.72 -4.36 48.15
C GLU M 58 25.09 -4.05 46.71
N SER M 59 26.29 -3.51 46.50
CA SER M 59 26.75 -3.14 45.17
C SER M 59 28.18 -3.62 44.97
N ASP M 60 28.66 -3.48 43.73
CA ASP M 60 30.03 -3.80 43.39
C ASP M 60 30.88 -2.53 43.53
N ASP M 61 32.13 -2.60 43.08
CA ASP M 61 33.00 -1.44 43.02
C ASP M 61 32.80 -0.74 41.67
N LEU M 62 32.29 0.47 41.70
CA LEU M 62 31.92 1.18 40.48
C LEU M 62 32.86 2.32 40.15
N ASP M 63 33.56 2.87 41.13
CA ASP M 63 34.48 3.98 40.91
C ASP M 63 35.83 3.59 41.51
N THR M 64 36.75 3.15 40.66
CA THR M 64 38.06 2.66 41.08
C THR M 64 39.07 3.79 40.96
N ASN M 65 39.04 4.70 41.92
CA ASN M 65 39.94 5.84 41.96
C ASN M 65 40.71 5.82 43.27
N ALA M 66 41.80 6.59 43.33
CA ALA M 66 42.47 6.84 44.60
C ALA M 66 41.61 7.67 45.53
N THR M 67 40.74 8.51 44.98
CA THR M 67 39.74 9.24 45.77
C THR M 67 38.38 9.00 45.12
N PRO M 68 37.63 8.01 45.59
CA PRO M 68 36.31 7.72 45.00
C PRO M 68 35.26 8.72 45.44
N THR M 69 34.30 8.99 44.55
CA THR M 69 33.28 10.01 44.81
C THR M 69 31.89 9.63 44.31
N ILE M 70 31.66 8.36 43.95
CA ILE M 70 30.34 7.96 43.47
C ILE M 70 29.39 7.86 44.66
N THR M 71 28.11 8.16 44.43
CA THR M 71 27.14 8.32 45.51
C THR M 71 25.75 8.03 44.98
N LEU M 72 25.03 7.13 45.63
CA LEU M 72 23.74 6.64 45.16
C LEU M 72 22.60 7.12 46.04
N ASN M 73 21.40 7.18 45.45
CA ASN M 73 20.17 7.44 46.18
C ASN M 73 19.15 6.37 45.83
N VAL M 74 18.45 5.87 46.84
CA VAL M 74 17.40 4.87 46.66
C VAL M 74 16.10 5.45 47.16
N GLY M 75 15.09 5.45 46.29
CA GLY M 75 13.79 5.98 46.66
C GLY M 75 12.76 5.61 45.61
N ASP M 76 11.65 6.35 45.63
CA ASP M 76 10.56 6.12 44.69
C ASP M 76 10.19 7.42 44.00
N ALA M 77 9.06 7.43 43.30
CA ALA M 77 8.68 8.59 42.49
C ALA M 77 8.25 9.77 43.33
N GLY M 78 7.75 9.53 44.55
CA GLY M 78 7.41 10.63 45.43
C GLY M 78 8.62 11.28 46.05
N SER M 79 9.40 10.51 46.79
CA SER M 79 10.64 10.98 47.40
C SER M 79 11.80 10.25 46.76
N ALA M 80 12.72 11.00 46.16
CA ALA M 80 13.85 10.40 45.47
C ALA M 80 14.89 9.84 46.41
N THR M 81 14.88 10.30 47.67
CA THR M 81 15.84 9.87 48.70
C THR M 81 15.13 9.32 49.93
N ARG M 82 14.15 8.44 49.73
CA ARG M 82 13.30 8.01 50.84
C ARG M 82 13.96 6.93 51.68
N TYR M 83 14.58 5.94 51.04
CA TYR M 83 15.19 4.85 51.81
C TYR M 83 16.65 5.15 52.12
N PHE M 84 17.47 5.37 51.10
CA PHE M 84 18.87 5.71 51.27
C PHE M 84 19.14 7.11 50.76
N SER M 85 19.98 7.83 51.49
CA SER M 85 20.41 9.18 51.11
C SER M 85 21.92 9.21 51.24
N ALA M 86 22.62 9.41 50.11
CA ALA M 86 24.08 9.48 50.03
C ALA M 86 24.73 8.19 50.56
N SER M 87 24.50 7.10 49.83
CA SER M 87 24.85 5.77 50.29
C SER M 87 26.35 5.54 50.35
N THR M 88 27.03 5.81 49.23
CA THR M 88 28.47 5.59 49.01
C THR M 88 28.92 4.16 49.29
N VAL M 89 28.15 3.16 48.87
CA VAL M 89 28.59 1.77 48.99
C VAL M 89 29.20 1.26 47.69
N ALA M 90 29.08 2.02 46.59
CA ALA M 90 29.65 1.64 45.32
C ALA M 90 31.10 2.08 45.17
N GLN M 91 31.65 2.77 46.15
CA GLN M 91 33.05 3.16 46.11
C GLN M 91 33.94 1.95 46.34
N ALA M 92 35.11 1.97 45.71
CA ALA M 92 36.02 0.84 45.70
C ALA M 92 36.88 0.73 46.94
N GLY M 93 36.75 1.66 47.89
CA GLY M 93 37.54 1.61 49.09
C GLY M 93 36.76 1.20 50.32
N THR M 94 35.50 1.61 50.39
CA THR M 94 34.64 1.31 51.53
C THR M 94 33.99 -0.06 51.35
N SER M 95 33.14 -0.42 52.30
CA SER M 95 32.42 -1.68 52.28
C SER M 95 31.00 -1.48 51.75
N SER M 96 30.46 -2.56 51.21
CA SER M 96 29.09 -2.60 50.71
C SER M 96 28.15 -3.06 51.83
N SER M 97 26.92 -3.44 51.46
CA SER M 97 25.91 -4.04 52.33
C SER M 97 25.52 -3.13 53.50
N ALA M 98 24.92 -2.00 53.17
CA ALA M 98 24.41 -1.11 54.21
C ALA M 98 22.91 -1.28 54.38
N PRO M 99 22.43 -1.52 55.60
CA PRO M 99 20.98 -1.59 55.82
C PRO M 99 20.36 -0.20 55.91
N ALA M 100 19.06 -0.16 55.65
CA ALA M 100 18.32 1.10 55.65
C ALA M 100 18.09 1.59 57.07
N THR M 101 18.15 2.91 57.26
CA THR M 101 17.95 3.51 58.57
C THR M 101 16.83 4.55 58.60
N THR M 102 16.31 4.99 57.45
CA THR M 102 15.31 6.04 57.41
C THR M 102 14.06 5.55 56.69
N GLY M 103 12.89 5.89 57.26
CA GLY M 103 11.62 5.59 56.65
C GLY M 103 11.30 4.11 56.55
N LEU M 104 11.15 3.44 57.69
CA LEU M 104 10.97 1.99 57.66
C LEU M 104 9.50 1.59 57.70
N LEU M 105 8.82 1.90 58.80
CA LEU M 105 7.48 1.35 59.05
C LEU M 105 6.43 2.36 58.60
N TRP M 106 6.09 2.29 57.32
CA TRP M 106 5.14 3.22 56.73
C TRP M 106 4.38 2.53 55.60
N THR M 107 3.10 2.88 55.47
CA THR M 107 2.24 2.26 54.48
C THR M 107 2.45 2.91 53.13
N VAL M 108 2.68 2.08 52.11
CA VAL M 108 2.91 2.56 50.75
C VAL M 108 1.64 3.21 50.23
N THR M 109 1.77 4.35 49.57
CA THR M 109 0.65 5.03 48.97
C THR M 109 0.59 4.71 47.48
N GLU M 110 -0.42 5.23 46.80
CA GLU M 110 -0.60 4.98 45.38
C GLU M 110 0.34 5.88 44.58
N GLY M 111 0.98 5.30 43.56
CA GLY M 111 1.96 6.02 42.79
C GLY M 111 3.36 5.99 43.37
N ASN M 112 3.58 5.23 44.44
CA ASN M 112 4.88 5.10 45.08
C ASN M 112 5.32 3.64 45.12
N THR M 113 4.93 2.87 44.12
CA THR M 113 5.10 1.42 44.11
C THR M 113 6.22 0.97 43.17
N ALA M 114 7.29 1.74 43.05
CA ALA M 114 8.43 1.37 42.22
C ALA M 114 9.69 1.98 42.81
N VAL M 115 10.66 1.14 43.15
CA VAL M 115 11.86 1.62 43.83
C VAL M 115 12.90 2.00 42.77
N ARG M 116 13.31 3.27 42.78
CA ARG M 116 14.28 3.81 41.85
C ARG M 116 15.67 3.85 42.48
N ILE M 117 16.69 3.77 41.62
CA ILE M 117 18.05 4.09 42.01
C ILE M 117 18.52 5.26 41.14
N ALA M 118 18.81 6.38 41.76
CA ALA M 118 19.33 7.55 41.08
C ALA M 118 20.73 7.85 41.61
N VAL M 119 21.59 8.29 40.71
CA VAL M 119 22.98 8.59 41.05
C VAL M 119 23.06 10.04 41.50
N ALA M 120 23.65 10.27 42.67
CA ALA M 120 23.66 11.61 43.26
C ALA M 120 24.89 12.40 42.84
N ASN M 121 26.06 11.77 42.84
CA ASN M 121 27.30 12.43 42.51
C ASN M 121 27.98 11.68 41.36
N ASN M 122 28.71 12.44 40.54
CA ASN M 122 29.36 11.88 39.37
C ASN M 122 30.50 10.95 39.77
N ALA M 123 30.72 9.92 38.96
CA ALA M 123 31.83 9.01 39.19
C ALA M 123 33.09 9.58 38.58
N ALA M 124 34.19 9.50 39.34
CA ALA M 124 35.46 10.04 38.89
C ALA M 124 36.07 9.18 37.79
N THR M 125 35.91 7.86 37.89
CA THR M 125 36.29 6.94 36.82
C THR M 125 35.34 5.76 36.81
N SER M 126 34.47 5.71 35.80
CA SER M 126 33.37 4.77 35.76
C SER M 126 33.88 3.38 35.42
N ALA M 127 33.45 2.40 36.21
CA ALA M 127 33.72 0.99 35.95
C ALA M 127 32.42 0.29 35.62
N ASP M 128 32.49 -1.02 35.47
CA ASP M 128 31.33 -1.85 35.14
C ASP M 128 30.99 -2.71 36.36
N GLY M 129 29.72 -2.68 36.75
CA GLY M 129 29.29 -3.44 37.90
C GLY M 129 27.79 -3.56 37.95
N SER M 130 27.27 -3.90 39.13
CA SER M 130 25.84 -4.05 39.33
C SER M 130 25.49 -3.73 40.78
N VAL M 131 24.23 -3.37 41.01
CA VAL M 131 23.73 -2.95 42.31
C VAL M 131 22.51 -3.79 42.65
N ARG M 132 22.49 -4.35 43.85
CA ARG M 132 21.41 -5.23 44.30
C ARG M 132 20.65 -4.59 45.45
N VAL M 133 19.32 -4.67 45.39
CA VAL M 133 18.43 -4.12 46.42
C VAL M 133 17.45 -5.22 46.82
N ALA M 134 17.29 -5.43 48.13
CA ALA M 134 16.30 -6.35 48.65
C ALA M 134 15.43 -5.63 49.68
N VAL M 135 14.13 -5.57 49.41
CA VAL M 135 13.19 -4.81 50.24
C VAL M 135 12.24 -5.79 50.90
N THR M 136 12.24 -5.82 52.24
CA THR M 136 11.37 -6.70 53.00
C THR M 136 10.15 -5.95 53.48
N TYR M 137 9.00 -6.61 53.42
CA TYR M 137 7.73 -6.01 53.80
C TYR M 137 6.74 -7.13 54.08
N TYR M 138 5.48 -6.76 54.28
CA TYR M 138 4.40 -7.73 54.40
C TYR M 138 3.06 -7.06 54.12
N LEU M 139 2.02 -7.89 54.09
CA LEU M 139 0.68 -7.44 53.75
C LEU M 139 -0.25 -7.71 54.91
N PRO M 140 -1.37 -6.98 55.04
CA PRO M 140 -2.45 -7.43 55.92
C PRO M 140 -3.44 -8.33 55.19
N MET N 1 17.52 9.51 -118.92
CA MET N 1 16.71 8.50 -119.61
C MET N 1 16.02 7.44 -118.71
N PRO N 2 16.65 6.89 -117.65
CA PRO N 2 15.90 5.96 -116.81
C PRO N 2 15.04 6.63 -115.75
N ALA N 3 14.88 7.95 -115.81
CA ALA N 3 14.00 8.65 -114.89
C ALA N 3 12.56 8.38 -115.24
N THR N 4 12.00 7.32 -114.67
CA THR N 4 10.64 6.88 -114.96
C THR N 4 9.67 7.75 -114.17
N ASN N 5 8.38 7.54 -114.45
CA ASN N 5 7.32 8.04 -113.59
C ASN N 5 7.47 7.45 -112.19
N SER N 6 6.89 8.16 -111.22
CA SER N 6 7.14 7.94 -109.81
C SER N 6 6.61 6.59 -109.33
N ALA N 7 6.88 6.31 -108.04
CA ALA N 7 6.24 5.19 -107.35
C ALA N 7 4.72 5.31 -107.35
N GLN N 8 4.22 6.54 -107.31
CA GLN N 8 2.97 6.89 -107.94
C GLN N 8 3.03 6.77 -109.46
N ALA N 9 2.34 5.80 -110.10
CA ALA N 9 2.29 5.78 -111.56
C ALA N 9 0.95 5.33 -112.20
N ARG N 10 -0.12 5.11 -111.43
CA ARG N 10 -1.33 4.46 -111.96
C ARG N 10 -2.70 5.17 -111.63
N LEU N 11 -2.96 5.70 -110.40
CA LEU N 11 -4.25 6.25 -109.89
C LEU N 11 -4.72 7.64 -110.20
N ALA N 12 -6.03 7.73 -109.98
CA ALA N 12 -6.88 8.83 -109.65
C ALA N 12 -6.47 9.56 -108.38
N ALA N 13 -7.31 10.44 -107.97
CA ALA N 13 -6.63 11.62 -107.51
C ALA N 13 -7.58 12.50 -106.66
N PRO N 14 -7.17 12.92 -105.45
CA PRO N 14 -8.13 13.43 -104.42
C PRO N 14 -8.85 14.79 -104.53
N GLY N 15 -10.03 14.89 -103.87
CA GLY N 15 -10.88 16.08 -103.78
C GLY N 15 -11.98 15.93 -102.74
N HIS N 16 -13.00 16.82 -102.74
CA HIS N 16 -13.98 17.10 -101.64
C HIS N 16 -14.36 15.91 -100.77
N GLY N 17 -14.22 16.06 -99.46
CA GLY N 17 -14.54 14.97 -98.55
C GLY N 17 -13.67 14.85 -97.31
N PHE N 18 -13.67 13.68 -96.68
CA PHE N 18 -12.84 13.38 -95.51
C PHE N 18 -11.51 12.76 -95.90
N GLY N 19 -10.64 13.54 -96.51
CA GLY N 19 -9.29 13.05 -96.66
C GLY N 19 -8.33 13.84 -95.78
N GLY N 20 -7.26 14.33 -96.39
CA GLY N 20 -6.21 15.05 -95.71
C GLY N 20 -6.12 16.48 -96.22
N ASN N 21 -7.26 17.12 -96.33
CA ASN N 21 -7.32 18.56 -96.45
C ASN N 21 -6.61 19.16 -95.25
N VAL N 22 -5.54 19.92 -95.52
CA VAL N 22 -4.42 20.08 -94.61
C VAL N 22 -4.82 20.75 -93.32
N LYS N 23 -4.02 20.51 -92.29
CA LYS N 23 -4.42 20.58 -90.91
C LYS N 23 -3.42 21.44 -90.16
N VAL N 24 -3.72 21.76 -88.90
CA VAL N 24 -2.80 22.50 -88.06
C VAL N 24 -2.73 21.90 -86.67
N SER N 25 -1.72 22.33 -85.93
CA SER N 25 -1.60 22.10 -84.50
C SER N 25 -0.93 23.35 -83.93
N TYR N 26 -1.52 23.94 -82.91
CA TYR N 26 -1.08 25.23 -82.39
C TYR N 26 -0.91 25.15 -80.88
N GLY N 27 0.19 25.73 -80.40
CA GLY N 27 0.45 25.79 -78.99
C GLY N 27 1.01 27.14 -78.62
N SER N 28 0.80 27.54 -77.36
CA SER N 28 1.31 28.80 -76.87
C SER N 28 1.98 28.56 -75.52
N VAL N 29 3.26 28.23 -75.54
CA VAL N 29 4.03 28.00 -74.32
C VAL N 29 4.39 29.37 -73.73
N ALA N 30 4.33 29.46 -72.41
CA ALA N 30 4.54 30.72 -71.70
C ALA N 30 5.81 30.62 -70.87
N PHE N 31 6.83 31.40 -71.22
CA PHE N 31 8.07 31.41 -70.48
C PHE N 31 8.01 32.49 -69.41
N THR N 32 8.55 32.20 -68.22
CA THR N 32 8.54 33.14 -67.10
C THR N 32 9.69 32.86 -66.16
N GLY N 33 10.04 33.85 -65.35
CA GLY N 33 11.18 33.70 -64.47
C GLY N 33 12.46 34.03 -65.20
N THR N 34 13.53 33.32 -64.82
CA THR N 34 14.76 33.38 -65.58
C THR N 34 14.81 32.26 -66.61
N ILE N 35 15.54 32.49 -67.69
CA ILE N 35 15.52 31.59 -68.84
C ILE N 35 16.93 31.06 -69.06
N THR N 36 17.12 29.78 -68.74
CA THR N 36 18.40 29.11 -68.93
C THR N 36 18.25 28.05 -70.02
N THR N 37 19.30 27.25 -70.22
CA THR N 37 19.29 26.19 -71.21
C THR N 37 18.72 24.87 -70.69
N ALA N 38 18.04 24.90 -69.54
CA ALA N 38 17.41 23.72 -68.98
C ALA N 38 15.89 23.75 -69.16
N ASP N 39 15.43 24.26 -70.30
CA ASP N 39 14.01 24.47 -70.56
C ASP N 39 13.54 23.55 -71.67
N ALA N 40 12.37 22.96 -71.48
CA ALA N 40 11.77 22.07 -72.47
C ALA N 40 10.28 21.99 -72.21
N ALA N 41 9.49 22.03 -73.29
CA ALA N 41 8.04 22.03 -73.17
C ALA N 41 7.42 21.61 -74.48
N THR N 42 6.35 20.82 -74.40
CA THR N 42 5.55 20.51 -75.57
C THR N 42 4.61 21.67 -75.87
N VAL N 43 4.45 21.97 -77.16
CA VAL N 43 3.45 22.92 -77.61
C VAL N 43 2.28 22.24 -78.29
N CYS N 44 2.54 21.17 -79.03
CA CYS N 44 1.50 20.47 -79.77
C CYS N 44 1.99 19.05 -80.01
N ASN N 45 1.08 18.21 -80.53
CA ASN N 45 1.40 16.82 -80.78
C ASN N 45 0.79 16.38 -82.10
N LEU N 46 1.55 15.56 -82.83
CA LEU N 46 1.34 15.18 -84.21
C LEU N 46 0.88 13.72 -84.31
N PRO N 47 0.31 13.33 -85.44
CA PRO N 47 -0.03 11.91 -85.66
C PRO N 47 1.20 11.04 -85.87
N VAL N 48 0.92 9.78 -86.17
CA VAL N 48 1.98 8.87 -86.60
C VAL N 48 2.14 8.93 -88.12
N GLY N 49 1.12 8.53 -88.86
CA GLY N 49 1.24 8.56 -90.30
C GLY N 49 0.89 9.89 -90.93
N ALA N 50 1.78 10.88 -90.84
CA ALA N 50 1.50 12.21 -91.37
C ALA N 50 2.78 12.80 -91.94
N ILE N 51 2.65 13.67 -92.93
CA ILE N 51 3.78 14.39 -93.51
C ILE N 51 3.57 15.88 -93.31
N VAL N 52 4.59 16.53 -92.75
CA VAL N 52 4.56 17.94 -92.38
C VAL N 52 4.66 18.78 -93.64
N LEU N 53 3.96 19.92 -93.67
CA LEU N 53 4.05 20.88 -94.75
C LEU N 53 4.86 22.11 -94.40
N GLY N 54 4.68 22.66 -93.20
CA GLY N 54 5.41 23.84 -92.80
C GLY N 54 5.15 24.24 -91.38
N VAL N 55 6.16 24.80 -90.72
CA VAL N 55 6.08 25.18 -89.32
C VAL N 55 6.30 26.68 -89.21
N THR N 56 5.39 27.37 -88.52
CA THR N 56 5.45 28.81 -88.34
C THR N 56 5.74 29.09 -86.87
N LEU N 57 6.75 29.92 -86.61
CA LEU N 57 7.23 30.20 -85.27
C LEU N 57 7.16 31.70 -85.00
N GLU N 58 6.20 32.11 -84.18
CA GLU N 58 6.07 33.51 -83.77
C GLU N 58 6.20 33.59 -82.26
N SER N 59 7.02 34.53 -81.79
CA SER N 59 7.25 34.71 -80.37
C SER N 59 7.19 36.19 -80.01
N ASP N 60 7.24 36.46 -78.71
CA ASP N 60 7.30 37.82 -78.20
C ASP N 60 8.75 38.23 -78.02
N ASP N 61 8.98 39.39 -77.40
CA ASP N 61 10.32 39.82 -77.03
C ASP N 61 10.66 39.27 -75.65
N LEU N 62 11.65 38.40 -75.59
CA LEU N 62 11.97 37.71 -74.35
C LEU N 62 13.26 38.18 -73.72
N ASP N 63 14.18 38.77 -74.49
CA ASP N 63 15.45 39.26 -73.97
C ASP N 63 15.59 40.71 -74.40
N THR N 64 15.30 41.63 -73.48
CA THR N 64 15.31 43.07 -73.76
C THR N 64 16.65 43.64 -73.32
N ASN N 65 17.68 43.42 -74.13
CA ASN N 65 19.01 43.91 -73.86
C ASN N 65 19.47 44.77 -75.03
N ALA N 66 20.53 45.55 -74.80
CA ALA N 66 21.19 46.24 -75.90
C ALA N 66 21.88 45.25 -76.83
N THR N 67 22.31 44.10 -76.30
CA THR N 67 22.85 43.01 -77.12
C THR N 67 22.08 41.75 -76.74
N PRO N 68 21.02 41.40 -77.47
CA PRO N 68 20.26 40.20 -77.12
C PRO N 68 20.95 38.92 -77.57
N THR N 69 20.76 37.85 -76.82
CA THR N 69 21.45 36.59 -77.09
C THR N 69 20.58 35.35 -76.86
N ILE N 70 19.25 35.50 -76.74
CA ILE N 70 18.39 34.34 -76.53
C ILE N 70 18.25 33.61 -77.87
N THR N 71 18.10 32.28 -77.80
CA THR N 71 18.16 31.42 -78.98
C THR N 71 17.37 30.15 -78.71
N LEU N 72 16.43 29.83 -79.59
CA LEU N 72 15.50 28.73 -79.41
C LEU N 72 15.78 27.59 -80.38
N ASN N 73 15.37 26.39 -79.98
CA ASN N 73 15.38 25.21 -80.84
C ASN N 73 14.00 24.57 -80.82
N VAL N 74 13.51 24.17 -81.99
CA VAL N 74 12.23 23.49 -82.12
C VAL N 74 12.47 22.12 -82.72
N GLY N 75 11.99 21.09 -82.04
CA GLY N 75 12.19 19.73 -82.52
C GLY N 75 11.33 18.77 -81.72
N ASP N 76 11.69 17.50 -81.80
CA ASP N 76 10.98 16.45 -81.09
C ASP N 76 11.97 15.60 -80.29
N ALA N 77 11.49 14.46 -79.77
CA ALA N 77 12.32 13.65 -78.87
C ALA N 77 13.46 12.96 -79.60
N GLY N 78 13.31 12.69 -80.89
CA GLY N 78 14.39 12.10 -81.66
C GLY N 78 15.48 13.09 -81.98
N SER N 79 15.13 14.16 -82.69
CA SER N 79 16.06 15.22 -83.02
C SER N 79 15.60 16.50 -82.31
N ALA N 80 16.47 17.06 -81.48
CA ALA N 80 16.12 18.24 -80.71
C ALA N 80 16.08 19.50 -81.57
N THR N 81 16.74 19.48 -82.72
CA THR N 81 16.82 20.61 -83.63
C THR N 81 16.32 20.25 -85.02
N ARG N 82 15.16 19.59 -85.11
CA ARG N 82 14.72 19.05 -86.40
C ARG N 82 14.06 20.11 -87.27
N TYR N 83 13.20 20.94 -86.69
CA TYR N 83 12.51 21.94 -87.50
C TYR N 83 13.29 23.26 -87.54
N PHE N 84 13.53 23.84 -86.38
CA PHE N 84 14.30 25.07 -86.28
C PHE N 84 15.60 24.83 -85.53
N SER N 85 16.68 25.46 -86.00
CA SER N 85 17.99 25.40 -85.37
C SER N 85 18.50 26.82 -85.27
N ALA N 86 18.69 27.29 -84.03
CA ALA N 86 19.16 28.64 -83.70
C ALA N 86 18.26 29.72 -84.31
N SER N 87 17.03 29.78 -83.79
CA SER N 87 15.98 30.59 -84.38
C SER N 87 16.22 32.09 -84.24
N THR N 88 16.48 32.52 -82.99
CA THR N 88 16.65 33.91 -82.58
C THR N 88 15.51 34.83 -82.99
N VAL N 89 14.25 34.38 -82.85
CA VAL N 89 13.12 35.25 -83.09
C VAL N 89 12.58 35.86 -81.80
N ALA N 90 13.04 35.39 -80.65
CA ALA N 90 12.62 35.92 -79.36
C ALA N 90 13.43 37.13 -78.93
N GLN N 91 14.43 37.53 -79.71
CA GLN N 91 15.21 38.71 -79.39
C GLN N 91 14.40 39.96 -79.64
N ALA N 92 14.65 40.99 -78.83
CA ALA N 92 13.85 42.21 -78.85
C ALA N 92 14.25 43.18 -79.96
N GLY N 93 15.26 42.85 -80.76
CA GLY N 93 15.67 43.74 -81.82
C GLY N 93 15.27 43.26 -83.20
N THR N 94 15.29 41.95 -83.41
CA THR N 94 14.97 41.37 -84.70
C THR N 94 13.46 41.16 -84.82
N SER N 95 13.04 40.58 -85.95
CA SER N 95 11.65 40.31 -86.21
C SER N 95 11.30 38.87 -85.89
N SER N 96 10.03 38.64 -85.60
CA SER N 96 9.49 37.31 -85.34
C SER N 96 8.99 36.68 -86.64
N SER N 97 8.20 35.61 -86.52
CA SER N 97 7.49 34.95 -87.62
C SER N 97 8.45 34.41 -88.69
N ALA N 98 9.26 33.44 -88.30
CA ALA N 98 10.14 32.79 -89.26
C ALA N 98 9.55 31.45 -89.69
N PRO N 99 9.42 31.19 -90.99
CA PRO N 99 8.96 29.88 -91.45
C PRO N 99 10.10 28.85 -91.43
N ALA N 100 9.70 27.58 -91.37
CA ALA N 100 10.66 26.48 -91.31
C ALA N 100 11.30 26.26 -92.67
N THR N 101 12.58 25.92 -92.64
CA THR N 101 13.34 25.66 -93.86
C THR N 101 13.99 24.28 -93.92
N THR N 102 14.02 23.54 -92.82
CA THR N 102 14.71 22.25 -92.78
C THR N 102 13.73 21.16 -92.35
N GLY N 103 13.81 20.01 -93.03
CA GLY N 103 13.02 18.84 -92.69
C GLY N 103 11.53 19.01 -92.86
N LEU N 104 11.07 19.20 -94.09
CA LEU N 104 9.65 19.50 -94.29
C LEU N 104 8.85 18.25 -94.61
N LEU N 105 9.14 17.62 -95.76
CA LEU N 105 8.27 16.57 -96.29
C LEU N 105 8.82 15.21 -95.87
N TRP N 106 8.41 14.77 -94.68
CA TRP N 106 8.89 13.52 -94.12
C TRP N 106 7.81 12.90 -93.23
N THR N 107 7.71 11.58 -93.27
CA THR N 107 6.70 10.87 -92.52
C THR N 107 7.11 10.72 -91.07
N VAL N 108 6.22 11.10 -90.15
CA VAL N 108 6.49 11.01 -88.72
C VAL N 108 6.62 9.55 -88.32
N THR N 109 7.60 9.24 -87.48
CA THR N 109 7.79 7.90 -86.97
C THR N 109 7.20 7.80 -85.57
N GLU N 110 7.25 6.61 -85.00
CA GLU N 110 6.70 6.38 -83.66
C GLU N 110 7.67 6.89 -82.62
N GLY N 111 7.13 7.57 -81.61
CA GLY N 111 7.96 8.20 -80.59
C GLY N 111 8.46 9.57 -80.95
N ASN N 112 8.00 10.13 -82.06
CA ASN N 112 8.39 11.46 -82.50
C ASN N 112 7.17 12.36 -82.68
N THR N 113 6.14 12.13 -81.88
CA THR N 113 4.85 12.77 -82.05
C THR N 113 4.57 13.86 -81.04
N ALA N 114 5.60 14.61 -80.63
CA ALA N 114 5.44 15.71 -79.70
C ALA N 114 6.50 16.75 -79.99
N VAL N 115 6.07 17.98 -80.28
CA VAL N 115 7.00 19.03 -80.69
C VAL N 115 7.48 19.77 -79.44
N ARG N 116 8.78 19.75 -79.21
CA ARG N 116 9.40 20.40 -78.06
C ARG N 116 9.97 21.75 -78.45
N ILE N 117 10.05 22.65 -77.48
CA ILE N 117 10.83 23.88 -77.58
C ILE N 117 11.90 23.85 -76.50
N ALA N 118 13.15 23.82 -76.90
CA ALA N 118 14.27 23.87 -75.98
C ALA N 118 15.07 25.13 -76.24
N VAL N 119 15.58 25.71 -75.16
CA VAL N 119 16.34 26.96 -75.24
C VAL N 119 17.80 26.61 -75.45
N ALA N 120 18.42 27.22 -76.48
CA ALA N 120 19.77 26.86 -76.84
C ALA N 120 20.81 27.71 -76.13
N ASN N 121 20.56 29.02 -76.03
CA ASN N 121 21.50 29.94 -75.42
C ASN N 121 20.79 30.71 -74.31
N ASN N 122 21.56 31.05 -73.27
CA ASN N 122 21.01 31.73 -72.11
C ASN N 122 20.57 33.15 -72.46
N ALA N 123 19.52 33.60 -71.79
CA ALA N 123 19.03 34.96 -71.98
C ALA N 123 19.82 35.90 -71.10
N ALA N 124 20.23 37.03 -71.68
CA ALA N 124 21.03 38.02 -70.97
C ALA N 124 20.20 38.76 -69.91
N THR N 125 18.95 39.03 -70.22
CA THR N 125 18.00 39.58 -69.25
C THR N 125 16.59 39.07 -69.57
N SER N 126 16.11 38.17 -68.72
CA SER N 126 14.89 37.42 -68.99
C SER N 126 13.68 38.32 -68.78
N ALA N 127 12.78 38.32 -69.76
CA ALA N 127 11.49 39.00 -69.67
C ALA N 127 10.38 37.95 -69.66
N ASP N 128 9.15 38.43 -69.68
CA ASP N 128 7.97 37.57 -69.66
C ASP N 128 7.28 37.65 -71.02
N GLY N 129 7.00 36.48 -71.60
CA GLY N 129 6.37 36.45 -72.91
C GLY N 129 5.82 35.07 -73.21
N SER N 130 5.58 34.83 -74.49
CA SER N 130 5.05 33.54 -74.93
C SER N 130 5.51 33.27 -76.35
N VAL N 131 5.51 31.99 -76.72
CA VAL N 131 6.00 31.52 -78.01
C VAL N 131 4.91 30.68 -78.66
N ARG N 132 4.60 30.95 -79.92
CA ARG N 132 3.54 30.27 -80.65
C ARG N 132 4.12 29.46 -81.80
N VAL N 133 3.64 28.24 -81.97
CA VAL N 133 4.08 27.32 -83.03
C VAL N 133 2.84 26.79 -83.73
N ALA N 134 2.82 26.85 -85.07
CA ALA N 134 1.76 26.26 -85.87
C ALA N 134 2.37 25.32 -86.89
N VAL N 135 1.99 24.05 -86.84
CA VAL N 135 2.57 23.01 -87.68
C VAL N 135 1.49 22.49 -88.62
N THR N 136 1.72 22.65 -89.92
CA THR N 136 0.78 22.19 -90.93
C THR N 136 1.20 20.84 -91.48
N TYR N 137 0.23 19.97 -91.70
CA TYR N 137 0.48 18.63 -92.18
C TYR N 137 -0.81 18.08 -92.78
N TYR N 138 -0.80 16.80 -93.11
CA TYR N 138 -2.01 16.11 -93.54
C TYR N 138 -1.84 14.60 -93.38
N LEU N 139 -2.94 13.89 -93.64
CA LEU N 139 -2.98 12.45 -93.45
C LEU N 139 -3.31 11.77 -94.77
N PRO N 140 -2.93 10.51 -94.96
CA PRO N 140 -3.50 9.71 -96.04
C PRO N 140 -4.78 9.00 -95.62
#